data_3ZDG
#
_entry.id   3ZDG
#
_cell.length_a   123.730
_cell.length_b   144.880
_cell.length_c   139.030
_cell.angle_alpha   90.00
_cell.angle_beta   107.90
_cell.angle_gamma   90.00
#
_symmetry.space_group_name_H-M   'P 1 21 1'
#
loop_
_entity.id
_entity.type
_entity.pdbx_description
1 polymer 'ACETYLCHOLINE BINDING PROTEIN'
2 non-polymer '3-(dimethylamino)butyl dimethylcarbamate'
3 non-polymer 'SULFATE ION'
4 non-polymer 2-acetamido-2-deoxy-beta-D-glucopyranose
5 non-polymer DI(HYDROXYETHYL)ETHER
6 non-polymer 'PENTAETHYLENE GLYCOL'
7 water water
#
_entity_poly.entity_id   1
_entity_poly.type   'polypeptide(L)'
_entity_poly.pdbx_seq_one_letter_code
;LDRADILYNIRQTSRPDVIPTQRDRPVAVSVSLKFINILEVNEITNEVDVVFWQQTTWSDRTLAWNSSHSPDQVSVPISS
LWVPDLAAYNAISKPEVLTPQLARVVSDGEVLYMPSIRQRFSCDVSGVDTESGATCRIKIGSWTHHSREISVDPTTENSD
DSEYFSQYSRFEILDVTQKKNSVTYSCCPEAYEDVEVSLNFRKKGRSEIL
;
_entity_poly.pdbx_strand_id   A,B,C,D,E,F,G,H,I,J,K,L,M,N,O,P,Q,R,S,T
#
# COMPACT_ATOMS: atom_id res chain seq x y z
N LEU A 1 49.79 29.44 65.56
CA LEU A 1 49.12 29.07 64.31
C LEU A 1 49.25 27.59 64.04
N ASP A 2 48.13 26.93 63.73
CA ASP A 2 48.24 25.54 63.26
C ASP A 2 47.93 25.48 61.76
N ARG A 3 48.01 24.28 61.19
CA ARG A 3 47.74 24.10 59.77
C ARG A 3 46.35 24.60 59.38
N ALA A 4 45.35 24.28 60.19
CA ALA A 4 43.99 24.68 59.89
C ALA A 4 43.88 26.19 59.74
N ASP A 5 44.50 26.94 60.66
CA ASP A 5 44.54 28.41 60.60
C ASP A 5 45.22 28.90 59.34
N ILE A 6 46.38 28.30 59.05
CA ILE A 6 47.17 28.76 57.92
C ILE A 6 46.37 28.58 56.65
N LEU A 7 45.78 27.40 56.50
CA LEU A 7 45.02 27.09 55.29
C LEU A 7 43.75 27.93 55.21
N TYR A 8 43.11 28.14 56.35
CA TYR A 8 41.99 29.06 56.41
C TYR A 8 42.41 30.44 55.89
N ASN A 9 43.47 31.02 56.45
CA ASN A 9 43.90 32.35 56.02
C ASN A 9 44.23 32.43 54.53
N ILE A 10 44.90 31.39 54.03
CA ILE A 10 45.30 31.36 52.63
C ILE A 10 44.04 31.36 51.77
N ARG A 11 43.12 30.50 52.11
CA ARG A 11 41.88 30.42 51.34
C ARG A 11 41.12 31.75 51.34
N GLN A 12 41.11 32.43 52.48
CA GLN A 12 40.35 33.67 52.64
C GLN A 12 40.98 34.88 51.98
N THR A 13 42.29 34.85 51.73
CA THR A 13 42.98 36.06 51.27
C THR A 13 43.90 35.88 50.07
N SER A 14 43.94 34.69 49.48
CA SER A 14 45.04 34.36 48.57
C SER A 14 45.10 35.11 47.22
N ARG A 15 43.93 35.34 46.59
CA ARG A 15 43.88 36.11 45.33
C ARG A 15 44.60 35.40 44.19
N PRO A 16 44.08 34.23 43.80
CA PRO A 16 44.70 33.37 42.78
C PRO A 16 44.74 34.02 41.42
N ASP A 17 44.01 35.12 41.27
CA ASP A 17 43.93 35.81 39.99
C ASP A 17 44.97 36.95 39.94
N VAL A 18 45.68 37.16 41.05
CA VAL A 18 46.60 38.29 41.13
C VAL A 18 48.07 37.87 41.14
N ILE A 19 48.80 38.20 40.08
CA ILE A 19 50.23 37.91 40.00
C ILE A 19 50.98 38.68 41.10
N PRO A 20 51.76 37.98 41.93
CA PRO A 20 52.37 38.56 43.12
C PRO A 20 53.68 39.26 42.79
N THR A 21 53.62 40.29 41.93
CA THR A 21 54.81 41.09 41.66
C THR A 21 55.22 41.90 42.89
N GLN A 22 56.53 42.06 43.07
CA GLN A 22 57.09 42.85 44.17
C GLN A 22 57.77 44.09 43.63
N ARG A 23 57.28 45.28 44.00
CA ARG A 23 57.96 46.55 43.66
C ARG A 23 58.19 46.61 42.15
N ASP A 24 57.20 46.15 41.39
CA ASP A 24 57.28 46.16 39.92
C ASP A 24 58.44 45.37 39.31
N ARG A 25 58.99 44.42 40.08
CA ARG A 25 59.90 43.44 39.51
C ARG A 25 59.06 42.23 39.06
N PRO A 26 59.52 41.55 38.00
CA PRO A 26 58.84 40.33 37.59
C PRO A 26 58.86 39.25 38.69
N VAL A 27 57.85 38.40 38.69
CA VAL A 27 57.88 37.20 39.49
C VAL A 27 58.90 36.29 38.82
N ALA A 28 59.92 35.91 39.57
CA ALA A 28 60.95 34.99 39.06
C ALA A 28 60.47 33.55 39.19
N VAL A 29 60.21 32.90 38.06
CA VAL A 29 59.72 31.53 38.08
C VAL A 29 60.81 30.61 37.59
N SER A 30 61.03 29.51 38.32
CA SER A 30 61.98 28.48 37.89
C SER A 30 61.20 27.29 37.40
N VAL A 31 61.68 26.74 36.30
CA VAL A 31 61.06 25.60 35.69
C VAL A 31 62.13 24.58 35.39
N SER A 32 61.83 23.32 35.65
CA SER A 32 62.79 22.25 35.42
C SER A 32 62.01 20.97 35.14
N LEU A 33 62.24 20.36 33.98
CA LEU A 33 61.51 19.13 33.63
C LEU A 33 62.30 17.89 34.02
N LYS A 34 61.75 17.06 34.90
CA LYS A 34 62.36 15.77 35.20
C LYS A 34 61.68 14.71 34.37
N PHE A 35 62.35 14.22 33.36
CA PHE A 35 61.75 13.24 32.48
C PHE A 35 61.62 11.87 33.13
N ILE A 36 60.45 11.26 32.94
CA ILE A 36 60.10 10.02 33.64
C ILE A 36 59.87 8.95 32.59
N ASN A 37 59.40 9.35 31.44
CA ASN A 37 59.12 8.37 30.43
C ASN A 37 58.93 8.99 29.05
N ILE A 38 59.20 8.19 28.03
CA ILE A 38 58.99 8.58 26.64
C ILE A 38 58.20 7.43 26.05
N LEU A 39 56.99 7.71 25.59
CA LEU A 39 55.99 6.65 25.43
C LEU A 39 55.66 6.32 23.99
N GLU A 40 55.65 7.32 23.12
CA GLU A 40 55.13 7.03 21.80
C GLU A 40 55.76 7.90 20.76
N VAL A 41 56.92 7.48 20.27
CA VAL A 41 57.67 8.27 19.31
C VAL A 41 57.21 7.94 17.89
N ASN A 42 57.24 8.94 17.02
CA ASN A 42 56.89 8.74 15.62
C ASN A 42 57.80 9.58 14.75
N GLU A 43 58.76 8.94 14.08
CA GLU A 43 59.82 9.67 13.39
C GLU A 43 59.26 10.26 12.10
N ILE A 44 58.22 9.62 11.59
CA ILE A 44 57.59 10.12 10.39
C ILE A 44 56.83 11.45 10.65
N THR A 45 56.00 11.49 11.70
CA THR A 45 55.22 12.69 12.01
C THR A 45 55.96 13.67 12.90
N ASN A 46 57.13 13.28 13.42
CA ASN A 46 57.87 14.15 14.35
C ASN A 46 57.04 14.52 15.59
N GLU A 47 56.42 13.50 16.18
CA GLU A 47 55.60 13.69 17.38
C GLU A 47 56.06 12.71 18.44
N VAL A 48 56.05 13.19 19.68
CA VAL A 48 56.54 12.37 20.77
C VAL A 48 55.61 12.57 21.96
N ASP A 49 55.43 11.50 22.72
CA ASP A 49 54.57 11.51 23.90
C ASP A 49 55.52 11.40 25.09
N VAL A 50 55.46 12.36 26.00
CA VAL A 50 56.43 12.40 27.10
C VAL A 50 55.71 12.47 28.47
N VAL A 51 56.30 11.82 29.47
CA VAL A 51 55.88 12.03 30.85
C VAL A 51 57.00 12.70 31.64
N PHE A 52 56.67 13.77 32.36
CA PHE A 52 57.70 14.48 33.11
C PHE A 52 57.13 15.17 34.35
N TRP A 53 57.97 15.36 35.36
CA TRP A 53 57.59 16.18 36.49
C TRP A 53 58.01 17.60 36.16
N GLN A 54 57.04 18.52 36.17
CA GLN A 54 57.31 19.92 35.86
C GLN A 54 57.55 20.68 37.13
N GLN A 55 58.78 20.63 37.62
CA GLN A 55 59.16 21.30 38.85
C GLN A 55 59.18 22.79 38.62
N THR A 56 58.33 23.49 39.36
CA THR A 56 58.03 24.90 39.15
C THR A 56 57.99 25.63 40.49
N THR A 57 58.83 26.66 40.62
CA THR A 57 58.96 27.35 41.89
C THR A 57 58.89 28.84 41.68
N TRP A 58 58.30 29.52 42.65
CA TRP A 58 58.26 30.97 42.61
C TRP A 58 57.91 31.41 44.00
N SER A 59 57.94 32.71 44.20
CA SER A 59 57.69 33.29 45.51
C SER A 59 56.36 34.08 45.49
N ASP A 60 55.59 33.99 46.57
CA ASP A 60 54.37 34.79 46.72
C ASP A 60 54.21 35.24 48.17
N ARG A 61 54.65 36.46 48.45
CA ARG A 61 54.74 36.96 49.82
C ARG A 61 53.39 37.09 50.47
N THR A 62 52.34 37.21 49.66
CA THR A 62 51.02 37.33 50.26
C THR A 62 50.63 36.04 50.96
N LEU A 63 51.40 34.97 50.75
CA LEU A 63 51.08 33.69 51.40
C LEU A 63 51.85 33.52 52.72
N ALA A 64 52.85 34.38 52.92
CA ALA A 64 53.77 34.21 54.06
C ALA A 64 53.05 34.24 55.41
N TRP A 65 53.57 33.50 56.38
CA TRP A 65 53.08 33.64 57.76
C TRP A 65 54.25 33.54 58.73
N ASN A 66 54.04 33.97 59.96
CA ASN A 66 55.06 33.87 61.01
C ASN A 66 55.17 32.43 61.46
N SER A 67 56.27 31.77 61.14
CA SER A 67 56.40 30.33 61.45
C SER A 67 56.85 30.04 62.88
N SER A 68 56.91 31.08 63.71
CA SER A 68 57.28 30.90 65.12
C SER A 68 56.19 30.06 65.78
N HIS A 69 56.57 28.88 66.27
CA HIS A 69 55.60 28.01 66.93
C HIS A 69 54.49 27.63 65.97
N SER A 70 54.85 27.47 64.70
CA SER A 70 53.88 27.09 63.68
C SER A 70 54.53 26.16 62.69
N PRO A 71 53.73 25.33 62.00
CA PRO A 71 54.27 24.56 60.89
C PRO A 71 54.96 25.47 59.87
N ASP A 72 56.03 24.96 59.27
CA ASP A 72 56.83 25.72 58.31
C ASP A 72 56.28 25.63 56.88
N GLN A 73 55.40 24.65 56.63
CA GLN A 73 54.89 24.37 55.28
C GLN A 73 53.49 23.78 55.30
N VAL A 74 52.77 24.00 54.22
CA VAL A 74 51.50 23.32 54.04
C VAL A 74 51.34 22.96 52.58
N SER A 75 50.57 21.92 52.32
CA SER A 75 50.17 21.61 50.95
C SER A 75 48.84 22.33 50.69
N VAL A 76 48.72 22.93 49.52
CA VAL A 76 47.58 23.78 49.21
C VAL A 76 47.10 23.45 47.79
N PRO A 77 45.77 23.31 47.61
CA PRO A 77 45.21 23.14 46.26
C PRO A 77 45.59 24.36 45.39
N ILE A 78 46.06 24.13 44.16
CA ILE A 78 46.47 25.25 43.32
C ILE A 78 45.32 26.18 43.00
N SER A 79 44.09 25.69 43.16
CA SER A 79 42.92 26.54 42.90
C SER A 79 42.86 27.67 43.94
N SER A 80 43.58 27.51 45.06
CA SER A 80 43.63 28.59 46.02
C SER A 80 44.83 29.54 45.91
N LEU A 81 45.67 29.34 44.88
CA LEU A 81 46.92 30.10 44.74
C LEU A 81 47.04 30.74 43.37
N TRP A 82 47.73 31.86 43.30
CA TRP A 82 48.18 32.27 41.99
C TRP A 82 49.21 31.26 41.48
N VAL A 83 49.09 30.91 40.21
CA VAL A 83 50.03 30.01 39.59
C VAL A 83 50.44 30.63 38.25
N PRO A 84 51.73 30.51 37.87
CA PRO A 84 52.18 31.08 36.58
C PRO A 84 51.47 30.40 35.40
N ASP A 85 51.09 31.19 34.40
CA ASP A 85 50.34 30.66 33.25
C ASP A 85 51.31 30.08 32.22
N LEU A 86 52.11 29.10 32.64
CA LEU A 86 53.10 28.49 31.72
C LEU A 86 52.40 27.66 30.64
N ALA A 87 52.96 27.67 29.43
CA ALA A 87 52.49 26.80 28.39
C ALA A 87 53.68 26.29 27.57
N ALA A 88 53.55 25.08 27.03
CA ALA A 88 54.54 24.58 26.09
C ALA A 88 54.12 24.97 24.67
N TYR A 89 54.89 25.88 24.06
CA TYR A 89 54.59 26.31 22.69
C TYR A 89 54.42 25.17 21.70
N ASN A 90 55.24 24.12 21.80
CA ASN A 90 55.17 23.08 20.77
C ASN A 90 54.36 21.85 21.20
N ALA A 91 53.56 22.01 22.24
CA ALA A 91 52.65 20.94 22.65
C ALA A 91 51.53 20.80 21.63
N ILE A 92 51.11 19.58 21.32
CA ILE A 92 50.00 19.39 20.40
C ILE A 92 48.84 18.69 21.09
N SER A 93 48.91 18.61 22.41
CA SER A 93 47.76 18.13 23.17
C SER A 93 47.79 18.93 24.46
N LYS A 94 46.66 18.98 25.16
CA LYS A 94 46.72 19.65 26.45
C LYS A 94 47.40 18.78 27.48
N PRO A 95 48.02 19.42 28.47
CA PRO A 95 48.76 18.64 29.45
C PRO A 95 47.80 17.77 30.26
N GLU A 96 48.06 16.47 30.31
CA GLU A 96 47.30 15.57 31.18
C GLU A 96 48.06 15.54 32.52
N VAL A 97 47.51 16.20 33.54
CA VAL A 97 48.11 16.20 34.87
C VAL A 97 47.77 14.88 35.58
N LEU A 98 48.79 14.09 35.89
CA LEU A 98 48.59 12.74 36.43
C LEU A 98 48.51 12.72 37.97
N THR A 99 48.97 13.79 38.60
CA THR A 99 49.11 13.83 40.06
C THR A 99 48.09 14.77 40.71
N PRO A 100 47.90 14.66 42.05
CA PRO A 100 47.02 15.57 42.80
C PRO A 100 47.49 17.02 42.64
N GLN A 101 46.55 17.92 42.35
CA GLN A 101 46.93 19.30 42.06
C GLN A 101 47.17 20.15 43.29
N LEU A 102 48.23 19.79 44.01
CA LEU A 102 48.64 20.50 45.24
C LEU A 102 50.00 21.14 45.08
N ALA A 103 50.15 22.33 45.65
CA ALA A 103 51.43 22.99 45.69
C ALA A 103 51.89 22.97 47.13
N ARG A 104 53.20 23.00 47.32
CA ARG A 104 53.75 23.10 48.65
C ARG A 104 54.12 24.56 48.89
N VAL A 105 53.63 25.13 49.99
CA VAL A 105 53.92 26.52 50.35
C VAL A 105 54.70 26.57 51.69
N VAL A 106 55.82 27.30 51.67
CA VAL A 106 56.67 27.51 52.85
C VAL A 106 56.28 28.82 53.51
N SER A 107 56.50 28.93 54.82
CA SER A 107 56.03 30.11 55.58
C SER A 107 56.55 31.46 55.06
N ASP A 108 57.67 31.46 54.31
CA ASP A 108 58.20 32.70 53.74
C ASP A 108 57.55 33.01 52.39
N GLY A 109 56.66 32.15 51.91
CA GLY A 109 55.96 32.43 50.67
C GLY A 109 56.55 31.74 49.45
N GLU A 110 57.58 30.91 49.64
CA GLU A 110 58.10 30.10 48.54
C GLU A 110 57.09 29.01 48.19
N VAL A 111 56.84 28.85 46.90
CA VAL A 111 55.91 27.83 46.45
C VAL A 111 56.64 26.84 45.55
N LEU A 112 56.28 25.58 45.71
CA LEU A 112 56.75 24.55 44.81
C LEU A 112 55.52 23.85 44.26
N TYR A 113 55.34 23.88 42.94
CA TYR A 113 54.29 23.08 42.29
C TYR A 113 54.98 22.14 41.30
N MET A 114 54.71 20.84 41.45
CA MET A 114 55.46 19.81 40.72
C MET A 114 54.54 18.70 40.22
N PRO A 115 53.65 19.03 39.30
CA PRO A 115 52.77 18.00 38.73
C PRO A 115 53.53 17.03 37.84
N SER A 116 53.07 15.79 37.80
CA SER A 116 53.54 14.89 36.76
C SER A 116 52.59 15.07 35.55
N ILE A 117 53.17 15.32 34.39
CA ILE A 117 52.39 15.64 33.22
C ILE A 117 52.72 14.68 32.06
N ARG A 118 51.68 14.24 31.38
CA ARG A 118 51.87 13.52 30.12
C ARG A 118 51.40 14.45 29.01
N GLN A 119 52.22 14.61 28.00
CA GLN A 119 51.87 15.55 26.95
C GLN A 119 52.53 15.16 25.64
N ARG A 120 51.87 15.46 24.52
CA ARG A 120 52.48 15.25 23.21
C ARG A 120 53.05 16.52 22.63
N PHE A 121 54.19 16.39 21.97
CA PHE A 121 54.87 17.52 21.38
C PHE A 121 55.21 17.29 19.92
N SER A 122 55.29 18.40 19.19
CA SER A 122 55.84 18.39 17.86
C SER A 122 57.30 18.83 18.03
N CYS A 123 58.19 17.95 17.63
CA CYS A 123 59.62 18.27 17.74
C CYS A 123 60.46 17.33 16.87
N ASP A 124 61.77 17.57 16.85
CA ASP A 124 62.63 16.80 15.95
C ASP A 124 62.89 15.38 16.43
N VAL A 125 62.23 14.41 15.82
CA VAL A 125 62.40 13.02 16.23
C VAL A 125 63.40 12.25 15.32
N SER A 126 63.92 12.93 14.29
CA SER A 126 64.88 12.30 13.39
C SER A 126 66.09 11.80 14.19
N GLY A 127 66.51 10.57 13.87
CA GLY A 127 67.73 10.03 14.41
C GLY A 127 67.49 9.21 15.67
N VAL A 128 66.22 9.08 16.03
CA VAL A 128 65.89 8.41 17.29
C VAL A 128 66.44 6.97 17.36
N ASP A 129 66.54 6.32 16.21
CA ASP A 129 67.04 4.92 16.12
C ASP A 129 68.51 4.86 15.75
N THR A 130 69.23 5.96 15.96
CA THR A 130 70.66 5.97 15.68
C THR A 130 71.40 6.17 17.00
N GLU A 131 72.72 6.11 16.94
CA GLU A 131 73.49 6.16 18.15
C GLU A 131 73.52 7.57 18.71
N SER A 132 73.47 8.54 17.79
CA SER A 132 73.44 9.95 18.16
C SER A 132 72.10 10.31 18.83
N GLY A 133 71.06 9.56 18.45
CA GLY A 133 69.72 9.79 18.95
C GLY A 133 69.05 11.03 18.36
N ALA A 134 67.82 11.26 18.79
CA ALA A 134 67.08 12.45 18.41
C ALA A 134 67.25 13.52 19.47
N THR A 135 67.09 14.78 19.07
CA THR A 135 67.00 15.85 20.06
C THR A 135 65.67 16.59 19.93
N CYS A 136 64.82 16.38 20.92
CA CYS A 136 63.51 16.99 20.95
C CYS A 136 63.56 18.18 21.88
N ARG A 137 63.23 19.35 21.35
CA ARG A 137 63.27 20.60 22.09
C ARG A 137 61.85 20.96 22.55
N ILE A 138 61.70 21.22 23.85
CA ILE A 138 60.42 21.62 24.41
C ILE A 138 60.54 23.05 24.94
N LYS A 139 59.62 23.92 24.49
CA LYS A 139 59.70 25.34 24.79
C LYS A 139 58.55 25.76 25.73
N ILE A 140 58.90 26.33 26.88
CA ILE A 140 57.88 26.63 27.89
C ILE A 140 58.08 28.05 28.40
N GLY A 141 56.98 28.80 28.48
CA GLY A 141 57.02 30.13 29.07
C GLY A 141 55.62 30.64 29.41
N SER A 142 55.54 31.83 30.01
CA SER A 142 54.26 32.43 30.35
C SER A 142 53.53 32.72 29.07
N TRP A 143 52.23 32.38 29.01
CA TRP A 143 51.46 32.64 27.79
C TRP A 143 51.09 34.12 27.66
N THR A 144 50.84 34.78 28.78
CA THR A 144 50.27 36.15 28.73
C THR A 144 51.01 37.21 29.53
N HIS A 145 52.06 36.79 30.24
CA HIS A 145 52.82 37.72 31.06
C HIS A 145 54.19 37.98 30.42
N HIS A 146 54.47 39.24 30.08
CA HIS A 146 55.77 39.56 29.46
C HIS A 146 56.91 39.61 30.50
N SER A 147 58.13 39.88 30.02
CA SER A 147 59.34 39.78 30.83
C SER A 147 59.38 40.69 32.06
N ARG A 148 58.60 41.77 32.05
CA ARG A 148 58.56 42.62 33.24
C ARG A 148 57.60 42.09 34.30
N GLU A 149 56.80 41.09 33.94
CA GLU A 149 55.86 40.52 34.92
C GLU A 149 56.26 39.13 35.38
N ILE A 150 56.70 38.31 34.43
CA ILE A 150 57.23 36.99 34.76
C ILE A 150 58.58 36.80 34.05
N SER A 151 59.60 36.40 34.82
CA SER A 151 60.83 35.91 34.20
C SER A 151 60.85 34.42 34.39
N VAL A 152 61.42 33.72 33.42
CA VAL A 152 61.42 32.26 33.47
C VAL A 152 62.85 31.78 33.37
N ASP A 153 63.26 30.95 34.33
CA ASP A 153 64.64 30.43 34.36
C ASP A 153 64.69 28.94 34.66
N PRO A 154 65.66 28.25 34.06
CA PRO A 154 65.95 26.86 34.49
C PRO A 154 66.62 26.88 35.88
N THR A 155 66.70 25.74 36.56
CA THR A 155 67.24 25.69 37.92
C THR A 155 68.71 25.24 37.94
N ASP A 161 70.20 13.21 34.97
CA ASP A 161 69.21 13.45 33.92
C ASP A 161 68.15 12.32 33.86
N SER A 162 68.65 11.09 33.74
CA SER A 162 67.84 9.89 33.81
C SER A 162 67.46 9.57 35.24
N GLU A 163 67.68 10.51 36.16
CA GLU A 163 67.62 10.16 37.56
C GLU A 163 66.30 9.44 37.87
N TYR A 164 65.21 9.96 37.31
CA TYR A 164 63.89 9.38 37.57
C TYR A 164 63.32 8.77 36.31
N PHE A 165 64.15 8.67 35.29
CA PHE A 165 63.67 8.11 34.05
C PHE A 165 63.43 6.59 34.15
N SER A 166 62.28 6.14 33.67
CA SER A 166 61.92 4.74 33.78
C SER A 166 62.90 3.83 33.04
N GLN A 167 63.37 2.82 33.76
CA GLN A 167 64.19 1.78 33.16
C GLN A 167 63.41 0.90 32.20
N TYR A 168 62.09 0.94 32.26
CA TYR A 168 61.30 0.08 31.37
C TYR A 168 60.91 0.73 30.06
N SER A 169 61.27 2.01 29.88
CA SER A 169 60.99 2.70 28.62
C SER A 169 61.73 1.99 27.45
N ARG A 170 61.21 2.14 26.24
CA ARG A 170 61.91 1.64 25.05
C ARG A 170 63.07 2.57 24.74
N PHE A 171 63.10 3.69 25.46
CA PHE A 171 64.05 4.75 25.10
C PHE A 171 64.97 5.00 26.26
N GLU A 172 66.07 5.69 25.96
CA GLU A 172 66.98 6.10 27.01
C GLU A 172 67.42 7.54 26.76
N ILE A 173 67.74 8.24 27.85
CA ILE A 173 68.16 9.63 27.72
C ILE A 173 69.68 9.73 27.65
N LEU A 174 70.16 10.43 26.63
CA LEU A 174 71.59 10.62 26.45
C LEU A 174 71.99 11.90 27.14
N ASP A 175 71.16 12.92 27.04
CA ASP A 175 71.50 14.21 27.61
C ASP A 175 70.27 15.12 27.66
N VAL A 176 70.28 16.07 28.61
CA VAL A 176 69.28 17.11 28.68
C VAL A 176 69.99 18.43 28.88
N THR A 177 69.75 19.38 27.98
CA THR A 177 70.29 20.72 28.16
C THR A 177 69.16 21.77 28.17
N GLN A 178 69.45 22.91 28.76
CA GLN A 178 68.46 23.96 28.89
C GLN A 178 68.99 25.28 28.43
N LYS A 179 68.09 26.10 27.90
CA LYS A 179 68.49 27.41 27.41
C LYS A 179 67.37 28.41 27.64
N LYS A 180 67.72 29.59 28.15
CA LYS A 180 66.72 30.61 28.38
C LYS A 180 66.64 31.57 27.18
N ASN A 181 65.43 32.04 26.86
CA ASN A 181 65.25 32.97 25.75
C ASN A 181 64.27 34.05 26.10
N SER A 182 64.36 35.15 25.35
CA SER A 182 63.47 36.29 25.52
C SER A 182 63.06 36.70 24.12
N VAL A 183 61.79 36.50 23.79
CA VAL A 183 61.36 36.63 22.40
C VAL A 183 60.28 37.68 22.25
N THR A 184 60.34 38.44 21.16
CA THR A 184 59.27 39.39 20.85
C THR A 184 58.43 38.83 19.72
N TYR A 185 57.11 38.78 19.92
CA TYR A 185 56.22 38.16 18.93
C TYR A 185 55.47 39.26 18.19
N SER A 186 55.06 38.95 16.96
CA SER A 186 54.32 39.90 16.13
C SER A 186 53.07 40.47 16.79
N CYS A 187 52.44 39.67 17.66
CA CYS A 187 51.17 40.06 18.29
C CYS A 187 51.33 41.21 19.28
N CYS A 188 52.52 41.35 19.87
CA CYS A 188 52.65 42.24 21.03
C CYS A 188 54.01 42.88 21.07
N PRO A 189 54.07 44.08 21.64
CA PRO A 189 55.31 44.90 21.72
C PRO A 189 56.34 44.37 22.72
N GLU A 190 55.91 43.64 23.75
CA GLU A 190 56.82 43.26 24.82
CA GLU A 190 56.83 43.26 24.81
C GLU A 190 57.54 41.95 24.51
N ALA A 191 58.59 41.66 25.29
CA ALA A 191 59.29 40.40 25.20
C ALA A 191 58.72 39.39 26.21
N TYR A 192 58.69 38.12 25.81
CA TYR A 192 58.17 37.04 26.64
C TYR A 192 59.27 36.01 26.82
N GLU A 193 59.53 35.65 28.07
CA GLU A 193 60.62 34.70 28.31
C GLU A 193 60.16 33.25 28.16
N ASP A 194 61.10 32.39 27.82
CA ASP A 194 60.83 30.96 27.77
C ASP A 194 62.06 30.17 28.16
N VAL A 195 61.85 28.92 28.57
CA VAL A 195 62.95 28.00 28.71
C VAL A 195 62.80 26.97 27.60
N GLU A 196 63.91 26.65 26.95
CA GLU A 196 63.94 25.56 25.97
C GLU A 196 64.72 24.39 26.51
N VAL A 197 64.01 23.29 26.73
CA VAL A 197 64.62 22.08 27.23
C VAL A 197 64.89 21.10 26.11
N SER A 198 66.17 20.80 25.87
CA SER A 198 66.55 19.88 24.78
C SER A 198 66.78 18.48 25.29
N LEU A 199 65.92 17.57 24.84
CA LEU A 199 65.96 16.20 25.32
C LEU A 199 66.61 15.36 24.22
N ASN A 200 67.81 14.86 24.51
CA ASN A 200 68.56 14.03 23.56
C ASN A 200 68.39 12.59 23.99
N PHE A 201 67.68 11.81 23.18
CA PHE A 201 67.27 10.46 23.57
C PHE A 201 67.33 9.54 22.34
N ARG A 202 67.33 8.22 22.59
CA ARG A 202 67.32 7.24 21.50
C ARG A 202 66.64 5.93 21.90
N LYS A 203 66.21 5.18 20.91
CA LYS A 203 65.67 3.86 21.13
C LYS A 203 66.79 2.96 21.69
N LYS A 204 66.46 2.09 22.63
CA LYS A 204 67.44 1.13 23.16
C LYS A 204 67.45 -0.17 22.34
N GLY A 205 68.22 -1.17 22.77
CA GLY A 205 68.17 -2.52 22.17
C GLY A 205 66.86 -3.27 22.39
N LEU B 1 45.77 52.81 42.03
CA LEU B 1 45.27 51.46 41.79
C LEU B 1 46.40 50.47 41.60
N ASP B 2 46.29 49.32 42.26
CA ASP B 2 47.22 48.22 41.96
C ASP B 2 46.49 47.06 41.26
N ARG B 3 47.26 46.07 40.82
CA ARG B 3 46.67 44.96 40.05
C ARG B 3 45.53 44.32 40.81
N ALA B 4 45.73 44.14 42.11
CA ALA B 4 44.73 43.49 42.94
C ALA B 4 43.39 44.24 42.85
N ASP B 5 43.46 45.57 42.96
CA ASP B 5 42.26 46.40 42.87
C ASP B 5 41.61 46.25 41.50
N ILE B 6 42.43 46.39 40.45
CA ILE B 6 41.89 46.33 39.11
C ILE B 6 41.17 45.00 38.90
N LEU B 7 41.84 43.90 39.25
CA LEU B 7 41.24 42.58 39.04
C LEU B 7 39.99 42.40 39.89
N TYR B 8 40.02 42.93 41.10
CA TYR B 8 38.85 42.92 41.97
C TYR B 8 37.67 43.64 41.32
N ASN B 9 37.87 44.88 40.90
CA ASN B 9 36.81 45.62 40.22
C ASN B 9 36.26 44.92 38.97
N ILE B 10 37.16 44.34 38.17
CA ILE B 10 36.75 43.64 36.97
C ILE B 10 35.88 42.44 37.37
N ARG B 11 36.32 41.68 38.36
CA ARG B 11 35.58 40.52 38.78
C ARG B 11 34.19 40.92 39.31
N GLN B 12 34.12 42.03 40.04
CA GLN B 12 32.87 42.46 40.67
C GLN B 12 31.87 43.07 39.70
N THR B 13 32.32 43.55 38.55
CA THR B 13 31.46 44.37 37.70
C THR B 13 31.52 44.05 36.20
N SER B 14 32.20 42.97 35.84
CA SER B 14 32.53 42.78 34.42
C SER B 14 31.33 42.44 33.48
N ARG B 15 30.42 41.56 33.95
CA ARG B 15 29.22 41.21 33.18
C ARG B 15 29.61 40.44 31.93
N PRO B 16 30.18 39.25 32.11
CA PRO B 16 30.67 38.41 31.01
C PRO B 16 29.53 37.98 30.07
N ASP B 17 28.29 38.13 30.53
CA ASP B 17 27.16 37.71 29.69
CA ASP B 17 27.12 37.73 29.75
C ASP B 17 26.64 38.87 28.84
N VAL B 18 27.25 40.03 28.98
CA VAL B 18 26.75 41.23 28.31
C VAL B 18 27.68 41.74 27.23
N ILE B 19 27.25 41.66 25.98
CA ILE B 19 28.05 42.13 24.86
C ILE B 19 28.22 43.65 24.95
N PRO B 20 29.47 44.12 24.91
CA PRO B 20 29.76 45.53 25.20
C PRO B 20 29.61 46.39 23.96
N THR B 21 28.40 46.46 23.41
CA THR B 21 28.12 47.38 22.29
C THR B 21 28.17 48.83 22.75
N GLN B 22 28.66 49.71 21.89
CA GLN B 22 28.73 51.14 22.18
C GLN B 22 27.78 51.89 21.26
N ARG B 23 26.78 52.57 21.83
CA ARG B 23 25.90 53.44 21.03
C ARG B 23 25.28 52.68 19.87
N ASP B 24 24.92 51.43 20.13
CA ASP B 24 24.30 50.56 19.12
C ASP B 24 25.16 50.31 17.87
N ARG B 25 26.47 50.47 17.98
CA ARG B 25 27.39 49.98 16.96
C ARG B 25 27.80 48.58 17.36
N PRO B 26 28.14 47.76 16.36
CA PRO B 26 28.63 46.39 16.63
C PRO B 26 29.96 46.42 17.35
N VAL B 27 30.21 45.40 18.16
CA VAL B 27 31.54 45.23 18.73
C VAL B 27 32.37 44.80 17.57
N ALA B 28 33.44 45.56 17.30
CA ALA B 28 34.37 45.23 16.21
C ALA B 28 35.43 44.22 16.68
N VAL B 29 35.28 42.98 16.23
CA VAL B 29 36.21 41.91 16.61
C VAL B 29 37.20 41.66 15.48
N SER B 30 38.49 41.63 15.81
CA SER B 30 39.50 41.20 14.86
C SER B 30 39.94 39.78 15.19
N VAL B 31 40.14 39.00 14.12
CA VAL B 31 40.50 37.60 14.25
C VAL B 31 41.57 37.30 13.24
N SER B 32 42.54 36.49 13.67
CA SER B 32 43.70 36.24 12.87
C SER B 32 44.29 34.89 13.36
N LEU B 33 44.39 33.92 12.45
CA LEU B 33 44.98 32.65 12.78
C LEU B 33 46.49 32.60 12.48
N LYS B 34 47.32 32.45 13.52
CA LYS B 34 48.74 32.14 13.29
C LYS B 34 48.92 30.64 13.32
N PHE B 35 49.18 30.03 12.16
CA PHE B 35 49.33 28.58 12.07
C PHE B 35 50.64 28.10 12.67
N ILE B 36 50.53 27.05 13.47
CA ILE B 36 51.68 26.55 14.23
C ILE B 36 52.01 25.16 13.72
N ASN B 37 50.99 24.43 13.32
CA ASN B 37 51.22 23.08 12.89
C ASN B 37 50.06 22.52 12.09
N ILE B 38 50.37 21.55 11.22
CA ILE B 38 49.39 20.77 10.48
C ILE B 38 49.74 19.32 10.74
N LEU B 39 48.81 18.56 11.35
CA LEU B 39 49.22 17.35 12.04
C LEU B 39 48.75 16.09 11.35
N GLU B 40 47.55 16.13 10.77
CA GLU B 40 46.98 14.86 10.33
C GLU B 40 46.05 15.04 9.15
N VAL B 41 46.66 15.09 7.98
CA VAL B 41 45.92 15.35 6.76
C VAL B 41 45.37 14.02 6.21
N ASN B 42 44.19 14.09 5.63
CA ASN B 42 43.62 12.94 4.96
C ASN B 42 42.94 13.37 3.68
N GLU B 43 43.61 13.13 2.55
CA GLU B 43 43.12 13.60 1.25
C GLU B 43 41.87 12.84 0.78
N ILE B 44 41.72 11.62 1.28
CA ILE B 44 40.54 10.83 0.97
C ILE B 44 39.29 11.37 1.69
N THR B 45 39.39 11.60 3.00
CA THR B 45 38.24 12.14 3.73
C THR B 45 38.11 13.66 3.67
N ASN B 46 39.14 14.34 3.18
CA ASN B 46 39.13 15.81 3.19
C ASN B 46 39.02 16.35 4.63
N GLU B 47 39.89 15.84 5.49
CA GLU B 47 39.91 16.30 6.87
C GLU B 47 41.34 16.61 7.25
N VAL B 48 41.49 17.61 8.10
CA VAL B 48 42.80 18.08 8.45
C VAL B 48 42.77 18.48 9.93
N ASP B 49 43.89 18.24 10.61
CA ASP B 49 44.07 18.56 12.02
C ASP B 49 45.06 19.72 12.07
N VAL B 50 44.70 20.81 12.71
CA VAL B 50 45.53 22.02 12.66
C VAL B 50 45.76 22.59 14.06
N VAL B 51 46.94 23.16 14.26
CA VAL B 51 47.18 23.91 15.47
C VAL B 51 47.44 25.36 15.10
N PHE B 52 46.77 26.27 15.78
CA PHE B 52 46.95 27.66 15.48
C PHE B 52 46.69 28.54 16.70
N TRP B 53 47.30 29.72 16.69
CA TRP B 53 46.99 30.75 17.68
C TRP B 53 45.85 31.58 17.14
N GLN B 54 44.76 31.61 17.88
CA GLN B 54 43.59 32.40 17.42
C GLN B 54 43.63 33.79 18.01
N GLN B 55 44.37 34.68 17.37
CA GLN B 55 44.51 36.05 17.87
C GLN B 55 43.19 36.80 17.71
N THR B 56 42.64 37.23 18.84
CA THR B 56 41.30 37.79 18.87
C THR B 56 41.30 39.08 19.71
N THR B 57 40.87 40.18 19.10
CA THR B 57 40.93 41.45 19.80
C THR B 57 39.59 42.17 19.67
N TRP B 58 39.22 42.87 20.73
CA TRP B 58 38.03 43.70 20.70
C TRP B 58 38.14 44.69 21.85
N SER B 59 37.19 45.61 21.88
CA SER B 59 37.18 46.63 22.91
C SER B 59 35.99 46.43 23.88
N ASP B 60 36.25 46.58 25.18
CA ASP B 60 35.17 46.56 26.18
C ASP B 60 35.41 47.68 27.20
N ARG B 61 34.78 48.81 26.96
CA ARG B 61 35.00 49.97 27.81
C ARG B 61 34.61 49.77 29.27
N THR B 62 33.68 48.86 29.54
CA THR B 62 33.31 48.64 30.91
C THR B 62 34.49 48.12 31.72
N LEU B 63 35.57 47.73 31.05
CA LEU B 63 36.73 47.17 31.76
C LEU B 63 37.73 48.27 32.07
N ALA B 64 37.56 49.43 31.44
CA ALA B 64 38.58 50.49 31.48
C ALA B 64 38.84 50.99 32.89
N TRP B 65 40.04 51.50 33.11
CA TRP B 65 40.34 52.13 34.41
C TRP B 65 41.34 53.21 34.14
N ASN B 66 41.46 54.14 35.09
CA ASN B 66 42.41 55.25 35.01
C ASN B 66 43.82 54.73 35.26
N SER B 67 44.68 54.75 34.24
CA SER B 67 46.00 54.13 34.37
C SER B 67 47.04 55.08 34.93
N SER B 68 46.60 56.26 35.37
CA SER B 68 47.52 57.20 36.02
C SER B 68 48.01 56.56 37.33
N HIS B 69 49.32 56.41 37.48
CA HIS B 69 49.88 55.76 38.65
C HIS B 69 49.31 54.36 38.88
N SER B 70 49.10 53.62 37.79
CA SER B 70 48.54 52.29 37.86
C SER B 70 49.12 51.47 36.75
N PRO B 71 49.13 50.14 36.91
CA PRO B 71 49.52 49.26 35.80
C PRO B 71 48.63 49.49 34.58
N ASP B 72 49.23 49.37 33.41
CA ASP B 72 48.54 49.63 32.16
C ASP B 72 47.75 48.40 31.66
N GLN B 73 48.07 47.23 32.19
CA GLN B 73 47.49 45.97 31.71
C GLN B 73 47.42 44.91 32.78
N VAL B 74 46.42 44.04 32.66
CA VAL B 74 46.34 42.85 33.50
C VAL B 74 45.91 41.64 32.69
N SER B 75 46.34 40.46 33.13
CA SER B 75 45.84 39.21 32.56
C SER B 75 44.60 38.82 33.37
N VAL B 76 43.54 38.44 32.67
CA VAL B 76 42.28 38.13 33.31
C VAL B 76 41.75 36.80 32.78
N PRO B 77 41.21 35.96 33.67
CA PRO B 77 40.55 34.70 33.24
C PRO B 77 39.36 35.03 32.34
N ILE B 78 39.22 34.37 31.19
CA ILE B 78 38.13 34.74 30.29
C ILE B 78 36.76 34.50 30.93
N SER B 79 36.70 33.66 31.95
CA SER B 79 35.42 33.48 32.65
C SER B 79 34.95 34.77 33.31
N SER B 80 35.84 35.75 33.46
CA SER B 80 35.44 37.01 34.10
C SER B 80 35.18 38.13 33.10
N LEU B 81 35.20 37.82 31.79
CA LEU B 81 35.01 38.83 30.74
C LEU B 81 33.98 38.36 29.75
N TRP B 82 33.33 39.31 29.12
CA TRP B 82 32.59 38.95 27.93
C TRP B 82 33.63 38.58 26.85
N VAL B 83 33.33 37.52 26.12
CA VAL B 83 34.16 37.07 25.01
C VAL B 83 33.26 36.76 23.80
N PRO B 84 33.73 37.12 22.60
CA PRO B 84 32.88 36.88 21.42
C PRO B 84 32.58 35.39 21.22
N ASP B 85 31.37 35.03 20.79
CA ASP B 85 31.01 33.62 20.61
C ASP B 85 31.45 33.11 19.23
N LEU B 86 32.74 33.21 18.94
CA LEU B 86 33.21 32.78 17.62
C LEU B 86 33.12 31.28 17.46
N ALA B 87 32.82 30.82 16.25
CA ALA B 87 32.90 29.39 15.99
C ALA B 87 33.42 29.16 14.57
N ALA B 88 34.07 28.03 14.36
CA ALA B 88 34.52 27.69 13.04
C ALA B 88 33.43 26.84 12.40
N TYR B 89 32.79 27.36 11.35
CA TYR B 89 31.70 26.64 10.70
C TYR B 89 32.08 25.24 10.23
N ASN B 90 33.28 25.08 9.69
CA ASN B 90 33.63 23.78 9.13
C ASN B 90 34.49 22.95 10.08
N ALA B 91 34.47 23.26 11.37
CA ALA B 91 35.16 22.42 12.37
C ALA B 91 34.37 21.13 12.52
N ILE B 92 35.06 20.00 12.68
CA ILE B 92 34.38 18.74 12.93
C ILE B 92 34.76 18.16 14.29
N SER B 93 35.41 18.98 15.10
CA SER B 93 35.68 18.62 16.50
C SER B 93 35.61 19.90 17.27
N LYS B 94 35.41 19.81 18.57
CA LYS B 94 35.44 21.04 19.33
C LYS B 94 36.86 21.51 19.53
N PRO B 95 37.01 22.81 19.72
CA PRO B 95 38.37 23.36 19.80
C PRO B 95 39.03 22.85 21.09
N GLU B 96 40.20 22.24 20.98
CA GLU B 96 40.98 21.84 22.14
C GLU B 96 41.92 23.02 22.44
N VAL B 97 41.64 23.75 23.52
CA VAL B 97 42.44 24.91 23.88
C VAL B 97 43.65 24.41 24.66
N LEU B 98 44.83 24.67 24.12
CA LEU B 98 46.08 24.13 24.66
C LEU B 98 46.71 25.04 25.73
N THR B 99 46.26 26.27 25.79
CA THR B 99 46.95 27.28 26.58
C THR B 99 46.07 27.74 27.74
N PRO B 100 46.69 28.43 28.72
CA PRO B 100 45.93 29.00 29.85
C PRO B 100 44.85 29.96 29.35
N GLN B 101 43.63 29.84 29.86
CA GLN B 101 42.54 30.66 29.35
C GLN B 101 42.49 32.06 29.95
N LEU B 102 43.50 32.86 29.60
CA LEU B 102 43.63 34.25 30.09
C LEU B 102 43.61 35.23 28.91
N ALA B 103 42.97 36.37 29.13
CA ALA B 103 42.95 37.44 28.15
C ALA B 103 43.74 38.56 28.75
N ARG B 104 44.35 39.37 27.88
CA ARG B 104 45.10 40.52 28.34
C ARG B 104 44.17 41.74 28.17
N VAL B 105 44.01 42.49 29.26
CA VAL B 105 43.17 43.70 29.22
C VAL B 105 43.99 44.96 29.47
N VAL B 106 43.87 45.93 28.57
CA VAL B 106 44.60 47.21 28.69
C VAL B 106 43.68 48.24 29.31
N SER B 107 44.25 49.22 30.02
CA SER B 107 43.45 50.17 30.83
C SER B 107 42.36 50.92 30.07
N ASP B 108 42.52 51.03 28.74
CA ASP B 108 41.50 51.64 27.88
C ASP B 108 40.39 50.68 27.49
N GLY B 109 40.48 49.42 27.93
CA GLY B 109 39.45 48.42 27.62
C GLY B 109 39.70 47.54 26.41
N GLU B 110 40.86 47.69 25.77
CA GLU B 110 41.26 46.80 24.69
C GLU B 110 41.57 45.41 25.25
N VAL B 111 40.99 44.39 24.62
CA VAL B 111 41.23 43.02 25.05
C VAL B 111 41.97 42.25 23.98
N LEU B 112 42.94 41.44 24.41
CA LEU B 112 43.57 40.47 23.51
C LEU B 112 43.37 39.07 24.11
N TYR B 113 42.72 38.20 23.36
CA TYR B 113 42.64 36.79 23.75
C TYR B 113 43.24 35.99 22.61
N MET B 114 44.24 35.16 22.93
CA MET B 114 45.01 34.47 21.92
C MET B 114 45.34 33.02 22.33
N PRO B 115 44.31 32.18 22.41
CA PRO B 115 44.53 30.77 22.78
C PRO B 115 45.20 30.05 21.65
N SER B 116 45.98 29.04 22.00
CA SER B 116 46.49 28.12 20.99
C SER B 116 45.46 26.99 20.93
N ILE B 117 45.00 26.70 19.72
CA ILE B 117 43.93 25.74 19.56
C ILE B 117 44.35 24.61 18.63
N ARG B 118 43.96 23.39 18.97
CA ARG B 118 44.04 22.29 18.03
C ARG B 118 42.61 21.93 17.65
N GLN B 119 42.36 21.82 16.35
CA GLN B 119 40.99 21.54 15.91
C GLN B 119 41.02 20.83 14.58
N ARG B 120 40.02 19.99 14.32
CA ARG B 120 39.94 19.34 13.00
C ARG B 120 38.89 20.01 12.14
N PHE B 121 39.16 20.02 10.85
CA PHE B 121 38.29 20.69 9.90
C PHE B 121 37.99 19.83 8.69
N SER B 122 36.80 20.08 8.12
CA SER B 122 36.42 19.51 6.85
C SER B 122 36.71 20.61 5.83
N CYS B 123 37.64 20.33 4.93
CA CYS B 123 38.01 21.32 3.91
C CYS B 123 38.73 20.63 2.75
N ASP B 124 39.11 21.41 1.75
CA ASP B 124 39.64 20.84 0.54
C ASP B 124 41.10 20.42 0.71
N VAL B 125 41.36 19.11 0.78
CA VAL B 125 42.71 18.63 0.97
C VAL B 125 43.35 18.18 -0.36
N SER B 126 42.56 18.21 -1.43
CA SER B 126 43.05 17.74 -2.74
C SER B 126 44.30 18.53 -3.15
N GLY B 127 45.31 17.80 -3.65
CA GLY B 127 46.52 18.44 -4.15
C GLY B 127 47.58 18.65 -3.09
N VAL B 128 47.33 18.15 -1.88
CA VAL B 128 48.28 18.36 -0.80
C VAL B 128 49.67 17.83 -1.16
N ASP B 129 49.71 16.74 -1.95
CA ASP B 129 50.98 16.10 -2.33
C ASP B 129 51.53 16.59 -3.65
N THR B 130 51.04 17.73 -4.12
CA THR B 130 51.50 18.31 -5.36
C THR B 130 52.24 19.61 -5.05
N GLU B 131 52.79 20.24 -6.08
CA GLU B 131 53.60 21.41 -5.87
C GLU B 131 52.71 22.60 -5.60
N SER B 132 51.53 22.59 -6.19
CA SER B 132 50.53 23.64 -5.98
C SER B 132 50.00 23.56 -4.54
N GLY B 133 49.91 22.34 -4.04
CA GLY B 133 49.46 22.08 -2.68
C GLY B 133 47.94 22.13 -2.58
N ALA B 134 47.44 21.92 -1.36
CA ALA B 134 46.02 22.05 -1.10
C ALA B 134 45.69 23.45 -0.59
N THR B 135 44.43 23.84 -0.72
CA THR B 135 43.94 25.06 -0.08
C THR B 135 42.77 24.70 0.83
N CYS B 136 43.02 24.83 2.13
CA CYS B 136 42.05 24.53 3.15
C CYS B 136 41.47 25.84 3.65
N ARG B 137 40.16 25.97 3.54
CA ARG B 137 39.48 27.21 3.90
C ARG B 137 38.81 27.04 5.28
N ILE B 138 39.15 27.94 6.20
CA ILE B 138 38.56 27.89 7.53
C ILE B 138 37.67 29.11 7.74
N LYS B 139 36.42 28.86 8.09
CA LYS B 139 35.43 29.93 8.20
C LYS B 139 35.04 30.20 9.67
N ILE B 140 35.24 31.43 10.13
CA ILE B 140 34.99 31.74 11.54
C ILE B 140 34.15 32.98 11.70
N GLY B 141 33.16 32.91 12.60
CA GLY B 141 32.35 34.09 12.93
C GLY B 141 31.48 33.89 14.15
N SER B 142 30.78 34.95 14.56
CA SER B 142 29.91 34.86 15.73
C SER B 142 28.83 33.85 15.44
N TRP B 143 28.53 32.98 16.39
CA TRP B 143 27.49 31.99 16.17
C TRP B 143 26.07 32.59 16.35
N THR B 144 25.93 33.55 17.26
CA THR B 144 24.59 34.03 17.62
C THR B 144 24.40 35.55 17.53
N HIS B 145 25.45 36.29 17.21
CA HIS B 145 25.37 37.74 17.10
C HIS B 145 25.47 38.19 15.64
N HIS B 146 24.42 38.85 15.14
CA HIS B 146 24.43 39.31 13.75
C HIS B 146 25.28 40.57 13.56
N SER B 147 25.40 40.98 12.31
CA SER B 147 26.33 42.04 11.92
C SER B 147 26.13 43.37 12.65
N ARG B 148 24.95 43.61 13.22
CA ARG B 148 24.78 44.87 13.97
C ARG B 148 25.24 44.73 15.41
N GLU B 149 25.54 43.51 15.83
CA GLU B 149 26.04 43.30 17.18
C GLU B 149 27.51 42.96 17.22
N ILE B 150 27.95 42.16 16.27
CA ILE B 150 29.37 41.83 16.14
C ILE B 150 29.76 41.93 14.69
N SER B 151 30.84 42.65 14.41
CA SER B 151 31.46 42.63 13.09
C SER B 151 32.76 41.87 13.27
N VAL B 152 33.18 41.19 12.21
CA VAL B 152 34.37 40.36 12.31
C VAL B 152 35.30 40.74 11.17
N ASP B 153 36.54 41.10 11.52
CA ASP B 153 37.53 41.49 10.52
C ASP B 153 38.88 40.84 10.74
N PRO B 154 39.60 40.54 9.64
CA PRO B 154 40.99 40.09 9.76
C PRO B 154 41.83 41.27 10.19
N THR B 155 43.04 41.05 10.66
CA THR B 155 43.93 42.14 11.07
C THR B 155 44.92 42.58 9.98
N ASP B 160 54.96 37.58 8.65
CA ASP B 160 55.09 36.41 7.76
C ASP B 160 54.12 35.28 8.15
N ASP B 161 53.83 34.39 7.19
CA ASP B 161 52.81 33.35 7.31
C ASP B 161 53.27 32.12 8.10
N SER B 162 54.43 31.59 7.70
CA SER B 162 55.08 30.49 8.43
C SER B 162 55.83 31.01 9.66
N GLU B 163 55.57 32.26 10.04
CA GLU B 163 56.43 32.89 11.03
C GLU B 163 56.57 32.00 12.26
N TYR B 164 55.48 31.40 12.69
CA TYR B 164 55.51 30.56 13.87
C TYR B 164 55.25 29.12 13.53
N PHE B 165 55.24 28.81 12.23
CA PHE B 165 54.89 27.47 11.81
C PHE B 165 56.05 26.52 12.11
N SER B 166 55.73 25.35 12.66
CA SER B 166 56.75 24.39 13.08
C SER B 166 57.59 23.89 11.90
N GLN B 167 58.90 24.00 12.01
CA GLN B 167 59.80 23.40 11.02
C GLN B 167 59.73 21.88 11.01
N TYR B 168 59.15 21.28 12.06
CA TYR B 168 59.17 19.80 12.15
C TYR B 168 57.90 19.16 11.60
N SER B 169 56.97 20.00 11.15
CA SER B 169 55.77 19.48 10.53
C SER B 169 56.12 18.75 9.22
N ARG B 170 55.30 17.76 8.85
CA ARG B 170 55.43 17.12 7.55
C ARG B 170 55.01 18.05 6.43
N PHE B 171 54.40 19.18 6.80
CA PHE B 171 53.85 20.07 5.79
C PHE B 171 54.53 21.41 5.86
N GLU B 172 54.33 22.21 4.82
CA GLU B 172 54.82 23.58 4.82
C GLU B 172 53.71 24.47 4.27
N ILE B 173 53.76 25.73 4.65
CA ILE B 173 52.76 26.69 4.22
C ILE B 173 53.27 27.50 3.03
N LEU B 174 52.47 27.52 1.97
CA LEU B 174 52.81 28.25 0.76
C LEU B 174 52.26 29.64 0.87
N ASP B 175 51.03 29.75 1.36
CA ASP B 175 50.39 31.05 1.46
C ASP B 175 49.17 31.05 2.39
N VAL B 176 48.88 32.20 2.98
CA VAL B 176 47.66 32.36 3.75
C VAL B 176 46.95 33.64 3.33
N THR B 177 45.70 33.52 2.91
CA THR B 177 44.92 34.70 2.56
C THR B 177 43.64 34.73 3.38
N GLN B 178 43.06 35.93 3.49
CA GLN B 178 41.86 36.13 4.27
C GLN B 178 40.84 36.93 3.53
N LYS B 179 39.59 36.65 3.85
CA LYS B 179 38.50 37.30 3.17
C LYS B 179 37.37 37.47 4.18
N LYS B 180 36.70 38.61 4.13
CA LYS B 180 35.61 38.87 5.04
C LYS B 180 34.31 38.65 4.29
N ASN B 181 33.31 38.12 4.99
CA ASN B 181 31.99 37.87 4.39
C ASN B 181 30.85 38.23 5.32
N SER B 182 29.69 38.44 4.73
CA SER B 182 28.50 38.77 5.50
C SER B 182 27.39 37.94 4.85
N VAL B 183 26.89 36.97 5.59
CA VAL B 183 26.02 35.99 5.00
C VAL B 183 24.68 35.95 5.72
N THR B 184 23.61 35.78 4.95
CA THR B 184 22.28 35.59 5.56
C THR B 184 21.92 34.12 5.47
N TYR B 185 21.54 33.56 6.60
CA TYR B 185 21.21 32.12 6.65
C TYR B 185 19.70 31.94 6.70
N SER B 186 19.24 30.76 6.26
CA SER B 186 17.81 30.44 6.15
C SER B 186 17.10 30.56 7.47
N CYS B 187 17.84 30.32 8.54
CA CYS B 187 17.27 30.29 9.90
CA CYS B 187 17.28 30.29 9.89
C CYS B 187 16.84 31.67 10.39
N CYS B 188 17.47 32.73 9.88
CA CYS B 188 17.30 34.04 10.50
C CYS B 188 17.38 35.15 9.49
N PRO B 189 16.68 36.23 9.78
CA PRO B 189 16.57 37.39 8.87
C PRO B 189 17.87 38.20 8.74
N GLU B 190 18.70 38.23 9.79
CA GLU B 190 19.86 39.12 9.81
CA GLU B 190 19.85 39.12 9.79
C GLU B 190 21.07 38.50 9.14
N ALA B 191 22.07 39.34 8.85
CA ALA B 191 23.34 38.91 8.29
C ALA B 191 24.34 38.65 9.42
N TYR B 192 25.16 37.63 9.22
CA TYR B 192 26.21 37.30 10.18
C TYR B 192 27.54 37.33 9.49
N GLU B 193 28.48 38.09 10.06
CA GLU B 193 29.78 38.17 9.44
C GLU B 193 30.66 36.97 9.76
N ASP B 194 31.65 36.75 8.89
CA ASP B 194 32.66 35.75 9.14
C ASP B 194 33.97 36.17 8.47
N VAL B 195 35.05 35.55 8.91
CA VAL B 195 36.32 35.61 8.22
C VAL B 195 36.64 34.23 7.66
N GLU B 196 37.02 34.19 6.39
CA GLU B 196 37.48 32.93 5.79
C GLU B 196 38.96 32.98 5.61
N VAL B 197 39.65 32.06 6.28
CA VAL B 197 41.10 32.00 6.19
C VAL B 197 41.45 30.85 5.27
N SER B 198 42.16 31.15 4.19
CA SER B 198 42.57 30.16 3.20
C SER B 198 44.03 29.78 3.41
N LEU B 199 44.23 28.52 3.78
CA LEU B 199 45.54 28.00 4.10
C LEU B 199 46.00 27.15 2.93
N ASN B 200 46.95 27.68 2.18
CA ASN B 200 47.55 26.93 1.05
C ASN B 200 48.85 26.26 1.52
N PHE B 201 48.80 24.92 1.57
CA PHE B 201 49.90 24.15 2.16
C PHE B 201 50.15 22.88 1.34
N ARG B 202 51.32 22.26 1.52
CA ARG B 202 51.61 20.98 0.88
C ARG B 202 52.50 20.09 1.73
N LYS B 203 52.46 18.79 1.45
CA LYS B 203 53.44 17.87 2.02
C LYS B 203 54.87 18.26 1.58
N LYS B 204 55.83 18.25 2.50
CA LYS B 204 57.22 18.54 2.14
C LYS B 204 57.88 17.40 1.37
N GLY B 205 58.77 17.78 0.46
CA GLY B 205 59.49 16.82 -0.37
C GLY B 205 60.69 16.22 0.35
N LEU C 1 15.09 49.80 29.30
CA LEU C 1 15.87 48.61 29.56
C LEU C 1 17.01 48.48 28.57
N ASP C 2 18.21 48.19 29.08
CA ASP C 2 19.30 47.86 28.17
C ASP C 2 19.65 46.37 28.31
N ARG C 3 20.61 45.90 27.53
CA ARG C 3 20.95 44.47 27.52
C ARG C 3 21.36 44.04 28.92
N ALA C 4 22.16 44.87 29.56
CA ALA C 4 22.66 44.52 30.89
C ALA C 4 21.51 44.24 31.86
N ASP C 5 20.47 45.10 31.82
CA ASP C 5 19.30 44.91 32.68
C ASP C 5 18.54 43.62 32.34
N ILE C 6 18.34 43.40 31.04
CA ILE C 6 17.60 42.23 30.60
C ILE C 6 18.32 40.97 31.04
N LEU C 7 19.64 40.92 30.83
CA LEU C 7 20.41 39.71 31.17
C LEU C 7 20.47 39.50 32.68
N TYR C 8 20.60 40.62 33.39
CA TYR C 8 20.53 40.59 34.84
C TYR C 8 19.20 40.00 35.32
N ASN C 9 18.09 40.54 34.84
CA ASN C 9 16.77 39.98 35.23
C ASN C 9 16.62 38.49 34.89
N ILE C 10 17.08 38.11 33.71
CA ILE C 10 16.97 36.71 33.30
C ILE C 10 17.79 35.83 34.24
N ARG C 11 18.99 36.29 34.55
CA ARG C 11 19.85 35.51 35.43
C ARG C 11 19.21 35.39 36.82
N GLN C 12 18.64 36.48 37.31
CA GLN C 12 18.03 36.48 38.66
C GLN C 12 16.72 35.72 38.80
N THR C 13 15.98 35.52 37.71
CA THR C 13 14.64 34.95 37.82
C THR C 13 14.30 33.82 36.87
N SER C 14 15.26 33.36 36.07
CA SER C 14 14.94 32.45 34.94
C SER C 14 14.35 31.04 35.28
N ARG C 15 14.91 30.36 36.30
CA ARG C 15 14.39 29.05 36.73
C ARG C 15 14.63 27.98 35.68
N PRO C 16 15.90 27.70 35.38
CA PRO C 16 16.28 26.76 34.32
C PRO C 16 15.81 25.34 34.62
N ASP C 17 15.37 25.13 35.86
CA ASP C 17 14.94 23.77 36.25
C ASP C 17 13.44 23.64 36.08
N VAL C 18 12.78 24.71 35.68
CA VAL C 18 11.31 24.71 35.63
C VAL C 18 10.77 24.82 34.22
N ILE C 19 10.14 23.74 33.76
CA ILE C 19 9.56 23.69 32.43
C ILE C 19 8.43 24.73 32.32
N PRO C 20 8.49 25.60 31.31
CA PRO C 20 7.57 26.75 31.25
C PRO C 20 6.23 26.38 30.60
N THR C 21 5.52 25.44 31.18
CA THR C 21 4.18 25.11 30.68
C THR C 21 3.19 26.24 30.92
N GLN C 22 2.31 26.46 29.96
CA GLN C 22 1.28 27.50 30.05
C GLN C 22 -0.09 26.85 30.19
N ARG C 23 -0.77 27.13 31.31
CA ARG C 23 -2.16 26.68 31.48
C ARG C 23 -2.27 25.18 31.25
N ASP C 24 -1.26 24.44 31.69
CA ASP C 24 -1.25 22.98 31.54
C ASP C 24 -1.28 22.45 30.11
N ARG C 25 -0.83 23.28 29.17
CA ARG C 25 -0.56 22.81 27.82
C ARG C 25 0.93 22.46 27.76
N PRO C 26 1.27 21.51 26.90
CA PRO C 26 2.68 21.17 26.73
C PRO C 26 3.46 22.34 26.13
N VAL C 27 4.74 22.45 26.49
CA VAL C 27 5.64 23.33 25.79
C VAL C 27 5.82 22.73 24.40
N ALA C 28 5.51 23.53 23.39
CA ALA C 28 5.65 23.09 22.01
C ALA C 28 7.07 23.37 21.58
N VAL C 29 7.83 22.29 21.36
CA VAL C 29 9.22 22.40 20.94
C VAL C 29 9.35 22.03 19.46
N SER C 30 9.97 22.91 18.68
CA SER C 30 10.28 22.60 17.28
C SER C 30 11.73 22.17 17.16
N VAL C 31 11.95 21.14 16.34
CA VAL C 31 13.27 20.56 16.13
C VAL C 31 13.46 20.38 14.65
N SER C 32 14.64 20.75 14.20
CA SER C 32 14.96 20.69 12.79
C SER C 32 16.48 20.51 12.63
N LEU C 33 16.91 19.37 12.06
CA LEU C 33 18.32 19.11 11.82
C LEU C 33 18.75 19.66 10.45
N LYS C 34 19.74 20.56 10.44
CA LYS C 34 20.39 20.95 9.18
C LYS C 34 21.73 20.22 9.08
N PHE C 35 21.80 19.28 8.15
CA PHE C 35 23.00 18.44 8.03
C PHE C 35 24.16 19.19 7.42
N ILE C 36 25.32 19.09 8.08
CA ILE C 36 26.51 19.83 7.66
C ILE C 36 27.54 18.87 7.11
N ASN C 37 27.55 17.65 7.65
CA ASN C 37 28.59 16.72 7.26
C ASN C 37 28.24 15.29 7.64
N ILE C 38 28.80 14.35 6.89
CA ILE C 38 28.73 12.92 7.20
C ILE C 38 30.16 12.40 7.13
N LEU C 39 30.67 11.88 8.24
CA LEU C 39 32.12 11.84 8.41
C LEU C 39 32.66 10.46 8.41
N GLU C 40 31.92 9.52 8.97
CA GLU C 40 32.60 8.22 9.13
C GLU C 40 31.61 7.08 9.07
N VAL C 41 31.28 6.68 7.84
CA VAL C 41 30.26 5.66 7.63
C VAL C 41 30.88 4.26 7.74
N ASN C 42 30.11 3.33 8.27
CA ASN C 42 30.52 1.94 8.36
C ASN C 42 29.33 1.04 8.07
N GLU C 43 29.30 0.49 6.86
CA GLU C 43 28.15 -0.28 6.43
C GLU C 43 28.11 -1.63 7.13
N ILE C 44 29.26 -2.08 7.57
CA ILE C 44 29.34 -3.35 8.28
C ILE C 44 28.74 -3.24 9.68
N THR C 45 29.13 -2.21 10.44
CA THR C 45 28.59 -2.02 11.79
C THR C 45 27.28 -1.22 11.82
N ASN C 46 26.92 -0.61 10.69
CA ASN C 46 25.71 0.23 10.68
C ASN C 46 25.85 1.43 11.63
N GLU C 47 26.99 2.09 11.57
CA GLU C 47 27.23 3.26 12.39
C GLU C 47 27.66 4.38 11.50
N VAL C 48 27.23 5.59 11.86
CA VAL C 48 27.53 6.75 11.04
C VAL C 48 27.82 7.93 11.97
N ASP C 49 28.71 8.80 11.52
CA ASP C 49 29.15 9.95 12.30
C ASP C 49 28.61 11.15 11.56
N VAL C 50 27.77 11.94 12.23
CA VAL C 50 27.08 13.05 11.55
C VAL C 50 27.35 14.40 12.23
N VAL C 51 27.50 15.46 11.42
CA VAL C 51 27.52 16.82 11.99
C VAL C 51 26.28 17.56 11.52
N PHE C 52 25.57 18.21 12.45
CA PHE C 52 24.33 18.90 12.09
C PHE C 52 24.03 20.04 13.07
N TRP C 53 23.33 21.06 12.57
CA TRP C 53 22.82 22.12 13.41
C TRP C 53 21.46 21.69 13.92
N GLN C 54 21.32 21.60 15.24
CA GLN C 54 20.04 21.18 15.82
C GLN C 54 19.20 22.40 16.16
N GLN C 55 18.51 22.90 15.16
CA GLN C 55 17.64 24.05 15.33
C GLN C 55 16.46 23.72 16.24
N THR C 56 16.40 24.40 17.38
CA THR C 56 15.44 24.06 18.43
C THR C 56 14.78 25.33 18.91
N THR C 57 13.46 25.37 18.83
CA THR C 57 12.74 26.58 19.25
C THR C 57 11.61 26.24 20.20
N TRP C 58 11.38 27.11 21.16
CA TRP C 58 10.23 26.96 22.03
C TRP C 58 9.97 28.34 22.65
N SER C 59 8.90 28.41 23.45
CA SER C 59 8.53 29.67 24.03
C SER C 59 8.64 29.58 25.54
N ASP C 60 9.15 30.64 26.18
CA ASP C 60 9.20 30.67 27.66
C ASP C 60 8.85 32.09 28.17
N ARG C 61 7.58 32.29 28.46
CA ARG C 61 7.08 33.62 28.79
C ARG C 61 7.76 34.23 30.01
N THR C 62 8.23 33.41 30.93
CA THR C 62 8.93 33.97 32.08
C THR C 62 10.18 34.75 31.67
N LEU C 63 10.62 34.63 30.41
CA LEU C 63 11.79 35.38 29.95
C LEU C 63 11.38 36.73 29.35
N ALA C 64 10.10 36.90 29.05
CA ALA C 64 9.63 38.06 28.27
C ALA C 64 9.94 39.39 28.97
N TRP C 65 10.19 40.43 28.17
CA TRP C 65 10.28 41.79 28.71
C TRP C 65 9.62 42.74 27.74
N ASN C 66 9.29 43.92 28.25
CA ASN C 66 8.72 45.00 27.44
C ASN C 66 9.81 45.55 26.53
N SER C 67 9.69 45.34 25.21
CA SER C 67 10.73 45.78 24.27
C SER C 67 10.61 47.25 23.84
N SER C 68 9.66 47.97 24.41
CA SER C 68 9.54 49.39 24.08
C SER C 68 10.80 50.11 24.53
N HIS C 69 11.48 50.74 23.56
CA HIS C 69 12.74 51.44 23.87
C HIS C 69 13.78 50.49 24.46
N SER C 70 13.77 49.25 24.01
CA SER C 70 14.70 48.24 24.51
C SER C 70 15.13 47.35 23.35
N PRO C 71 16.30 46.71 23.48
CA PRO C 71 16.67 45.67 22.52
C PRO C 71 15.59 44.58 22.45
N ASP C 72 15.39 44.06 21.24
CA ASP C 72 14.36 43.07 20.99
C ASP C 72 14.85 41.64 21.33
N GLN C 73 16.16 41.44 21.45
CA GLN C 73 16.74 40.12 21.63
C GLN C 73 18.06 40.17 22.39
N VAL C 74 18.36 39.07 23.07
CA VAL C 74 19.70 38.90 23.64
C VAL C 74 20.18 37.48 23.49
N SER C 75 21.48 37.32 23.44
CA SER C 75 22.06 35.98 23.50
C SER C 75 22.28 35.63 24.97
N VAL C 76 21.87 34.43 25.37
CA VAL C 76 21.90 34.00 26.77
C VAL C 76 22.54 32.61 26.88
N PRO C 77 23.47 32.43 27.85
CA PRO C 77 24.04 31.10 28.11
C PRO C 77 22.91 30.12 28.44
N ILE C 78 22.92 28.91 27.89
CA ILE C 78 21.80 28.00 28.15
C ILE C 78 21.76 27.58 29.61
N SER C 79 22.86 27.70 30.32
CA SER C 79 22.85 27.38 31.76
C SER C 79 21.91 28.32 32.52
N SER C 80 21.58 29.45 31.94
CA SER C 80 20.62 30.36 32.59
C SER C 80 19.16 30.24 32.13
N LEU C 81 18.87 29.21 31.32
CA LEU C 81 17.52 29.02 30.78
C LEU C 81 17.04 27.63 30.99
N TRP C 82 15.73 27.46 31.07
CA TRP C 82 15.21 26.12 30.87
C TRP C 82 15.45 25.73 29.41
N VAL C 83 15.89 24.50 29.21
CA VAL C 83 16.07 23.94 27.87
C VAL C 83 15.43 22.56 27.80
N PRO C 84 14.77 22.25 26.68
CA PRO C 84 14.14 20.91 26.59
C PRO C 84 15.20 19.81 26.73
N ASP C 85 14.86 18.72 27.44
CA ASP C 85 15.78 17.58 27.64
C ASP C 85 15.73 16.60 26.45
N LEU C 86 16.00 17.11 25.25
CA LEU C 86 15.99 16.27 24.05
C LEU C 86 17.14 15.27 24.07
N ALA C 87 16.87 14.07 23.56
CA ALA C 87 17.93 13.11 23.36
C ALA C 87 17.68 12.32 22.06
N ALA C 88 18.76 11.90 21.41
CA ALA C 88 18.65 11.03 20.24
C ALA C 88 18.62 9.56 20.71
N TYR C 89 17.49 8.88 20.53
CA TYR C 89 17.38 7.51 20.99
C TYR C 89 18.46 6.61 20.43
N ASN C 90 18.85 6.81 19.18
CA ASN C 90 19.78 5.85 18.53
C ASN C 90 21.22 6.39 18.43
N ALA C 91 21.51 7.41 19.24
CA ALA C 91 22.89 7.89 19.37
C ALA C 91 23.71 6.83 20.14
N ILE C 92 24.93 6.57 19.69
CA ILE C 92 25.82 5.68 20.45
C ILE C 92 27.04 6.43 21.00
N SER C 93 26.97 7.76 20.97
CA SER C 93 27.98 8.58 21.65
C SER C 93 27.28 9.80 22.20
N LYS C 94 27.87 10.47 23.18
CA LYS C 94 27.18 11.68 23.62
C LYS C 94 27.40 12.80 22.63
N PRO C 95 26.45 13.73 22.60
CA PRO C 95 26.58 14.79 21.60
C PRO C 95 27.84 15.63 21.88
N GLU C 96 28.69 15.78 20.87
CA GLU C 96 29.80 16.74 20.97
C GLU C 96 29.29 18.08 20.43
N VAL C 97 29.08 19.04 21.35
CA VAL C 97 28.61 20.36 20.94
C VAL C 97 29.82 21.19 20.46
N LEU C 98 29.80 21.60 19.20
CA LEU C 98 30.95 22.26 18.58
C LEU C 98 30.92 23.78 18.68
N THR C 99 29.76 24.33 19.05
CA THR C 99 29.57 25.77 19.05
C THR C 99 29.35 26.30 20.47
N PRO C 100 29.47 27.64 20.66
CA PRO C 100 29.20 28.29 21.94
C PRO C 100 27.78 27.98 22.41
N GLN C 101 27.64 27.64 23.69
CA GLN C 101 26.32 27.21 24.17
C GLN C 101 25.39 28.36 24.57
N LEU C 102 25.01 29.14 23.57
CA LEU C 102 24.20 30.32 23.76
C LEU C 102 22.90 30.13 23.00
N ALA C 103 21.80 30.56 23.62
CA ALA C 103 20.49 30.58 22.98
C ALA C 103 20.12 32.05 22.70
N ARG C 104 19.30 32.27 21.70
CA ARG C 104 18.83 33.61 21.37
C ARG C 104 17.42 33.74 21.97
N VAL C 105 17.20 34.78 22.77
CA VAL C 105 15.90 35.01 23.39
C VAL C 105 15.30 36.30 22.86
N VAL C 106 14.05 36.22 22.37
CA VAL C 106 13.32 37.40 21.91
C VAL C 106 12.47 37.97 23.05
N SER C 107 12.18 39.28 22.99
CA SER C 107 11.45 39.94 24.08
C SER C 107 10.11 39.31 24.43
N ASP C 108 9.51 38.59 23.48
CA ASP C 108 8.23 37.92 23.73
C ASP C 108 8.42 36.54 24.38
N GLY C 109 9.68 36.17 24.64
CA GLY C 109 9.95 34.86 25.24
C GLY C 109 10.21 33.69 24.28
N GLU C 110 10.26 33.97 22.98
CA GLU C 110 10.69 32.95 22.03
C GLU C 110 12.19 32.69 22.20
N VAL C 111 12.53 31.40 22.19
CA VAL C 111 13.91 31.01 22.29
C VAL C 111 14.32 30.20 21.07
N LEU C 112 15.52 30.51 20.59
CA LEU C 112 16.16 29.72 19.58
C LEU C 112 17.49 29.20 20.14
N TYR C 113 17.64 27.88 20.16
CA TYR C 113 18.93 27.27 20.50
C TYR C 113 19.32 26.37 19.34
N MET C 114 20.53 26.55 18.83
CA MET C 114 20.89 25.94 17.56
C MET C 114 22.37 25.55 17.58
N PRO C 115 22.70 24.59 18.43
CA PRO C 115 24.10 24.13 18.48
C PRO C 115 24.44 23.37 17.21
N SER C 116 25.70 23.39 16.85
CA SER C 116 26.20 22.44 15.87
C SER C 116 26.72 21.23 16.65
N ILE C 117 26.26 20.04 16.27
CA ILE C 117 26.55 18.84 17.03
C ILE C 117 27.21 17.79 16.17
N ARG C 118 28.24 17.13 16.70
CA ARG C 118 28.76 15.94 16.07
C ARG C 118 28.35 14.78 16.95
N GLN C 119 27.81 13.74 16.32
CA GLN C 119 27.35 12.59 17.10
C GLN C 119 27.37 11.32 16.24
N ARG C 120 27.57 10.16 16.86
CA ARG C 120 27.45 8.89 16.14
C ARG C 120 26.13 8.22 16.42
N PHE C 121 25.61 7.59 15.38
CA PHE C 121 24.32 6.91 15.49
C PHE C 121 24.41 5.46 15.03
N SER C 122 23.51 4.66 15.57
CA SER C 122 23.29 3.33 15.06
C SER C 122 22.06 3.47 14.14
N CYS C 123 22.26 3.19 12.85
CA CYS C 123 21.16 3.29 11.88
C CYS C 123 21.45 2.47 10.63
N ASP C 124 20.51 2.48 9.69
CA ASP C 124 20.65 1.64 8.51
C ASP C 124 21.58 2.25 7.47
N VAL C 125 22.78 1.70 7.37
CA VAL C 125 23.79 2.23 6.46
C VAL C 125 23.85 1.41 5.17
N SER C 126 23.01 0.38 5.07
CA SER C 126 23.00 -0.48 3.90
C SER C 126 22.63 0.33 2.65
N GLY C 127 23.39 0.12 1.58
CA GLY C 127 23.11 0.74 0.30
C GLY C 127 23.81 2.06 0.12
N VAL C 128 24.63 2.45 1.10
CA VAL C 128 25.33 3.74 1.02
C VAL C 128 26.14 3.91 -0.28
N ASP C 129 26.69 2.80 -0.79
CA ASP C 129 27.53 2.81 -2.01
C ASP C 129 26.75 2.53 -3.29
N THR C 130 25.42 2.61 -3.21
CA THR C 130 24.60 2.41 -4.37
C THR C 130 23.98 3.75 -4.78
N GLU C 131 23.23 3.71 -5.86
CA GLU C 131 22.62 4.92 -6.38
C GLU C 131 21.45 5.35 -5.52
N SER C 132 20.72 4.36 -4.98
CA SER C 132 19.58 4.62 -4.10
C SER C 132 20.05 5.18 -2.76
N GLY C 133 21.27 4.80 -2.38
CA GLY C 133 21.88 5.27 -1.16
C GLY C 133 21.30 4.60 0.08
N ALA C 134 21.83 5.01 1.24
CA ALA C 134 21.33 4.54 2.51
C ALA C 134 20.31 5.55 3.06
N THR C 135 19.43 5.06 3.93
CA THR C 135 18.52 5.94 4.67
C THR C 135 18.74 5.73 6.17
N CYS C 136 19.39 6.71 6.78
CA CYS C 136 19.68 6.67 8.21
C CYS C 136 18.60 7.49 8.95
N ARG C 137 17.90 6.83 9.86
CA ARG C 137 16.81 7.46 10.60
C ARG C 137 17.30 7.89 11.99
N ILE C 138 17.10 9.16 12.34
CA ILE C 138 17.56 9.69 13.64
C ILE C 138 16.34 10.09 14.46
N LYS C 139 16.26 9.60 15.70
CA LYS C 139 15.04 9.75 16.48
C LYS C 139 15.31 10.63 17.68
N ILE C 140 14.56 11.72 17.81
CA ILE C 140 14.85 12.69 18.87
C ILE C 140 13.58 13.06 19.60
N GLY C 141 13.67 13.12 20.92
CA GLY C 141 12.54 13.53 21.73
C GLY C 141 12.91 13.81 23.18
N SER C 142 11.95 14.31 23.96
CA SER C 142 12.22 14.59 25.37
C SER C 142 12.49 13.27 26.07
N TRP C 143 13.55 13.22 26.89
CA TRP C 143 13.85 12.00 27.59
C TRP C 143 12.90 11.75 28.78
N THR C 144 12.43 12.83 29.43
CA THR C 144 11.67 12.62 30.69
C THR C 144 10.34 13.33 30.74
N HIS C 145 9.99 14.07 29.69
CA HIS C 145 8.73 14.81 29.68
C HIS C 145 7.77 14.18 28.66
N HIS C 146 6.63 13.70 29.14
CA HIS C 146 5.65 13.08 28.25
C HIS C 146 4.87 14.12 27.45
N SER C 147 4.00 13.62 26.57
CA SER C 147 3.30 14.45 25.59
C SER C 147 2.45 15.60 26.17
N ARG C 148 2.06 15.51 27.44
CA ARG C 148 1.30 16.62 28.06
C ARG C 148 2.21 17.74 28.56
N GLU C 149 3.50 17.47 28.61
CA GLU C 149 4.47 18.44 29.10
C GLU C 149 5.33 19.01 27.97
N ILE C 150 5.74 18.17 27.04
CA ILE C 150 6.49 18.62 25.90
C ILE C 150 5.89 17.96 24.65
N SER C 151 5.56 18.76 23.65
CA SER C 151 5.27 18.21 22.34
C SER C 151 6.43 18.56 21.44
N VAL C 152 6.71 17.67 20.50
CA VAL C 152 7.87 17.85 19.65
C VAL C 152 7.37 17.85 18.23
N ASP C 153 7.73 18.88 17.46
CA ASP C 153 7.34 18.94 16.05
C ASP C 153 8.44 19.39 15.11
N PRO C 154 8.48 18.82 13.89
CA PRO C 154 9.41 19.34 12.86
C PRO C 154 8.93 20.68 12.35
N THR C 155 9.82 21.49 11.81
CA THR C 155 9.43 22.80 11.34
C THR C 155 9.56 22.34 9.91
N THR C 156 10.80 22.02 9.55
CA THR C 156 11.22 21.88 8.14
C THR C 156 11.30 23.15 7.29
N GLU C 157 12.47 23.35 6.70
CA GLU C 157 12.66 24.42 5.72
C GLU C 157 12.38 23.95 4.31
N ASN C 158 11.75 24.82 3.53
CA ASN C 158 11.44 24.44 2.16
C ASN C 158 12.68 24.47 1.29
N SER C 159 13.68 25.24 1.73
CA SER C 159 14.97 25.43 1.03
C SER C 159 15.77 24.09 0.91
N ASP C 160 16.78 24.08 0.05
CA ASP C 160 17.52 22.85 -0.21
C ASP C 160 18.15 22.17 1.06
N ASP C 161 17.82 20.88 1.25
CA ASP C 161 18.38 19.96 2.27
C ASP C 161 19.92 20.00 2.42
N SER C 162 20.60 20.03 1.27
CA SER C 162 22.05 20.17 1.23
C SER C 162 22.47 21.60 1.37
N GLU C 163 21.53 22.46 1.71
CA GLU C 163 21.81 23.89 1.74
C GLU C 163 23.16 24.23 2.43
N TYR C 164 23.44 23.60 3.57
CA TYR C 164 24.64 23.92 4.33
C TYR C 164 25.55 22.73 4.37
N PHE C 165 25.26 21.72 3.54
CA PHE C 165 25.99 20.47 3.63
C PHE C 165 27.34 20.69 2.97
N SER C 166 28.39 20.15 3.58
CA SER C 166 29.75 20.39 3.09
C SER C 166 30.01 19.75 1.73
N GLN C 167 30.49 20.55 0.79
CA GLN C 167 30.79 20.04 -0.55
C GLN C 167 32.03 19.15 -0.46
N TYR C 168 32.73 19.18 0.66
CA TYR C 168 33.96 18.39 0.73
C TYR C 168 33.76 17.02 1.38
N SER C 169 32.53 16.74 1.80
CA SER C 169 32.21 15.42 2.32
C SER C 169 32.37 14.34 1.24
N ARG C 170 32.66 13.11 1.67
CA ARG C 170 32.69 11.97 0.74
C ARG C 170 31.28 11.56 0.33
N PHE C 171 30.30 12.14 1.00
CA PHE C 171 28.92 11.75 0.78
C PHE C 171 28.12 12.91 0.30
N GLU C 172 26.93 12.62 -0.22
CA GLU C 172 26.01 13.66 -0.64
C GLU C 172 24.64 13.29 -0.13
N ILE C 173 23.78 14.30 0.04
CA ILE C 173 22.45 14.05 0.54
C ILE C 173 21.48 13.99 -0.62
N LEU C 174 20.70 12.92 -0.66
CA LEU C 174 19.67 12.75 -1.69
C LEU C 174 18.36 13.36 -1.24
N ASP C 175 18.05 13.17 0.04
CA ASP C 175 16.77 13.63 0.55
C ASP C 175 16.74 13.57 2.08
N VAL C 176 15.93 14.44 2.67
CA VAL C 176 15.70 14.41 4.11
C VAL C 176 14.20 14.52 4.35
N THR C 177 13.63 13.56 5.05
CA THR C 177 12.21 13.63 5.41
C THR C 177 12.03 13.53 6.91
N GLN C 178 10.91 14.05 7.40
CA GLN C 178 10.67 14.03 8.84
C GLN C 178 9.31 13.49 9.15
N LYS C 179 9.18 12.93 10.34
CA LYS C 179 7.94 12.32 10.74
C LYS C 179 7.83 12.54 12.25
N LYS C 180 6.63 12.84 12.72
CA LYS C 180 6.44 12.97 14.14
C LYS C 180 5.78 11.68 14.68
N ASN C 181 6.14 11.28 15.90
CA ASN C 181 5.57 10.09 16.53
C ASN C 181 5.25 10.32 17.97
N SER C 182 4.37 9.47 18.49
CA SER C 182 3.96 9.53 19.88
C SER C 182 3.98 8.09 20.35
N VAL C 183 4.92 7.78 21.24
CA VAL C 183 5.14 6.39 21.60
C VAL C 183 4.95 6.13 23.08
N THR C 184 4.29 5.00 23.39
CA THR C 184 4.21 4.54 24.78
C THR C 184 5.29 3.47 25.05
N TYR C 185 6.09 3.65 26.11
CA TYR C 185 7.17 2.70 26.39
C TYR C 185 6.78 1.88 27.62
N SER C 186 7.36 0.70 27.74
CA SER C 186 7.03 -0.23 28.82
C SER C 186 7.30 0.35 30.22
N CYS C 187 8.23 1.28 30.30
CA CYS C 187 8.64 1.84 31.57
C CYS C 187 7.56 2.73 32.20
N CYS C 188 6.69 3.33 31.35
CA CYS C 188 5.82 4.40 31.83
C CYS C 188 4.48 4.43 31.13
N PRO C 189 3.46 4.89 31.85
CA PRO C 189 2.08 4.91 31.36
C PRO C 189 1.85 5.92 30.24
N GLU C 190 2.60 7.02 30.23
CA GLU C 190 2.27 8.13 29.32
C GLU C 190 2.97 7.98 27.97
N ALA C 191 2.56 8.78 26.99
CA ALA C 191 3.19 8.81 25.67
C ALA C 191 4.28 9.91 25.60
N TYR C 192 5.33 9.61 24.85
CA TYR C 192 6.43 10.55 24.68
C TYR C 192 6.61 10.80 23.21
N GLU C 193 6.63 12.07 22.82
CA GLU C 193 6.70 12.40 21.40
C GLU C 193 8.13 12.37 20.94
N ASP C 194 8.29 12.18 19.64
CA ASP C 194 9.62 12.26 19.03
C ASP C 194 9.50 12.74 17.61
N VAL C 195 10.60 13.27 17.09
CA VAL C 195 10.73 13.49 15.67
C VAL C 195 11.70 12.45 15.10
N GLU C 196 11.33 11.84 13.97
CA GLU C 196 12.23 10.93 13.25
C GLU C 196 12.67 11.60 11.98
N VAL C 197 13.97 11.86 11.88
CA VAL C 197 14.54 12.49 10.70
C VAL C 197 15.27 11.44 9.85
N SER C 198 14.77 11.25 8.63
CA SER C 198 15.33 10.26 7.72
C SER C 198 16.29 10.90 6.74
N LEU C 199 17.56 10.54 6.89
CA LEU C 199 18.62 11.09 6.06
C LEU C 199 18.97 10.09 4.97
N ASN C 200 18.59 10.39 3.74
CA ASN C 200 18.90 9.51 2.59
C ASN C 200 20.14 10.05 1.91
N PHE C 201 21.22 9.29 1.96
CA PHE C 201 22.52 9.82 1.51
C PHE C 201 23.32 8.71 0.84
N ARG C 202 24.35 9.07 0.08
CA ARG C 202 25.20 8.05 -0.56
C ARG C 202 26.65 8.51 -0.71
N LYS C 203 27.56 7.56 -0.90
CA LYS C 203 28.92 7.90 -1.25
C LYS C 203 28.92 8.53 -2.63
N LYS C 204 29.73 9.58 -2.82
CA LYS C 204 29.83 10.23 -4.15
C LYS C 204 30.68 9.46 -5.13
N LEU D 1 0.01 24.33 44.80
CA LEU D 1 1.42 24.19 44.41
C LEU D 1 1.55 24.09 42.90
N ASP D 2 2.49 24.83 42.33
CA ASP D 2 2.82 24.60 40.93
C ASP D 2 4.22 23.97 40.84
N ARG D 3 4.61 23.59 39.63
CA ARG D 3 5.96 23.05 39.39
C ARG D 3 7.08 23.88 39.99
N ALA D 4 6.99 25.20 39.81
CA ALA D 4 8.05 26.07 40.27
C ALA D 4 8.25 25.92 41.79
N ASP D 5 7.12 25.84 42.51
CA ASP D 5 7.14 25.71 43.96
C ASP D 5 7.71 24.38 44.38
N ILE D 6 7.22 23.32 43.75
CA ILE D 6 7.70 21.97 44.03
C ILE D 6 9.21 21.87 43.81
N LEU D 7 9.69 22.37 42.67
CA LEU D 7 11.13 22.27 42.34
C LEU D 7 11.93 23.12 43.31
N TYR D 8 11.39 24.27 43.65
CA TYR D 8 12.03 25.16 44.63
C TYR D 8 12.21 24.43 45.96
N ASN D 9 11.11 23.88 46.49
CA ASN D 9 11.21 23.14 47.75
C ASN D 9 12.20 21.98 47.71
N ILE D 10 12.15 21.21 46.62
CA ILE D 10 13.07 20.10 46.48
C ILE D 10 14.52 20.60 46.50
N ARG D 11 14.80 21.62 45.71
CA ARG D 11 16.14 22.19 45.68
C ARG D 11 16.59 22.69 47.05
N GLN D 12 15.69 23.31 47.80
CA GLN D 12 16.04 23.88 49.11
C GLN D 12 16.23 22.87 50.24
N THR D 13 15.67 21.67 50.11
CA THR D 13 15.60 20.74 51.25
C THR D 13 16.02 19.30 50.95
N SER D 14 16.43 19.02 49.72
CA SER D 14 16.45 17.62 49.27
C SER D 14 17.50 16.70 49.95
N ARG D 15 18.71 17.23 50.23
CA ARG D 15 19.75 16.48 50.95
C ARG D 15 20.31 15.31 50.12
N PRO D 16 20.93 15.63 48.99
CA PRO D 16 21.38 14.60 48.03
C PRO D 16 22.44 13.68 48.61
N ASP D 17 22.95 14.05 49.77
CA ASP D 17 24.04 13.29 50.37
C ASP D 17 23.47 12.35 51.43
N VAL D 18 22.15 12.46 51.67
CA VAL D 18 21.51 11.65 52.73
C VAL D 18 20.62 10.51 52.18
N ILE D 19 21.04 9.27 52.42
CA ILE D 19 20.26 8.10 51.98
C ILE D 19 18.93 8.09 52.76
N PRO D 20 17.81 8.07 52.03
CA PRO D 20 16.48 8.26 52.63
C PRO D 20 15.93 6.94 53.21
N THR D 21 16.65 6.33 54.16
CA THR D 21 16.15 5.15 54.84
C THR D 21 14.90 5.48 55.68
N GLN D 22 13.94 4.56 55.73
CA GLN D 22 12.74 4.71 56.58
C GLN D 22 12.77 3.68 57.73
N ARG D 23 12.74 4.17 58.96
CA ARG D 23 12.63 3.27 60.13
C ARG D 23 13.73 2.22 60.12
N ASP D 24 14.92 2.61 59.65
CA ASP D 24 16.08 1.70 59.58
C ASP D 24 15.93 0.50 58.63
N ARG D 25 14.96 0.61 57.72
CA ARG D 25 14.86 -0.35 56.63
C ARG D 25 15.74 0.14 55.47
N PRO D 26 16.30 -0.81 54.72
CA PRO D 26 17.10 -0.40 53.58
C PRO D 26 16.21 0.30 52.53
N VAL D 27 16.83 1.17 51.75
CA VAL D 27 16.15 1.76 50.62
C VAL D 27 16.09 0.66 49.58
N ALA D 28 14.88 0.33 49.12
CA ALA D 28 14.71 -0.76 48.16
C ALA D 28 14.85 -0.19 46.74
N VAL D 29 15.94 -0.56 46.07
CA VAL D 29 16.20 -0.02 44.76
C VAL D 29 15.91 -1.13 43.76
N SER D 30 15.20 -0.79 42.69
CA SER D 30 15.00 -1.72 41.57
C SER D 30 15.87 -1.27 40.43
N VAL D 31 16.50 -2.24 39.78
CA VAL D 31 17.37 -1.99 38.66
C VAL D 31 17.02 -2.97 37.56
N SER D 32 16.96 -2.46 36.34
CA SER D 32 16.60 -3.25 35.16
C SER D 32 17.31 -2.66 33.94
N LEU D 33 18.12 -3.47 33.27
CA LEU D 33 18.83 -3.00 32.08
C LEU D 33 18.03 -3.29 30.80
N LYS D 34 17.62 -2.25 30.06
CA LYS D 34 17.01 -2.46 28.74
C LYS D 34 18.13 -2.26 27.73
N PHE D 35 18.51 -3.35 27.06
CA PHE D 35 19.63 -3.30 26.13
C PHE D 35 19.23 -2.66 24.81
N ILE D 36 20.11 -1.80 24.31
CA ILE D 36 19.74 -1.02 23.16
C ILE D 36 20.68 -1.36 22.04
N ASN D 37 21.92 -1.69 22.41
CA ASN D 37 22.92 -1.99 21.40
C ASN D 37 24.12 -2.72 21.98
N ILE D 38 24.78 -3.49 21.12
CA ILE D 38 26.03 -4.16 21.44
C ILE D 38 26.96 -3.77 20.30
N LEU D 39 28.06 -3.11 20.64
CA LEU D 39 28.78 -2.30 19.64
C LEU D 39 30.13 -2.86 19.27
N GLU D 40 30.82 -3.46 20.23
CA GLU D 40 32.21 -3.80 19.94
C GLU D 40 32.67 -5.01 20.73
N VAL D 41 32.37 -6.18 20.20
CA VAL D 41 32.71 -7.42 20.86
C VAL D 41 34.13 -7.86 20.52
N ASN D 42 34.79 -8.48 21.48
CA ASN D 42 36.13 -9.01 21.24
C ASN D 42 36.26 -10.31 22.00
N GLU D 43 36.16 -11.43 21.27
CA GLU D 43 36.16 -12.77 21.86
C GLU D 43 37.53 -13.14 22.40
N ILE D 44 38.56 -12.54 21.82
CA ILE D 44 39.92 -12.77 22.30
C ILE D 44 40.14 -12.14 23.68
N THR D 45 39.79 -10.85 23.84
CA THR D 45 40.00 -10.15 25.11
C THR D 45 38.85 -10.31 26.10
N ASN D 46 37.73 -10.86 25.62
CA ASN D 46 36.55 -10.99 26.48
C ASN D 46 36.06 -9.61 26.95
N GLU D 47 35.94 -8.69 26.01
CA GLU D 47 35.43 -7.38 26.32
C GLU D 47 34.33 -7.04 25.36
N VAL D 48 33.36 -6.33 25.88
CA VAL D 48 32.19 -5.97 25.11
C VAL D 48 31.81 -4.53 25.43
N ASP D 49 31.24 -3.86 24.44
CA ASP D 49 30.82 -2.48 24.57
C ASP D 49 29.29 -2.51 24.44
N VAL D 50 28.58 -2.01 25.44
CA VAL D 50 27.12 -2.17 25.44
C VAL D 50 26.44 -0.81 25.63
N VAL D 51 25.28 -0.61 24.99
CA VAL D 51 24.43 0.52 25.32
C VAL D 51 23.14 0.00 25.91
N PHE D 52 22.71 0.59 27.04
CA PHE D 52 21.48 0.14 27.71
C PHE D 52 20.84 1.30 28.50
N TRP D 53 19.53 1.22 28.69
CA TRP D 53 18.84 2.10 29.61
C TRP D 53 18.85 1.46 30.99
N GLN D 54 19.42 2.18 31.94
CA GLN D 54 19.53 1.66 33.29
C GLN D 54 18.34 2.11 34.12
N GLN D 55 17.22 1.40 33.98
CA GLN D 55 16.02 1.77 34.68
C GLN D 55 16.21 1.52 36.17
N THR D 56 16.10 2.59 36.95
CA THR D 56 16.43 2.54 38.37
C THR D 56 15.30 3.26 39.13
N THR D 57 14.71 2.58 40.11
CA THR D 57 13.61 3.17 40.86
C THR D 57 13.84 3.00 42.35
N TRP D 58 13.43 4.00 43.12
CA TRP D 58 13.46 3.86 44.56
C TRP D 58 12.52 4.94 45.12
N SER D 59 12.33 4.90 46.44
CA SER D 59 11.44 5.83 47.06
C SER D 59 12.22 6.82 47.94
N ASP D 60 11.80 8.08 47.93
CA ASP D 60 12.40 9.05 48.85
C ASP D 60 11.31 9.98 49.38
N ARG D 61 10.73 9.61 50.51
CA ARG D 61 9.63 10.35 51.09
C ARG D 61 9.94 11.81 51.35
N THR D 62 11.21 12.15 51.59
CA THR D 62 11.53 13.56 51.81
C THR D 62 11.19 14.42 50.59
N LEU D 63 10.91 13.80 49.45
CA LEU D 63 10.61 14.57 48.25
C LEU D 63 9.11 14.75 48.08
N ALA D 64 8.34 14.00 48.87
CA ALA D 64 6.87 13.95 48.67
C ALA D 64 6.20 15.31 48.88
N TRP D 65 5.11 15.54 48.15
CA TRP D 65 4.27 16.73 48.38
C TRP D 65 2.81 16.33 48.22
N ASN D 66 1.92 17.15 48.78
CA ASN D 66 0.48 16.98 48.59
C ASN D 66 0.08 17.32 47.15
N SER D 67 -0.28 16.31 46.38
CA SER D 67 -0.64 16.53 44.96
C SER D 67 -2.08 17.03 44.72
N SER D 68 -2.79 17.36 45.80
CA SER D 68 -4.13 17.93 45.62
C SER D 68 -4.00 19.29 44.93
N HIS D 69 -4.66 19.43 43.77
CA HIS D 69 -4.55 20.66 42.99
C HIS D 69 -3.09 21.01 42.69
N SER D 70 -2.29 19.98 42.39
CA SER D 70 -0.89 20.18 42.05
C SER D 70 -0.48 19.16 41.02
N PRO D 71 0.58 19.46 40.25
CA PRO D 71 1.11 18.44 39.34
C PRO D 71 1.51 17.21 40.14
N ASP D 72 1.36 16.05 39.52
CA ASP D 72 1.64 14.78 40.18
C ASP D 72 3.12 14.38 40.07
N GLN D 73 3.86 15.01 39.15
CA GLN D 73 5.26 14.67 38.88
C GLN D 73 6.09 15.85 38.37
N VAL D 74 7.38 15.77 38.62
CA VAL D 74 8.32 16.73 38.04
C VAL D 74 9.62 16.02 37.64
N SER D 75 10.29 16.58 36.65
CA SER D 75 11.62 16.11 36.28
C SER D 75 12.61 16.97 37.07
N VAL D 76 13.59 16.31 37.69
CA VAL D 76 14.52 16.98 38.59
C VAL D 76 15.94 16.54 38.25
N PRO D 77 16.88 17.48 38.25
CA PRO D 77 18.29 17.15 37.98
C PRO D 77 18.80 16.24 39.09
N ILE D 78 19.50 15.15 38.75
CA ILE D 78 19.91 14.21 39.79
C ILE D 78 20.83 14.87 40.80
N SER D 79 21.45 15.99 40.40
CA SER D 79 22.34 16.69 41.33
C SER D 79 21.57 17.22 42.54
N SER D 80 20.25 17.30 42.41
CA SER D 80 19.44 17.81 43.53
C SER D 80 18.80 16.69 44.34
N LEU D 81 19.16 15.45 44.05
CA LEU D 81 18.50 14.27 44.67
C LEU D 81 19.54 13.35 45.23
N TRP D 82 19.20 12.64 46.29
CA TRP D 82 19.97 11.46 46.62
C TRP D 82 19.74 10.42 45.50
N VAL D 83 20.82 9.77 45.10
CA VAL D 83 20.77 8.74 44.10
C VAL D 83 21.63 7.57 44.56
N PRO D 84 21.16 6.33 44.34
CA PRO D 84 21.91 5.17 44.83
C PRO D 84 23.29 5.10 44.17
N ASP D 85 24.31 4.70 44.94
CA ASP D 85 25.68 4.70 44.42
C ASP D 85 25.96 3.38 43.68
N LEU D 86 25.15 3.08 42.67
CA LEU D 86 25.30 1.83 41.94
C LEU D 86 26.56 1.81 41.12
N ALA D 87 27.23 0.67 41.07
CA ALA D 87 28.35 0.47 40.14
C ALA D 87 28.32 -0.93 39.51
N ALA D 88 28.80 -1.05 38.28
CA ALA D 88 28.94 -2.35 37.67
C ALA D 88 30.32 -2.87 38.02
N TYR D 89 30.36 -3.93 38.83
CA TYR D 89 31.63 -4.53 39.24
C TYR D 89 32.56 -4.85 38.08
N ASN D 90 32.03 -5.36 36.96
CA ASN D 90 32.94 -5.84 35.89
C ASN D 90 33.05 -4.84 34.75
N ALA D 91 32.71 -3.57 35.02
CA ALA D 91 32.89 -2.52 34.01
C ALA D 91 34.37 -2.22 33.95
N ILE D 92 34.90 -1.96 32.75
CA ILE D 92 36.32 -1.61 32.59
C ILE D 92 36.45 -0.21 31.99
N SER D 93 35.32 0.51 31.93
CA SER D 93 35.34 1.94 31.62
C SER D 93 34.29 2.62 32.48
N LYS D 94 34.43 3.93 32.69
CA LYS D 94 33.35 4.56 33.44
C LYS D 94 32.14 4.71 32.55
N PRO D 95 30.97 4.77 33.17
CA PRO D 95 29.73 4.84 32.39
C PRO D 95 29.64 6.16 31.66
N GLU D 96 29.48 6.10 30.34
CA GLU D 96 29.24 7.28 29.52
C GLU D 96 27.72 7.45 29.49
N VAL D 97 27.23 8.47 30.19
CA VAL D 97 25.80 8.75 30.22
C VAL D 97 25.42 9.55 28.98
N LEU D 98 24.54 8.98 28.15
CA LEU D 98 24.23 9.59 26.85
C LEU D 98 23.06 10.58 26.91
N THR D 99 22.29 10.50 27.99
CA THR D 99 21.05 11.25 28.08
C THR D 99 21.10 12.37 29.14
N PRO D 100 20.12 13.27 29.12
CA PRO D 100 20.05 14.34 30.13
C PRO D 100 19.89 13.76 31.52
N GLN D 101 20.67 14.27 32.46
CA GLN D 101 20.69 13.67 33.79
C GLN D 101 19.55 14.12 34.69
N LEU D 102 18.34 13.72 34.31
CA LEU D 102 17.12 14.08 35.05
C LEU D 102 16.42 12.82 35.54
N ALA D 103 15.88 12.91 36.75
CA ALA D 103 15.08 11.83 37.31
C ALA D 103 13.65 12.33 37.36
N ARG D 104 12.72 11.40 37.31
CA ARG D 104 11.31 11.74 37.42
C ARG D 104 10.92 11.46 38.86
N VAL D 105 10.27 12.44 39.50
CA VAL D 105 9.82 12.30 40.87
C VAL D 105 8.32 12.46 40.92
N VAL D 106 7.66 11.49 41.54
CA VAL D 106 6.21 11.51 41.74
C VAL D 106 5.87 12.07 43.13
N SER D 107 4.68 12.64 43.30
CA SER D 107 4.33 13.37 44.53
C SER D 107 4.43 12.54 45.80
N ASP D 108 4.37 11.21 45.66
CA ASP D 108 4.50 10.32 46.80
C ASP D 108 5.97 9.96 47.09
N GLY D 109 6.89 10.49 46.31
CA GLY D 109 8.31 10.28 46.60
C GLY D 109 8.95 9.15 45.80
N GLU D 110 8.18 8.54 44.92
CA GLU D 110 8.76 7.58 43.96
C GLU D 110 9.66 8.30 42.97
N VAL D 111 10.83 7.70 42.76
CA VAL D 111 11.79 8.27 41.80
C VAL D 111 12.09 7.27 40.72
N LEU D 112 12.18 7.76 39.49
CA LEU D 112 12.63 6.95 38.37
C LEU D 112 13.80 7.69 37.75
N TYR D 113 14.94 7.03 37.69
CA TYR D 113 16.09 7.56 36.97
C TYR D 113 16.49 6.51 35.96
N MET D 114 16.60 6.92 34.69
CA MET D 114 16.72 5.97 33.60
C MET D 114 17.65 6.51 32.53
N PRO D 115 18.93 6.67 32.90
CA PRO D 115 19.90 7.13 31.91
C PRO D 115 20.15 6.07 30.83
N SER D 116 20.48 6.52 29.63
CA SER D 116 21.03 5.60 28.64
C SER D 116 22.56 5.63 28.80
N ILE D 117 23.15 4.46 28.93
CA ILE D 117 24.58 4.38 29.25
C ILE D 117 25.31 3.55 28.21
N ARG D 118 26.49 4.03 27.82
CA ARG D 118 27.40 3.21 27.05
C ARG D 118 28.55 2.85 27.98
N GLN D 119 28.86 1.56 28.07
CA GLN D 119 29.94 1.14 28.95
C GLN D 119 30.60 -0.13 28.41
N ARG D 120 31.88 -0.31 28.74
CA ARG D 120 32.58 -1.55 28.38
C ARG D 120 32.70 -2.47 29.60
N PHE D 121 32.57 -3.77 29.33
CA PHE D 121 32.63 -4.75 30.37
C PHE D 121 33.60 -5.86 30.05
N SER D 122 34.10 -6.48 31.12
CA SER D 122 34.88 -7.69 31.02
C SER D 122 33.92 -8.84 31.35
N CYS D 123 33.66 -9.69 30.37
CA CYS D 123 32.74 -10.78 30.56
C CYS D 123 32.97 -11.88 29.52
N ASP D 124 32.21 -12.96 29.63
CA ASP D 124 32.46 -14.12 28.81
C ASP D 124 31.93 -13.93 27.40
N VAL D 125 32.84 -13.69 26.46
CA VAL D 125 32.40 -13.44 25.08
C VAL D 125 32.52 -14.71 24.22
N SER D 126 32.98 -15.80 24.84
CA SER D 126 33.18 -17.06 24.10
C SER D 126 31.83 -17.51 23.54
N GLY D 127 31.85 -17.98 22.29
CA GLY D 127 30.65 -18.53 21.65
C GLY D 127 29.81 -17.51 20.91
N VAL D 128 30.27 -16.26 20.87
CA VAL D 128 29.46 -15.19 20.28
C VAL D 128 29.10 -15.48 18.84
N ASP D 129 29.99 -16.17 18.13
CA ASP D 129 29.79 -16.53 16.71
C ASP D 129 29.18 -17.89 16.50
N THR D 130 28.59 -18.46 17.54
CA THR D 130 27.93 -19.76 17.42
C THR D 130 26.44 -19.59 17.60
N GLU D 131 25.72 -20.67 17.47
CA GLU D 131 24.27 -20.57 17.51
C GLU D 131 23.80 -20.38 18.94
N SER D 132 24.55 -20.97 19.89
CA SER D 132 24.25 -20.83 21.32
C SER D 132 24.56 -19.41 21.81
N GLY D 133 25.51 -18.77 21.13
CA GLY D 133 25.87 -17.41 21.44
C GLY D 133 26.70 -17.33 22.71
N ALA D 134 27.04 -16.10 23.08
CA ALA D 134 27.80 -15.82 24.29
C ALA D 134 26.84 -15.42 25.39
N THR D 135 27.28 -15.58 26.63
CA THR D 135 26.50 -15.08 27.75
C THR D 135 27.40 -14.16 28.55
N CYS D 136 27.08 -12.86 28.49
CA CYS D 136 27.83 -11.82 29.18
C CYS D 136 27.07 -11.42 30.43
N ARG D 137 27.73 -11.56 31.57
CA ARG D 137 27.09 -11.32 32.86
C ARG D 137 27.53 -9.95 33.41
N ILE D 138 26.55 -9.10 33.69
CA ILE D 138 26.84 -7.76 34.19
C ILE D 138 26.37 -7.63 35.63
N LYS D 139 27.29 -7.28 36.52
CA LYS D 139 26.99 -7.31 37.96
C LYS D 139 26.89 -5.88 38.54
N ILE D 140 25.73 -5.53 39.09
CA ILE D 140 25.51 -4.14 39.53
C ILE D 140 25.00 -4.10 40.95
N GLY D 141 25.58 -3.24 41.77
CA GLY D 141 25.11 -3.05 43.14
C GLY D 141 25.68 -1.78 43.79
N SER D 142 25.23 -1.48 45.01
CA SER D 142 25.71 -0.31 45.73
C SER D 142 27.15 -0.51 46.00
N TRP D 143 27.96 0.51 45.74
CA TRP D 143 29.38 0.39 46.04
C TRP D 143 29.69 0.49 47.55
N THR D 144 28.94 1.29 48.29
CA THR D 144 29.35 1.59 49.67
C THR D 144 28.25 1.38 50.69
N HIS D 145 27.06 0.99 50.23
CA HIS D 145 25.93 0.77 51.15
C HIS D 145 25.58 -0.71 51.27
N HIS D 146 25.69 -1.26 52.48
CA HIS D 146 25.43 -2.71 52.65
C HIS D 146 23.93 -2.99 52.67
N SER D 147 23.59 -4.27 52.79
CA SER D 147 22.21 -4.74 52.61
C SER D 147 21.22 -4.11 53.59
N ARG D 148 21.68 -3.57 54.71
CA ARG D 148 20.73 -2.97 55.65
C ARG D 148 20.40 -1.55 55.27
N GLU D 149 21.19 -1.00 54.33
CA GLU D 149 20.98 0.38 53.88
C GLU D 149 20.40 0.47 52.47
N ILE D 150 20.87 -0.39 51.58
CA ILE D 150 20.32 -0.48 50.24
C ILE D 150 20.12 -1.94 49.89
N SER D 151 18.91 -2.28 49.44
CA SER D 151 18.68 -3.59 48.85
C SER D 151 18.55 -3.33 47.36
N VAL D 152 18.97 -4.30 46.57
CA VAL D 152 18.90 -4.17 45.15
C VAL D 152 18.11 -5.33 44.58
N ASP D 153 17.10 -5.04 43.76
CA ASP D 153 16.28 -6.09 43.12
C ASP D 153 16.01 -5.81 41.66
N PRO D 154 15.86 -6.89 40.87
CA PRO D 154 15.39 -6.75 39.49
C PRO D 154 13.88 -6.46 39.53
N THR D 155 13.32 -5.95 38.44
CA THR D 155 11.89 -5.61 38.40
C THR D 155 11.01 -6.75 37.88
N ASP D 161 12.62 -8.63 25.63
CA ASP D 161 14.09 -8.48 25.82
C ASP D 161 14.77 -7.59 24.78
N SER D 162 14.57 -7.92 23.50
CA SER D 162 15.00 -7.08 22.38
C SER D 162 14.04 -5.91 22.16
N GLU D 163 13.17 -5.67 23.13
CA GLU D 163 12.09 -4.72 22.86
C GLU D 163 12.61 -3.41 22.28
N TYR D 164 13.71 -2.92 22.83
CA TYR D 164 14.28 -1.67 22.36
C TYR D 164 15.64 -1.90 21.73
N PHE D 165 15.98 -3.16 21.53
CA PHE D 165 17.30 -3.46 20.95
C PHE D 165 17.37 -3.05 19.49
N SER D 166 18.48 -2.42 19.10
CA SER D 166 18.56 -1.88 17.74
C SER D 166 18.56 -3.00 16.70
N GLN D 167 17.72 -2.86 15.68
CA GLN D 167 17.73 -3.83 14.58
C GLN D 167 19.00 -3.73 13.73
N TYR D 168 19.74 -2.63 13.86
CA TYR D 168 20.91 -2.43 13.00
C TYR D 168 22.19 -2.93 13.64
N SER D 169 22.12 -3.44 14.88
CA SER D 169 23.30 -4.00 15.53
C SER D 169 23.78 -5.21 14.71
N ARG D 170 25.09 -5.49 14.76
CA ARG D 170 25.62 -6.76 14.22
C ARG D 170 25.21 -7.97 15.04
N PHE D 171 24.63 -7.72 16.21
CA PHE D 171 24.32 -8.81 17.12
C PHE D 171 22.83 -8.85 17.37
N GLU D 172 22.38 -9.94 18.00
CA GLU D 172 20.99 -10.07 18.37
C GLU D 172 20.91 -10.72 19.72
N ILE D 173 19.83 -10.45 20.43
CA ILE D 173 19.69 -10.95 21.78
C ILE D 173 18.85 -12.21 21.78
N LEU D 174 19.39 -13.28 22.36
CA LEU D 174 18.67 -14.55 22.47
C LEU D 174 17.86 -14.55 23.76
N ASP D 175 18.45 -14.05 24.83
CA ASP D 175 17.76 -14.09 26.11
C ASP D 175 18.42 -13.17 27.14
N VAL D 176 17.63 -12.69 28.10
CA VAL D 176 18.18 -11.94 29.20
C VAL D 176 17.63 -12.54 30.49
N THR D 177 18.51 -12.95 31.39
CA THR D 177 18.06 -13.41 32.71
C THR D 177 18.70 -12.60 33.84
N GLN D 178 18.03 -12.59 34.98
CA GLN D 178 18.46 -11.80 36.12
C GLN D 178 18.50 -12.62 37.39
N LYS D 179 19.47 -12.29 38.24
CA LYS D 179 19.62 -13.00 39.49
C LYS D 179 20.05 -12.00 40.54
N LYS D 180 19.47 -12.12 41.73
CA LYS D 180 19.85 -11.25 42.83
C LYS D 180 20.81 -11.99 43.79
N ASN D 181 21.83 -11.28 44.26
CA ASN D 181 22.80 -11.87 45.18
C ASN D 181 23.06 -10.99 46.39
N SER D 182 23.61 -11.59 47.43
CA SER D 182 24.01 -10.85 48.62
C SER D 182 25.37 -11.38 49.02
N VAL D 183 26.42 -10.60 48.82
CA VAL D 183 27.77 -11.10 48.96
C VAL D 183 28.51 -10.44 50.12
N THR D 184 29.31 -11.23 50.84
CA THR D 184 30.24 -10.64 51.81
C THR D 184 31.64 -10.60 51.22
N TYR D 185 32.29 -9.44 51.27
CA TYR D 185 33.62 -9.28 50.70
C TYR D 185 34.64 -9.22 51.85
N SER D 186 35.90 -9.57 51.55
CA SER D 186 36.97 -9.55 52.56
C SER D 186 37.18 -8.17 53.20
N CYS D 187 36.87 -7.15 52.44
CA CYS D 187 37.07 -5.76 52.87
CA CYS D 187 37.05 -5.78 52.83
C CYS D 187 36.25 -5.42 54.10
N CYS D 188 35.05 -6.03 54.21
CA CYS D 188 34.05 -5.54 55.16
C CYS D 188 33.18 -6.64 55.73
N PRO D 189 32.68 -6.43 56.95
CA PRO D 189 31.88 -7.44 57.67
C PRO D 189 30.47 -7.63 57.12
N GLU D 190 29.89 -6.61 56.49
CA GLU D 190 28.48 -6.69 56.06
CA GLU D 190 28.49 -6.70 56.07
C GLU D 190 28.34 -7.28 54.68
N ALA D 191 27.11 -7.63 54.35
CA ALA D 191 26.77 -8.14 53.02
C ALA D 191 26.32 -6.98 52.11
N TYR D 192 26.70 -7.07 50.84
CA TYR D 192 26.27 -6.09 49.85
C TYR D 192 25.49 -6.79 48.76
N GLU D 193 24.33 -6.23 48.40
CA GLU D 193 23.48 -6.82 47.39
C GLU D 193 23.90 -6.41 45.98
N ASP D 194 23.59 -7.27 45.02
CA ASP D 194 23.81 -6.96 43.62
C ASP D 194 22.79 -7.67 42.78
N VAL D 195 22.57 -7.13 41.58
CA VAL D 195 21.82 -7.83 40.57
C VAL D 195 22.79 -8.25 39.46
N GLU D 196 22.70 -9.50 39.03
CA GLU D 196 23.52 -9.99 37.90
C GLU D 196 22.62 -10.19 36.69
N VAL D 197 22.92 -9.46 35.63
CA VAL D 197 22.11 -9.52 34.45
C VAL D 197 22.87 -10.29 33.40
N SER D 198 22.29 -11.41 32.96
CA SER D 198 22.96 -12.28 32.00
C SER D 198 22.41 -12.07 30.59
N LEU D 199 23.29 -11.57 29.71
CA LEU D 199 22.88 -11.17 28.38
C LEU D 199 23.41 -12.25 27.46
N ASN D 200 22.49 -13.05 26.91
CA ASN D 200 22.84 -14.13 25.97
C ASN D 200 22.58 -13.57 24.58
N PHE D 201 23.68 -13.40 23.83
CA PHE D 201 23.61 -12.75 22.52
C PHE D 201 24.56 -13.44 21.54
N ARG D 202 24.37 -13.19 20.24
CA ARG D 202 25.26 -13.74 19.22
C ARG D 202 25.37 -12.84 17.98
N LYS D 203 26.43 -13.06 17.21
CA LYS D 203 26.58 -12.38 15.94
C LYS D 203 25.47 -12.86 14.99
N LYS D 204 24.86 -11.94 14.25
CA LYS D 204 23.84 -12.33 13.27
C LYS D 204 24.45 -12.91 12.00
N LEU E 1 21.40 11.57 67.37
CA LEU E 1 21.95 11.93 66.07
C LEU E 1 21.46 10.96 65.01
N ASP E 2 20.95 11.51 63.91
CA ASP E 2 20.67 10.67 62.75
C ASP E 2 21.67 10.93 61.60
N ARG E 3 21.56 10.15 60.53
CA ARG E 3 22.45 10.33 59.38
C ARG E 3 22.48 11.75 58.85
N ALA E 4 21.29 12.34 58.71
CA ALA E 4 21.20 13.71 58.22
C ALA E 4 22.07 14.67 59.08
N ASP E 5 21.95 14.58 60.40
CA ASP E 5 22.75 15.43 61.30
C ASP E 5 24.23 15.17 61.14
N ILE E 6 24.61 13.89 61.14
CA ILE E 6 26.02 13.56 60.99
C ILE E 6 26.63 14.09 59.71
N LEU E 7 25.92 13.89 58.59
CA LEU E 7 26.39 14.37 57.29
C LEU E 7 26.41 15.90 57.22
N TYR E 8 25.39 16.52 57.78
CA TYR E 8 25.38 17.97 57.91
C TYR E 8 26.63 18.47 58.68
N ASN E 9 26.91 17.88 59.84
CA ASN E 9 28.05 18.35 60.62
C ASN E 9 29.37 18.16 59.87
N ILE E 10 29.47 17.02 59.19
CA ILE E 10 30.69 16.73 58.46
C ILE E 10 30.86 17.74 57.34
N ARG E 11 29.78 18.02 56.64
CA ARG E 11 29.85 18.98 55.54
C ARG E 11 30.24 20.36 56.05
N GLN E 12 29.70 20.75 57.21
CA GLN E 12 29.93 22.09 57.76
C GLN E 12 31.31 22.29 58.35
N THR E 13 31.97 21.22 58.78
CA THR E 13 33.19 21.37 59.59
C THR E 13 34.38 20.48 59.18
N SER E 14 34.25 19.77 58.08
CA SER E 14 35.24 18.72 57.78
C SER E 14 36.68 19.19 57.42
N ARG E 15 36.81 20.28 56.64
CA ARG E 15 38.12 20.83 56.31
C ARG E 15 38.93 19.92 55.41
N PRO E 16 38.43 19.70 54.19
CA PRO E 16 39.02 18.70 53.27
C PRO E 16 40.44 19.07 52.86
N ASP E 17 40.81 20.30 53.16
CA ASP E 17 42.14 20.80 52.75
C ASP E 17 43.14 20.62 53.90
N VAL E 18 42.66 20.18 55.05
CA VAL E 18 43.50 20.10 56.21
C VAL E 18 43.88 18.66 56.60
N ILE E 19 45.15 18.31 56.44
CA ILE E 19 45.62 16.97 56.82
C ILE E 19 45.46 16.76 58.33
N PRO E 20 44.77 15.67 58.72
CA PRO E 20 44.37 15.49 60.11
C PRO E 20 45.49 14.85 60.93
N THR E 21 46.61 15.54 61.03
CA THR E 21 47.71 15.06 61.89
C THR E 21 47.35 15.15 63.37
N GLN E 22 47.82 14.17 64.14
CA GLN E 22 47.54 14.14 65.57
C GLN E 22 48.85 14.33 66.33
N ARG E 23 48.96 15.41 67.10
CA ARG E 23 50.11 15.59 67.98
C ARG E 23 51.41 15.49 67.18
N ASP E 24 51.37 16.01 65.96
CA ASP E 24 52.54 16.03 65.08
C ASP E 24 53.08 14.63 64.69
N ARG E 25 52.23 13.61 64.80
CA ARG E 25 52.53 12.31 64.21
C ARG E 25 51.92 12.30 62.82
N PRO E 26 52.55 11.54 61.93
CA PRO E 26 52.06 11.43 60.53
C PRO E 26 50.71 10.73 60.53
N VAL E 27 49.85 11.10 59.58
CA VAL E 27 48.64 10.35 59.35
C VAL E 27 49.07 9.02 58.80
N ALA E 28 48.64 7.95 59.45
CA ALA E 28 49.02 6.59 59.01
C ALA E 28 48.02 6.08 57.98
N VAL E 29 48.46 6.04 56.73
CA VAL E 29 47.58 5.61 55.65
C VAL E 29 47.92 4.17 55.28
N SER E 30 46.90 3.33 55.15
CA SER E 30 47.08 1.95 54.63
C SER E 30 46.57 1.92 53.21
N VAL E 31 47.33 1.24 52.35
CA VAL E 31 47.00 1.09 50.94
C VAL E 31 47.19 -0.34 50.53
N SER E 32 46.22 -0.84 49.78
CA SER E 32 46.22 -2.23 49.39
C SER E 32 45.49 -2.33 48.05
N LEU E 33 46.17 -2.85 47.04
CA LEU E 33 45.55 -3.01 45.73
C LEU E 33 44.91 -4.39 45.58
N LYS E 34 43.60 -4.46 45.35
CA LYS E 34 42.96 -5.74 44.98
C LYS E 34 42.78 -5.77 43.49
N PHE E 35 43.56 -6.61 42.81
CA PHE E 35 43.55 -6.66 41.34
C PHE E 35 42.31 -7.33 40.82
N ILE E 36 41.67 -6.68 39.84
CA ILE E 36 40.39 -7.13 39.32
C ILE E 36 40.60 -7.58 37.89
N ASN E 37 41.52 -6.95 37.20
CA ASN E 37 41.72 -7.28 35.80
C ASN E 37 43.03 -6.76 35.26
N ILE E 38 43.51 -7.41 34.21
CA ILE E 38 44.68 -6.98 33.48
C ILE E 38 44.22 -6.99 32.04
N LEU E 39 44.29 -5.84 31.38
CA LEU E 39 43.49 -5.66 30.17
C LEU E 39 44.30 -5.58 28.90
N GLU E 40 45.45 -4.91 28.97
CA GLU E 40 46.13 -4.60 27.72
C GLU E 40 47.65 -4.56 27.88
N VAL E 41 48.26 -5.74 27.84
CA VAL E 41 49.69 -5.87 28.07
C VAL E 41 50.44 -5.68 26.76
N ASN E 42 51.61 -5.06 26.86
CA ASN E 42 52.45 -4.85 25.70
C ASN E 42 53.91 -5.05 26.10
N GLU E 43 54.44 -6.23 25.79
CA GLU E 43 55.78 -6.59 26.23
C GLU E 43 56.86 -5.78 25.49
N ILE E 44 56.51 -5.27 24.31
CA ILE E 44 57.45 -4.48 23.57
C ILE E 44 57.63 -3.14 24.24
N THR E 45 56.51 -2.47 24.56
CA THR E 45 56.58 -1.11 25.14
C THR E 45 56.70 -1.14 26.65
N ASN E 46 56.51 -2.32 27.25
CA ASN E 46 56.52 -2.41 28.72
C ASN E 46 55.42 -1.55 29.36
N GLU E 47 54.22 -1.65 28.81
CA GLU E 47 53.08 -0.94 29.37
C GLU E 47 51.97 -1.92 29.65
N VAL E 48 51.23 -1.66 30.72
CA VAL E 48 50.14 -2.53 31.07
C VAL E 48 48.95 -1.72 31.55
N ASP E 49 47.77 -2.26 31.28
CA ASP E 49 46.52 -1.61 31.65
C ASP E 49 45.92 -2.49 32.76
N VAL E 50 45.67 -1.91 33.93
CA VAL E 50 45.23 -2.70 35.11
C VAL E 50 43.95 -2.12 35.73
N VAL E 51 43.07 -3.01 36.18
CA VAL E 51 41.93 -2.56 36.98
C VAL E 51 42.08 -3.10 38.39
N PHE E 52 41.95 -2.22 39.40
CA PHE E 52 42.13 -2.64 40.80
C PHE E 52 41.34 -1.78 41.77
N TRP E 53 40.96 -2.40 42.90
CA TRP E 53 40.34 -1.64 43.97
C TRP E 53 41.48 -1.10 44.82
N GLN E 54 41.54 0.21 44.97
CA GLN E 54 42.56 0.82 45.78
C GLN E 54 42.08 1.04 47.23
N GLN E 55 42.15 -0.01 48.03
CA GLN E 55 41.67 0.04 49.40
C GLN E 55 42.63 0.94 50.19
N THR E 56 42.06 2.01 50.75
CA THR E 56 42.80 3.07 51.38
C THR E 56 42.12 3.43 52.69
N THR E 57 42.84 3.32 53.79
CA THR E 57 42.24 3.61 55.09
C THR E 57 43.10 4.59 55.84
N TRP E 58 42.48 5.41 56.66
CA TRP E 58 43.23 6.31 57.53
C TRP E 58 42.23 6.83 58.54
N SER E 59 42.73 7.58 59.50
CA SER E 59 41.93 8.07 60.61
C SER E 59 41.82 9.59 60.56
N ASP E 60 40.63 10.12 60.81
CA ASP E 60 40.46 11.58 60.89
C ASP E 60 39.50 11.92 62.03
N ARG E 61 40.07 12.19 63.19
CA ARG E 61 39.27 12.40 64.41
C ARG E 61 38.30 13.56 64.30
N THR E 62 38.61 14.52 63.44
CA THR E 62 37.69 15.64 63.29
C THR E 62 36.33 15.18 62.75
N LEU E 63 36.25 13.97 62.20
CA LEU E 63 34.99 13.46 61.68
C LEU E 63 34.20 12.72 62.77
N ALA E 64 34.86 12.40 63.89
CA ALA E 64 34.26 11.49 64.89
C ALA E 64 32.97 12.05 65.47
N TRP E 65 32.07 11.17 65.88
CA TRP E 65 30.86 11.60 66.59
C TRP E 65 30.51 10.54 67.61
N ASN E 66 29.70 10.92 68.58
CA ASN E 66 29.23 9.99 69.63
C ASN E 66 28.17 9.04 69.02
N SER E 67 28.51 7.78 68.87
CA SER E 67 27.60 6.83 68.23
C SER E 67 26.58 6.24 69.20
N SER E 68 26.51 6.75 70.42
CA SER E 68 25.45 6.32 71.34
C SER E 68 24.08 6.70 70.74
N HIS E 69 23.22 5.70 70.48
CA HIS E 69 21.91 5.96 69.89
C HIS E 69 22.02 6.70 68.55
N SER E 70 23.03 6.33 67.78
CA SER E 70 23.26 6.94 66.49
C SER E 70 23.82 5.88 65.54
N PRO E 71 23.67 6.09 64.23
CA PRO E 71 24.34 5.21 63.25
C PRO E 71 25.85 5.20 63.48
N ASP E 72 26.46 4.05 63.24
CA ASP E 72 27.88 3.87 63.49
C ASP E 72 28.75 4.31 62.31
N GLN E 73 28.13 4.47 61.14
CA GLN E 73 28.84 4.78 59.90
C GLN E 73 28.00 5.58 58.90
N VAL E 74 28.67 6.38 58.08
CA VAL E 74 28.00 6.99 56.95
C VAL E 74 28.87 6.95 55.69
N SER E 75 28.24 6.96 54.53
CA SER E 75 28.96 7.12 53.27
C SER E 75 29.03 8.60 52.94
N VAL E 76 30.22 9.09 52.60
CA VAL E 76 30.45 10.52 52.45
C VAL E 76 31.19 10.78 51.17
N PRO E 77 30.74 11.78 50.39
CA PRO E 77 31.42 12.15 49.14
C PRO E 77 32.84 12.58 49.53
N ILE E 78 33.87 12.10 48.82
CA ILE E 78 35.24 12.46 49.17
C ILE E 78 35.50 13.96 49.03
N SER E 79 34.70 14.66 48.25
CA SER E 79 34.87 16.11 48.15
C SER E 79 34.61 16.79 49.51
N SER E 80 33.93 16.10 50.43
CA SER E 80 33.71 16.68 51.76
C SER E 80 34.70 16.22 52.83
N LEU E 81 35.77 15.52 52.44
CA LEU E 81 36.73 14.96 53.39
C LEU E 81 38.13 15.26 52.97
N TRP E 82 39.03 15.28 53.95
CA TRP E 82 40.43 15.25 53.59
C TRP E 82 40.72 13.85 53.09
N VAL E 83 41.47 13.77 51.99
CA VAL E 83 41.87 12.48 51.44
C VAL E 83 43.36 12.54 51.13
N PRO E 84 44.07 11.42 51.35
CA PRO E 84 45.52 11.47 51.12
C PRO E 84 45.80 11.75 49.64
N ASP E 85 46.84 12.52 49.33
CA ASP E 85 47.19 12.83 47.94
C ASP E 85 48.05 11.74 47.29
N LEU E 86 47.56 10.50 47.31
CA LEU E 86 48.35 9.36 46.76
C LEU E 86 48.48 9.46 45.26
N ALA E 87 49.62 9.06 44.74
CA ALA E 87 49.77 8.95 43.30
C ALA E 87 50.65 7.75 42.99
N ALA E 88 50.45 7.16 41.82
CA ALA E 88 51.30 6.08 41.36
C ALA E 88 52.42 6.70 40.56
N TYR E 89 53.65 6.57 41.08
CA TYR E 89 54.83 7.12 40.36
C TYR E 89 54.99 6.64 38.91
N ASN E 90 54.72 5.36 38.64
CA ASN E 90 54.94 4.83 37.28
C ASN E 90 53.66 4.74 36.43
N ALA E 91 52.62 5.47 36.84
CA ALA E 91 51.42 5.55 36.02
C ALA E 91 51.71 6.41 34.80
N ILE E 92 51.22 5.99 33.62
CA ILE E 92 51.37 6.80 32.42
C ILE E 92 50.01 7.29 31.89
N SER E 93 48.97 7.13 32.72
CA SER E 93 47.69 7.75 32.42
C SER E 93 47.09 8.19 33.73
N LYS E 94 46.15 9.13 33.70
CA LYS E 94 45.56 9.46 34.99
C LYS E 94 44.59 8.37 35.39
N PRO E 95 44.34 8.27 36.70
CA PRO E 95 43.50 7.17 37.16
C PRO E 95 42.09 7.42 36.64
N GLU E 96 41.50 6.42 35.98
CA GLU E 96 40.09 6.46 35.64
C GLU E 96 39.30 5.80 36.79
N VAL E 97 38.61 6.60 37.60
CA VAL E 97 37.86 6.06 38.72
C VAL E 97 36.53 5.52 38.20
N LEU E 98 36.31 4.23 38.37
CA LEU E 98 35.13 3.58 37.80
C LEU E 98 33.89 3.63 38.71
N THR E 99 34.08 3.93 39.98
CA THR E 99 33.03 3.75 40.95
C THR E 99 32.64 5.10 41.54
N PRO E 100 31.49 5.15 42.25
CA PRO E 100 31.05 6.38 42.91
C PRO E 100 32.09 6.83 43.93
N GLN E 101 32.40 8.12 43.94
CA GLN E 101 33.47 8.62 44.80
C GLN E 101 33.04 8.92 46.23
N LEU E 102 32.69 7.85 46.94
CA LEU E 102 32.20 7.90 48.31
C LEU E 102 33.18 7.17 49.18
N ALA E 103 33.37 7.72 50.38
CA ALA E 103 34.19 7.08 51.40
C ALA E 103 33.27 6.68 52.54
N ARG E 104 33.68 5.67 53.28
CA ARG E 104 32.89 5.20 54.39
C ARG E 104 33.59 5.72 55.62
N VAL E 105 32.83 6.44 56.46
CA VAL E 105 33.35 6.99 57.72
C VAL E 105 32.65 6.35 58.93
N VAL E 106 33.46 5.84 59.85
CA VAL E 106 32.98 5.26 61.12
C VAL E 106 32.99 6.32 62.23
N SER E 107 32.11 6.17 63.22
CA SER E 107 31.91 7.23 64.21
C SER E 107 33.18 7.60 64.97
N ASP E 108 34.18 6.71 64.95
CA ASP E 108 35.46 6.98 65.62
C ASP E 108 36.42 7.74 64.72
N GLY E 109 35.99 7.98 63.47
CA GLY E 109 36.82 8.75 62.56
C GLY E 109 37.65 7.91 61.62
N GLU E 110 37.50 6.60 61.67
CA GLU E 110 38.13 5.75 60.69
C GLU E 110 37.47 5.94 59.32
N VAL E 111 38.29 6.11 58.29
CA VAL E 111 37.80 6.27 56.94
C VAL E 111 38.25 5.10 56.08
N LEU E 112 37.35 4.60 55.24
CA LEU E 112 37.71 3.67 54.20
C LEU E 112 37.30 4.27 52.85
N TYR E 113 38.28 4.47 51.96
CA TYR E 113 37.99 4.88 50.58
C TYR E 113 38.55 3.79 49.65
N MET E 114 37.68 3.25 48.80
CA MET E 114 38.02 2.07 48.03
C MET E 114 37.51 2.16 46.58
N PRO E 115 38.08 3.10 45.82
CA PRO E 115 37.58 3.25 44.44
C PRO E 115 38.11 2.12 43.59
N SER E 116 37.39 1.77 42.53
CA SER E 116 37.92 0.83 41.56
C SER E 116 38.53 1.68 40.48
N ILE E 117 39.80 1.40 40.17
CA ILE E 117 40.54 2.27 39.27
C ILE E 117 41.07 1.51 38.07
N ARG E 118 40.98 2.12 36.89
CA ARG E 118 41.66 1.59 35.72
C ARG E 118 42.76 2.57 35.42
N GLN E 119 43.97 2.05 35.23
CA GLN E 119 45.13 2.92 35.00
C GLN E 119 46.20 2.17 34.22
N ARG E 120 46.99 2.89 33.43
CA ARG E 120 48.10 2.30 32.69
C ARG E 120 49.43 2.61 33.37
N PHE E 121 50.34 1.65 33.32
CA PHE E 121 51.60 1.77 34.01
C PHE E 121 52.76 1.40 33.09
N SER E 122 53.90 2.01 33.37
CA SER E 122 55.15 1.62 32.77
C SER E 122 55.81 0.69 33.78
N CYS E 123 56.00 -0.56 33.40
CA CYS E 123 56.67 -1.51 34.28
C CYS E 123 57.19 -2.71 33.48
N ASP E 124 57.79 -3.68 34.18
CA ASP E 124 58.46 -4.77 33.51
C ASP E 124 57.48 -5.82 33.02
N VAL E 125 57.26 -5.88 31.71
CA VAL E 125 56.30 -6.84 31.17
C VAL E 125 57.00 -8.06 30.59
N SER E 126 58.33 -8.05 30.62
CA SER E 126 59.10 -9.16 30.07
C SER E 126 58.74 -10.48 30.77
N GLY E 127 58.57 -11.52 29.98
CA GLY E 127 58.29 -12.84 30.53
C GLY E 127 56.81 -13.14 30.72
N VAL E 128 55.94 -12.22 30.28
CA VAL E 128 54.50 -12.38 30.48
C VAL E 128 53.97 -13.68 29.83
N ASP E 129 54.60 -14.10 28.74
CA ASP E 129 54.15 -15.29 27.99
C ASP E 129 54.94 -16.52 28.37
N THR E 130 55.61 -16.46 29.51
CA THR E 130 56.36 -17.61 29.99
C THR E 130 55.73 -18.13 31.27
N GLU E 131 56.25 -19.23 31.77
CA GLU E 131 55.63 -19.87 32.91
C GLU E 131 55.92 -19.08 34.18
N SER E 132 57.10 -18.46 34.23
CA SER E 132 57.49 -17.62 35.37
C SER E 132 56.65 -16.34 35.40
N GLY E 133 56.23 -15.91 34.21
CA GLY E 133 55.41 -14.71 34.06
C GLY E 133 56.22 -13.43 34.22
N ALA E 134 55.51 -12.31 34.13
CA ALA E 134 56.14 -11.01 34.30
C ALA E 134 55.90 -10.56 35.74
N THR E 135 56.75 -9.65 36.20
CA THR E 135 56.52 -8.97 37.47
C THR E 135 56.46 -7.47 37.25
N CYS E 136 55.24 -6.93 37.37
CA CYS E 136 55.00 -5.51 37.21
C CYS E 136 54.92 -4.87 38.59
N ARG E 137 55.75 -3.85 38.79
CA ARG E 137 55.86 -3.18 40.09
C ARG E 137 55.13 -1.82 40.04
N ILE E 138 54.15 -1.65 40.92
CA ILE E 138 53.41 -0.39 40.99
C ILE E 138 53.77 0.34 42.28
N LYS E 139 54.17 1.61 42.14
CA LYS E 139 54.70 2.38 43.26
C LYS E 139 53.74 3.53 43.63
N ILE E 140 53.23 3.50 44.86
CA ILE E 140 52.24 4.49 45.29
C ILE E 140 52.63 5.16 46.59
N GLY E 141 52.53 6.49 46.63
CA GLY E 141 52.73 7.24 47.86
C GLY E 141 52.22 8.67 47.78
N SER E 142 52.35 9.41 48.88
CA SER E 142 51.86 10.78 48.91
C SER E 142 52.71 11.57 47.96
N TRP E 143 52.07 12.43 47.17
CA TRP E 143 52.85 13.23 46.22
C TRP E 143 53.55 14.41 46.90
N THR E 144 52.91 15.00 47.92
CA THR E 144 53.42 16.25 48.49
C THR E 144 53.60 16.24 50.00
N HIS E 145 53.24 15.14 50.65
CA HIS E 145 53.41 15.02 52.11
C HIS E 145 54.57 14.07 52.44
N HIS E 146 55.60 14.60 53.11
CA HIS E 146 56.72 13.76 53.53
C HIS E 146 56.36 12.83 54.72
N SER E 147 57.32 11.98 55.09
CA SER E 147 57.13 10.91 56.07
C SER E 147 56.67 11.37 57.46
N ARG E 148 56.86 12.64 57.80
CA ARG E 148 56.38 13.13 59.11
C ARG E 148 54.92 13.57 59.06
N GLU E 149 54.39 13.67 57.85
CA GLU E 149 52.99 14.09 57.69
C GLU E 149 52.11 12.92 57.24
N ILE E 150 52.62 12.11 56.33
CA ILE E 150 51.93 10.91 55.91
C ILE E 150 52.87 9.70 55.92
N SER E 151 52.46 8.63 56.58
CA SER E 151 53.17 7.37 56.42
C SER E 151 52.28 6.44 55.61
N VAL E 152 52.91 5.58 54.82
CA VAL E 152 52.15 4.74 53.95
C VAL E 152 52.54 3.31 54.23
N ASP E 153 51.56 2.44 54.47
CA ASP E 153 51.86 1.04 54.78
C ASP E 153 50.88 0.12 54.10
N PRO E 154 51.33 -1.07 53.71
CA PRO E 154 50.45 -2.11 53.17
C PRO E 154 49.68 -2.72 54.32
N THR E 155 48.61 -3.47 54.07
CA THR E 155 47.76 -3.95 55.14
C THR E 155 48.18 -5.37 55.49
N ASP E 161 44.87 -13.49 46.60
CA ASP E 161 45.44 -12.57 45.60
C ASP E 161 44.53 -12.42 44.39
N SER E 162 44.13 -13.55 43.81
CA SER E 162 43.17 -13.55 42.71
C SER E 162 41.77 -13.52 43.24
N GLU E 163 41.62 -13.16 44.51
CA GLU E 163 40.33 -13.34 45.13
C GLU E 163 39.21 -12.67 44.33
N TYR E 164 39.50 -11.48 43.81
CA TYR E 164 38.49 -10.78 43.03
C TYR E 164 38.92 -10.66 41.59
N PHE E 165 39.96 -11.41 41.23
CA PHE E 165 40.47 -11.27 39.88
C PHE E 165 39.56 -11.96 38.85
N SER E 166 39.26 -11.24 37.77
CA SER E 166 38.34 -11.74 36.75
C SER E 166 38.82 -13.04 36.10
N GLN E 167 37.95 -14.04 36.11
CA GLN E 167 38.26 -15.32 35.46
C GLN E 167 38.27 -15.14 33.94
N TYR E 168 37.74 -14.02 33.44
CA TYR E 168 37.65 -13.84 31.99
C TYR E 168 38.83 -13.07 31.40
N SER E 169 39.73 -12.60 32.26
CA SER E 169 40.96 -11.97 31.79
C SER E 169 41.80 -12.96 30.97
N ARG E 170 42.60 -12.46 30.04
CA ARG E 170 43.54 -13.30 29.31
C ARG E 170 44.72 -13.67 30.20
N PHE E 171 44.79 -13.03 31.36
CA PHE E 171 45.94 -13.24 32.23
C PHE E 171 45.51 -13.84 33.55
N GLU E 172 46.49 -14.35 34.29
CA GLU E 172 46.24 -14.87 35.63
C GLU E 172 47.35 -14.37 36.57
N ILE E 173 47.00 -14.28 37.85
CA ILE E 173 47.92 -13.80 38.85
C ILE E 173 48.61 -14.96 39.56
N LEU E 174 49.94 -14.94 39.53
CA LEU E 174 50.76 -15.95 40.18
C LEU E 174 51.01 -15.55 41.63
N ASP E 175 51.29 -14.27 41.83
CA ASP E 175 51.60 -13.80 43.16
C ASP E 175 51.56 -12.27 43.26
N VAL E 176 51.26 -11.77 44.45
CA VAL E 176 51.35 -10.36 44.71
C VAL E 176 52.14 -10.16 45.99
N THR E 177 53.21 -9.36 45.92
CA THR E 177 53.96 -9.01 47.13
C THR E 177 54.02 -7.49 47.31
N GLN E 178 54.23 -7.06 48.54
CA GLN E 178 54.29 -5.65 48.87
C GLN E 178 55.51 -5.29 49.69
N LYS E 179 55.94 -4.06 49.52
CA LYS E 179 57.14 -3.62 50.17
C LYS E 179 56.97 -2.15 50.46
N LYS E 180 57.36 -1.73 51.64
CA LYS E 180 57.30 -0.33 51.98
C LYS E 180 58.68 0.32 51.83
N ASN E 181 58.71 1.57 51.35
CA ASN E 181 59.96 2.32 51.16
C ASN E 181 59.85 3.73 51.65
N SER E 182 61.01 4.33 51.89
CA SER E 182 61.10 5.71 52.34
C SER E 182 62.22 6.29 51.49
N VAL E 183 61.89 7.25 50.64
CA VAL E 183 62.83 7.71 49.65
C VAL E 183 63.04 9.22 49.72
N THR E 184 64.29 9.65 49.54
CA THR E 184 64.60 11.07 49.48
C THR E 184 64.87 11.42 48.01
N TYR E 185 64.21 12.47 47.52
CA TYR E 185 64.32 12.85 46.13
C TYR E 185 65.08 14.15 46.03
N SER E 186 65.70 14.36 44.87
CA SER E 186 66.57 15.50 44.63
C SER E 186 65.87 16.83 44.88
N CYS E 187 64.57 16.84 44.67
CA CYS E 187 63.81 18.07 44.75
C CYS E 187 63.67 18.59 46.19
N CYS E 188 63.76 17.70 47.18
CA CYS E 188 63.36 18.08 48.54
C CYS E 188 64.19 17.36 49.59
N PRO E 189 64.39 18.00 50.72
CA PRO E 189 65.22 17.49 51.81
C PRO E 189 64.59 16.30 52.55
N GLU E 190 63.25 16.19 52.58
CA GLU E 190 62.59 15.19 53.43
CA GLU E 190 62.60 15.18 53.43
C GLU E 190 62.43 13.86 52.71
N ALA E 191 62.06 12.82 53.46
CA ALA E 191 61.80 11.52 52.89
C ALA E 191 60.30 11.38 52.60
N TYR E 192 59.97 10.69 51.52
CA TYR E 192 58.57 10.40 51.17
C TYR E 192 58.35 8.91 51.11
N GLU E 193 57.33 8.43 51.80
CA GLU E 193 57.09 6.98 51.84
C GLU E 193 56.29 6.52 50.62
N ASP E 194 56.46 5.26 50.29
CA ASP E 194 55.66 4.68 49.24
C ASP E 194 55.45 3.20 49.56
N VAL E 195 54.43 2.62 48.93
CA VAL E 195 54.26 1.19 48.89
C VAL E 195 54.52 0.74 47.46
N GLU E 196 55.30 -0.33 47.30
CA GLU E 196 55.55 -0.93 45.99
C GLU E 196 54.85 -2.28 45.95
N VAL E 197 53.93 -2.41 45.00
CA VAL E 197 53.14 -3.63 44.90
C VAL E 197 53.63 -4.36 43.67
N SER E 198 54.14 -5.56 43.90
CA SER E 198 54.68 -6.39 42.82
C SER E 198 53.66 -7.41 42.35
N LEU E 199 53.22 -7.25 41.11
CA LEU E 199 52.19 -8.10 40.53
C LEU E 199 52.89 -9.06 39.58
N ASN E 200 52.93 -10.32 39.97
CA ASN E 200 53.53 -11.37 39.16
C ASN E 200 52.39 -12.08 38.46
N PHE E 201 52.36 -11.93 37.14
CA PHE E 201 51.23 -12.44 36.34
C PHE E 201 51.73 -13.02 35.01
N ARG E 202 50.89 -13.79 34.32
CA ARG E 202 51.25 -14.30 33.00
C ARG E 202 50.04 -14.53 32.11
N LYS E 203 50.27 -14.63 30.81
CA LYS E 203 49.21 -14.97 29.88
C LYS E 203 48.76 -16.42 30.18
N LYS E 204 47.46 -16.68 30.16
CA LYS E 204 46.99 -18.06 30.34
C LYS E 204 47.19 -18.90 29.08
N LEU F 1 -54.53 42.93 -3.36
CA LEU F 1 -53.12 42.76 -3.67
C LEU F 1 -52.90 42.67 -5.16
N ASP F 2 -51.91 43.40 -5.66
CA ASP F 2 -51.47 43.20 -7.04
C ASP F 2 -50.07 42.55 -7.06
N ARG F 3 -49.60 42.19 -8.24
CA ARG F 3 -48.26 41.60 -8.35
C ARG F 3 -47.19 42.41 -7.62
N ALA F 4 -47.22 43.72 -7.82
CA ALA F 4 -46.17 44.59 -7.28
C ALA F 4 -46.10 44.42 -5.77
N ASP F 5 -47.26 44.47 -5.11
CA ASP F 5 -47.35 44.23 -3.66
C ASP F 5 -46.83 42.86 -3.25
N ILE F 6 -47.27 41.82 -3.96
CA ILE F 6 -46.86 40.46 -3.63
C ILE F 6 -45.34 40.31 -3.74
N LEU F 7 -44.77 40.80 -4.83
CA LEU F 7 -43.33 40.69 -5.04
C LEU F 7 -42.57 41.51 -4.01
N TYR F 8 -43.12 42.68 -3.68
CA TYR F 8 -42.55 43.54 -2.65
C TYR F 8 -42.49 42.82 -1.30
N ASN F 9 -43.62 42.26 -0.87
CA ASN F 9 -43.64 41.50 0.37
C ASN F 9 -42.68 40.31 0.39
N ILE F 10 -42.62 39.58 -0.72
CA ILE F 10 -41.74 38.43 -0.81
C ILE F 10 -40.30 38.91 -0.65
N ARG F 11 -39.95 39.94 -1.40
CA ARG F 11 -38.61 40.46 -1.34
C ARG F 11 -38.25 40.92 0.07
N GLN F 12 -39.21 41.57 0.76
CA GLN F 12 -38.96 42.11 2.10
C GLN F 12 -38.87 41.08 3.21
N THR F 13 -39.44 39.90 3.01
CA THR F 13 -39.62 38.96 4.13
C THR F 13 -39.26 37.51 3.82
N SER F 14 -38.75 37.25 2.62
CA SER F 14 -38.66 35.85 2.16
C SER F 14 -37.69 34.89 2.92
N ARG F 15 -36.50 35.40 3.29
CA ARG F 15 -35.53 34.61 4.08
C ARG F 15 -34.96 33.43 3.28
N PRO F 16 -34.22 33.74 2.22
CA PRO F 16 -33.71 32.73 1.28
C PRO F 16 -32.69 31.81 1.93
N ASP F 17 -32.23 32.19 3.12
CA ASP F 17 -31.22 31.37 3.81
C ASP F 17 -31.89 30.43 4.79
N VAL F 18 -33.22 30.51 4.88
CA VAL F 18 -33.95 29.72 5.88
C VAL F 18 -34.82 28.63 5.28
N ILE F 19 -34.47 27.38 5.57
CA ILE F 19 -35.23 26.24 5.06
C ILE F 19 -36.61 26.27 5.71
N PRO F 20 -37.67 26.27 4.89
CA PRO F 20 -39.04 26.42 5.40
C PRO F 20 -39.63 25.10 5.92
N THR F 21 -39.01 24.52 6.94
CA THR F 21 -39.58 23.33 7.55
C THR F 21 -40.90 23.68 8.27
N GLN F 22 -41.85 22.76 8.24
CA GLN F 22 -43.10 22.89 8.99
C GLN F 22 -43.18 21.87 10.13
N ARG F 23 -43.27 22.34 11.37
CA ARG F 23 -43.51 21.46 12.50
C ARG F 23 -42.44 20.36 12.57
N ASP F 24 -41.20 20.74 12.22
CA ASP F 24 -40.08 19.81 12.23
C ASP F 24 -40.22 18.61 11.29
N ARG F 25 -41.07 18.76 10.28
CA ARG F 25 -41.11 17.80 9.18
C ARG F 25 -40.15 18.30 8.12
N PRO F 26 -39.54 17.36 7.39
CA PRO F 26 -38.68 17.78 6.27
C PRO F 26 -39.47 18.54 5.20
N VAL F 27 -38.80 19.46 4.52
CA VAL F 27 -39.38 20.01 3.30
C VAL F 27 -39.38 18.90 2.24
N ALA F 28 -40.55 18.63 1.69
CA ALA F 28 -40.67 17.56 0.68
C ALA F 28 -40.40 18.12 -0.71
N VAL F 29 -39.26 17.75 -1.27
CA VAL F 29 -38.87 18.28 -2.56
C VAL F 29 -39.11 17.18 -3.58
N SER F 30 -39.75 17.54 -4.70
CA SER F 30 -39.86 16.64 -5.86
C SER F 30 -38.90 17.07 -6.96
N VAL F 31 -38.25 16.08 -7.56
CA VAL F 31 -37.27 16.31 -8.59
C VAL F 31 -37.57 15.37 -9.75
N SER F 32 -37.46 15.92 -10.94
CA SER F 32 -37.79 15.16 -12.12
C SER F 32 -37.00 15.75 -13.29
N LEU F 33 -36.17 14.92 -13.93
CA LEU F 33 -35.36 15.40 -15.05
C LEU F 33 -36.08 15.18 -16.39
N LYS F 34 -36.39 16.24 -17.11
CA LYS F 34 -36.87 16.07 -18.48
C LYS F 34 -35.70 16.21 -19.43
N PHE F 35 -35.30 15.12 -20.07
CA PHE F 35 -34.13 15.14 -20.94
C PHE F 35 -34.43 15.80 -22.26
N ILE F 36 -33.55 16.69 -22.66
CA ILE F 36 -33.76 17.49 -23.86
C ILE F 36 -32.70 17.12 -24.88
N ASN F 37 -31.51 16.74 -24.40
CA ASN F 37 -30.44 16.45 -25.34
C ASN F 37 -29.28 15.71 -24.73
N ILE F 38 -28.58 14.95 -25.56
CA ILE F 38 -27.38 14.24 -25.14
C ILE F 38 -26.36 14.60 -26.19
N LEU F 39 -25.29 15.24 -25.75
CA LEU F 39 -24.47 16.05 -26.66
C LEU F 39 -23.13 15.47 -26.96
N GLU F 40 -22.51 14.85 -25.96
CA GLU F 40 -21.09 14.51 -26.17
C GLU F 40 -20.70 13.27 -25.40
N VAL F 41 -20.97 12.12 -25.98
CA VAL F 41 -20.75 10.87 -25.31
C VAL F 41 -19.30 10.38 -25.54
N ASN F 42 -18.73 9.75 -24.53
CA ASN F 42 -17.37 9.19 -24.66
C ASN F 42 -17.31 7.85 -23.92
N GLU F 43 -17.40 6.77 -24.71
CA GLU F 43 -17.47 5.43 -24.13
C GLU F 43 -16.14 5.01 -23.50
N ILE F 44 -15.05 5.62 -23.96
CA ILE F 44 -13.74 5.36 -23.39
C ILE F 44 -13.59 6.00 -22.02
N THR F 45 -13.94 7.27 -21.89
CA THR F 45 -13.85 7.93 -20.57
C THR F 45 -15.10 7.74 -19.66
N ASN F 46 -16.18 7.19 -20.21
CA ASN F 46 -17.41 7.09 -19.44
C ASN F 46 -17.90 8.46 -18.96
N GLU F 47 -17.92 9.42 -19.88
CA GLU F 47 -18.41 10.76 -19.62
C GLU F 47 -19.45 11.14 -20.67
N VAL F 48 -20.44 11.88 -20.21
CA VAL F 48 -21.56 12.25 -21.07
C VAL F 48 -21.99 13.68 -20.74
N ASP F 49 -22.42 14.39 -21.77
CA ASP F 49 -22.82 15.79 -21.65
C ASP F 49 -24.33 15.73 -21.88
N VAL F 50 -25.11 16.23 -20.94
CA VAL F 50 -26.58 16.12 -21.03
C VAL F 50 -27.25 17.49 -20.81
N VAL F 51 -28.34 17.73 -21.54
CA VAL F 51 -29.17 18.90 -21.28
C VAL F 51 -30.51 18.39 -20.80
N PHE F 52 -31.01 18.98 -19.72
CA PHE F 52 -32.28 18.55 -19.16
C PHE F 52 -32.97 19.65 -18.41
N TRP F 53 -34.30 19.58 -18.33
CA TRP F 53 -35.02 20.49 -17.48
C TRP F 53 -35.09 19.85 -16.11
N GLN F 54 -34.60 20.55 -15.09
CA GLN F 54 -34.63 20.03 -13.73
C GLN F 54 -35.88 20.51 -12.98
N GLN F 55 -37.00 19.81 -13.23
CA GLN F 55 -38.26 20.16 -12.61
C GLN F 55 -38.20 19.91 -11.09
N THR F 56 -38.31 20.99 -10.32
CA THR F 56 -38.09 20.93 -8.88
C THR F 56 -39.24 21.67 -8.20
N THR F 57 -39.95 20.97 -7.32
CA THR F 57 -41.08 21.59 -6.62
C THR F 57 -41.00 21.36 -5.12
N TRP F 58 -41.48 22.34 -4.36
CA TRP F 58 -41.56 22.22 -2.92
C TRP F 58 -42.50 23.32 -2.46
N SER F 59 -42.82 23.29 -1.18
CA SER F 59 -43.74 24.20 -0.58
C SER F 59 -42.99 25.13 0.39
N ASP F 60 -43.32 26.42 0.38
CA ASP F 60 -42.77 27.36 1.36
C ASP F 60 -43.89 28.28 1.83
N ARG F 61 -44.50 27.94 2.95
CA ARG F 61 -45.68 28.69 3.42
C ARG F 61 -45.39 30.15 3.71
N THR F 62 -44.14 30.47 4.01
CA THR F 62 -43.81 31.86 4.29
C THR F 62 -44.06 32.75 3.08
N LEU F 63 -44.24 32.13 1.90
CA LEU F 63 -44.45 32.92 0.67
C LEU F 63 -45.96 33.14 0.42
N ALA F 64 -46.78 32.36 1.10
CA ALA F 64 -48.23 32.36 0.85
C ALA F 64 -48.86 33.75 1.00
N TRP F 65 -49.89 34.02 0.20
CA TRP F 65 -50.71 35.22 0.38
C TRP F 65 -52.16 34.83 0.13
N ASN F 66 -53.06 35.70 0.57
CA ASN F 66 -54.49 35.56 0.32
C ASN F 66 -54.80 35.92 -1.14
N SER F 67 -55.14 34.90 -1.95
CA SER F 67 -55.37 35.13 -3.39
C SER F 67 -56.78 35.66 -3.74
N SER F 68 -57.57 36.00 -2.72
CA SER F 68 -58.86 36.60 -2.98
C SER F 68 -58.65 37.97 -3.62
N HIS F 69 -59.19 38.14 -4.82
CA HIS F 69 -59.01 39.39 -5.55
C HIS F 69 -57.53 39.70 -5.74
N SER F 70 -56.73 38.66 -5.99
CA SER F 70 -55.30 38.83 -6.24
C SER F 70 -54.85 37.80 -7.24
N PRO F 71 -53.76 38.08 -7.96
CA PRO F 71 -53.16 37.09 -8.86
C PRO F 71 -52.82 35.82 -8.06
N ASP F 72 -52.94 34.69 -8.70
CA ASP F 72 -52.75 33.42 -8.02
C ASP F 72 -51.26 32.98 -8.00
N GLN F 73 -50.43 33.61 -8.84
CA GLN F 73 -49.04 33.24 -9.03
C GLN F 73 -48.18 34.43 -9.45
N VAL F 74 -46.89 34.36 -9.12
CA VAL F 74 -45.90 35.30 -9.64
C VAL F 74 -44.59 34.57 -9.94
N SER F 75 -43.86 35.11 -10.91
CA SER F 75 -42.51 34.64 -11.18
C SER F 75 -41.56 35.44 -10.29
N VAL F 76 -40.64 34.75 -9.62
CA VAL F 76 -39.74 35.35 -8.64
C VAL F 76 -38.31 34.89 -8.87
N PRO F 77 -37.37 35.84 -8.81
CA PRO F 77 -35.95 35.50 -8.97
C PRO F 77 -35.55 34.55 -7.84
N ILE F 78 -34.86 33.46 -8.12
CA ILE F 78 -34.53 32.52 -7.04
C ILE F 78 -33.66 33.17 -5.97
N SER F 79 -32.99 34.25 -6.30
CA SER F 79 -32.17 34.91 -5.28
C SER F 79 -33.03 35.49 -4.16
N SER F 80 -34.34 35.59 -4.39
CA SER F 80 -35.24 36.06 -3.34
C SER F 80 -35.97 34.95 -2.56
N LEU F 81 -35.64 33.69 -2.83
CA LEU F 81 -36.38 32.56 -2.24
C LEU F 81 -35.39 31.60 -1.65
N TRP F 82 -35.80 30.87 -0.61
CA TRP F 82 -35.07 29.66 -0.27
C TRP F 82 -35.21 28.67 -1.41
N VAL F 83 -34.10 28.03 -1.76
CA VAL F 83 -34.12 26.98 -2.76
C VAL F 83 -33.36 25.78 -2.21
N PRO F 84 -33.82 24.55 -2.52
CA PRO F 84 -33.11 23.37 -2.00
C PRO F 84 -31.68 23.26 -2.58
N ASP F 85 -30.72 22.81 -1.76
CA ASP F 85 -29.30 22.83 -2.17
C ASP F 85 -29.01 21.51 -2.88
N LEU F 86 -29.74 21.25 -3.97
CA LEU F 86 -29.56 19.98 -4.68
C LEU F 86 -28.22 19.94 -5.40
N ALA F 87 -27.62 18.75 -5.48
CA ALA F 87 -26.41 18.60 -6.29
C ALA F 87 -26.40 17.22 -6.95
N ALA F 88 -25.81 17.13 -8.14
CA ALA F 88 -25.64 15.82 -8.76
C ALA F 88 -24.32 15.21 -8.29
N TYR F 89 -24.39 14.08 -7.58
CA TYR F 89 -23.17 13.50 -7.02
C TYR F 89 -22.14 13.17 -8.10
N ASN F 90 -22.59 12.68 -9.25
CA ASN F 90 -21.65 12.22 -10.28
C ASN F 90 -21.44 13.26 -11.39
N ALA F 91 -21.78 14.51 -11.11
CA ALA F 91 -21.47 15.59 -12.08
C ALA F 91 -19.97 15.85 -12.05
N ILE F 92 -19.37 16.06 -13.22
CA ILE F 92 -17.95 16.41 -13.29
C ILE F 92 -17.72 17.82 -13.87
N SER F 93 -18.79 18.60 -13.93
CA SER F 93 -18.69 20.03 -14.28
C SER F 93 -19.78 20.72 -13.52
N LYS F 94 -19.65 22.02 -13.29
CA LYS F 94 -20.78 22.68 -12.61
C LYS F 94 -21.96 22.84 -13.54
N PRO F 95 -23.16 22.94 -12.97
CA PRO F 95 -24.33 23.02 -13.85
C PRO F 95 -24.29 24.34 -14.61
N GLU F 96 -24.41 24.28 -15.93
CA GLU F 96 -24.57 25.50 -16.72
C GLU F 96 -26.07 25.76 -16.86
N VAL F 97 -26.58 26.76 -16.13
CA VAL F 97 -28.00 27.05 -16.21
C VAL F 97 -28.26 27.86 -17.47
N LEU F 98 -29.08 27.32 -18.38
CA LEU F 98 -29.33 27.96 -19.70
C LEU F 98 -30.46 28.97 -19.69
N THR F 99 -31.30 28.91 -18.67
CA THR F 99 -32.55 29.67 -18.69
C THR F 99 -32.57 30.77 -17.61
N PRO F 100 -33.53 31.70 -17.70
CA PRO F 100 -33.65 32.73 -16.68
C PRO F 100 -33.90 32.13 -15.32
N GLN F 101 -33.17 32.59 -14.31
CA GLN F 101 -33.28 31.97 -12.99
C GLN F 101 -34.49 32.43 -12.16
N LEU F 102 -35.68 32.02 -12.62
CA LEU F 102 -36.93 32.46 -12.01
C LEU F 102 -37.69 31.23 -11.57
N ALA F 103 -38.30 31.32 -10.39
CA ALA F 103 -39.18 30.28 -9.90
C ALA F 103 -40.61 30.82 -9.97
N ARG F 104 -41.56 29.90 -10.11
CA ARG F 104 -42.96 30.25 -10.12
C ARG F 104 -43.52 29.96 -8.73
N VAL F 105 -44.12 30.98 -8.10
CA VAL F 105 -44.72 30.82 -6.78
C VAL F 105 -46.25 31.01 -6.81
N VAL F 106 -46.95 30.02 -6.25
CA VAL F 106 -48.41 30.05 -6.18
C VAL F 106 -48.85 30.62 -4.83
N SER F 107 -50.03 31.23 -4.76
CA SER F 107 -50.46 31.93 -3.54
C SER F 107 -50.47 31.06 -2.28
N ASP F 108 -50.58 29.74 -2.47
CA ASP F 108 -50.51 28.82 -1.31
C ASP F 108 -49.09 28.44 -0.89
N GLY F 109 -48.08 28.91 -1.65
CA GLY F 109 -46.69 28.72 -1.24
C GLY F 109 -45.99 27.59 -1.98
N GLU F 110 -46.71 27.01 -2.94
CA GLU F 110 -46.10 26.04 -3.81
C GLU F 110 -45.13 26.75 -4.73
N VAL F 111 -43.94 26.18 -4.86
CA VAL F 111 -42.91 26.74 -5.73
C VAL F 111 -42.55 25.73 -6.82
N LEU F 112 -42.35 26.24 -8.03
CA LEU F 112 -41.83 25.42 -9.11
C LEU F 112 -40.57 26.13 -9.62
N TYR F 113 -39.44 25.43 -9.59
CA TYR F 113 -38.24 25.95 -10.22
C TYR F 113 -37.82 24.91 -11.22
N MET F 114 -37.59 25.34 -12.46
CA MET F 114 -37.41 24.41 -13.58
C MET F 114 -36.34 24.91 -14.58
N PRO F 115 -35.11 25.02 -14.12
CA PRO F 115 -34.08 25.52 -15.03
C PRO F 115 -33.74 24.46 -16.07
N SER F 116 -33.29 24.93 -17.23
CA SER F 116 -32.69 24.02 -18.19
C SER F 116 -31.19 24.02 -17.91
N ILE F 117 -30.63 22.84 -17.74
CA ILE F 117 -29.26 22.71 -17.33
C ILE F 117 -28.44 21.88 -18.31
N ARG F 118 -27.23 22.35 -18.60
CA ARG F 118 -26.31 21.51 -19.31
C ARG F 118 -25.22 21.11 -18.36
N GLN F 119 -24.96 19.81 -18.22
CA GLN F 119 -23.96 19.37 -17.27
C GLN F 119 -23.29 18.09 -17.76
N ARG F 120 -22.02 17.88 -17.39
CA ARG F 120 -21.34 16.62 -17.70
C ARG F 120 -21.31 15.68 -16.52
N PHE F 121 -21.43 14.38 -16.82
CA PHE F 121 -21.49 13.35 -15.79
C PHE F 121 -20.49 12.23 -16.04
N SER F 122 -20.09 11.60 -14.95
CA SER F 122 -19.30 10.40 -15.03
C SER F 122 -20.33 9.30 -14.77
N CYS F 123 -20.53 8.45 -15.76
CA CYS F 123 -21.50 7.35 -15.63
C CYS F 123 -21.21 6.28 -16.69
N ASP F 124 -22.00 5.21 -16.65
CA ASP F 124 -21.72 4.05 -17.46
C ASP F 124 -22.14 4.26 -18.92
N VAL F 125 -21.16 4.51 -19.79
CA VAL F 125 -21.46 4.76 -21.20
C VAL F 125 -21.32 3.50 -22.07
N SER F 126 -20.92 2.40 -21.46
CA SER F 126 -20.70 1.16 -22.19
C SER F 126 -22.01 0.67 -22.83
N GLY F 127 -21.91 0.24 -24.09
CA GLY F 127 -23.06 -0.26 -24.81
C GLY F 127 -23.87 0.81 -25.53
N VAL F 128 -23.37 2.06 -25.52
CA VAL F 128 -24.11 3.14 -26.16
C VAL F 128 -24.38 2.87 -27.65
N ASP F 129 -23.44 2.18 -28.32
CA ASP F 129 -23.54 1.89 -29.77
C ASP F 129 -24.17 0.54 -30.07
N THR F 130 -24.83 -0.06 -29.09
CA THR F 130 -25.48 -1.32 -29.30
C THR F 130 -26.98 -1.10 -29.20
N GLU F 131 -27.73 -2.16 -29.43
CA GLU F 131 -29.16 -2.06 -29.43
C GLU F 131 -29.71 -1.87 -28.03
N SER F 132 -29.04 -2.48 -27.05
CA SER F 132 -29.48 -2.40 -25.66
C SER F 132 -29.23 -0.99 -25.14
N GLY F 133 -28.21 -0.35 -25.69
CA GLY F 133 -27.84 1.01 -25.32
C GLY F 133 -27.03 1.05 -24.03
N ALA F 134 -26.68 2.27 -23.61
CA ALA F 134 -26.02 2.49 -22.32
C ALA F 134 -27.07 2.92 -21.29
N THR F 135 -26.75 2.70 -20.02
CA THR F 135 -27.57 3.21 -18.94
C THR F 135 -26.74 4.13 -18.06
N CYS F 136 -27.00 5.42 -18.18
CA CYS F 136 -26.30 6.43 -17.39
C CYS F 136 -27.16 6.82 -16.19
N ARG F 137 -26.62 6.59 -14.99
CA ARG F 137 -27.35 6.88 -13.76
C ARG F 137 -26.94 8.25 -13.18
N ILE F 138 -27.92 9.11 -12.94
CA ILE F 138 -27.63 10.44 -12.41
C ILE F 138 -28.21 10.53 -11.03
N LYS F 139 -27.38 10.94 -10.06
CA LYS F 139 -27.78 10.89 -8.65
C LYS F 139 -27.85 12.30 -8.07
N ILE F 140 -29.03 12.68 -7.61
CA ILE F 140 -29.26 14.06 -7.14
C ILE F 140 -29.87 14.09 -5.75
N GLY F 141 -29.31 14.93 -4.88
CA GLY F 141 -29.92 15.14 -3.58
C GLY F 141 -29.37 16.35 -2.88
N SER F 142 -29.87 16.63 -1.67
CA SER F 142 -29.47 17.81 -0.96
C SER F 142 -28.04 17.57 -0.56
N TRP F 143 -27.19 18.57 -0.75
CA TRP F 143 -25.80 18.42 -0.32
C TRP F 143 -25.62 18.52 1.22
N THR F 144 -26.42 19.35 1.89
CA THR F 144 -26.14 19.63 3.31
C THR F 144 -27.30 19.41 4.26
N HIS F 145 -28.46 19.06 3.71
CA HIS F 145 -29.64 18.83 4.54
C HIS F 145 -30.00 17.34 4.60
N HIS F 146 -30.04 16.79 5.82
CA HIS F 146 -30.33 15.35 5.96
C HIS F 146 -31.83 15.08 5.86
N SER F 147 -32.20 13.81 5.96
CA SER F 147 -33.55 13.36 5.64
C SER F 147 -34.60 13.98 6.56
N ARG F 148 -34.22 14.47 7.74
CA ARG F 148 -35.24 15.12 8.60
C ARG F 148 -35.51 16.57 8.21
N GLU F 149 -34.67 17.12 7.33
CA GLU F 149 -34.81 18.51 6.89
C GLU F 149 -35.28 18.60 5.43
N ILE F 150 -34.71 17.75 4.58
CA ILE F 150 -35.16 17.67 3.21
C ILE F 150 -35.39 16.22 2.80
N SER F 151 -36.57 15.94 2.25
CA SER F 151 -36.79 14.64 1.60
C SER F 151 -36.83 14.89 0.11
N VAL F 152 -36.35 13.92 -0.65
CA VAL F 152 -36.27 14.10 -2.07
C VAL F 152 -36.99 12.93 -2.71
N ASP F 153 -37.94 13.22 -3.60
CA ASP F 153 -38.76 12.20 -4.28
C ASP F 153 -38.94 12.52 -5.75
N PRO F 154 -39.02 11.47 -6.58
CA PRO F 154 -39.36 11.64 -8.00
C PRO F 154 -40.85 11.91 -8.05
N THR F 155 -41.33 12.42 -9.19
CA THR F 155 -42.76 12.80 -9.33
C THR F 155 -43.61 11.67 -9.93
N ASP F 161 -41.12 10.02 -22.10
CA ASP F 161 -39.68 10.11 -21.74
C ASP F 161 -38.91 11.01 -22.71
N SER F 162 -39.04 10.69 -24.00
CA SER F 162 -38.50 11.53 -25.07
C SER F 162 -39.38 12.73 -25.34
N GLU F 163 -40.35 12.98 -24.46
CA GLU F 163 -41.38 13.94 -24.78
C GLU F 163 -40.80 15.25 -25.31
N TYR F 164 -39.71 15.71 -24.69
CA TYR F 164 -39.09 16.96 -25.07
C TYR F 164 -37.70 16.72 -25.58
N PHE F 165 -37.39 15.45 -25.81
CA PHE F 165 -36.06 15.12 -26.29
C PHE F 165 -35.87 15.55 -27.75
N SER F 166 -34.74 16.20 -28.02
CA SER F 166 -34.44 16.70 -29.35
C SER F 166 -34.35 15.60 -30.42
N GLN F 167 -35.12 15.75 -31.50
CA GLN F 167 -35.08 14.82 -32.61
C GLN F 167 -33.74 14.92 -33.35
N TYR F 168 -32.99 15.99 -33.10
CA TYR F 168 -31.75 16.20 -33.87
C TYR F 168 -30.51 15.69 -33.15
N SER F 169 -30.70 15.17 -31.95
CA SER F 169 -29.62 14.52 -31.21
C SER F 169 -29.09 13.31 -32.00
N ARG F 170 -27.82 12.95 -31.80
CA ARG F 170 -27.28 11.72 -32.38
C ARG F 170 -27.77 10.52 -31.59
N PHE F 171 -28.43 10.80 -30.48
CA PHE F 171 -28.87 9.74 -29.60
C PHE F 171 -30.38 9.73 -29.47
N GLU F 172 -30.89 8.62 -28.95
CA GLU F 172 -32.30 8.49 -28.64
C GLU F 172 -32.43 7.81 -27.29
N ILE F 173 -33.54 8.10 -26.63
CA ILE F 173 -33.81 7.55 -25.34
C ILE F 173 -34.69 6.29 -25.46
N LEU F 174 -34.23 5.21 -24.84
CA LEU F 174 -34.96 3.96 -24.76
C LEU F 174 -35.88 3.95 -23.56
N ASP F 175 -35.39 4.49 -22.44
CA ASP F 175 -36.16 4.44 -21.21
C ASP F 175 -35.54 5.30 -20.13
N VAL F 176 -36.36 5.76 -19.22
CA VAL F 176 -35.88 6.49 -18.07
C VAL F 176 -36.57 5.94 -16.83
N THR F 177 -35.78 5.48 -15.85
CA THR F 177 -36.37 5.00 -14.60
C THR F 177 -35.77 5.74 -13.41
N GLN F 178 -36.49 5.75 -12.29
CA GLN F 178 -36.09 6.53 -11.16
C GLN F 178 -36.17 5.67 -9.95
N LYS F 179 -35.27 5.96 -9.02
CA LYS F 179 -35.31 5.27 -7.76
C LYS F 179 -34.90 6.21 -6.62
N LYS F 180 -35.57 6.11 -5.49
CA LYS F 180 -35.25 6.98 -4.38
C LYS F 180 -34.36 6.23 -3.39
N ASN F 181 -33.37 6.93 -2.83
CA ASN F 181 -32.47 6.33 -1.84
C ASN F 181 -32.28 7.21 -0.61
N SER F 182 -31.90 6.55 0.47
CA SER F 182 -31.54 7.26 1.69
C SER F 182 -30.20 6.69 2.17
N VAL F 183 -29.13 7.48 2.07
CA VAL F 183 -27.79 6.97 2.29
C VAL F 183 -27.14 7.62 3.50
N THR F 184 -26.39 6.82 4.27
CA THR F 184 -25.55 7.35 5.34
C THR F 184 -24.09 7.40 4.86
N TYR F 185 -23.47 8.58 4.96
CA TYR F 185 -22.07 8.77 4.53
C TYR F 185 -21.12 8.78 5.71
N SER F 186 -19.86 8.43 5.45
CA SER F 186 -18.85 8.38 6.51
C SER F 186 -18.67 9.72 7.23
N CYS F 187 -18.90 10.81 6.50
CA CYS F 187 -18.70 12.17 7.01
CA CYS F 187 -18.66 12.13 7.03
C CYS F 187 -19.63 12.53 8.15
N CYS F 188 -20.86 11.96 8.13
CA CYS F 188 -21.94 12.42 9.03
C CYS F 188 -22.87 11.30 9.51
N PRO F 189 -23.44 11.48 10.70
CA PRO F 189 -24.29 10.47 11.37
C PRO F 189 -25.68 10.32 10.71
N GLU F 190 -26.17 11.36 10.03
CA GLU F 190 -27.53 11.33 9.50
CA GLU F 190 -27.53 11.32 9.50
C GLU F 190 -27.60 10.75 8.08
N ALA F 191 -28.82 10.47 7.65
CA ALA F 191 -29.08 9.94 6.34
C ALA F 191 -29.40 11.11 5.40
N TYR F 192 -28.98 11.01 4.14
CA TYR F 192 -29.31 12.05 3.14
C TYR F 192 -29.99 11.40 1.97
N GLU F 193 -31.12 11.96 1.56
CA GLU F 193 -31.88 11.32 0.50
C GLU F 193 -31.36 11.74 -0.87
N ASP F 194 -31.62 10.91 -1.86
CA ASP F 194 -31.28 11.23 -3.22
C ASP F 194 -32.26 10.55 -4.14
N VAL F 195 -32.37 11.07 -5.35
CA VAL F 195 -33.05 10.40 -6.42
C VAL F 195 -31.99 9.98 -7.45
N GLU F 196 -32.09 8.75 -7.93
CA GLU F 196 -31.21 8.23 -8.99
C GLU F 196 -32.01 8.04 -10.25
N VAL F 197 -31.64 8.79 -11.29
CA VAL F 197 -32.37 8.76 -12.53
C VAL F 197 -31.53 8.00 -13.54
N SER F 198 -32.05 6.86 -13.99
CA SER F 198 -31.34 6.01 -14.93
C SER F 198 -31.80 6.24 -16.36
N LEU F 199 -30.87 6.76 -17.16
CA LEU F 199 -31.16 7.18 -18.52
C LEU F 199 -30.62 6.09 -19.46
N ASN F 200 -31.53 5.34 -20.07
CA ASN F 200 -31.14 4.28 -21.01
C ASN F 200 -31.23 4.85 -22.43
N PHE F 201 -30.08 4.99 -23.07
CA PHE F 201 -30.05 5.67 -24.36
C PHE F 201 -29.04 4.97 -25.29
N ARG F 202 -29.11 5.27 -26.59
CA ARG F 202 -28.17 4.69 -27.56
C ARG F 202 -27.96 5.59 -28.76
N LYS F 203 -26.82 5.39 -29.43
CA LYS F 203 -26.57 6.09 -30.68
C LYS F 203 -27.59 5.65 -31.72
N LYS F 204 -28.13 6.60 -32.47
CA LYS F 204 -29.08 6.26 -33.53
C LYS F 204 -28.41 5.61 -34.74
N GLY F 205 -29.13 4.68 -35.37
CA GLY F 205 -28.69 4.10 -36.64
C GLY F 205 -28.79 5.13 -37.76
N LEU G 1 -35.35 29.33 20.37
CA LEU G 1 -34.73 29.71 19.10
C LEU G 1 -35.17 28.80 17.98
N ASP G 2 -35.51 29.37 16.84
CA ASP G 2 -35.75 28.54 15.66
C ASP G 2 -34.64 28.83 14.64
N ARG G 3 -34.69 28.12 13.51
CA ARG G 3 -33.67 28.28 12.48
C ARG G 3 -33.54 29.71 12.02
N ALA G 4 -34.68 30.35 11.81
CA ALA G 4 -34.71 31.71 11.30
C ALA G 4 -33.90 32.62 12.22
N ASP G 5 -34.11 32.48 13.52
CA ASP G 5 -33.40 33.29 14.52
C ASP G 5 -31.89 33.03 14.48
N ILE G 6 -31.53 31.74 14.48
CA ILE G 6 -30.14 31.34 14.49
C ILE G 6 -29.44 31.94 13.27
N LEU G 7 -30.05 31.76 12.09
CA LEU G 7 -29.45 32.27 10.84
C LEU G 7 -29.37 33.79 10.82
N TYR G 8 -30.41 34.43 11.35
CA TYR G 8 -30.42 35.86 11.51
C TYR G 8 -29.24 36.30 12.38
N ASN G 9 -29.11 35.70 13.56
CA ASN G 9 -27.99 36.08 14.43
C ASN G 9 -26.62 35.86 13.78
N ILE G 10 -26.47 34.74 13.08
CA ILE G 10 -25.21 34.42 12.46
C ILE G 10 -24.90 35.46 11.40
N ARG G 11 -25.89 35.75 10.58
CA ARG G 11 -25.70 36.74 9.54
C ARG G 11 -25.34 38.13 10.13
N GLN G 12 -25.97 38.50 11.24
CA GLN G 12 -25.75 39.82 11.81
C GLN G 12 -24.40 39.97 12.51
N THR G 13 -23.80 38.88 12.97
CA THR G 13 -22.65 38.99 13.88
C THR G 13 -21.45 38.12 13.54
N SER G 14 -21.51 37.45 12.40
CA SER G 14 -20.56 36.34 12.17
C SER G 14 -19.07 36.73 11.96
N ARG G 15 -18.82 37.82 11.23
CA ARG G 15 -17.44 38.33 11.08
C ARG G 15 -16.60 37.37 10.24
N PRO G 16 -16.99 37.22 8.97
CA PRO G 16 -16.34 36.26 8.04
C PRO G 16 -14.87 36.60 7.74
N ASP G 17 -14.49 37.82 8.10
CA ASP G 17 -13.12 38.27 7.86
C ASP G 17 -12.25 38.03 9.10
N VAL G 18 -12.84 37.53 10.19
CA VAL G 18 -12.11 37.40 11.46
C VAL G 18 -11.85 35.93 11.83
N ILE G 19 -10.58 35.53 11.81
CA ILE G 19 -10.20 34.19 12.18
C ILE G 19 -10.53 33.96 13.66
N PRO G 20 -11.29 32.90 13.96
CA PRO G 20 -11.78 32.65 15.33
C PRO G 20 -10.75 31.92 16.20
N THR G 21 -9.60 32.55 16.42
CA THR G 21 -8.62 32.00 17.35
C THR G 21 -9.15 32.09 18.77
N GLN G 22 -8.82 31.09 19.58
CA GLN G 22 -9.18 31.06 20.99
C GLN G 22 -7.93 31.20 21.87
N ARG G 23 -7.86 32.25 22.68
CA ARG G 23 -6.78 32.36 23.67
C ARG G 23 -5.41 32.24 22.99
N ASP G 24 -5.32 32.82 21.79
CA ASP G 24 -4.08 32.78 21.01
C ASP G 24 -3.57 31.40 20.63
N ARG G 25 -4.46 30.40 20.67
CA ARG G 25 -4.19 29.11 20.05
C ARG G 25 -4.63 29.15 18.58
N PRO G 26 -3.95 28.39 17.75
CA PRO G 26 -4.37 28.34 16.34
C PRO G 26 -5.77 27.71 16.19
N VAL G 27 -6.46 28.11 15.13
CA VAL G 27 -7.65 27.40 14.73
C VAL G 27 -7.20 26.05 14.19
N ALA G 28 -7.71 24.97 14.78
CA ALA G 28 -7.37 23.61 14.35
C ALA G 28 -8.29 23.21 13.22
N VAL G 29 -7.75 23.15 12.03
CA VAL G 29 -8.51 22.78 10.86
C VAL G 29 -8.17 21.34 10.47
N SER G 30 -9.19 20.54 10.20
CA SER G 30 -8.98 19.20 9.66
C SER G 30 -9.38 19.19 8.19
N VAL G 31 -8.55 18.55 7.39
CA VAL G 31 -8.75 18.42 5.97
C VAL G 31 -8.60 16.99 5.54
N SER G 32 -9.48 16.58 4.63
CA SER G 32 -9.56 15.18 4.23
C SER G 32 -10.17 15.15 2.83
N LEU G 33 -9.42 14.65 1.84
CA LEU G 33 -9.93 14.57 0.50
C LEU G 33 -10.57 13.21 0.25
N LYS G 34 -11.85 13.18 -0.10
CA LYS G 34 -12.48 11.93 -0.57
C LYS G 34 -12.50 11.99 -2.10
N PHE G 35 -11.69 11.15 -2.73
CA PHE G 35 -11.58 11.16 -4.18
C PHE G 35 -12.80 10.51 -4.81
N ILE G 36 -13.30 11.17 -5.84
CA ILE G 36 -14.56 10.75 -6.49
C ILE G 36 -14.26 10.33 -7.92
N ASN G 37 -13.28 10.99 -8.51
CA ASN G 37 -12.95 10.69 -9.90
C ASN G 37 -11.57 11.18 -10.32
N ILE G 38 -11.02 10.54 -11.35
CA ILE G 38 -9.76 10.97 -11.92
C ILE G 38 -10.06 11.00 -13.40
N LEU G 39 -9.92 12.19 -14.00
CA LEU G 39 -10.61 12.45 -15.26
C LEU G 39 -9.70 12.58 -16.47
N GLU G 40 -8.52 13.15 -16.27
CA GLU G 40 -7.72 13.45 -17.44
C GLU G 40 -6.23 13.44 -17.11
N VAL G 41 -5.64 12.26 -17.16
CA VAL G 41 -4.25 12.09 -16.79
C VAL G 41 -3.38 12.32 -18.00
N ASN G 42 -2.20 12.87 -17.77
CA ASN G 42 -1.24 13.05 -18.85
C ASN G 42 0.18 12.78 -18.36
N GLU G 43 0.72 11.62 -18.73
CA GLU G 43 1.99 11.17 -18.18
C GLU G 43 3.13 11.98 -18.75
N ILE G 44 2.94 12.50 -19.96
CA ILE G 44 3.95 13.34 -20.55
C ILE G 44 4.08 14.70 -19.82
N THR G 45 2.96 15.39 -19.57
CA THR G 45 3.04 16.71 -18.92
C THR G 45 3.02 16.60 -17.40
N ASN G 46 2.75 15.42 -16.86
CA ASN G 46 2.59 15.30 -15.41
C ASN G 46 1.47 16.19 -14.86
N GLU G 47 0.31 16.09 -15.49
CA GLU G 47 -0.85 16.82 -15.06
C GLU G 47 -2.02 15.87 -14.92
N VAL G 48 -2.85 16.14 -13.94
CA VAL G 48 -3.95 15.25 -13.68
C VAL G 48 -5.16 16.13 -13.29
N ASP G 49 -6.34 15.65 -13.67
CA ASP G 49 -7.60 16.32 -13.40
C ASP G 49 -8.35 15.45 -12.37
N VAL G 50 -8.67 16.01 -11.21
CA VAL G 50 -9.24 15.22 -10.12
C VAL G 50 -10.57 15.82 -9.62
N VAL G 51 -11.52 14.96 -9.27
CA VAL G 51 -12.70 15.42 -8.53
C VAL G 51 -12.66 14.81 -7.14
N PHE G 52 -12.89 15.63 -6.12
CA PHE G 52 -12.85 15.13 -4.74
C PHE G 52 -13.73 15.99 -3.80
N TRP G 53 -14.19 15.38 -2.72
CA TRP G 53 -14.88 16.12 -1.68
C TRP G 53 -13.85 16.60 -0.69
N GLN G 54 -13.78 17.92 -0.52
CA GLN G 54 -12.78 18.48 0.39
C GLN G 54 -13.41 18.66 1.75
N GLN G 55 -13.39 17.59 2.54
CA GLN G 55 -13.97 17.61 3.87
C GLN G 55 -13.11 18.46 4.79
N THR G 56 -13.68 19.57 5.25
CA THR G 56 -12.97 20.55 6.03
C THR G 56 -13.76 20.88 7.28
N THR G 57 -13.13 20.73 8.44
CA THR G 57 -13.81 21.01 9.72
C THR G 57 -12.97 21.95 10.59
N TRP G 58 -13.65 22.80 11.33
CA TRP G 58 -12.98 23.59 12.34
C TRP G 58 -14.03 24.11 13.29
N SER G 59 -13.56 24.80 14.31
CA SER G 59 -14.44 25.30 15.34
C SER G 59 -14.49 26.83 15.28
N ASP G 60 -15.68 27.39 15.45
CA ASP G 60 -15.84 28.86 15.55
C ASP G 60 -16.87 29.19 16.62
N ARG G 61 -16.40 29.42 17.84
CA ARG G 61 -17.28 29.63 18.99
C ARG G 61 -18.19 30.80 18.81
N THR G 62 -17.78 31.79 18.01
CA THR G 62 -18.66 32.94 17.84
C THR G 62 -19.97 32.57 17.15
N LEU G 63 -20.07 31.35 16.63
CA LEU G 63 -21.31 30.92 15.98
C LEU G 63 -22.22 30.16 16.93
N ALA G 64 -21.65 29.76 18.08
CA ALA G 64 -22.37 28.89 19.02
C ALA G 64 -23.69 29.47 19.54
N TRP G 65 -24.66 28.60 19.80
CA TRP G 65 -25.92 29.05 20.42
C TRP G 65 -26.36 27.99 21.40
N ASN G 66 -27.23 28.39 22.35
CA ASN G 66 -27.85 27.47 23.28
C ASN G 66 -28.89 26.57 22.56
N SER G 67 -28.57 25.29 22.40
CA SER G 67 -29.46 24.38 21.65
C SER G 67 -30.60 23.76 22.49
N SER G 68 -30.78 24.26 23.72
CA SER G 68 -31.92 23.82 24.51
C SER G 68 -33.19 24.29 23.82
N HIS G 69 -34.06 23.35 23.45
CA HIS G 69 -35.30 23.69 22.75
C HIS G 69 -35.02 24.45 21.46
N SER G 70 -33.97 24.03 20.76
CA SER G 70 -33.56 24.68 19.51
C SER G 70 -32.97 23.63 18.59
N PRO G 71 -33.01 23.90 17.27
CA PRO G 71 -32.30 23.03 16.33
C PRO G 71 -30.82 22.95 16.70
N ASP G 72 -30.24 21.77 16.49
CA ASP G 72 -28.85 21.55 16.86
C ASP G 72 -27.86 22.01 15.76
N GLN G 73 -28.35 22.23 14.54
CA GLN G 73 -27.54 22.55 13.38
C GLN G 73 -28.30 23.39 12.36
N VAL G 74 -27.55 24.18 11.59
CA VAL G 74 -28.09 24.84 10.42
C VAL G 74 -27.07 24.82 9.28
N SER G 75 -27.58 24.95 8.05
CA SER G 75 -26.74 25.10 6.87
C SER G 75 -26.62 26.59 6.61
N VAL G 76 -25.41 27.05 6.37
CA VAL G 76 -25.13 28.47 6.29
C VAL G 76 -24.25 28.70 5.06
N PRO G 77 -24.58 29.74 4.29
CA PRO G 77 -23.78 30.10 3.11
C PRO G 77 -22.39 30.50 3.61
N ILE G 78 -21.31 30.02 2.98
CA ILE G 78 -19.96 30.28 3.49
C ILE G 78 -19.63 31.75 3.40
N SER G 79 -20.35 32.49 2.56
CA SER G 79 -20.15 33.95 2.55
C SER G 79 -20.51 34.60 3.89
N SER G 80 -21.27 33.90 4.74
CA SER G 80 -21.59 34.46 6.07
C SER G 80 -20.68 33.97 7.19
N LEU G 81 -19.62 33.24 6.85
CA LEU G 81 -18.76 32.60 7.87
C LEU G 81 -17.31 32.87 7.58
N TRP G 82 -16.50 32.89 8.62
CA TRP G 82 -15.08 32.77 8.39
C TRP G 82 -14.85 31.35 7.87
N VAL G 83 -14.00 31.24 6.87
CA VAL G 83 -13.58 29.99 6.32
C VAL G 83 -12.04 29.99 6.17
N PRO G 84 -11.40 28.85 6.40
CA PRO G 84 -9.93 28.83 6.28
C PRO G 84 -9.47 29.09 4.86
N ASP G 85 -8.39 29.85 4.70
CA ASP G 85 -7.92 30.22 3.35
C ASP G 85 -7.02 29.10 2.77
N LEU G 86 -7.57 27.87 2.68
CA LEU G 86 -6.76 26.76 2.20
C LEU G 86 -6.48 26.90 0.70
N ALA G 87 -5.31 26.45 0.29
CA ALA G 87 -5.01 26.37 -1.13
C ALA G 87 -4.17 25.11 -1.40
N ALA G 88 -4.33 24.53 -2.58
CA ALA G 88 -3.44 23.49 -3.03
C ALA G 88 -2.24 24.11 -3.73
N TYR G 89 -1.05 23.93 -3.13
CA TYR G 89 0.18 24.49 -3.70
C TYR G 89 0.43 24.03 -5.13
N ASN G 90 0.13 22.78 -5.45
CA ASN G 90 0.51 22.31 -6.80
C ASN G 90 -0.68 22.29 -7.74
N ALA G 91 -1.73 23.04 -7.40
CA ALA G 91 -2.86 23.19 -8.32
C ALA G 91 -2.42 24.08 -9.49
N ILE G 92 -2.85 23.73 -10.71
CA ILE G 92 -2.56 24.58 -11.87
C ILE G 92 -3.84 25.12 -12.49
N SER G 93 -4.94 24.98 -11.74
CA SER G 93 -6.20 25.62 -12.13
C SER G 93 -6.92 26.03 -10.87
N LYS G 94 -7.80 27.00 -10.97
CA LYS G 94 -8.52 27.31 -9.75
C LYS G 94 -9.54 26.23 -9.47
N PRO G 95 -9.84 26.06 -8.19
CA PRO G 95 -10.80 25.01 -7.85
C PRO G 95 -12.16 25.35 -8.46
N GLU G 96 -12.73 24.39 -9.19
CA GLU G 96 -14.10 24.52 -9.69
C GLU G 96 -14.99 23.84 -8.64
N VAL G 97 -15.71 24.65 -7.88
CA VAL G 97 -16.61 24.10 -6.84
C VAL G 97 -17.92 23.64 -7.50
N LEU G 98 -18.18 22.34 -7.49
CA LEU G 98 -19.35 21.77 -8.17
C LEU G 98 -20.66 21.83 -7.34
N THR G 99 -20.56 22.00 -6.02
CA THR G 99 -21.69 21.85 -5.13
C THR G 99 -22.11 23.19 -4.54
N PRO G 100 -23.32 23.25 -3.96
CA PRO G 100 -23.79 24.48 -3.30
C PRO G 100 -22.85 24.90 -2.18
N GLN G 101 -22.52 26.18 -2.12
CA GLN G 101 -21.51 26.65 -1.17
C GLN G 101 -22.08 26.92 0.21
N LEU G 102 -22.45 25.83 0.89
CA LEU G 102 -23.03 25.90 2.24
C LEU G 102 -22.16 25.08 3.19
N ALA G 103 -22.01 25.59 4.40
CA ALA G 103 -21.34 24.87 5.47
C ALA G 103 -22.43 24.46 6.47
N ARG G 104 -22.14 23.39 7.21
CA ARG G 104 -23.02 22.96 8.27
C ARG G 104 -22.42 23.47 9.60
N VAL G 105 -23.23 24.16 10.38
CA VAL G 105 -22.82 24.67 11.67
C VAL G 105 -23.62 24.01 12.82
N VAL G 106 -22.91 23.50 13.82
CA VAL G 106 -23.52 22.84 14.95
C VAL G 106 -23.58 23.86 16.09
N SER G 107 -24.53 23.70 17.00
CA SER G 107 -24.78 24.72 18.06
C SER G 107 -23.57 25.03 18.90
N ASP G 108 -22.65 24.08 19.03
CA ASP G 108 -21.41 24.31 19.78
C ASP G 108 -20.34 25.06 18.95
N GLY G 109 -20.66 25.37 17.69
CA GLY G 109 -19.70 26.12 16.88
C GLY G 109 -18.81 25.29 15.97
N GLU G 110 -19.01 23.96 15.94
CA GLU G 110 -18.30 23.12 14.99
C GLU G 110 -18.85 23.39 13.60
N VAL G 111 -17.95 23.51 12.63
CA VAL G 111 -18.34 23.75 11.26
C VAL G 111 -17.84 22.63 10.40
N LEU G 112 -18.66 22.23 9.44
CA LEU G 112 -18.22 21.29 8.41
C LEU G 112 -18.49 21.95 7.07
N TYR G 113 -17.46 22.09 6.25
CA TYR G 113 -17.63 22.57 4.89
C TYR G 113 -16.97 21.52 4.00
N MET G 114 -17.73 21.02 3.01
CA MET G 114 -17.34 19.82 2.27
C MET G 114 -17.75 19.97 0.80
N PRO G 115 -17.12 20.89 0.10
CA PRO G 115 -17.48 21.10 -1.31
C PRO G 115 -16.89 19.97 -2.14
N SER G 116 -17.55 19.68 -3.27
CA SER G 116 -16.98 18.78 -4.24
C SER G 116 -16.21 19.68 -5.19
N ILE G 117 -14.95 19.36 -5.43
CA ILE G 117 -14.09 20.22 -6.22
C ILE G 117 -13.49 19.49 -7.41
N ARG G 118 -13.49 20.13 -8.56
CA ARG G 118 -12.72 19.62 -9.67
C ARG G 118 -11.52 20.54 -9.86
N GLN G 119 -10.32 19.99 -9.95
CA GLN G 119 -9.12 20.82 -10.02
C GLN G 119 -8.02 20.06 -10.72
N ARG G 120 -7.12 20.80 -11.39
CA ARG G 120 -5.99 20.15 -12.06
C ARG G 120 -4.74 20.39 -11.26
N PHE G 121 -3.87 19.40 -11.25
CA PHE G 121 -2.66 19.46 -10.46
C PHE G 121 -1.44 19.11 -11.30
N SER G 122 -0.32 19.65 -10.87
CA SER G 122 0.99 19.26 -11.37
C SER G 122 1.54 18.26 -10.35
N CYS G 123 1.76 17.03 -10.78
CA CYS G 123 2.25 15.98 -9.86
C CYS G 123 2.79 14.78 -10.64
N ASP G 124 3.35 13.83 -9.92
CA ASP G 124 4.05 12.71 -10.57
C ASP G 124 3.10 11.69 -11.17
N VAL G 125 2.94 11.70 -12.49
CA VAL G 125 2.02 10.80 -13.14
C VAL G 125 2.73 9.57 -13.73
N SER G 126 4.06 9.50 -13.55
CA SER G 126 4.82 8.38 -14.07
C SER G 126 4.34 7.06 -13.44
N GLY G 127 4.17 6.05 -14.30
CA GLY G 127 3.85 4.72 -13.82
C GLY G 127 2.37 4.46 -13.76
N VAL G 128 1.58 5.44 -14.20
CA VAL G 128 0.12 5.31 -14.16
C VAL G 128 -0.38 4.04 -14.88
N ASP G 129 0.33 3.66 -15.95
CA ASP G 129 -0.08 2.51 -16.77
C ASP G 129 0.65 1.24 -16.38
N THR G 130 1.19 1.21 -15.17
CA THR G 130 1.85 0.01 -14.68
C THR G 130 1.08 -0.50 -13.47
N GLU G 131 1.54 -1.63 -12.94
CA GLU G 131 0.83 -2.28 -11.86
C GLU G 131 1.04 -1.53 -10.55
N SER G 132 2.21 -0.92 -10.41
CA SER G 132 2.53 -0.12 -9.24
C SER G 132 1.71 1.19 -9.22
N GLY G 133 1.35 1.65 -10.42
CA GLY G 133 0.59 2.86 -10.58
C GLY G 133 1.43 4.11 -10.34
N ALA G 134 0.79 5.27 -10.46
CA ALA G 134 1.43 6.53 -10.17
C ALA G 134 1.09 6.95 -8.74
N THR G 135 1.91 7.84 -8.18
CA THR G 135 1.57 8.45 -6.89
C THR G 135 1.59 9.97 -7.08
N CYS G 136 0.41 10.56 -6.97
CA CYS G 136 0.24 11.99 -7.21
C CYS G 136 0.02 12.60 -5.85
N ARG G 137 0.86 13.58 -5.51
CA ARG G 137 0.86 14.16 -4.17
C ARG G 137 0.22 15.52 -4.23
N ILE G 138 -0.80 15.74 -3.41
CA ILE G 138 -1.52 17.02 -3.42
C ILE G 138 -1.29 17.69 -2.09
N LYS G 139 -0.82 18.94 -2.14
CA LYS G 139 -0.36 19.64 -0.93
C LYS G 139 -1.30 20.80 -0.63
N ILE G 140 -1.93 20.79 0.54
CA ILE G 140 -2.91 21.82 0.87
C ILE G 140 -2.66 22.45 2.24
N GLY G 141 -2.73 23.79 2.30
CA GLY G 141 -2.57 24.47 3.57
C GLY G 141 -3.09 25.89 3.53
N SER G 142 -3.06 26.58 4.67
CA SER G 142 -3.46 27.98 4.70
C SER G 142 -2.51 28.77 3.84
N TRP G 143 -3.04 29.69 3.02
CA TRP G 143 -2.15 30.47 2.17
C TRP G 143 -1.47 31.62 2.95
N THR G 144 -2.17 32.17 3.95
CA THR G 144 -1.68 33.40 4.59
C THR G 144 -1.62 33.35 6.12
N HIS G 145 -2.09 32.26 6.70
CA HIS G 145 -2.07 32.11 8.18
C HIS G 145 -1.01 31.07 8.60
N HIS G 146 -0.06 31.51 9.43
CA HIS G 146 1.03 30.62 9.83
C HIS G 146 0.55 29.68 10.95
N SER G 147 1.45 28.80 11.37
CA SER G 147 1.15 27.74 12.33
C SER G 147 0.57 28.21 13.67
N ARG G 148 0.78 29.46 14.06
CA ARG G 148 0.21 29.90 15.34
C ARG G 148 -1.24 30.38 15.17
N GLU G 149 -1.67 30.53 13.92
CA GLU G 149 -3.02 31.00 13.63
C GLU G 149 -3.92 29.91 13.06
N ILE G 150 -3.36 29.07 12.19
CA ILE G 150 -4.07 27.91 11.67
C ILE G 150 -3.15 26.68 11.72
N SER G 151 -3.65 25.60 12.31
CA SER G 151 -2.96 24.32 12.19
C SER G 151 -3.78 23.47 11.25
N VAL G 152 -3.12 22.61 10.51
CA VAL G 152 -3.82 21.82 9.54
C VAL G 152 -3.51 20.36 9.81
N ASP G 153 -4.56 19.55 10.00
CA ASP G 153 -4.37 18.11 10.24
C ASP G 153 -5.28 17.24 9.38
N PRO G 154 -4.79 16.03 9.01
CA PRO G 154 -5.67 15.04 8.37
C PRO G 154 -6.60 14.48 9.46
N THR G 155 -7.68 13.81 9.07
CA THR G 155 -8.63 13.29 10.05
C THR G 155 -8.38 11.81 10.40
N ASP G 161 -10.92 4.01 1.03
CA ASP G 161 -10.27 4.97 0.10
C ASP G 161 -11.07 5.23 -1.18
N SER G 162 -11.40 4.15 -1.88
CA SER G 162 -12.28 4.20 -3.05
C SER G 162 -13.72 4.29 -2.60
N GLU G 163 -13.95 4.62 -1.33
CA GLU G 163 -15.31 4.45 -0.82
C GLU G 163 -16.34 5.16 -1.73
N TYR G 164 -15.97 6.34 -2.20
CA TYR G 164 -16.87 7.12 -3.03
C TYR G 164 -16.29 7.28 -4.41
N PHE G 165 -15.18 6.59 -4.67
CA PHE G 165 -14.59 6.70 -5.98
C PHE G 165 -15.45 6.07 -7.10
N SER G 166 -15.56 6.76 -8.23
CA SER G 166 -16.45 6.32 -9.30
C SER G 166 -15.98 5.01 -9.90
N GLN G 167 -16.88 4.03 -9.95
CA GLN G 167 -16.58 2.78 -10.63
C GLN G 167 -16.45 2.95 -12.14
N TYR G 168 -16.85 4.11 -12.68
CA TYR G 168 -16.84 4.29 -14.13
C TYR G 168 -15.59 5.00 -14.61
N SER G 169 -14.78 5.49 -13.67
CA SER G 169 -13.48 6.08 -14.02
C SER G 169 -12.59 5.09 -14.83
N ARG G 170 -11.71 5.62 -15.66
CA ARG G 170 -10.73 4.77 -16.34
C ARG G 170 -9.67 4.35 -15.37
N PHE G 171 -9.70 4.94 -14.19
CA PHE G 171 -8.63 4.68 -13.22
C PHE G 171 -9.19 4.04 -11.96
N GLU G 172 -8.29 3.56 -11.11
CA GLU G 172 -8.68 2.97 -9.83
C GLU G 172 -7.67 3.40 -8.79
N ILE G 173 -8.11 3.47 -7.55
CA ILE G 173 -7.24 3.90 -6.48
C ILE G 173 -6.64 2.68 -5.77
N LEU G 174 -5.33 2.69 -5.63
CA LEU G 174 -4.63 1.61 -4.96
C LEU G 174 -4.51 1.96 -3.51
N ASP G 175 -4.22 3.23 -3.23
CA ASP G 175 -4.00 3.63 -1.86
C ASP G 175 -4.03 5.15 -1.72
N VAL G 176 -4.40 5.63 -0.54
CA VAL G 176 -4.29 7.04 -0.22
C VAL G 176 -3.61 7.18 1.15
N THR G 177 -2.53 7.96 1.22
CA THR G 177 -1.86 8.21 2.48
C THR G 177 -1.75 9.74 2.71
N GLN G 178 -1.61 10.12 3.97
CA GLN G 178 -1.55 11.51 4.32
C GLN G 178 -0.44 11.79 5.24
N LYS G 179 0.07 13.01 5.16
CA LYS G 179 1.21 13.37 5.97
C LYS G 179 1.07 14.85 6.28
N LYS G 180 1.35 15.22 7.51
CA LYS G 180 1.31 16.61 7.89
C LYS G 180 2.73 17.23 7.91
N ASN G 181 2.83 18.50 7.52
CA ASN G 181 4.12 19.17 7.46
C ASN G 181 4.02 20.58 8.00
N SER G 182 5.17 21.13 8.37
CA SER G 182 5.25 22.49 8.84
C SER G 182 6.44 23.08 8.11
N VAL G 183 6.24 24.05 7.23
CA VAL G 183 7.34 24.47 6.38
C VAL G 183 7.60 25.96 6.54
N THR G 184 8.87 26.36 6.53
CA THR G 184 9.23 27.77 6.48
C THR G 184 9.64 28.11 5.06
N TYR G 185 9.06 29.17 4.50
CA TYR G 185 9.36 29.59 3.12
C TYR G 185 10.19 30.85 3.18
N SER G 186 11.00 31.06 2.15
CA SER G 186 11.85 32.24 2.07
C SER G 186 11.13 33.56 2.23
N CYS G 187 9.86 33.62 1.83
CA CYS G 187 9.08 34.86 1.84
CA CYS G 187 9.12 34.88 1.84
C CYS G 187 8.87 35.39 3.25
N CYS G 188 8.80 34.47 4.23
CA CYS G 188 8.32 34.84 5.57
C CYS G 188 8.99 34.09 6.69
N PRO G 189 9.10 34.73 7.85
CA PRO G 189 9.80 34.14 9.01
C PRO G 189 9.06 32.95 9.65
N GLU G 190 7.73 32.88 9.52
CA GLU G 190 6.95 31.88 10.27
CA GLU G 190 6.96 31.88 10.28
C GLU G 190 6.80 30.58 9.52
N ALA G 191 6.38 29.55 10.23
CA ALA G 191 6.10 28.24 9.64
C ALA G 191 4.60 28.15 9.23
N TYR G 192 4.34 27.50 8.10
CA TYR G 192 2.98 27.31 7.60
C TYR G 192 2.71 25.82 7.47
N GLU G 193 1.62 25.37 8.06
CA GLU G 193 1.31 23.95 8.00
C GLU G 193 0.64 23.54 6.69
N ASP G 194 0.84 22.28 6.32
CA ASP G 194 0.12 21.74 5.20
C ASP G 194 -0.17 20.25 5.44
N VAL G 195 -1.16 19.73 4.72
CA VAL G 195 -1.35 18.29 4.61
C VAL G 195 -0.97 17.89 3.18
N GLU G 196 -0.19 16.83 3.07
CA GLU G 196 0.12 16.23 1.76
C GLU G 196 -0.63 14.93 1.61
N VAL G 197 -1.47 14.89 0.60
CA VAL G 197 -2.27 13.72 0.34
C VAL G 197 -1.70 12.98 -0.86
N SER G 198 -1.28 11.73 -0.62
CA SER G 198 -0.65 10.97 -1.68
C SER G 198 -1.65 10.00 -2.28
N LEU G 199 -1.96 10.21 -3.55
CA LEU G 199 -2.93 9.42 -4.26
C LEU G 199 -2.20 8.44 -5.17
N ASN G 200 -2.24 7.16 -4.80
CA ASN G 200 -1.63 6.08 -5.60
C ASN G 200 -2.74 5.43 -6.45
N PHE G 201 -2.67 5.65 -7.76
CA PHE G 201 -3.72 5.20 -8.66
C PHE G 201 -3.11 4.66 -9.95
N ARG G 202 -3.90 3.92 -10.73
CA ARG G 202 -3.45 3.41 -12.01
C ARG G 202 -4.59 3.27 -13.01
N LYS G 203 -4.23 3.23 -14.29
CA LYS G 203 -5.18 2.94 -15.33
C LYS G 203 -5.72 1.51 -15.11
N LYS G 204 -7.02 1.33 -15.26
CA LYS G 204 -7.59 -0.03 -15.19
C LYS G 204 -7.25 -0.86 -16.42
N GLY G 205 -7.03 -2.15 -16.16
CA GLY G 205 -6.75 -3.12 -17.22
C GLY G 205 -7.98 -3.43 -18.07
N LEU H 1 -6.59 46.14 21.59
CA LEU H 1 -7.15 45.82 20.28
C LEU H 1 -7.06 44.32 19.97
N ASP H 2 -8.14 43.72 19.51
CA ASP H 2 -8.05 42.35 19.03
C ASP H 2 -8.24 42.36 17.52
N ARG H 3 -8.09 41.19 16.89
CA ARG H 3 -8.22 41.07 15.43
C ARG H 3 -9.54 41.63 14.93
N ALA H 4 -10.62 41.29 15.63
CA ALA H 4 -11.96 41.74 15.25
C ALA H 4 -11.97 43.24 15.12
N ASP H 5 -11.39 43.93 16.10
CA ASP H 5 -11.40 45.40 16.12
C ASP H 5 -10.58 45.95 14.97
N ILE H 6 -9.39 45.36 14.78
CA ILE H 6 -8.50 45.83 13.73
C ILE H 6 -9.16 45.67 12.37
N LEU H 7 -9.73 44.48 12.13
CA LEU H 7 -10.41 44.25 10.84
C LEU H 7 -11.64 45.15 10.64
N TYR H 8 -12.39 45.37 11.71
CA TYR H 8 -13.51 46.27 11.68
C TYR H 8 -13.02 47.67 11.28
N ASN H 9 -12.00 48.18 11.96
CA ASN H 9 -11.52 49.52 11.63
C ASN H 9 -11.05 49.63 10.19
N ILE H 10 -10.36 48.59 9.73
CA ILE H 10 -9.81 48.60 8.39
C ILE H 10 -10.98 48.62 7.40
N ARG H 11 -11.96 47.76 7.65
CA ARG H 11 -13.12 47.72 6.77
C ARG H 11 -13.87 49.05 6.74
N GLN H 12 -13.96 49.73 7.88
CA GLN H 12 -14.72 50.98 7.98
C GLN H 12 -14.02 52.18 7.38
N THR H 13 -12.68 52.15 7.26
CA THR H 13 -11.94 53.36 6.91
C THR H 13 -10.90 53.20 5.80
N SER H 14 -10.82 52.01 5.20
CA SER H 14 -9.63 51.70 4.42
C SER H 14 -9.41 52.52 3.10
N ARG H 15 -10.50 52.82 2.38
CA ARG H 15 -10.41 53.60 1.14
C ARG H 15 -9.64 52.89 0.01
N PRO H 16 -10.15 51.76 -0.46
CA PRO H 16 -9.46 50.92 -1.44
C PRO H 16 -9.26 51.63 -2.77
N ASP H 17 -9.98 52.73 -2.95
CA ASP H 17 -9.89 53.46 -4.21
C ASP H 17 -8.84 54.59 -4.11
N VAL H 18 -8.25 54.76 -2.93
CA VAL H 18 -7.31 55.86 -2.69
C VAL H 18 -5.85 55.41 -2.56
N ILE H 19 -5.01 55.80 -3.51
CA ILE H 19 -3.61 55.41 -3.47
C ILE H 19 -2.95 56.13 -2.28
N PRO H 20 -2.31 55.37 -1.39
CA PRO H 20 -1.78 55.92 -0.12
C PRO H 20 -0.40 56.56 -0.30
N THR H 21 -0.31 57.59 -1.14
CA THR H 21 0.90 58.38 -1.25
C THR H 21 1.19 59.11 0.07
N GLN H 22 2.47 59.24 0.40
CA GLN H 22 2.92 60.03 1.56
C GLN H 22 3.70 61.25 1.11
N ARG H 23 3.23 62.45 1.47
CA ARG H 23 3.98 63.70 1.20
C ARG H 23 4.34 63.82 -0.29
N ASP H 24 3.40 63.40 -1.15
CA ASP H 24 3.62 63.44 -2.59
C ASP H 24 4.84 62.63 -3.07
N ARG H 25 5.24 61.66 -2.28
CA ARG H 25 6.17 60.64 -2.77
C ARG H 25 5.39 59.47 -3.36
N PRO H 26 5.94 58.84 -4.39
CA PRO H 26 5.24 57.69 -4.96
C PRO H 26 5.13 56.58 -3.90
N VAL H 27 4.10 55.76 -4.01
CA VAL H 27 4.03 54.53 -3.24
C VAL H 27 5.07 53.59 -3.84
N ALA H 28 5.97 53.11 -2.98
CA ALA H 28 7.06 52.24 -3.43
C ALA H 28 6.57 50.79 -3.40
N VAL H 29 6.37 50.21 -4.57
CA VAL H 29 5.89 48.85 -4.67
C VAL H 29 7.06 47.95 -5.05
N SER H 30 7.22 46.85 -4.31
CA SER H 30 8.14 45.79 -4.71
C SER H 30 7.39 44.63 -5.36
N VAL H 31 7.99 44.07 -6.42
CA VAL H 31 7.43 42.98 -7.17
C VAL H 31 8.49 41.96 -7.43
N SER H 32 8.13 40.71 -7.21
CA SER H 32 9.05 39.61 -7.37
C SER H 32 8.26 38.37 -7.77
N LEU H 33 8.56 37.81 -8.94
CA LEU H 33 7.89 36.58 -9.38
C LEU H 33 8.61 35.32 -8.94
N LYS H 34 7.97 34.49 -8.11
CA LYS H 34 8.52 33.15 -7.81
C LYS H 34 7.89 32.13 -8.76
N PHE H 35 8.70 31.56 -9.65
CA PHE H 35 8.14 30.68 -10.66
C PHE H 35 7.87 29.32 -10.08
N ILE H 36 6.69 28.79 -10.38
CA ILE H 36 6.27 27.54 -9.78
C ILE H 36 6.20 26.51 -10.89
N ASN H 37 5.84 26.96 -12.09
CA ASN H 37 5.64 25.99 -13.16
C ASN H 37 5.61 26.65 -14.51
N ILE H 38 6.02 25.89 -15.52
CA ILE H 38 5.91 26.29 -16.90
C ILE H 38 5.15 25.16 -17.58
N LEU H 39 4.01 25.47 -18.20
CA LEU H 39 3.01 24.44 -18.46
C LEU H 39 2.82 24.16 -19.92
N GLU H 40 2.93 25.18 -20.77
CA GLU H 40 2.50 24.94 -22.15
C GLU H 40 3.22 25.82 -23.12
N VAL H 41 4.42 25.41 -23.48
CA VAL H 41 5.27 26.20 -24.33
C VAL H 41 4.92 25.94 -25.80
N ASN H 42 4.99 26.98 -26.62
CA ASN H 42 4.83 26.85 -28.05
C ASN H 42 5.85 27.71 -28.77
N GLU H 43 6.88 27.07 -29.33
CA GLU H 43 8.01 27.80 -29.91
C GLU H 43 7.60 28.40 -31.23
N ILE H 44 6.59 27.80 -31.87
CA ILE H 44 6.08 28.34 -33.12
C ILE H 44 5.31 29.64 -32.92
N THR H 45 4.40 29.67 -31.93
CA THR H 45 3.61 30.89 -31.67
C THR H 45 4.29 31.84 -30.70
N ASN H 46 5.39 31.42 -30.07
CA ASN H 46 6.03 32.24 -29.06
C ASN H 46 5.08 32.59 -27.90
N GLU H 47 4.43 31.56 -27.37
CA GLU H 47 3.49 31.73 -26.28
C GLU H 47 3.85 30.72 -25.21
N VAL H 48 3.74 31.17 -23.97
CA VAL H 48 4.07 30.29 -22.87
C VAL H 48 3.03 30.47 -21.76
N ASP H 49 2.77 29.40 -21.05
CA ASP H 49 1.80 29.40 -19.94
C ASP H 49 2.66 29.25 -18.68
N VAL H 50 2.51 30.13 -17.72
CA VAL H 50 3.39 30.12 -16.54
C VAL H 50 2.59 30.23 -15.24
N VAL H 51 3.05 29.53 -14.20
CA VAL H 51 2.47 29.70 -12.86
C VAL H 51 3.53 30.32 -11.97
N PHE H 52 3.18 31.37 -11.25
CA PHE H 52 4.14 32.02 -10.38
C PHE H 52 3.44 32.71 -9.20
N TRP H 53 4.16 32.82 -8.10
CA TRP H 53 3.68 33.63 -6.97
C TRP H 53 4.12 35.05 -7.23
N GLN H 54 3.15 35.98 -7.26
CA GLN H 54 3.47 37.37 -7.51
C GLN H 54 3.63 38.13 -6.19
N GLN H 55 4.84 38.05 -5.63
CA GLN H 55 5.13 38.68 -4.35
C GLN H 55 5.14 40.18 -4.54
N THR H 56 4.21 40.85 -3.87
CA THR H 56 3.97 42.27 -4.04
C THR H 56 3.88 42.92 -2.67
N THR H 57 4.74 43.91 -2.42
CA THR H 57 4.73 44.57 -1.12
C THR H 57 4.67 46.07 -1.28
N TRP H 58 4.00 46.72 -0.35
CA TRP H 58 3.99 48.17 -0.34
C TRP H 58 3.50 48.59 1.03
N SER H 59 3.58 49.90 1.28
CA SER H 59 3.22 50.46 2.56
C SER H 59 1.92 51.26 2.47
N ASP H 60 1.04 51.12 3.45
CA ASP H 60 -0.17 51.96 3.50
C ASP H 60 -0.44 52.35 4.94
N ARG H 61 0.04 53.53 5.32
CA ARG H 61 -0.01 53.97 6.70
C ARG H 61 -1.44 54.12 7.19
N THR H 62 -2.40 54.33 6.28
CA THR H 62 -3.78 54.45 6.76
C THR H 62 -4.26 53.16 7.39
N LEU H 63 -3.52 52.06 7.19
CA LEU H 63 -3.93 50.77 7.80
C LEU H 63 -3.30 50.55 9.18
N ALA H 64 -2.30 51.37 9.51
CA ALA H 64 -1.51 51.17 10.73
C ALA H 64 -2.37 51.18 12.00
N TRP H 65 -1.93 50.44 13.01
CA TRP H 65 -2.54 50.53 14.33
C TRP H 65 -1.43 50.38 15.36
N ASN H 66 -1.73 50.82 16.58
CA ASN H 66 -0.84 50.63 17.74
C ASN H 66 -0.82 49.16 18.17
N SER H 67 0.29 48.45 17.92
CA SER H 67 0.38 47.01 18.22
C SER H 67 0.71 46.67 19.69
N SER H 68 0.70 47.68 20.56
CA SER H 68 0.91 47.41 21.98
C SER H 68 -0.28 46.61 22.49
N HIS H 69 0.00 45.42 23.01
CA HIS H 69 -1.06 44.54 23.52
C HIS H 69 -2.06 44.24 22.41
N SER H 70 -1.56 44.08 21.19
CA SER H 70 -2.40 43.79 20.05
C SER H 70 -1.68 42.85 19.08
N PRO H 71 -2.44 42.08 18.28
CA PRO H 71 -1.81 41.29 17.23
C PRO H 71 -0.99 42.18 16.31
N ASP H 72 0.08 41.65 15.79
CA ASP H 72 0.99 42.43 14.97
C ASP H 72 0.60 42.43 13.50
N GLN H 73 -0.23 41.46 13.12
CA GLN H 73 -0.64 41.29 11.72
C GLN H 73 -2.03 40.67 11.58
N VAL H 74 -2.67 40.98 10.46
CA VAL H 74 -3.93 40.34 10.11
C VAL H 74 -3.96 40.03 8.63
N SER H 75 -4.71 38.99 8.28
CA SER H 75 -5.03 38.75 6.86
C SER H 75 -6.28 39.53 6.50
N VAL H 76 -6.27 40.19 5.36
CA VAL H 76 -7.35 41.05 4.95
C VAL H 76 -7.70 40.77 3.50
N PRO H 77 -9.00 40.63 3.21
CA PRO H 77 -9.44 40.52 1.80
C PRO H 77 -8.95 41.73 1.00
N ILE H 78 -8.36 41.52 -0.18
CA ILE H 78 -7.87 42.68 -0.94
C ILE H 78 -8.97 43.64 -1.35
N SER H 79 -10.21 43.17 -1.35
CA SER H 79 -11.31 44.07 -1.70
C SER H 79 -11.45 45.18 -0.66
N SER H 80 -10.86 44.99 0.52
CA SER H 80 -10.92 46.02 1.56
C SER H 80 -9.68 46.89 1.61
N LEU H 81 -8.80 46.78 0.62
CA LEU H 81 -7.53 47.50 0.65
C LEU H 81 -7.28 48.16 -0.69
N TRP H 82 -6.53 49.26 -0.67
CA TRP H 82 -5.96 49.74 -1.90
C TRP H 82 -4.90 48.73 -2.32
N VAL H 83 -4.89 48.41 -3.60
CA VAL H 83 -3.89 47.51 -4.18
C VAL H 83 -3.32 48.13 -5.48
N PRO H 84 -2.01 47.97 -5.70
CA PRO H 84 -1.46 48.59 -6.92
C PRO H 84 -2.09 48.00 -8.17
N ASP H 85 -2.32 48.81 -9.19
CA ASP H 85 -2.99 48.31 -10.41
C ASP H 85 -1.97 47.71 -11.38
N LEU H 86 -1.18 46.75 -10.90
CA LEU H 86 -0.13 46.16 -11.75
C LEU H 86 -0.74 45.39 -12.94
N ALA H 87 -0.07 45.43 -14.08
CA ALA H 87 -0.47 44.55 -15.19
C ALA H 87 0.78 44.05 -15.88
N ALA H 88 0.67 42.87 -16.50
CA ALA H 88 1.76 42.35 -17.31
C ALA H 88 1.50 42.79 -18.75
N TYR H 89 2.40 43.63 -19.28
CA TYR H 89 2.22 44.17 -20.63
C TYR H 89 2.10 43.10 -21.70
N ASN H 90 2.87 42.02 -21.57
CA ASN H 90 2.87 41.02 -22.64
C ASN H 90 2.01 39.81 -22.30
N ALA H 91 1.09 39.97 -21.36
CA ALA H 91 0.15 38.88 -21.07
C ALA H 91 -0.88 38.82 -22.20
N ILE H 92 -1.26 37.61 -22.59
CA ILE H 92 -2.29 37.46 -23.62
C ILE H 92 -3.52 36.71 -23.07
N SER H 93 -3.57 36.61 -21.74
CA SER H 93 -4.78 36.13 -21.08
C SER H 93 -4.88 36.86 -19.78
N LYS H 94 -6.06 36.95 -19.19
CA LYS H 94 -6.11 37.61 -17.89
C LYS H 94 -5.56 36.69 -16.81
N PRO H 95 -5.10 37.30 -15.72
CA PRO H 95 -4.43 36.46 -14.73
C PRO H 95 -5.48 35.58 -14.05
N GLU H 96 -5.24 34.28 -14.01
CA GLU H 96 -6.11 33.37 -13.25
C GLU H 96 -5.49 33.25 -11.86
N VAL H 97 -6.12 33.88 -10.87
CA VAL H 97 -5.62 33.86 -9.50
C VAL H 97 -6.04 32.55 -8.86
N LEU H 98 -5.06 31.74 -8.48
CA LEU H 98 -5.32 30.38 -8.01
C LEU H 98 -5.58 30.32 -6.51
N THR H 99 -5.19 31.37 -5.78
CA THR H 99 -5.18 31.34 -4.32
C THR H 99 -6.24 32.30 -3.70
N PRO H 100 -6.53 32.14 -2.41
CA PRO H 100 -7.48 33.05 -1.73
C PRO H 100 -6.95 34.48 -1.84
N GLN H 101 -7.82 35.41 -2.22
CA GLN H 101 -7.36 36.80 -2.39
C GLN H 101 -7.26 37.62 -1.09
N LEU H 102 -6.28 37.24 -0.29
CA LEU H 102 -6.06 37.88 1.00
C LEU H 102 -4.64 38.47 1.03
N ALA H 103 -4.50 39.67 1.58
CA ALA H 103 -3.19 40.28 1.76
C ALA H 103 -2.89 40.19 3.24
N ARG H 104 -1.61 40.25 3.56
CA ARG H 104 -1.19 40.28 4.97
C ARG H 104 -0.79 41.70 5.31
N VAL H 105 -1.38 42.26 6.38
CA VAL H 105 -1.12 43.62 6.78
C VAL H 105 -0.47 43.61 8.16
N VAL H 106 0.67 44.30 8.27
CA VAL H 106 1.39 44.48 9.54
C VAL H 106 0.96 45.79 10.23
N SER H 107 1.09 45.83 11.55
CA SER H 107 0.56 46.99 12.31
C SER H 107 1.13 48.32 11.88
N ASP H 108 2.30 48.31 11.26
CA ASP H 108 2.94 49.55 10.80
C ASP H 108 2.45 49.93 9.40
N GLY H 109 1.59 49.11 8.80
CA GLY H 109 1.04 49.47 7.49
C GLY H 109 1.71 48.78 6.30
N GLU H 110 2.69 47.91 6.58
CA GLU H 110 3.29 47.11 5.52
C GLU H 110 2.30 46.07 5.03
N VAL H 111 2.17 45.97 3.70
CA VAL H 111 1.28 45.01 3.11
C VAL H 111 2.05 44.01 2.26
N LEU H 112 1.67 42.74 2.38
CA LEU H 112 2.20 41.72 1.51
C LEU H 112 1.00 41.06 0.81
N TYR H 113 0.98 41.09 -0.52
CA TYR H 113 -0.02 40.37 -1.30
C TYR H 113 0.74 39.45 -2.24
N MET H 114 0.41 38.16 -2.19
CA MET H 114 1.23 37.15 -2.86
C MET H 114 0.35 36.07 -3.51
N PRO H 115 -0.47 36.47 -4.47
CA PRO H 115 -1.32 35.48 -5.13
C PRO H 115 -0.49 34.54 -5.98
N SER H 116 -0.95 33.30 -6.12
CA SER H 116 -0.39 32.42 -7.14
C SER H 116 -1.22 32.64 -8.40
N ILE H 117 -0.53 32.94 -9.51
CA ILE H 117 -1.20 33.29 -10.76
C ILE H 117 -0.79 32.37 -11.90
N ARG H 118 -1.77 31.94 -12.68
CA ARG H 118 -1.47 31.26 -13.93
C ARG H 118 -1.83 32.23 -15.06
N GLN H 119 -0.92 32.42 -16.00
CA GLN H 119 -1.16 33.41 -17.05
C GLN H 119 -0.36 33.04 -18.29
N ARG H 120 -0.87 33.43 -19.46
CA ARG H 120 -0.13 33.18 -20.70
C ARG H 120 0.48 34.49 -21.20
N PHE H 121 1.66 34.36 -21.78
CA PHE H 121 2.42 35.47 -22.25
C PHE H 121 2.89 35.25 -23.67
N SER H 122 3.12 36.37 -24.34
CA SER H 122 3.74 36.39 -25.64
C SER H 122 5.17 36.82 -25.33
N CYS H 123 6.11 35.93 -25.63
CA CYS H 123 7.51 36.21 -25.37
C CYS H 123 8.41 35.28 -26.21
N ASP H 124 9.71 35.48 -26.08
CA ASP H 124 10.66 34.74 -26.92
C ASP H 124 10.83 33.30 -26.44
N VAL H 125 10.25 32.35 -27.18
CA VAL H 125 10.35 30.95 -26.80
C VAL H 125 11.43 30.21 -27.60
N SER H 126 12.06 30.91 -28.54
CA SER H 126 13.06 30.31 -29.39
C SER H 126 14.21 29.75 -28.53
N GLY H 127 14.64 28.52 -28.86
CA GLY H 127 15.79 27.89 -28.23
C GLY H 127 15.40 27.09 -27.01
N VAL H 128 14.10 26.95 -26.78
CA VAL H 128 13.64 26.27 -25.57
C VAL H 128 14.18 24.82 -25.51
N ASP H 129 14.34 24.19 -26.68
CA ASP H 129 14.81 22.80 -26.75
C ASP H 129 16.31 22.69 -26.93
N THR H 130 17.05 23.76 -26.62
CA THR H 130 18.49 23.74 -26.76
C THR H 130 19.09 23.85 -25.36
N GLU H 131 20.40 23.76 -25.29
CA GLU H 131 21.06 23.79 -24.01
C GLU H 131 21.04 25.20 -23.41
N SER H 132 21.11 26.21 -24.28
CA SER H 132 21.07 27.60 -23.85
C SER H 132 19.69 27.95 -23.29
N GLY H 133 18.69 27.31 -23.86
CA GLY H 133 17.32 27.51 -23.43
C GLY H 133 16.74 28.76 -24.09
N ALA H 134 15.48 29.03 -23.74
CA ALA H 134 14.78 30.24 -24.17
C ALA H 134 14.84 31.27 -23.05
N THR H 135 14.73 32.54 -23.43
CA THR H 135 14.60 33.60 -22.43
C THR H 135 13.28 34.34 -22.67
N CYS H 136 12.34 34.13 -21.76
CA CYS H 136 11.02 34.76 -21.82
C CYS H 136 11.01 35.94 -20.86
N ARG H 137 10.71 37.12 -21.42
CA ARG H 137 10.75 38.34 -20.65
C ARG H 137 9.32 38.75 -20.30
N ILE H 138 9.06 38.94 -19.01
CA ILE H 138 7.74 39.35 -18.55
C ILE H 138 7.83 40.76 -17.97
N LYS H 139 6.95 41.63 -18.45
CA LYS H 139 7.03 43.05 -18.09
C LYS H 139 5.81 43.48 -17.29
N ILE H 140 6.05 44.02 -16.09
CA ILE H 140 4.97 44.32 -15.16
C ILE H 140 5.15 45.71 -14.60
N GLY H 141 4.03 46.45 -14.58
CA GLY H 141 4.01 47.74 -13.91
C GLY H 141 2.61 48.29 -13.76
N SER H 142 2.50 49.49 -13.14
CA SER H 142 1.22 50.11 -12.89
C SER H 142 0.61 50.44 -14.24
N TRP H 143 -0.66 50.12 -14.41
CA TRP H 143 -1.30 50.45 -15.69
C TRP H 143 -1.66 51.96 -15.81
N THR H 144 -2.02 52.59 -14.68
CA THR H 144 -2.54 53.97 -14.74
C THR H 144 -1.86 54.99 -13.84
N HIS H 145 -0.89 54.54 -13.04
CA HIS H 145 -0.17 55.43 -12.14
C HIS H 145 1.25 55.67 -12.61
N HIS H 146 1.61 56.93 -12.86
CA HIS H 146 2.95 57.22 -13.41
C HIS H 146 3.96 57.21 -12.25
N SER H 147 5.22 57.48 -12.57
CA SER H 147 6.33 57.28 -11.65
C SER H 147 6.22 58.15 -10.39
N ARG H 148 5.45 59.23 -10.44
CA ARG H 148 5.37 60.08 -9.24
C ARG H 148 4.33 59.57 -8.27
N GLU H 149 3.54 58.59 -8.72
CA GLU H 149 2.51 58.01 -7.85
C GLU H 149 2.83 56.57 -7.45
N ILE H 150 3.35 55.79 -8.40
CA ILE H 150 3.82 54.45 -8.05
C ILE H 150 5.20 54.22 -8.62
N SER H 151 6.13 53.79 -7.76
CA SER H 151 7.41 53.30 -8.26
C SER H 151 7.37 51.79 -8.13
N VAL H 152 8.00 51.11 -9.08
CA VAL H 152 8.03 49.66 -9.08
C VAL H 152 9.49 49.16 -9.04
N ASP H 153 9.81 48.29 -8.09
CA ASP H 153 11.16 47.76 -7.99
C ASP H 153 11.17 46.27 -7.68
N PRO H 154 12.19 45.56 -8.19
CA PRO H 154 12.42 44.16 -7.82
C PRO H 154 13.01 44.11 -6.42
N THR H 155 12.96 42.95 -5.75
CA THR H 155 13.36 42.85 -4.35
C THR H 155 14.79 42.35 -4.23
N ASP H 161 16.24 30.44 -7.33
CA ASP H 161 15.40 30.68 -8.52
C ASP H 161 14.37 29.56 -8.73
N SER H 162 14.86 28.31 -8.74
CA SER H 162 13.99 27.12 -8.81
C SER H 162 13.51 26.75 -7.42
N GLU H 163 13.71 27.63 -6.46
CA GLU H 163 13.43 27.24 -5.08
C GLU H 163 12.03 26.63 -4.90
N TYR H 164 11.03 27.18 -5.59
CA TYR H 164 9.67 26.67 -5.50
C TYR H 164 9.22 26.11 -6.83
N PHE H 165 10.13 26.03 -7.79
CA PHE H 165 9.75 25.50 -9.08
C PHE H 165 9.47 23.98 -9.00
N SER H 166 8.36 23.56 -9.61
CA SER H 166 7.92 22.17 -9.61
C SER H 166 8.92 21.23 -10.27
N GLN H 167 9.30 20.19 -9.54
CA GLN H 167 10.21 19.18 -10.12
C GLN H 167 9.50 18.37 -11.21
N TYR H 168 8.17 18.45 -11.26
CA TYR H 168 7.44 17.64 -12.25
C TYR H 168 7.18 18.33 -13.58
N SER H 169 7.59 19.59 -13.68
CA SER H 169 7.47 20.30 -14.95
C SER H 169 8.32 19.63 -16.05
N ARG H 170 7.93 19.81 -17.29
CA ARG H 170 8.75 19.35 -18.40
C ARG H 170 9.93 20.28 -18.60
N PHE H 171 9.94 21.39 -17.85
CA PHE H 171 10.96 22.40 -18.08
C PHE H 171 11.73 22.63 -16.83
N GLU H 172 12.89 23.27 -16.98
CA GLU H 172 13.70 23.65 -15.82
C GLU H 172 14.18 25.09 -16.01
N ILE H 173 14.48 25.71 -14.90
CA ILE H 173 14.91 27.09 -14.91
C ILE H 173 16.43 27.18 -14.83
N LEU H 174 17.03 27.84 -15.81
CA LEU H 174 18.47 28.04 -15.82
C LEU H 174 18.80 29.28 -15.03
N ASP H 175 18.00 30.34 -15.20
CA ASP H 175 18.29 31.61 -14.55
C ASP H 175 17.12 32.56 -14.60
N VAL H 176 17.07 33.45 -13.61
CA VAL H 176 16.07 34.52 -13.63
C VAL H 176 16.79 35.83 -13.32
N THR H 177 16.65 36.80 -14.22
CA THR H 177 17.21 38.14 -13.96
C THR H 177 16.12 39.20 -14.05
N GLN H 178 16.36 40.34 -13.39
CA GLN H 178 15.37 41.39 -13.30
C GLN H 178 15.97 42.71 -13.69
N LYS H 179 15.14 43.56 -14.25
CA LYS H 179 15.60 44.86 -14.62
C LYS H 179 14.47 45.85 -14.42
N LYS H 180 14.79 47.02 -13.88
CA LYS H 180 13.76 48.04 -13.68
C LYS H 180 13.84 49.09 -14.79
N ASN H 181 12.67 49.56 -15.25
CA ASN H 181 12.62 50.56 -16.34
C ASN H 181 11.66 51.65 -16.00
N SER H 182 11.80 52.75 -16.73
CA SER H 182 10.90 53.89 -16.61
C SER H 182 10.67 54.33 -18.03
N VAL H 183 9.45 54.14 -18.52
CA VAL H 183 9.17 54.36 -19.93
C VAL H 183 8.16 55.50 -20.14
N THR H 184 8.35 56.29 -21.19
CA THR H 184 7.32 57.24 -21.61
C THR H 184 6.59 56.70 -22.84
N TYR H 185 5.26 56.64 -22.74
CA TYR H 185 4.44 56.11 -23.84
C TYR H 185 3.80 57.26 -24.61
N SER H 186 3.46 57.00 -25.87
CA SER H 186 2.84 57.99 -26.75
C SER H 186 1.56 58.56 -26.19
N CYS H 187 0.85 57.78 -25.40
CA CYS H 187 -0.49 58.17 -24.97
C CYS H 187 -0.43 59.32 -23.94
N CYS H 188 0.68 59.44 -23.22
CA CYS H 188 0.72 60.26 -21.99
C CYS H 188 2.09 60.85 -21.75
N PRO H 189 2.12 62.03 -21.13
CA PRO H 189 3.35 62.82 -20.91
C PRO H 189 4.26 62.26 -19.84
N GLU H 190 3.72 61.51 -18.89
CA GLU H 190 4.52 61.05 -17.75
CA GLU H 190 4.54 61.06 -17.77
C GLU H 190 5.21 59.71 -18.04
N ALA H 191 6.19 59.39 -17.19
CA ALA H 191 6.87 58.10 -17.26
C ALA H 191 6.14 57.08 -16.36
N TYR H 192 6.14 55.82 -16.80
CA TYR H 192 5.58 54.73 -16.03
C TYR H 192 6.62 53.66 -15.78
N GLU H 193 6.79 53.28 -14.52
CA GLU H 193 7.82 52.31 -14.20
C GLU H 193 7.36 50.88 -14.47
N ASP H 194 8.31 50.01 -14.76
CA ASP H 194 8.01 48.59 -14.87
C ASP H 194 9.18 47.78 -14.37
N VAL H 195 8.91 46.52 -14.02
CA VAL H 195 9.96 45.55 -13.81
C VAL H 195 9.85 44.54 -14.94
N GLU H 196 10.99 44.23 -15.56
CA GLU H 196 11.09 43.17 -16.55
C GLU H 196 11.82 41.98 -15.97
N VAL H 197 11.12 40.86 -15.89
CA VAL H 197 11.68 39.66 -15.33
C VAL H 197 12.04 38.71 -16.47
N SER H 198 13.32 38.38 -16.56
CA SER H 198 13.77 37.46 -17.63
C SER H 198 13.91 36.04 -17.15
N LEU H 199 13.09 35.16 -17.70
CA LEU H 199 13.06 33.77 -17.29
C LEU H 199 13.78 32.96 -18.36
N ASN H 200 14.98 32.48 -18.00
CA ASN H 200 15.77 31.64 -18.90
C ASN H 200 15.53 30.18 -18.53
N PHE H 201 14.89 29.43 -19.43
CA PHE H 201 14.41 28.09 -19.10
C PHE H 201 14.58 27.18 -20.34
N ARG H 202 14.55 25.87 -20.12
CA ARG H 202 14.60 24.93 -21.25
C ARG H 202 13.85 23.64 -20.98
N LYS H 203 13.53 22.93 -22.05
CA LYS H 203 12.96 21.60 -21.95
C LYS H 203 14.00 20.68 -21.30
N LYS H 204 13.56 19.82 -20.39
CA LYS H 204 14.47 18.85 -19.78
C LYS H 204 14.75 17.68 -20.73
N GLY H 205 15.95 17.09 -20.58
CA GLY H 205 16.38 15.96 -21.40
C GLY H 205 15.66 14.67 -21.05
N LEU I 1 -8.01 70.41 -1.59
CA LEU I 1 -8.51 69.09 -1.95
C LEU I 1 -7.38 68.08 -2.08
N ASP I 2 -7.55 66.92 -1.44
CA ASP I 2 -6.61 65.82 -1.71
C ASP I 2 -7.30 64.72 -2.53
N ARG I 3 -6.54 63.70 -2.92
CA ARG I 3 -7.09 62.61 -3.70
C ARG I 3 -8.31 62.00 -3.02
N ALA I 4 -8.22 61.81 -1.71
CA ALA I 4 -9.30 61.14 -0.98
C ALA I 4 -10.59 61.91 -1.18
N ASP I 5 -10.53 63.24 -1.00
CA ASP I 5 -11.70 64.10 -1.21
C ASP I 5 -12.24 63.97 -2.63
N ILE I 6 -11.35 64.11 -3.60
CA ILE I 6 -11.77 64.06 -4.98
C ILE I 6 -12.48 62.74 -5.28
N LEU I 7 -11.91 61.63 -4.82
CA LEU I 7 -12.48 60.32 -5.12
C LEU I 7 -13.81 60.15 -4.39
N TYR I 8 -13.84 60.66 -3.17
CA TYR I 8 -15.07 60.62 -2.41
C TYR I 8 -16.16 61.36 -3.19
N ASN I 9 -15.89 62.61 -3.59
CA ASN I 9 -16.90 63.38 -4.32
C ASN I 9 -17.36 62.72 -5.59
N ILE I 10 -16.42 62.16 -6.34
CA ILE I 10 -16.74 61.46 -7.58
C ILE I 10 -17.62 60.26 -7.31
N ARG I 11 -17.24 59.46 -6.33
CA ARG I 11 -18.07 58.33 -5.96
C ARG I 11 -19.49 58.75 -5.56
N GLN I 12 -19.62 59.83 -4.77
CA GLN I 12 -20.92 60.26 -4.25
C GLN I 12 -21.82 60.90 -5.30
N THR I 13 -21.26 61.44 -6.38
CA THR I 13 -22.06 62.26 -7.28
C THR I 13 -21.91 61.93 -8.78
N SER I 14 -21.20 60.87 -9.12
CA SER I 14 -20.76 60.72 -10.50
C SER I 14 -21.85 60.39 -11.55
N ARG I 15 -22.83 59.55 -11.18
CA ARG I 15 -23.96 59.22 -12.07
C ARG I 15 -23.52 58.45 -13.30
N PRO I 16 -22.96 57.26 -13.09
CA PRO I 16 -22.38 56.44 -14.15
C PRO I 16 -23.42 56.03 -15.19
N ASP I 17 -24.69 56.20 -14.85
CA ASP I 17 -25.78 55.83 -15.76
C ASP I 17 -26.20 57.04 -16.61
N VAL I 18 -25.60 58.20 -16.36
CA VAL I 18 -26.03 59.41 -17.06
C VAL I 18 -25.02 59.94 -18.08
N ILE I 19 -25.35 59.85 -19.37
CA ILE I 19 -24.45 60.34 -20.41
C ILE I 19 -24.25 61.86 -20.22
N PRO I 20 -23.00 62.29 -20.15
CA PRO I 20 -22.71 63.69 -19.83
C PRO I 20 -22.75 64.59 -21.06
N THR I 21 -23.90 64.67 -21.73
CA THR I 21 -24.05 65.62 -22.84
C THR I 21 -24.00 67.06 -22.34
N GLN I 22 -23.42 67.94 -23.16
CA GLN I 22 -23.37 69.38 -22.86
C GLN I 22 -24.24 70.17 -23.83
N ARG I 23 -25.26 70.87 -23.33
CA ARG I 23 -26.06 71.77 -24.18
C ARG I 23 -26.59 71.02 -25.40
N ASP I 24 -26.99 69.77 -25.20
CA ASP I 24 -27.54 68.92 -26.26
C ASP I 24 -26.58 68.65 -27.44
N ARG I 25 -25.28 68.84 -27.21
CA ARG I 25 -24.28 68.37 -28.14
C ARG I 25 -23.87 66.96 -27.74
N PRO I 26 -23.53 66.14 -28.73
CA PRO I 26 -23.08 64.78 -28.43
C PRO I 26 -21.78 64.80 -27.59
N VAL I 27 -21.64 63.79 -26.76
CA VAL I 27 -20.36 63.54 -26.14
C VAL I 27 -19.43 63.13 -27.27
N ALA I 28 -18.32 63.85 -27.40
CA ALA I 28 -17.31 63.51 -28.41
C ALA I 28 -16.33 62.45 -27.87
N VAL I 29 -16.46 61.24 -28.39
CA VAL I 29 -15.58 60.17 -27.93
C VAL I 29 -14.52 59.94 -28.99
N SER I 30 -13.26 59.88 -28.57
CA SER I 30 -12.17 59.43 -29.43
C SER I 30 -11.77 57.99 -29.10
N VAL I 31 -11.51 57.23 -30.16
CA VAL I 31 -11.17 55.83 -30.05
C VAL I 31 -10.00 55.53 -30.96
N SER I 32 -9.06 54.76 -30.43
CA SER I 32 -7.82 54.50 -31.12
C SER I 32 -7.31 53.13 -30.63
N LEU I 33 -7.12 52.20 -31.56
CA LEU I 33 -6.62 50.86 -31.21
C LEU I 33 -5.10 50.79 -31.41
N LYS I 34 -4.35 50.56 -30.34
CA LYS I 34 -2.93 50.26 -30.44
C LYS I 34 -2.79 48.76 -30.42
N PHE I 35 -2.42 48.18 -31.55
CA PHE I 35 -2.31 46.73 -31.65
C PHE I 35 -1.06 46.21 -30.97
N ILE I 36 -1.24 45.15 -30.20
CA ILE I 36 -0.16 44.62 -29.37
C ILE I 36 0.20 43.25 -29.89
N ASN I 37 -0.81 42.53 -30.35
CA ASN I 37 -0.57 41.17 -30.79
C ASN I 37 -1.66 40.62 -31.69
N ILE I 38 -1.29 39.64 -32.51
CA ILE I 38 -2.24 38.93 -33.35
C ILE I 38 -1.93 37.48 -33.12
N LEU I 39 -2.89 36.75 -32.58
CA LEU I 39 -2.61 35.49 -31.89
C LEU I 39 -3.06 34.28 -32.65
N GLU I 40 -4.20 34.35 -33.31
CA GLU I 40 -4.71 33.08 -33.81
C GLU I 40 -5.51 33.25 -35.07
N VAL I 41 -4.80 33.35 -36.19
CA VAL I 41 -5.41 33.63 -37.48
C VAL I 41 -5.94 32.36 -38.12
N ASN I 42 -7.06 32.47 -38.82
CA ASN I 42 -7.61 31.33 -39.52
C ASN I 42 -8.17 31.81 -40.84
N GLU I 43 -7.43 31.57 -41.92
CA GLU I 43 -7.81 32.06 -43.24
C GLU I 43 -9.04 31.34 -43.77
N ILE I 44 -9.21 30.09 -43.35
CA ILE I 44 -10.38 29.33 -43.78
C ILE I 44 -11.67 29.87 -43.18
N THR I 45 -11.67 30.13 -41.87
CA THR I 45 -12.88 30.64 -41.20
C THR I 45 -12.98 32.17 -41.21
N ASN I 46 -11.92 32.85 -41.60
CA ASN I 46 -11.94 34.31 -41.55
C ASN I 46 -12.16 34.83 -40.12
N GLU I 47 -11.37 34.28 -39.20
CA GLU I 47 -11.45 34.70 -37.82
C GLU I 47 -10.06 34.99 -37.33
N VAL I 48 -9.96 36.00 -36.47
CA VAL I 48 -8.68 36.41 -35.98
C VAL I 48 -8.82 36.79 -34.53
N ASP I 49 -7.76 36.53 -33.79
CA ASP I 49 -7.70 36.78 -32.35
C ASP I 49 -6.70 37.92 -32.20
N VAL I 50 -7.14 39.04 -31.63
CA VAL I 50 -6.30 40.24 -31.56
C VAL I 50 -6.18 40.79 -30.13
N VAL I 51 -5.00 41.32 -29.80
CA VAL I 51 -4.83 42.03 -28.53
C VAL I 51 -4.48 43.47 -28.84
N PHE I 52 -5.21 44.40 -28.21
CA PHE I 52 -4.96 45.80 -28.46
C PHE I 52 -5.34 46.67 -27.24
N TRP I 53 -4.66 47.80 -27.11
CA TRP I 53 -5.08 48.79 -26.16
C TRP I 53 -6.16 49.64 -26.81
N GLN I 54 -7.33 49.71 -26.18
CA GLN I 54 -8.42 50.50 -26.71
C GLN I 54 -8.42 51.89 -26.07
N GLN I 55 -7.57 52.76 -26.60
CA GLN I 55 -7.48 54.14 -26.14
C GLN I 55 -8.79 54.90 -26.40
N THR I 56 -9.42 55.31 -25.31
CA THR I 56 -10.74 55.91 -25.36
C THR I 56 -10.78 57.17 -24.49
N THR I 57 -11.13 58.29 -25.10
CA THR I 57 -11.13 59.57 -24.38
C THR I 57 -12.45 60.31 -24.59
N TRP I 58 -12.89 61.01 -23.56
CA TRP I 58 -14.07 61.84 -23.67
C TRP I 58 -14.06 62.79 -22.50
N SER I 59 -15.02 63.70 -22.51
CA SER I 59 -15.11 64.73 -21.50
C SER I 59 -16.35 64.52 -20.63
N ASP I 60 -16.18 64.66 -19.31
CA ASP I 60 -17.35 64.61 -18.41
C ASP I 60 -17.22 65.71 -17.35
N ARG I 61 -17.81 66.86 -17.63
CA ARG I 61 -17.66 68.03 -16.74
C ARG I 61 -18.17 67.79 -15.34
N THR I 62 -19.13 66.89 -15.17
CA THR I 62 -19.60 66.61 -13.81
C THR I 62 -18.46 66.07 -12.92
N LEU I 63 -17.35 65.62 -13.52
CA LEU I 63 -16.24 65.10 -12.71
C LEU I 63 -15.27 66.20 -12.28
N ALA I 64 -15.34 67.34 -12.96
CA ALA I 64 -14.35 68.42 -12.82
C ALA I 64 -14.20 68.90 -11.38
N TRP I 65 -13.01 69.36 -11.03
CA TRP I 65 -12.81 69.98 -9.70
C TRP I 65 -11.77 71.09 -9.87
N ASN I 66 -11.72 71.98 -8.89
CA ASN I 66 -10.76 73.06 -8.89
C ASN I 66 -9.38 72.51 -8.52
N SER I 67 -8.45 72.48 -9.47
CA SER I 67 -7.14 71.88 -9.20
C SER I 67 -6.13 72.82 -8.53
N SER I 68 -6.59 73.99 -8.10
CA SER I 68 -5.73 74.90 -7.35
C SER I 68 -5.36 74.21 -6.03
N HIS I 69 -4.05 74.03 -5.81
CA HIS I 69 -3.59 73.37 -4.58
C HIS I 69 -4.20 71.96 -4.42
N SER I 70 -4.37 71.26 -5.53
CA SER I 70 -4.95 69.93 -5.53
C SER I 70 -4.27 69.10 -6.62
N PRO I 71 -4.33 67.76 -6.48
CA PRO I 71 -3.85 66.89 -7.56
C PRO I 71 -4.63 67.18 -8.84
N ASP I 72 -3.94 67.06 -9.97
CA ASP I 72 -4.52 67.37 -11.26
C ASP I 72 -5.29 66.20 -11.86
N GLN I 73 -5.05 65.00 -11.32
CA GLN I 73 -5.60 63.76 -11.89
C GLN I 73 -5.76 62.67 -10.85
N VAL I 74 -6.76 61.80 -11.08
CA VAL I 74 -6.92 60.60 -10.26
C VAL I 74 -7.30 59.42 -11.14
N SER I 75 -6.89 58.24 -10.70
CA SER I 75 -7.32 57.01 -11.33
C SER I 75 -8.62 56.59 -10.65
N VAL I 76 -9.64 56.26 -11.44
CA VAL I 76 -10.96 55.95 -10.91
C VAL I 76 -11.46 54.65 -11.50
N PRO I 77 -12.07 53.79 -10.67
CA PRO I 77 -12.70 52.57 -11.18
C PRO I 77 -13.81 52.95 -12.18
N ILE I 78 -13.83 52.34 -13.37
CA ILE I 78 -14.89 52.71 -14.31
C ILE I 78 -16.31 52.48 -13.80
N SER I 79 -16.48 51.62 -12.81
CA SER I 79 -17.81 51.41 -12.24
C SER I 79 -18.31 52.70 -11.58
N SER I 80 -17.40 53.63 -11.28
CA SER I 80 -17.83 54.92 -10.72
C SER I 80 -18.06 56.04 -11.72
N LEU I 81 -17.97 55.73 -13.02
CA LEU I 81 -18.02 56.76 -14.06
C LEU I 81 -18.97 56.34 -15.13
N TRP I 82 -19.58 57.32 -15.79
CA TRP I 82 -20.19 57.03 -17.06
C TRP I 82 -19.07 56.66 -18.06
N VAL I 83 -19.35 55.66 -18.88
CA VAL I 83 -18.41 55.21 -19.86
C VAL I 83 -19.22 54.99 -21.14
N PRO I 84 -18.65 55.31 -22.30
CA PRO I 84 -19.38 55.09 -23.56
C PRO I 84 -19.67 53.61 -23.79
N ASP I 85 -20.87 53.30 -24.29
CA ASP I 85 -21.23 51.91 -24.53
C ASP I 85 -20.69 51.43 -25.89
N LEU I 86 -19.38 51.51 -26.06
CA LEU I 86 -18.80 51.09 -27.35
C LEU I 86 -18.91 49.59 -27.55
N ALA I 87 -19.08 49.14 -28.79
CA ALA I 87 -19.02 47.71 -29.09
C ALA I 87 -18.39 47.51 -30.45
N ALA I 88 -17.68 46.39 -30.61
CA ALA I 88 -17.14 46.03 -31.92
C ALA I 88 -18.20 45.21 -32.68
N TYR I 89 -18.71 45.76 -33.80
CA TYR I 89 -19.80 45.09 -34.52
C TYR I 89 -19.43 43.69 -34.94
N ASN I 90 -18.18 43.51 -35.38
CA ASN I 90 -17.76 42.22 -35.95
C ASN I 90 -17.00 41.34 -34.98
N ALA I 91 -17.12 41.64 -33.69
CA ALA I 91 -16.52 40.76 -32.68
C ALA I 91 -17.37 39.49 -32.56
N ILE I 92 -16.70 38.34 -32.41
CA ILE I 92 -17.44 37.08 -32.26
C ILE I 92 -17.18 36.46 -30.88
N SER I 93 -16.59 37.26 -29.99
CA SER I 93 -16.42 36.86 -28.60
C SER I 93 -16.51 38.13 -27.79
N LYS I 94 -16.88 38.02 -26.53
CA LYS I 94 -16.88 39.24 -25.74
C LYS I 94 -15.46 39.67 -25.39
N PRO I 95 -15.29 40.97 -25.16
CA PRO I 95 -13.94 41.47 -24.96
C PRO I 95 -13.39 40.94 -23.63
N GLU I 96 -12.21 40.34 -23.69
CA GLU I 96 -11.53 39.90 -22.49
C GLU I 96 -10.63 41.06 -22.05
N VAL I 97 -11.03 41.77 -20.99
CA VAL I 97 -10.24 42.89 -20.52
C VAL I 97 -9.06 42.36 -19.66
N LEU I 98 -7.83 42.62 -20.11
CA LEU I 98 -6.64 42.05 -19.49
C LEU I 98 -6.06 42.93 -18.39
N THR I 99 -6.50 44.19 -18.32
CA THR I 99 -5.89 45.16 -17.41
C THR I 99 -6.87 45.64 -16.33
N PRO I 100 -6.35 46.27 -15.28
CA PRO I 100 -7.22 46.82 -14.23
C PRO I 100 -8.19 47.84 -14.80
N GLN I 101 -9.46 47.72 -14.42
CA GLN I 101 -10.48 48.57 -15.00
C GLN I 101 -10.55 49.96 -14.38
N LEU I 102 -9.52 50.75 -14.63
CA LEU I 102 -9.39 52.10 -14.07
C LEU I 102 -9.33 53.11 -15.22
N ALA I 103 -9.99 54.24 -15.04
CA ALA I 103 -9.85 55.34 -16.00
C ALA I 103 -9.11 56.45 -15.30
N ARG I 104 -8.37 57.23 -16.09
CA ARG I 104 -7.70 58.38 -15.56
C ARG I 104 -8.60 59.60 -15.78
N VAL I 105 -8.82 60.37 -14.73
CA VAL I 105 -9.64 61.59 -14.79
C VAL I 105 -8.83 62.82 -14.45
N VAL I 106 -8.84 63.80 -15.37
CA VAL I 106 -8.17 65.07 -15.14
C VAL I 106 -9.13 66.07 -14.51
N SER I 107 -8.59 67.08 -13.81
CA SER I 107 -9.43 68.02 -13.04
C SER I 107 -10.45 68.79 -13.87
N ASP I 108 -10.18 68.92 -15.16
CA ASP I 108 -11.12 69.57 -16.10
C ASP I 108 -12.19 68.61 -16.62
N GLY I 109 -12.13 67.35 -16.20
CA GLY I 109 -13.16 66.38 -16.59
C GLY I 109 -12.82 65.51 -17.80
N GLU I 110 -11.63 65.69 -18.34
CA GLU I 110 -11.13 64.80 -19.37
C GLU I 110 -10.90 63.40 -18.79
N VAL I 111 -11.40 62.39 -19.51
CA VAL I 111 -11.25 61.01 -19.06
C VAL I 111 -10.47 60.24 -20.11
N LEU I 112 -9.54 59.42 -19.62
CA LEU I 112 -8.85 58.48 -20.48
C LEU I 112 -9.10 57.04 -19.94
N TYR I 113 -9.69 56.19 -20.77
CA TYR I 113 -9.84 54.80 -20.40
C TYR I 113 -9.16 53.98 -21.50
N MET I 114 -8.22 53.12 -21.10
CA MET I 114 -7.32 52.48 -22.06
C MET I 114 -7.04 51.01 -21.66
N PRO I 115 -8.11 50.19 -21.66
CA PRO I 115 -7.93 48.79 -21.30
C PRO I 115 -7.17 48.07 -22.41
N SER I 116 -6.46 47.02 -22.04
CA SER I 116 -5.88 46.14 -23.04
C SER I 116 -6.89 45.03 -23.17
N ILE I 117 -7.28 44.74 -24.41
CA ILE I 117 -8.36 43.81 -24.67
C ILE I 117 -7.89 42.69 -25.62
N ARG I 118 -8.27 41.46 -25.31
CA ARG I 118 -8.16 40.39 -26.26
C ARG I 118 -9.55 40.04 -26.77
N GLN I 119 -9.72 39.98 -28.08
CA GLN I 119 -11.03 39.70 -28.63
C GLN I 119 -10.89 39.02 -29.98
N ARG I 120 -11.87 38.19 -30.34
CA ARG I 120 -11.89 37.57 -31.67
C ARG I 120 -12.84 38.30 -32.60
N PHE I 121 -12.46 38.38 -33.88
CA PHE I 121 -13.29 39.06 -34.86
C PHE I 121 -13.50 38.21 -36.12
N SER I 122 -14.57 38.54 -36.82
CA SER I 122 -14.86 37.95 -38.08
C SER I 122 -14.47 39.06 -39.02
N CYS I 123 -13.53 38.76 -39.91
CA CYS I 123 -13.02 39.75 -40.85
C CYS I 123 -12.20 39.09 -41.95
N ASP I 124 -11.76 39.87 -42.93
CA ASP I 124 -11.11 39.31 -44.10
C ASP I 124 -9.68 38.88 -43.80
N VAL I 125 -9.47 37.56 -43.72
CA VAL I 125 -8.13 37.04 -43.41
C VAL I 125 -7.41 36.57 -44.68
N SER I 126 -8.10 36.61 -45.83
CA SER I 126 -7.50 36.23 -47.10
C SER I 126 -6.22 37.02 -47.41
N GLY I 127 -5.19 36.31 -47.85
CA GLY I 127 -3.95 36.94 -48.24
C GLY I 127 -2.97 37.11 -47.10
N VAL I 128 -3.28 36.57 -45.94
CA VAL I 128 -2.42 36.75 -44.78
C VAL I 128 -1.03 36.19 -45.00
N ASP I 129 -0.94 35.13 -45.81
CA ASP I 129 0.36 34.48 -46.09
C ASP I 129 1.05 34.99 -47.35
N THR I 130 0.61 36.13 -47.86
CA THR I 130 1.20 36.72 -49.04
C THR I 130 1.92 37.99 -48.63
N GLU I 131 2.56 38.64 -49.59
CA GLU I 131 3.35 39.80 -49.30
C GLU I 131 2.43 41.00 -49.06
N SER I 132 1.31 41.02 -49.76
CA SER I 132 0.32 42.10 -49.62
C SER I 132 -0.33 42.00 -48.26
N GLY I 133 -0.44 40.77 -47.76
CA GLY I 133 -1.03 40.50 -46.46
C GLY I 133 -2.53 40.57 -46.49
N ALA I 134 -3.15 40.33 -45.33
CA ALA I 134 -4.60 40.48 -45.16
C ALA I 134 -4.94 41.90 -44.65
N THR I 135 -6.19 42.30 -44.84
CA THR I 135 -6.67 43.52 -44.23
C THR I 135 -7.95 43.24 -43.41
N CYS I 136 -7.80 43.29 -42.10
CA CYS I 136 -8.89 42.95 -41.21
C CYS I 136 -9.46 44.27 -40.73
N ARG I 137 -10.76 44.44 -40.95
CA ARG I 137 -11.44 45.68 -40.61
C ARG I 137 -12.26 45.50 -39.32
N ILE I 138 -11.97 46.34 -38.34
CA ILE I 138 -12.69 46.27 -37.07
C ILE I 138 -13.57 47.50 -36.93
N LYS I 139 -14.84 47.26 -36.62
CA LYS I 139 -15.84 48.33 -36.58
C LYS I 139 -16.35 48.58 -35.16
N ILE I 140 -16.15 49.81 -34.66
CA ILE I 140 -16.50 50.13 -33.27
C ILE I 140 -17.35 51.37 -33.20
N GLY I 141 -18.41 51.29 -32.40
CA GLY I 141 -19.23 52.47 -32.12
C GLY I 141 -20.20 52.25 -30.97
N SER I 142 -20.97 53.29 -30.63
CA SER I 142 -21.88 53.21 -29.51
C SER I 142 -22.97 52.24 -29.89
N TRP I 143 -23.36 51.38 -28.96
CA TRP I 143 -24.39 50.40 -29.30
C TRP I 143 -25.79 51.04 -29.26
N THR I 144 -26.00 51.99 -28.36
CA THR I 144 -27.37 52.48 -28.12
C THR I 144 -27.53 53.99 -28.15
N HIS I 145 -26.45 54.72 -28.35
CA HIS I 145 -26.52 56.17 -28.46
C HIS I 145 -26.27 56.64 -29.88
N HIS I 146 -27.25 57.32 -30.46
CA HIS I 146 -27.11 57.81 -31.83
C HIS I 146 -26.23 59.06 -31.92
N SER I 147 -26.04 59.55 -33.14
CA SER I 147 -25.05 60.59 -33.44
C SER I 147 -25.27 61.90 -32.72
N ARG I 148 -26.49 62.15 -32.25
CA ARG I 148 -26.73 63.38 -31.48
C ARG I 148 -26.34 63.22 -30.00
N GLU I 149 -26.08 61.99 -29.58
CA GLU I 149 -25.73 61.74 -28.18
C GLU I 149 -24.25 61.38 -28.03
N ILE I 150 -23.75 60.55 -28.94
CA ILE I 150 -22.34 60.23 -28.95
C ILE I 150 -21.81 60.35 -30.38
N SER I 151 -20.70 61.06 -30.55
CA SER I 151 -19.98 61.02 -31.80
C SER I 151 -18.72 60.22 -31.52
N VAL I 152 -18.24 59.53 -32.54
CA VAL I 152 -17.07 58.72 -32.39
C VAL I 152 -16.07 59.10 -33.46
N ASP I 153 -14.83 59.36 -33.06
CA ASP I 153 -13.78 59.79 -33.99
C ASP I 153 -12.45 59.14 -33.66
N PRO I 154 -11.64 58.85 -34.68
CA PRO I 154 -10.26 58.40 -34.46
C PRO I 154 -9.44 59.59 -33.96
N THR I 155 -8.25 59.35 -33.43
CA THR I 155 -7.42 60.43 -32.87
C THR I 155 -6.33 60.92 -33.83
N ASP I 161 2.69 52.52 -35.88
CA ASP I 161 1.64 51.49 -35.98
C ASP I 161 2.00 50.23 -35.20
N SER I 162 3.18 49.70 -35.49
CA SER I 162 3.77 48.58 -34.73
C SER I 162 4.43 49.08 -33.46
N GLU I 163 4.14 50.32 -33.08
CA GLU I 163 4.90 50.92 -32.00
C GLU I 163 4.94 50.01 -30.77
N TYR I 164 3.80 49.42 -30.43
CA TYR I 164 3.72 48.54 -29.26
C TYR I 164 3.45 47.11 -29.66
N PHE I 165 3.52 46.85 -30.97
CA PHE I 165 3.22 45.51 -31.45
C PHE I 165 4.35 44.55 -31.07
N SER I 166 3.97 43.36 -30.64
CA SER I 166 4.93 42.40 -30.12
C SER I 166 5.87 41.90 -31.22
N GLN I 167 7.17 41.97 -30.96
CA GLN I 167 8.14 41.40 -31.89
C GLN I 167 8.08 39.89 -31.94
N TYR I 168 7.43 39.27 -30.95
CA TYR I 168 7.40 37.81 -30.91
C TYR I 168 6.21 37.21 -31.61
N SER I 169 5.33 38.05 -32.14
CA SER I 169 4.15 37.57 -32.84
C SER I 169 4.59 36.82 -34.10
N ARG I 170 3.76 35.89 -34.58
CA ARG I 170 4.01 35.27 -35.88
C ARG I 170 3.67 36.21 -36.99
N PHE I 171 3.03 37.33 -36.65
CA PHE I 171 2.61 38.26 -37.68
C PHE I 171 3.27 39.60 -37.52
N GLU I 172 3.17 40.40 -38.58
CA GLU I 172 3.69 41.77 -38.54
C GLU I 172 2.66 42.70 -39.15
N ILE I 173 2.70 43.96 -38.73
CA ILE I 173 1.74 44.93 -39.21
C ILE I 173 2.36 45.71 -40.34
N LEU I 174 1.64 45.75 -41.46
CA LEU I 174 2.09 46.52 -42.62
C LEU I 174 1.56 47.94 -42.54
N ASP I 175 0.30 48.06 -42.15
CA ASP I 175 -0.32 49.37 -42.08
C ASP I 175 -1.61 49.33 -41.25
N VAL I 176 -1.96 50.46 -40.66
CA VAL I 176 -3.24 50.61 -40.00
C VAL I 176 -3.86 51.91 -40.51
N THR I 177 -5.09 51.83 -41.01
CA THR I 177 -5.84 53.03 -41.42
C THR I 177 -7.20 53.10 -40.70
N GLN I 178 -7.73 54.32 -40.57
CA GLN I 178 -8.99 54.53 -39.88
C GLN I 178 -9.94 55.35 -40.71
N LYS I 179 -11.21 55.10 -40.50
CA LYS I 179 -12.22 55.79 -41.26
C LYS I 179 -13.42 55.94 -40.33
N LYS I 180 -14.08 57.08 -40.41
CA LYS I 180 -15.25 57.32 -39.59
C LYS I 180 -16.51 57.16 -40.44
N ASN I 181 -17.56 56.61 -39.85
CA ASN I 181 -18.83 56.43 -40.58
C ASN I 181 -20.01 56.81 -39.74
N SER I 182 -21.13 57.05 -40.42
CA SER I 182 -22.38 57.36 -39.76
C SER I 182 -23.41 56.54 -40.49
N VAL I 183 -24.00 55.57 -39.81
CA VAL I 183 -24.86 54.61 -40.46
C VAL I 183 -26.26 54.60 -39.87
N THR I 184 -27.27 54.48 -40.73
CA THR I 184 -28.64 54.28 -40.27
C THR I 184 -29.00 52.80 -40.42
N TYR I 185 -29.54 52.21 -39.36
CA TYR I 185 -29.87 50.79 -39.36
C TYR I 185 -31.38 50.62 -39.42
N SER I 186 -31.81 49.48 -39.94
CA SER I 186 -33.24 49.22 -40.11
C SER I 186 -34.00 49.33 -38.80
N CYS I 187 -33.33 49.03 -37.71
CA CYS I 187 -33.97 48.98 -36.39
CA CYS I 187 -33.99 48.96 -36.42
C CYS I 187 -34.47 50.33 -35.93
N CYS I 188 -33.81 51.40 -36.37
CA CYS I 188 -34.02 52.71 -35.77
C CYS I 188 -33.83 53.86 -36.75
N PRO I 189 -34.52 54.96 -36.50
CA PRO I 189 -34.55 56.13 -37.39
C PRO I 189 -33.27 56.95 -37.40
N GLU I 190 -32.51 56.94 -36.31
CA GLU I 190 -31.34 57.80 -36.20
CA GLU I 190 -31.35 57.80 -36.21
C GLU I 190 -30.08 57.15 -36.76
N ALA I 191 -29.06 57.97 -36.99
CA ALA I 191 -27.74 57.51 -37.42
C ALA I 191 -26.85 57.21 -36.21
N TYR I 192 -26.04 56.14 -36.32
CA TYR I 192 -25.09 55.79 -35.27
C TYR I 192 -23.70 55.82 -35.84
N GLU I 193 -22.78 56.48 -35.15
CA GLU I 193 -21.43 56.65 -35.68
C GLU I 193 -20.59 55.43 -35.35
N ASP I 194 -19.55 55.20 -36.15
CA ASP I 194 -18.59 54.16 -35.84
C ASP I 194 -17.25 54.57 -36.39
N VAL I 195 -16.21 53.97 -35.84
CA VAL I 195 -14.89 54.05 -36.43
C VAL I 195 -14.56 52.67 -36.98
N GLU I 196 -14.01 52.65 -38.20
CA GLU I 196 -13.51 51.41 -38.81
C GLU I 196 -12.01 51.44 -38.91
N VAL I 197 -11.38 50.51 -38.20
CA VAL I 197 -9.93 50.45 -38.16
C VAL I 197 -9.54 49.27 -39.02
N SER I 198 -8.73 49.56 -40.04
CA SER I 198 -8.27 48.55 -41.00
C SER I 198 -6.86 48.15 -40.69
N LEU I 199 -6.72 46.90 -40.25
CA LEU I 199 -5.44 46.35 -39.88
C LEU I 199 -4.92 45.51 -41.05
N ASN I 200 -3.86 45.99 -41.70
CA ASN I 200 -3.18 45.27 -42.79
C ASN I 200 -1.95 44.57 -42.21
N PHE I 201 -1.99 43.25 -42.23
CA PHE I 201 -0.95 42.47 -41.53
C PHE I 201 -0.65 41.22 -42.35
N ARG I 202 0.49 40.57 -42.05
CA ARG I 202 0.82 39.31 -42.72
C ARG I 202 1.64 38.38 -41.83
N LYS I 203 1.61 37.09 -42.13
CA LYS I 203 2.53 36.15 -41.51
C LYS I 203 3.97 36.54 -41.83
N LYS I 204 4.87 36.49 -40.86
CA LYS I 204 6.29 36.75 -41.12
C LYS I 204 7.00 35.58 -41.78
N LEU J 1 -37.65 68.38 -17.26
CA LEU J 1 -36.93 67.18 -16.90
C LEU J 1 -35.69 67.03 -17.76
N ASP J 2 -34.55 66.70 -17.17
CA ASP J 2 -33.38 66.34 -17.96
C ASP J 2 -33.09 64.83 -17.81
N ARG J 3 -32.11 64.35 -18.54
CA ARG J 3 -31.74 62.93 -18.50
C ARG J 3 -31.49 62.44 -17.08
N ALA J 4 -30.74 63.24 -16.33
CA ALA J 4 -30.39 62.87 -14.96
C ALA J 4 -31.65 62.57 -14.12
N ASP J 5 -32.62 63.47 -14.20
CA ASP J 5 -33.90 63.30 -13.49
C ASP J 5 -34.61 62.05 -13.93
N ILE J 6 -34.76 61.89 -15.24
CA ILE J 6 -35.45 60.73 -15.78
C ILE J 6 -34.81 59.42 -15.28
N LEU J 7 -33.49 59.31 -15.43
CA LEU J 7 -32.77 58.11 -15.00
C LEU J 7 -32.87 57.91 -13.49
N TYR J 8 -32.80 59.02 -12.74
CA TYR J 8 -32.99 58.96 -11.30
C TYR J 8 -34.37 58.38 -10.97
N ASN J 9 -35.42 58.95 -11.56
CA ASN J 9 -36.77 58.42 -11.32
C ASN J 9 -36.96 56.96 -11.68
N ILE J 10 -36.40 56.56 -12.83
CA ILE J 10 -36.49 55.18 -13.27
C ILE J 10 -35.79 54.26 -12.28
N ARG J 11 -34.59 54.63 -11.89
CA ARG J 11 -33.84 53.83 -10.91
C ARG J 11 -34.60 53.72 -9.59
N GLN J 12 -35.24 54.80 -9.16
CA GLN J 12 -35.94 54.82 -7.86
C GLN J 12 -37.25 54.07 -7.84
N THR J 13 -37.89 53.94 -8.99
CA THR J 13 -39.26 53.40 -9.01
C THR J 13 -39.52 52.26 -10.00
N SER J 14 -38.49 51.77 -10.68
CA SER J 14 -38.75 50.96 -11.86
C SER J 14 -39.39 49.56 -11.61
N ARG J 15 -38.95 48.86 -10.55
CA ARG J 15 -39.52 47.54 -10.21
C ARG J 15 -39.20 46.47 -11.25
N PRO J 16 -37.90 46.14 -11.40
CA PRO J 16 -37.45 45.23 -12.45
C PRO J 16 -37.98 43.82 -12.25
N ASP J 17 -38.51 43.56 -11.07
CA ASP J 17 -39.02 42.24 -10.76
C ASP J 17 -40.52 42.17 -11.06
N VAL J 18 -41.10 43.28 -11.51
CA VAL J 18 -42.57 43.31 -11.70
C VAL J 18 -42.96 43.41 -13.15
N ILE J 19 -43.58 42.36 -13.67
CA ILE J 19 -44.03 42.36 -15.07
C ILE J 19 -45.12 43.41 -15.25
N PRO J 20 -44.95 44.31 -16.23
CA PRO J 20 -45.82 45.48 -16.40
C PRO J 20 -47.09 45.14 -17.20
N THR J 21 -47.90 44.24 -16.69
CA THR J 21 -49.18 43.93 -17.33
C THR J 21 -50.14 45.09 -17.19
N GLN J 22 -50.94 45.35 -18.22
CA GLN J 22 -51.94 46.41 -18.19
C GLN J 22 -53.34 45.81 -18.21
N ARG J 23 -54.12 46.07 -17.16
CA ARG J 23 -55.54 45.65 -17.14
C ARG J 23 -55.66 44.15 -17.40
N ASP J 24 -54.74 43.38 -16.82
CA ASP J 24 -54.71 41.92 -17.01
C ASP J 24 -54.60 41.45 -18.46
N ARG J 25 -54.06 42.29 -19.34
CA ARG J 25 -53.65 41.84 -20.66
C ARG J 25 -52.18 41.46 -20.58
N PRO J 26 -51.78 40.50 -21.42
CA PRO J 26 -50.36 40.12 -21.46
C PRO J 26 -49.50 41.28 -21.94
N VAL J 27 -48.26 41.33 -21.45
CA VAL J 27 -47.28 42.20 -22.06
C VAL J 27 -46.98 41.64 -23.47
N ALA J 28 -47.13 42.48 -24.48
CA ALA J 28 -46.90 42.04 -25.85
C ALA J 28 -45.44 42.27 -26.18
N VAL J 29 -44.71 41.19 -26.33
CA VAL J 29 -43.29 41.28 -26.62
C VAL J 29 -43.08 40.93 -28.07
N SER J 30 -42.34 41.78 -28.79
CA SER J 30 -41.85 41.46 -30.14
C SER J 30 -40.39 41.02 -30.15
N VAL J 31 -40.12 39.97 -30.91
CA VAL J 31 -38.79 39.40 -30.99
C VAL J 31 -38.46 39.16 -32.45
N SER J 32 -37.24 39.55 -32.80
CA SER J 32 -36.80 39.46 -34.16
C SER J 32 -35.28 39.24 -34.14
N LEU J 33 -34.82 38.16 -34.78
CA LEU J 33 -33.36 37.86 -34.79
C LEU J 33 -32.73 38.38 -36.05
N LYS J 34 -31.79 39.31 -35.93
CA LYS J 34 -30.99 39.73 -37.09
C LYS J 34 -29.70 38.96 -37.09
N PHE J 35 -29.54 38.05 -38.05
CA PHE J 35 -28.38 37.17 -38.07
C PHE J 35 -27.17 37.90 -38.57
N ILE J 36 -26.06 37.74 -37.85
CA ILE J 36 -24.85 38.49 -38.14
C ILE J 36 -23.77 37.52 -38.61
N ASN J 37 -23.78 36.31 -38.07
CA ASN J 37 -22.76 35.37 -38.43
C ASN J 37 -23.14 33.95 -38.07
N ILE J 38 -22.57 32.98 -38.79
CA ILE J 38 -22.72 31.57 -38.48
C ILE J 38 -21.31 31.02 -38.41
N LEU J 39 -20.94 30.47 -37.27
CA LEU J 39 -19.51 30.38 -36.97
C LEU J 39 -18.98 28.97 -36.98
N GLU J 40 -19.80 28.03 -36.54
CA GLU J 40 -19.20 26.71 -36.32
C GLU J 40 -20.21 25.62 -36.46
N VAL J 41 -20.38 25.19 -37.71
CA VAL J 41 -21.42 24.23 -38.04
C VAL J 41 -20.86 22.81 -37.88
N ASN J 42 -21.72 21.90 -37.45
CA ASN J 42 -21.32 20.51 -37.36
C ASN J 42 -22.48 19.61 -37.76
N GLU J 43 -22.43 19.12 -39.00
CA GLU J 43 -23.53 18.36 -39.57
C GLU J 43 -23.66 17.00 -38.89
N ILE J 44 -22.55 16.50 -38.37
CA ILE J 44 -22.59 15.23 -37.67
C ILE J 44 -23.35 15.36 -36.33
N THR J 45 -22.98 16.37 -35.53
CA THR J 45 -23.64 16.55 -34.23
C THR J 45 -24.93 17.37 -34.31
N ASN J 46 -25.17 18.01 -35.45
CA ASN J 46 -26.37 18.84 -35.58
C ASN J 46 -26.31 20.03 -34.59
N GLU J 47 -25.15 20.67 -34.52
CA GLU J 47 -24.96 21.80 -33.66
C GLU J 47 -24.40 22.98 -34.47
N VAL J 48 -24.84 24.18 -34.12
CA VAL J 48 -24.41 25.32 -34.86
C VAL J 48 -24.18 26.46 -33.89
N ASP J 49 -23.20 27.29 -34.20
CA ASP J 49 -22.84 28.45 -33.41
C ASP J 49 -23.31 29.66 -34.22
N VAL J 50 -24.15 30.50 -33.62
CA VAL J 50 -24.75 31.64 -34.32
C VAL J 50 -24.55 32.98 -33.58
N VAL J 51 -24.29 34.07 -34.32
CA VAL J 51 -24.29 35.40 -33.74
C VAL J 51 -25.47 36.16 -34.33
N PHE J 52 -26.23 36.85 -33.48
CA PHE J 52 -27.45 37.51 -33.92
C PHE J 52 -27.81 38.66 -32.98
N TRP J 53 -28.41 39.71 -33.53
CA TRP J 53 -28.97 40.78 -32.73
C TRP J 53 -30.38 40.35 -32.36
N GLN J 54 -30.65 40.27 -31.06
CA GLN J 54 -31.98 39.84 -30.62
C GLN J 54 -32.84 41.07 -30.34
N GLN J 55 -33.42 41.61 -31.40
CA GLN J 55 -34.29 42.77 -31.29
C GLN J 55 -35.56 42.42 -30.52
N THR J 56 -35.75 43.08 -29.38
CA THR J 56 -36.81 42.76 -28.44
C THR J 56 -37.48 44.06 -28.00
N THR J 57 -38.79 44.14 -28.16
CA THR J 57 -39.51 45.36 -27.82
C THR J 57 -40.73 45.02 -27.00
N TRP J 58 -41.04 45.91 -26.06
CA TRP J 58 -42.25 45.80 -25.28
C TRP J 58 -42.53 47.15 -24.65
N SER J 59 -43.69 47.25 -24.03
CA SER J 59 -44.13 48.50 -23.44
C SER J 59 -44.16 48.36 -21.90
N ASP J 60 -43.67 49.39 -21.20
CA ASP J 60 -43.76 49.40 -19.73
C ASP J 60 -44.13 50.81 -19.26
N ARG J 61 -45.44 51.02 -19.07
CA ARG J 61 -45.95 52.35 -18.78
C ARG J 61 -45.39 52.93 -17.51
N THR J 62 -44.95 52.08 -16.59
CA THR J 62 -44.41 52.63 -15.35
C THR J 62 -43.13 53.43 -15.60
N LEU J 63 -42.55 53.31 -16.81
CA LEU J 63 -41.33 54.05 -17.14
C LEU J 63 -41.63 55.41 -17.77
N ALA J 64 -42.88 55.59 -18.20
CA ALA J 64 -43.26 56.78 -18.98
C ALA J 64 -42.97 58.09 -18.24
N TRP J 65 -42.67 59.14 -18.99
CA TRP J 65 -42.61 60.48 -18.42
C TRP J 65 -43.17 61.47 -19.43
N ASN J 66 -43.56 62.64 -18.94
CA ASN J 66 -43.98 63.75 -19.79
C ASN J 66 -42.79 64.31 -20.58
N SER J 67 -42.78 64.11 -21.90
CA SER J 67 -41.62 64.54 -22.71
C SER J 67 -41.68 65.99 -23.16
N SER J 68 -42.65 66.74 -22.64
CA SER J 68 -42.71 68.19 -22.91
C SER J 68 -41.46 68.85 -22.34
N HIS J 69 -40.68 69.50 -23.19
CA HIS J 69 -39.44 70.14 -22.76
C HIS J 69 -38.50 69.16 -22.07
N SER J 70 -38.50 67.92 -22.53
CA SER J 70 -37.63 66.89 -21.97
C SER J 70 -37.12 66.00 -23.10
N PRO J 71 -35.99 65.32 -22.87
CA PRO J 71 -35.53 64.31 -23.84
C PRO J 71 -36.62 63.27 -24.07
N ASP J 72 -36.71 62.79 -25.30
CA ASP J 72 -37.72 61.80 -25.64
C ASP J 72 -37.31 60.36 -25.26
N GLN J 73 -36.01 60.14 -25.06
CA GLN J 73 -35.47 58.79 -24.85
C GLN J 73 -34.23 58.79 -23.96
N VAL J 74 -34.04 57.68 -23.26
CA VAL J 74 -32.79 57.46 -22.56
C VAL J 74 -32.33 56.01 -22.69
N SER J 75 -31.01 55.82 -22.61
CA SER J 75 -30.45 54.48 -22.50
C SER J 75 -30.41 54.10 -21.04
N VAL J 76 -30.90 52.90 -20.73
CA VAL J 76 -31.01 52.43 -19.33
C VAL J 76 -30.43 51.02 -19.16
N PRO J 77 -29.66 50.80 -18.08
CA PRO J 77 -29.09 49.47 -17.80
C PRO J 77 -30.24 48.51 -17.58
N ILE J 78 -30.21 47.31 -18.18
CA ILE J 78 -31.37 46.42 -18.05
C ILE J 78 -31.56 45.95 -16.62
N SER J 79 -30.53 46.09 -15.80
CA SER J 79 -30.68 45.75 -14.38
C SER J 79 -31.67 46.71 -13.70
N SER J 80 -31.93 47.87 -14.30
CA SER J 80 -32.92 48.77 -13.72
C SER J 80 -34.33 48.64 -14.32
N LEU J 81 -34.55 47.67 -15.20
CA LEU J 81 -35.86 47.52 -15.88
C LEU J 81 -36.37 46.13 -15.75
N TRP J 82 -37.69 45.97 -15.82
CA TRP J 82 -38.21 44.65 -16.03
C TRP J 82 -37.88 44.27 -17.47
N VAL J 83 -37.46 43.03 -17.64
CA VAL J 83 -37.12 42.52 -18.97
C VAL J 83 -37.81 41.16 -19.10
N PRO J 84 -38.36 40.86 -20.29
CA PRO J 84 -39.01 39.54 -20.48
C PRO J 84 -38.02 38.40 -20.27
N ASP J 85 -38.44 37.30 -19.62
CA ASP J 85 -37.53 36.18 -19.35
C ASP J 85 -37.43 35.24 -20.55
N LEU J 86 -37.06 35.79 -21.71
CA LEU J 86 -36.99 34.94 -22.92
C LEU J 86 -35.88 33.89 -22.84
N ALA J 87 -36.11 32.72 -23.41
CA ALA J 87 -35.08 31.71 -23.51
C ALA J 87 -35.20 30.99 -24.85
N ALA J 88 -34.07 30.54 -25.38
CA ALA J 88 -34.11 29.68 -26.56
C ALA J 88 -34.18 28.21 -26.13
N TYR J 89 -35.31 27.57 -26.40
CA TYR J 89 -35.50 26.17 -26.00
C TYR J 89 -34.39 25.26 -26.51
N ASN J 90 -33.92 25.47 -27.73
CA ASN J 90 -32.94 24.51 -28.25
C ASN J 90 -31.49 25.00 -28.15
N ALA J 91 -31.27 25.96 -27.25
CA ALA J 91 -29.90 26.42 -27.03
C ALA J 91 -29.19 25.35 -26.21
N ILE J 92 -27.90 25.12 -26.50
CA ILE J 92 -27.10 24.18 -25.71
C ILE J 92 -25.92 24.89 -25.04
N SER J 93 -25.99 26.22 -25.05
CA SER J 93 -25.02 26.99 -24.29
C SER J 93 -25.75 28.22 -23.82
N LYS J 94 -25.27 28.86 -22.76
CA LYS J 94 -25.95 30.06 -22.34
C LYS J 94 -25.59 31.19 -23.28
N PRO J 95 -26.50 32.14 -23.43
CA PRO J 95 -26.25 33.24 -24.38
C PRO J 95 -25.04 34.05 -23.93
N GLU J 96 -24.05 34.17 -24.81
CA GLU J 96 -22.95 35.09 -24.60
C GLU J 96 -23.37 36.47 -25.14
N VAL J 97 -23.69 37.42 -24.26
CA VAL J 97 -24.05 38.75 -24.68
C VAL J 97 -22.79 39.54 -25.01
N LEU J 98 -22.67 40.01 -26.25
CA LEU J 98 -21.42 40.62 -26.73
C LEU J 98 -21.43 42.12 -26.58
N THR J 99 -22.61 42.69 -26.37
CA THR J 99 -22.75 44.15 -26.35
C THR J 99 -23.08 44.69 -24.96
N PRO J 100 -22.94 46.00 -24.76
CA PRO J 100 -23.33 46.64 -23.48
C PRO J 100 -24.81 46.40 -23.15
N GLN J 101 -25.10 46.00 -21.92
CA GLN J 101 -26.46 45.63 -21.58
C GLN J 101 -27.39 46.80 -21.25
N LEU J 102 -27.66 47.59 -22.27
CA LEU J 102 -28.49 48.79 -22.14
C LEU J 102 -29.73 48.63 -22.99
N ALA J 103 -30.87 49.07 -22.46
CA ALA J 103 -32.12 49.15 -23.25
C ALA J 103 -32.42 50.61 -23.54
N ARG J 104 -33.09 50.85 -24.66
CA ARG J 104 -33.50 52.19 -24.99
C ARG J 104 -34.94 52.32 -24.54
N VAL J 105 -35.23 53.37 -23.77
CA VAL J 105 -36.60 53.66 -23.28
C VAL J 105 -37.10 55.00 -23.81
N VAL J 106 -38.30 54.97 -24.41
CA VAL J 106 -38.94 56.15 -24.95
C VAL J 106 -39.92 56.71 -23.91
N SER J 107 -40.23 58.01 -23.98
CA SER J 107 -41.01 58.67 -22.93
C SER J 107 -42.41 58.09 -22.73
N ASP J 108 -42.91 57.39 -23.74
CA ASP J 108 -44.22 56.73 -23.62
C ASP J 108 -44.11 55.33 -23.01
N GLY J 109 -42.90 54.92 -22.64
CA GLY J 109 -42.74 53.60 -22.02
C GLY J 109 -42.40 52.46 -22.98
N GLU J 110 -42.19 52.77 -24.26
CA GLU J 110 -41.70 51.77 -25.20
C GLU J 110 -40.24 51.44 -24.90
N VAL J 111 -39.92 50.15 -24.93
CA VAL J 111 -38.57 49.72 -24.65
C VAL J 111 -38.06 48.95 -25.83
N LEU J 112 -36.81 49.20 -26.17
CA LEU J 112 -36.07 48.40 -27.12
C LEU J 112 -34.79 47.85 -26.44
N TYR J 113 -34.67 46.53 -26.41
CA TYR J 113 -33.44 45.89 -25.95
C TYR J 113 -32.96 45.00 -27.07
N MET J 114 -31.72 45.19 -27.49
CA MET J 114 -31.21 44.61 -28.72
C MET J 114 -29.75 44.16 -28.55
N PRO J 115 -29.52 43.19 -27.66
CA PRO J 115 -28.16 42.70 -27.47
C PRO J 115 -27.71 41.89 -28.70
N SER J 116 -26.41 41.90 -28.93
CA SER J 116 -25.86 40.97 -29.89
C SER J 116 -25.46 39.74 -29.06
N ILE J 117 -25.88 38.57 -29.51
CA ILE J 117 -25.69 37.34 -28.76
C ILE J 117 -24.97 36.29 -29.58
N ARG J 118 -24.01 35.61 -28.97
CA ARG J 118 -23.46 34.41 -29.60
C ARG J 118 -23.95 33.23 -28.78
N GLN J 119 -24.52 32.24 -29.46
CA GLN J 119 -25.10 31.09 -28.77
C GLN J 119 -25.03 29.81 -29.64
N ARG J 120 -24.93 28.66 -28.99
CA ARG J 120 -24.95 27.39 -29.74
C ARG J 120 -26.30 26.73 -29.63
N PHE J 121 -26.72 26.09 -30.72
CA PHE J 121 -28.03 25.49 -30.77
C PHE J 121 -27.96 24.06 -31.28
N SER J 122 -28.97 23.28 -30.89
CA SER J 122 -29.15 21.96 -31.41
C SER J 122 -30.27 22.13 -32.42
N CYS J 123 -29.96 21.86 -33.68
CA CYS J 123 -30.95 22.01 -34.75
C CYS J 123 -30.51 21.23 -35.99
N ASP J 124 -31.40 21.19 -36.99
CA ASP J 124 -31.16 20.40 -38.19
C ASP J 124 -30.09 21.01 -39.10
N VAL J 125 -28.89 20.43 -39.08
CA VAL J 125 -27.79 20.97 -39.89
C VAL J 125 -27.61 20.17 -41.20
N SER J 126 -28.46 19.16 -41.40
CA SER J 126 -28.35 18.31 -42.60
C SER J 126 -28.57 19.17 -43.86
N GLY J 127 -27.72 18.93 -44.86
CA GLY J 127 -27.89 19.59 -46.14
C GLY J 127 -27.14 20.91 -46.22
N VAL J 128 -26.41 21.26 -45.16
CA VAL J 128 -25.69 22.52 -45.16
C VAL J 128 -24.75 22.70 -46.38
N ASP J 129 -24.18 21.59 -46.85
CA ASP J 129 -23.23 21.64 -47.98
C ASP J 129 -23.94 21.33 -49.30
N THR J 130 -25.25 21.49 -49.35
CA THR J 130 -25.97 21.30 -50.59
C THR J 130 -26.58 22.63 -51.01
N GLU J 131 -27.20 22.64 -52.18
CA GLU J 131 -27.69 23.88 -52.76
C GLU J 131 -28.92 24.33 -52.01
N SER J 132 -29.70 23.35 -51.55
CA SER J 132 -30.91 23.62 -50.77
C SER J 132 -30.52 24.19 -49.40
N GLY J 133 -29.36 23.79 -48.92
CA GLY J 133 -28.84 24.22 -47.64
C GLY J 133 -29.53 23.53 -46.47
N ALA J 134 -29.14 23.93 -45.25
CA ALA J 134 -29.80 23.44 -44.04
C ALA J 134 -30.89 24.40 -43.58
N THR J 135 -31.86 23.89 -42.83
CA THR J 135 -32.79 24.76 -42.12
C THR J 135 -32.72 24.53 -40.61
N CYS J 136 -32.14 25.53 -39.93
CA CYS J 136 -31.98 25.48 -38.49
C CYS J 136 -33.08 26.31 -37.85
N ARG J 137 -33.87 25.68 -37.00
CA ARG J 137 -35.02 26.31 -36.37
C ARG J 137 -34.69 26.71 -34.92
N ILE J 138 -34.82 28.00 -34.61
CA ILE J 138 -34.53 28.48 -33.26
C ILE J 138 -35.81 28.88 -32.55
N LYS J 139 -36.05 28.31 -31.37
CA LYS J 139 -37.33 28.50 -30.71
C LYS J 139 -37.16 29.38 -29.45
N ILE J 140 -37.87 30.50 -29.40
CA ILE J 140 -37.69 31.45 -28.29
C ILE J 140 -39.01 31.85 -27.67
N GLY J 141 -39.09 31.81 -26.33
CA GLY J 141 -40.28 32.28 -25.64
C GLY J 141 -40.03 32.51 -24.17
N SER J 142 -41.06 32.99 -23.45
CA SER J 142 -40.92 33.28 -22.04
C SER J 142 -40.73 31.94 -21.32
N TRP J 143 -39.78 31.89 -20.41
CA TRP J 143 -39.56 30.63 -19.72
C TRP J 143 -40.64 30.39 -18.65
N THR J 144 -41.14 31.46 -18.02
CA THR J 144 -42.00 31.29 -16.83
C THR J 144 -43.32 31.99 -16.88
N HIS J 145 -43.53 32.78 -17.94
CA HIS J 145 -44.79 33.53 -18.06
C HIS J 145 -45.64 32.94 -19.15
N HIS J 146 -46.85 32.51 -18.79
CA HIS J 146 -47.75 31.91 -19.77
C HIS J 146 -48.41 33.00 -20.64
N SER J 147 -49.22 32.57 -21.61
CA SER J 147 -49.78 33.42 -22.66
C SER J 147 -50.67 34.56 -22.15
N ARG J 148 -51.15 34.48 -20.89
CA ARG J 148 -51.95 35.58 -20.34
C ARG J 148 -51.08 36.68 -19.73
N GLU J 149 -49.79 36.39 -19.56
CA GLU J 149 -48.87 37.35 -18.95
C GLU J 149 -47.88 37.87 -19.98
N ILE J 150 -47.40 36.99 -20.86
CA ILE J 150 -46.55 37.43 -21.96
C ILE J 150 -47.02 36.81 -23.27
N SER J 151 -47.20 37.65 -24.29
CA SER J 151 -47.41 37.14 -25.63
C SER J 151 -46.13 37.44 -26.37
N VAL J 152 -45.79 36.57 -27.31
CA VAL J 152 -44.57 36.73 -28.06
C VAL J 152 -44.88 36.73 -29.56
N ASP J 153 -44.41 37.76 -30.28
CA ASP J 153 -44.71 37.87 -31.71
C ASP J 153 -43.50 38.31 -32.47
N PRO J 154 -43.36 37.82 -33.71
CA PRO J 154 -42.32 38.34 -34.62
C PRO J 154 -42.76 39.73 -35.07
N THR J 155 -41.83 40.50 -35.62
CA THR J 155 -42.11 41.88 -36.07
C THR J 155 -42.48 41.97 -37.57
N ASP J 161 -32.81 40.03 -45.07
CA ASP J 161 -32.40 38.86 -44.24
C ASP J 161 -30.89 38.83 -43.94
N SER J 162 -30.09 38.87 -45.00
CA SER J 162 -28.63 38.98 -44.88
C SER J 162 -28.22 40.42 -44.62
N GLU J 163 -29.20 41.26 -44.27
CA GLU J 163 -28.92 42.69 -44.26
C GLU J 163 -27.67 42.99 -43.46
N TYR J 164 -27.52 42.33 -42.32
CA TYR J 164 -26.36 42.61 -41.48
C TYR J 164 -25.45 41.40 -41.40
N PHE J 165 -25.76 40.40 -42.22
CA PHE J 165 -25.01 39.18 -42.18
C PHE J 165 -23.59 39.39 -42.73
N SER J 166 -22.59 38.85 -42.03
CA SER J 166 -21.20 39.05 -42.39
C SER J 166 -20.85 38.44 -43.75
N GLN J 167 -20.27 39.25 -44.63
CA GLN J 167 -19.80 38.76 -45.91
C GLN J 167 -18.61 37.81 -45.72
N TYR J 168 -17.99 37.84 -44.54
CA TYR J 168 -16.80 37.01 -44.33
C TYR J 168 -17.08 35.63 -43.74
N SER J 169 -18.34 35.38 -43.40
CA SER J 169 -18.74 34.06 -42.93
C SER J 169 -18.50 33.01 -44.04
N ARG J 170 -18.26 31.76 -43.63
CA ARG J 170 -18.18 30.65 -44.59
C ARG J 170 -19.56 30.26 -45.11
N PHE J 171 -20.59 30.86 -44.52
CA PHE J 171 -21.95 30.50 -44.87
C PHE J 171 -22.70 31.70 -45.42
N GLU J 172 -23.82 31.40 -46.06
CA GLU J 172 -24.68 32.48 -46.55
C GLU J 172 -26.12 32.13 -46.21
N ILE J 173 -26.95 33.15 -46.10
CA ILE J 173 -28.34 32.94 -45.72
C ILE J 173 -29.22 32.93 -46.96
N LEU J 174 -30.05 31.89 -47.09
CA LEU J 174 -30.92 31.75 -48.26
C LEU J 174 -32.25 32.34 -47.92
N ASP J 175 -32.67 32.11 -46.69
CA ASP J 175 -33.97 32.60 -46.27
C ASP J 175 -34.14 32.57 -44.76
N VAL J 176 -34.99 33.46 -44.24
CA VAL J 176 -35.38 33.40 -42.85
C VAL J 176 -36.89 33.52 -42.77
N THR J 177 -37.54 32.56 -42.11
CA THR J 177 -38.98 32.63 -41.90
C THR J 177 -39.30 32.51 -40.41
N GLN J 178 -40.48 32.99 -40.03
CA GLN J 178 -40.87 33.02 -38.64
C GLN J 178 -42.25 32.48 -38.48
N LYS J 179 -42.49 31.88 -37.32
CA LYS J 179 -43.77 31.33 -37.05
C LYS J 179 -44.04 31.46 -35.57
N LYS J 180 -45.27 31.80 -35.21
CA LYS J 180 -45.62 31.96 -33.81
C LYS J 180 -46.34 30.70 -33.34
N ASN J 181 -46.12 30.29 -32.09
CA ASN J 181 -46.78 29.11 -31.52
C ASN J 181 -47.21 29.34 -30.10
N SER J 182 -48.17 28.51 -29.67
CA SER J 182 -48.70 28.58 -28.33
C SER J 182 -48.77 27.12 -27.88
N VAL J 183 -47.96 26.76 -26.91
CA VAL J 183 -47.79 25.36 -26.58
C VAL J 183 -48.09 25.07 -25.12
N THR J 184 -48.75 23.96 -24.85
CA THR J 184 -49.01 23.55 -23.47
C THR J 184 -48.05 22.42 -23.14
N TYR J 185 -47.34 22.53 -22.02
CA TYR J 185 -46.30 21.55 -21.66
C TYR J 185 -46.81 20.74 -20.48
N SER J 186 -46.28 19.53 -20.35
CA SER J 186 -46.74 18.58 -19.33
C SER J 186 -46.62 19.12 -17.92
N CYS J 187 -45.66 20.02 -17.72
CA CYS J 187 -45.37 20.55 -16.39
C CYS J 187 -46.48 21.46 -15.85
N CYS J 188 -47.24 22.10 -16.74
CA CYS J 188 -48.10 23.18 -16.32
C CYS J 188 -49.36 23.25 -17.17
N PRO J 189 -50.44 23.72 -16.57
CA PRO J 189 -51.77 23.82 -17.21
C PRO J 189 -51.91 24.88 -18.30
N GLU J 190 -51.12 25.94 -18.24
CA GLU J 190 -51.28 27.08 -19.15
CA GLU J 190 -51.29 27.07 -19.15
C GLU J 190 -50.48 26.92 -20.43
N ALA J 191 -50.77 27.76 -21.41
CA ALA J 191 -50.04 27.73 -22.67
C ALA J 191 -48.94 28.79 -22.63
N TYR J 192 -47.83 28.51 -23.30
CA TYR J 192 -46.70 29.42 -23.34
C TYR J 192 -46.38 29.71 -24.77
N GLU J 193 -46.29 30.98 -25.11
CA GLU J 193 -46.05 31.32 -26.52
C GLU J 193 -44.57 31.26 -26.83
N ASP J 194 -44.27 31.02 -28.09
CA ASP J 194 -42.90 31.11 -28.57
C ASP J 194 -42.90 31.63 -30.01
N VAL J 195 -41.74 32.11 -30.44
CA VAL J 195 -41.52 32.36 -31.86
C VAL J 195 -40.48 31.35 -32.33
N GLU J 196 -40.75 30.71 -33.47
CA GLU J 196 -39.79 29.84 -34.14
C GLU J 196 -39.20 30.52 -35.36
N VAL J 197 -37.91 30.77 -35.30
CA VAL J 197 -37.23 31.39 -36.41
C VAL J 197 -36.49 30.33 -37.18
N SER J 198 -36.80 30.20 -38.48
CA SER J 198 -36.19 29.19 -39.34
C SER J 198 -35.12 29.79 -40.22
N LEU J 199 -33.88 29.39 -39.98
CA LEU J 199 -32.75 29.96 -40.68
C LEU J 199 -32.33 28.95 -41.72
N ASN J 200 -32.58 29.28 -42.99
CA ASN J 200 -32.15 28.45 -44.12
C ASN J 200 -30.83 29.01 -44.65
N PHE J 201 -29.76 28.23 -44.51
CA PHE J 201 -28.41 28.70 -44.81
C PHE J 201 -27.63 27.54 -45.42
N ARG J 202 -26.50 27.86 -46.07
CA ARG J 202 -25.62 26.85 -46.66
C ARG J 202 -24.18 27.34 -46.72
N LYS J 203 -23.26 26.37 -46.81
CA LYS J 203 -21.84 26.67 -47.00
C LYS J 203 -21.66 27.34 -48.39
N LYS J 204 -20.82 28.36 -48.45
CA LYS J 204 -20.54 29.00 -49.71
C LYS J 204 -19.47 28.26 -50.52
N GLY J 205 -19.43 28.49 -51.82
CA GLY J 205 -18.39 27.92 -52.66
C GLY J 205 -17.04 28.57 -52.41
N LEU K 1 22.29 -61.29 -38.23
CA LEU K 1 22.62 -59.88 -38.09
C LEU K 1 22.83 -59.53 -36.63
N ASP K 2 23.90 -58.79 -36.35
CA ASP K 2 24.07 -58.27 -35.00
C ASP K 2 23.92 -56.75 -35.08
N ARG K 3 23.94 -56.09 -33.93
CA ARG K 3 23.76 -54.64 -33.85
C ARG K 3 24.75 -53.92 -34.73
N ALA K 4 25.99 -54.37 -34.70
CA ALA K 4 27.05 -53.73 -35.47
C ALA K 4 26.65 -53.67 -36.95
N ASP K 5 26.15 -54.79 -37.46
CA ASP K 5 25.77 -54.87 -38.87
C ASP K 5 24.60 -53.94 -39.17
N ILE K 6 23.59 -54.02 -38.31
CA ILE K 6 22.41 -53.19 -38.50
C ILE K 6 22.78 -51.70 -38.53
N LEU K 7 23.61 -51.27 -37.57
CA LEU K 7 24.01 -49.86 -37.50
C LEU K 7 24.88 -49.48 -38.67
N TYR K 8 25.74 -50.41 -39.10
CA TYR K 8 26.56 -50.19 -40.28
C TYR K 8 25.67 -49.97 -41.51
N ASN K 9 24.73 -50.90 -41.74
CA ASN K 9 23.82 -50.77 -42.89
C ASN K 9 23.02 -49.48 -42.89
N ILE K 10 22.49 -49.12 -41.72
CA ILE K 10 21.73 -47.88 -41.57
C ILE K 10 22.61 -46.67 -41.92
N ARG K 11 23.81 -46.63 -41.35
CA ARG K 11 24.68 -45.52 -41.63
C ARG K 11 25.02 -45.43 -43.12
N GLN K 12 25.22 -46.58 -43.77
CA GLN K 12 25.63 -46.60 -45.17
C GLN K 12 24.52 -46.25 -46.16
N THR K 13 23.26 -46.41 -45.76
CA THR K 13 22.17 -46.32 -46.73
C THR K 13 20.98 -45.46 -46.30
N SER K 14 21.06 -44.87 -45.11
CA SER K 14 19.86 -44.28 -44.51
C SER K 14 19.16 -43.09 -45.26
N ARG K 15 19.96 -42.15 -45.79
CA ARG K 15 19.41 -41.02 -46.58
C ARG K 15 18.62 -40.05 -45.71
N PRO K 16 19.30 -39.42 -44.75
CA PRO K 16 18.65 -38.53 -43.76
C PRO K 16 17.97 -37.33 -44.39
N ASP K 17 18.29 -37.08 -45.65
CA ASP K 17 17.77 -35.92 -46.35
C ASP K 17 16.49 -36.33 -47.11
N VAL K 18 16.18 -37.62 -47.12
CA VAL K 18 15.07 -38.09 -47.93
C VAL K 18 13.84 -38.50 -47.10
N ILE K 19 12.75 -37.74 -47.24
CA ILE K 19 11.52 -38.06 -46.54
C ILE K 19 10.98 -39.41 -47.04
N PRO K 20 10.74 -40.33 -46.10
CA PRO K 20 10.38 -41.72 -46.48
C PRO K 20 8.89 -41.89 -46.78
N THR K 21 8.40 -41.19 -47.79
CA THR K 21 7.00 -41.35 -48.18
C THR K 21 6.81 -42.71 -48.83
N GLN K 22 5.64 -43.31 -48.58
CA GLN K 22 5.26 -44.59 -49.17
C GLN K 22 4.10 -44.41 -50.15
N ARG K 23 4.32 -44.72 -51.42
CA ARG K 23 3.25 -44.73 -52.41
C ARG K 23 2.55 -43.37 -52.45
N ASP K 24 3.35 -42.30 -52.29
CA ASP K 24 2.81 -40.94 -52.31
C ASP K 24 1.80 -40.63 -51.22
N ARG K 25 1.80 -41.43 -50.15
CA ARG K 25 1.06 -41.07 -48.95
C ARG K 25 1.99 -40.28 -48.04
N PRO K 26 1.43 -39.36 -47.26
CA PRO K 26 2.25 -38.60 -46.29
C PRO K 26 2.85 -39.52 -45.23
N VAL K 27 4.03 -39.15 -44.75
CA VAL K 27 4.59 -39.79 -43.58
C VAL K 27 3.71 -39.36 -42.41
N ALA K 28 3.14 -40.36 -41.74
CA ALA K 28 2.27 -40.08 -40.58
C ALA K 28 3.14 -39.93 -39.31
N VAL K 29 3.26 -38.70 -38.83
CA VAL K 29 4.06 -38.45 -37.65
C VAL K 29 3.13 -38.28 -36.45
N SER K 30 3.47 -38.91 -35.33
CA SER K 30 2.76 -38.66 -34.10
C SER K 30 3.60 -37.83 -33.17
N VAL K 31 2.97 -36.84 -32.55
CA VAL K 31 3.66 -35.96 -31.62
C VAL K 31 2.86 -35.91 -30.34
N SER K 32 3.58 -35.88 -29.22
CA SER K 32 2.94 -35.86 -27.93
C SER K 32 3.90 -35.23 -26.93
N LEU K 33 3.49 -34.13 -26.30
CA LEU K 33 4.37 -33.48 -25.33
C LEU K 33 4.11 -34.00 -23.90
N LYS K 34 5.13 -34.56 -23.26
CA LYS K 34 5.02 -34.89 -21.84
C LYS K 34 5.68 -33.80 -21.03
N PHE K 35 4.89 -32.98 -20.37
CA PHE K 35 5.41 -31.85 -19.61
C PHE K 35 6.13 -32.31 -18.35
N ILE K 36 7.29 -31.72 -18.11
CA ILE K 36 8.16 -32.13 -17.01
C ILE K 36 8.27 -30.97 -16.03
N ASN K 37 8.20 -29.76 -16.55
CA ASN K 37 8.43 -28.61 -15.73
C ASN K 37 8.00 -27.33 -16.40
N ILE K 38 7.68 -26.34 -15.57
CA ILE K 38 7.32 -25.01 -16.03
C ILE K 38 8.17 -24.09 -15.16
N LEU K 39 9.03 -23.29 -15.79
CA LEU K 39 10.17 -22.77 -15.08
C LEU K 39 10.12 -21.29 -14.85
N GLU K 40 9.56 -20.56 -15.80
CA GLU K 40 9.69 -19.11 -15.72
C GLU K 40 8.56 -18.41 -16.42
N VAL K 41 7.47 -18.26 -15.70
CA VAL K 41 6.26 -17.64 -16.22
C VAL K 41 6.30 -16.11 -16.05
N ASN K 42 5.71 -15.42 -17.02
CA ASN K 42 5.65 -13.96 -16.96
C ASN K 42 4.32 -13.52 -17.52
N GLU K 43 3.41 -13.15 -16.62
CA GLU K 43 2.05 -12.83 -17.02
C GLU K 43 1.99 -11.50 -17.75
N ILE K 44 2.97 -10.65 -17.46
CA ILE K 44 3.03 -9.34 -18.11
C ILE K 44 3.43 -9.51 -19.57
N THR K 45 4.50 -10.26 -19.82
CA THR K 45 5.00 -10.43 -21.18
C THR K 45 4.34 -11.59 -21.92
N ASN K 46 3.57 -12.42 -21.19
CA ASN K 46 2.96 -13.59 -21.83
C ASN K 46 4.00 -14.54 -22.42
N GLU K 47 5.05 -14.80 -21.65
CA GLU K 47 6.08 -15.73 -22.04
C GLU K 47 6.25 -16.77 -20.96
N VAL K 48 6.48 -18.00 -21.39
CA VAL K 48 6.67 -19.08 -20.46
C VAL K 48 7.84 -19.93 -20.89
N ASP K 49 8.55 -20.49 -19.92
CA ASP K 49 9.69 -21.37 -20.16
C ASP K 49 9.24 -22.77 -19.76
N VAL K 50 9.32 -23.73 -20.68
CA VAL K 50 8.77 -25.07 -20.44
C VAL K 50 9.82 -26.18 -20.71
N VAL K 51 9.76 -27.25 -19.93
CA VAL K 51 10.56 -28.42 -20.23
C VAL K 51 9.60 -29.57 -20.48
N PHE K 52 9.82 -30.28 -21.57
CA PHE K 52 8.93 -31.38 -21.96
C PHE K 52 9.64 -32.44 -22.79
N TRP K 53 9.14 -33.67 -22.70
CA TRP K 53 9.61 -34.71 -23.60
C TRP K 53 8.76 -34.64 -24.86
N GLN K 54 9.40 -34.44 -26.01
CA GLN K 54 8.69 -34.40 -27.27
C GLN K 54 8.64 -35.78 -27.91
N GLN K 55 7.68 -36.59 -27.47
CA GLN K 55 7.55 -37.92 -28.01
C GLN K 55 7.09 -37.86 -29.47
N THR K 56 7.94 -38.38 -30.35
CA THR K 56 7.73 -38.26 -31.78
C THR K 56 7.97 -39.61 -32.43
N THR K 57 6.97 -40.11 -33.15
CA THR K 57 7.06 -41.43 -33.80
C THR K 57 6.65 -41.31 -35.26
N TRP K 58 7.30 -42.14 -36.09
CA TRP K 58 6.95 -42.24 -37.49
C TRP K 58 7.59 -43.50 -38.03
N SER K 59 7.28 -43.80 -39.27
CA SER K 59 7.73 -45.02 -39.89
C SER K 59 8.72 -44.72 -41.04
N ASP K 60 9.82 -45.46 -41.11
CA ASP K 60 10.74 -45.32 -42.24
C ASP K 60 11.19 -46.70 -42.71
N ARG K 61 10.51 -47.23 -43.71
CA ARG K 61 10.74 -48.61 -44.15
C ARG K 61 12.15 -48.85 -44.64
N THR K 62 12.79 -47.80 -45.15
CA THR K 62 14.17 -47.97 -45.60
C THR K 62 15.09 -48.42 -44.46
N LEU K 63 14.65 -48.30 -43.21
CA LEU K 63 15.49 -48.70 -42.07
C LEU K 63 15.26 -50.16 -41.68
N ALA K 64 14.20 -50.76 -42.20
CA ALA K 64 13.78 -52.09 -41.77
C ALA K 64 14.82 -53.15 -42.04
N TRP K 65 14.81 -54.18 -41.20
CA TRP K 65 15.66 -55.34 -41.42
C TRP K 65 14.89 -56.57 -40.97
N ASN K 66 15.35 -57.73 -41.43
CA ASN K 66 14.81 -59.01 -41.00
C ASN K 66 15.28 -59.34 -39.58
N SER K 67 14.36 -59.31 -38.61
CA SER K 67 14.74 -59.50 -37.20
C SER K 67 14.81 -60.97 -36.77
N SER K 68 14.70 -61.89 -37.73
CA SER K 68 14.92 -63.30 -37.43
C SER K 68 16.38 -63.51 -36.97
N HIS K 69 16.55 -64.03 -35.76
CA HIS K 69 17.90 -64.22 -35.20
C HIS K 69 18.68 -62.91 -35.18
N SER K 70 18.00 -61.81 -34.91
CA SER K 70 18.64 -60.50 -34.85
C SER K 70 17.97 -59.66 -33.77
N PRO K 71 18.70 -58.67 -33.25
CA PRO K 71 18.06 -57.73 -32.31
C PRO K 71 16.86 -57.09 -32.99
N ASP K 72 15.85 -56.76 -32.20
CA ASP K 72 14.64 -56.19 -32.73
C ASP K 72 14.71 -54.65 -32.84
N GLN K 73 15.69 -54.04 -32.17
CA GLN K 73 15.80 -52.59 -32.07
C GLN K 73 17.26 -52.12 -31.90
N VAL K 74 17.52 -50.92 -32.37
CA VAL K 74 18.77 -50.26 -32.06
C VAL K 74 18.56 -48.80 -31.77
N SER K 75 19.46 -48.23 -30.97
CA SER K 75 19.49 -46.77 -30.79
C SER K 75 20.41 -46.18 -31.86
N VAL K 76 19.98 -45.11 -32.53
CA VAL K 76 20.69 -44.56 -33.66
C VAL K 76 20.76 -43.05 -33.47
N PRO K 77 21.93 -42.46 -33.75
CA PRO K 77 22.09 -41.00 -33.74
C PRO K 77 21.15 -40.36 -34.79
N ILE K 78 20.41 -39.30 -34.45
CA ILE K 78 19.45 -38.78 -35.42
C ILE K 78 20.13 -38.21 -36.65
N SER K 79 21.41 -37.89 -36.54
CA SER K 79 22.16 -37.42 -37.73
C SER K 79 22.24 -38.49 -38.81
N SER K 80 21.94 -39.74 -38.45
CA SER K 80 21.94 -40.83 -39.44
C SER K 80 20.56 -41.21 -39.98
N LEU K 81 19.53 -40.44 -39.62
CA LEU K 81 18.15 -40.80 -39.97
C LEU K 81 17.46 -39.59 -40.55
N TRP K 82 16.46 -39.82 -41.39
CA TRP K 82 15.56 -38.75 -41.70
C TRP K 82 14.74 -38.48 -40.46
N VAL K 83 14.54 -37.20 -40.15
CA VAL K 83 13.73 -36.80 -39.02
C VAL K 83 12.75 -35.70 -39.46
N PRO K 84 11.50 -35.75 -38.96
CA PRO K 84 10.56 -34.71 -39.39
C PRO K 84 11.02 -33.29 -38.99
N ASP K 85 10.81 -32.30 -39.86
CA ASP K 85 11.28 -30.94 -39.58
C ASP K 85 10.26 -30.17 -38.73
N LEU K 86 9.93 -30.71 -37.55
CA LEU K 86 8.89 -30.09 -36.73
C LEU K 86 9.41 -28.80 -36.12
N ALA K 87 8.54 -27.81 -36.03
CA ALA K 87 8.89 -26.59 -35.30
C ALA K 87 7.67 -26.13 -34.50
N ALA K 88 7.94 -25.42 -33.41
CA ALA K 88 6.89 -24.80 -32.64
C ALA K 88 6.70 -23.38 -33.18
N TYR K 89 5.53 -23.11 -33.74
CA TYR K 89 5.25 -21.79 -34.31
C TYR K 89 5.43 -20.66 -33.30
N ASN K 90 5.03 -20.87 -32.05
CA ASN K 90 5.06 -19.77 -31.08
C ASN K 90 6.25 -19.82 -30.13
N ALA K 91 7.25 -20.61 -30.49
CA ALA K 91 8.51 -20.60 -29.73
C ALA K 91 9.24 -19.27 -29.96
N ILE K 92 9.87 -18.74 -28.92
CA ILE K 92 10.60 -17.49 -29.07
C ILE K 92 12.06 -17.73 -28.70
N SER K 93 12.44 -19.00 -28.58
CA SER K 93 13.84 -19.36 -28.41
C SER K 93 14.02 -20.66 -29.18
N LYS K 94 15.25 -21.01 -29.53
CA LYS K 94 15.39 -22.31 -30.18
C LYS K 94 15.35 -23.39 -29.16
N PRO K 95 14.95 -24.57 -29.60
CA PRO K 95 14.80 -25.64 -28.62
C PRO K 95 16.18 -26.01 -28.04
N GLU K 96 16.31 -26.02 -26.72
CA GLU K 96 17.50 -26.53 -26.06
C GLU K 96 17.25 -28.03 -25.78
N VAL K 97 17.92 -28.90 -26.56
CA VAL K 97 17.78 -30.33 -26.40
C VAL K 97 18.65 -30.79 -25.22
N LEU K 98 18.01 -31.33 -24.18
CA LEU K 98 18.69 -31.64 -22.93
C LEU K 98 19.25 -33.06 -22.91
N THR K 99 18.80 -33.89 -23.84
CA THR K 99 19.13 -35.32 -23.80
C THR K 99 19.98 -35.76 -25.01
N PRO K 100 20.63 -36.94 -24.93
CA PRO K 100 21.43 -37.47 -26.05
C PRO K 100 20.57 -37.58 -27.30
N GLN K 101 21.08 -37.13 -28.43
CA GLN K 101 20.25 -37.12 -29.62
C GLN K 101 20.20 -38.46 -30.34
N LEU K 102 19.53 -39.42 -29.69
CA LEU K 102 19.38 -40.77 -30.24
C LEU K 102 17.93 -41.11 -30.46
N ALA K 103 17.65 -41.78 -31.58
CA ALA K 103 16.30 -42.30 -31.85
C ALA K 103 16.33 -43.82 -31.69
N ARG K 104 15.19 -44.39 -31.34
CA ARG K 104 15.09 -45.85 -31.26
C ARG K 104 14.45 -46.32 -32.54
N VAL K 105 15.09 -47.29 -33.19
CA VAL K 105 14.58 -47.85 -34.43
C VAL K 105 14.26 -49.32 -34.29
N VAL K 106 13.03 -49.69 -34.64
CA VAL K 106 12.58 -51.08 -34.56
C VAL K 106 12.80 -51.75 -35.92
N SER K 107 12.96 -53.06 -35.93
CA SER K 107 13.29 -53.78 -37.19
C SER K 107 12.27 -53.59 -38.31
N ASP K 108 11.04 -53.21 -37.97
CA ASP K 108 10.02 -52.95 -39.00
C ASP K 108 10.06 -51.52 -39.54
N GLY K 109 11.00 -50.71 -39.03
CA GLY K 109 11.14 -49.34 -39.50
C GLY K 109 10.44 -48.28 -38.64
N GLU K 110 9.80 -48.70 -37.55
CA GLU K 110 9.21 -47.74 -36.62
C GLU K 110 10.31 -47.00 -35.89
N VAL K 111 10.16 -45.67 -35.85
CA VAL K 111 11.13 -44.85 -35.15
C VAL K 111 10.45 -44.11 -34.00
N LEU K 112 11.16 -44.03 -32.89
CA LEU K 112 10.74 -43.20 -31.77
C LEU K 112 11.89 -42.24 -31.45
N TYR K 113 11.63 -40.94 -31.53
CA TYR K 113 12.60 -39.95 -31.10
C TYR K 113 11.92 -39.12 -30.04
N MET K 114 12.56 -39.00 -28.88
CA MET K 114 11.91 -38.44 -27.68
C MET K 114 12.89 -37.58 -26.86
N PRO K 115 13.32 -36.47 -27.46
CA PRO K 115 14.23 -35.58 -26.71
C PRO K 115 13.49 -34.89 -25.57
N SER K 116 14.23 -34.56 -24.52
CA SER K 116 13.71 -33.63 -23.53
C SER K 116 14.17 -32.23 -23.98
N ILE K 117 13.22 -31.32 -24.07
CA ILE K 117 13.48 -30.01 -24.63
C ILE K 117 13.10 -28.92 -23.61
N ARG K 118 13.96 -27.91 -23.51
CA ARG K 118 13.59 -26.69 -22.82
C ARG K 118 13.40 -25.62 -23.89
N GLN K 119 12.30 -24.88 -23.80
CA GLN K 119 12.02 -23.89 -24.81
C GLN K 119 11.12 -22.81 -24.24
N ARG K 120 11.24 -21.59 -24.77
CA ARG K 120 10.36 -20.50 -24.38
C ARG K 120 9.30 -20.25 -25.43
N PHE K 121 8.10 -19.91 -24.97
CA PHE K 121 6.97 -19.69 -25.85
C PHE K 121 6.26 -18.39 -25.56
N SER K 122 5.64 -17.86 -26.61
CA SER K 122 4.74 -16.73 -26.47
C SER K 122 3.35 -17.34 -26.47
N CYS K 123 2.67 -17.20 -25.34
CA CYS K 123 1.31 -17.75 -25.22
C CYS K 123 0.53 -17.04 -24.11
N ASP K 124 -0.74 -17.42 -23.94
CA ASP K 124 -1.60 -16.75 -22.98
C ASP K 124 -1.28 -17.16 -21.52
N VAL K 125 -0.66 -16.26 -20.76
CA VAL K 125 -0.28 -16.58 -19.39
C VAL K 125 -1.29 -15.97 -18.39
N SER K 126 -2.30 -15.28 -18.91
CA SER K 126 -3.27 -14.62 -18.05
C SER K 126 -4.04 -15.65 -17.23
N GLY K 127 -4.20 -15.35 -15.93
CA GLY K 127 -4.93 -16.24 -15.06
C GLY K 127 -4.05 -17.23 -14.31
N VAL K 128 -2.74 -17.17 -14.54
CA VAL K 128 -1.87 -18.18 -13.97
C VAL K 128 -1.98 -18.26 -12.43
N ASP K 129 -2.25 -17.10 -11.81
CA ASP K 129 -2.34 -17.00 -10.35
C ASP K 129 -3.77 -17.15 -9.84
N THR K 130 -4.67 -17.61 -10.69
CA THR K 130 -6.03 -17.86 -10.27
C THR K 130 -6.30 -19.35 -10.21
N GLU K 131 -7.51 -19.71 -9.79
CA GLU K 131 -7.83 -21.10 -9.58
C GLU K 131 -8.09 -21.77 -10.93
N SER K 132 -8.58 -20.99 -11.88
CA SER K 132 -8.86 -21.52 -13.21
C SER K 132 -7.54 -21.75 -13.92
N GLY K 133 -6.52 -20.99 -13.53
CA GLY K 133 -5.21 -21.06 -14.15
C GLY K 133 -5.12 -20.43 -15.54
N ALA K 134 -3.92 -20.52 -16.12
CA ALA K 134 -3.67 -20.06 -17.48
C ALA K 134 -3.81 -21.24 -18.45
N THR K 135 -4.13 -20.94 -19.71
CA THR K 135 -4.05 -21.95 -20.73
C THR K 135 -3.07 -21.53 -21.83
N CYS K 136 -1.91 -22.17 -21.84
CA CYS K 136 -0.86 -21.87 -22.82
C CYS K 136 -0.97 -22.87 -23.96
N ARG K 137 -1.16 -22.35 -25.17
CA ARG K 137 -1.27 -23.20 -26.35
C ARG K 137 0.09 -23.27 -27.11
N ILE K 138 0.57 -24.47 -27.34
CA ILE K 138 1.80 -24.64 -28.08
C ILE K 138 1.51 -25.32 -29.41
N LYS K 139 1.94 -24.69 -30.51
CA LYS K 139 1.58 -25.17 -31.86
C LYS K 139 2.79 -25.82 -32.58
N ILE K 140 2.65 -27.08 -33.00
CA ILE K 140 3.79 -27.77 -33.60
C ILE K 140 3.42 -28.45 -34.90
N GLY K 141 4.27 -28.29 -35.92
CA GLY K 141 4.07 -29.03 -37.15
C GLY K 141 5.29 -28.94 -38.06
N SER K 142 5.19 -29.55 -39.24
CA SER K 142 6.31 -29.54 -40.16
C SER K 142 6.50 -28.12 -40.65
N TRP K 143 7.75 -27.67 -40.71
CA TRP K 143 8.00 -26.31 -41.22
C TRP K 143 7.93 -26.23 -42.75
N THR K 144 8.30 -27.32 -43.45
CA THR K 144 8.45 -27.21 -44.92
C THR K 144 7.72 -28.27 -45.71
N HIS K 145 7.13 -29.23 -45.01
CA HIS K 145 6.41 -30.32 -45.67
C HIS K 145 4.89 -30.16 -45.50
N HIS K 146 4.18 -29.99 -46.61
CA HIS K 146 2.72 -29.85 -46.55
C HIS K 146 2.02 -31.20 -46.26
N SER K 147 0.70 -31.13 -46.14
CA SER K 147 -0.14 -32.25 -45.68
C SER K 147 -0.06 -33.51 -46.53
N ARG K 148 0.34 -33.39 -47.79
CA ARG K 148 0.54 -34.58 -48.64
C ARG K 148 1.87 -35.30 -48.39
N GLU K 149 2.78 -34.63 -47.70
CA GLU K 149 4.10 -35.19 -47.43
C GLU K 149 4.27 -35.60 -45.96
N ILE K 150 3.79 -34.75 -45.05
CA ILE K 150 3.78 -35.09 -43.65
C ILE K 150 2.39 -34.83 -43.04
N SER K 151 1.84 -35.84 -42.37
CA SER K 151 0.65 -35.57 -41.54
C SER K 151 1.09 -35.59 -40.09
N VAL K 152 0.46 -34.76 -39.28
CA VAL K 152 0.84 -34.67 -37.89
C VAL K 152 -0.38 -34.97 -37.01
N ASP K 153 -0.22 -35.87 -36.05
CA ASP K 153 -1.34 -36.27 -35.17
C ASP K 153 -0.89 -36.44 -33.73
N PRO K 154 -1.78 -36.13 -32.80
CA PRO K 154 -1.52 -36.46 -31.38
C PRO K 154 -1.70 -37.96 -31.19
N THR K 155 -1.17 -38.50 -30.10
CA THR K 155 -1.25 -39.96 -29.85
C THR K 155 -2.46 -40.36 -29.00
N ASP K 161 -1.49 -36.71 -17.08
CA ASP K 161 -0.96 -35.44 -17.59
C ASP K 161 0.27 -34.95 -16.81
N SER K 162 0.12 -34.89 -15.50
CA SER K 162 1.25 -34.59 -14.62
C SER K 162 2.11 -35.82 -14.39
N GLU K 163 1.92 -36.85 -15.23
CA GLU K 163 2.53 -38.11 -14.89
C GLU K 163 4.02 -37.94 -14.60
N TYR K 164 4.69 -37.13 -15.42
CA TYR K 164 6.13 -36.91 -15.24
C TYR K 164 6.43 -35.49 -14.83
N PHE K 165 5.36 -34.75 -14.51
CA PHE K 165 5.56 -33.38 -14.12
C PHE K 165 6.23 -33.25 -12.76
N SER K 166 7.18 -32.34 -12.66
CA SER K 166 7.97 -32.21 -11.43
C SER K 166 7.10 -31.74 -10.26
N GLN K 167 7.21 -32.45 -9.14
CA GLN K 167 6.53 -32.04 -7.92
C GLN K 167 7.17 -30.79 -7.33
N TYR K 168 8.38 -30.44 -7.79
CA TYR K 168 9.08 -29.29 -7.20
C TYR K 168 8.85 -27.98 -7.95
N SER K 169 8.11 -28.05 -9.07
CA SER K 169 7.76 -26.86 -9.82
C SER K 169 6.91 -25.92 -8.98
N ARG K 170 7.00 -24.61 -9.24
CA ARG K 170 6.10 -23.66 -8.59
C ARG K 170 4.71 -23.77 -9.16
N PHE K 171 4.56 -24.57 -10.21
CA PHE K 171 3.27 -24.65 -10.90
C PHE K 171 2.75 -26.06 -10.89
N GLU K 172 1.47 -26.19 -11.24
CA GLU K 172 0.85 -27.49 -11.35
C GLU K 172 -0.02 -27.54 -12.60
N ILE K 173 -0.18 -28.72 -13.14
CA ILE K 173 -0.94 -28.87 -14.35
C ILE K 173 -2.36 -29.26 -14.02
N LEU K 174 -3.32 -28.52 -14.58
CA LEU K 174 -4.72 -28.80 -14.33
C LEU K 174 -5.21 -29.73 -15.41
N ASP K 175 -4.79 -29.45 -16.63
CA ASP K 175 -5.26 -30.25 -17.77
C ASP K 175 -4.37 -30.03 -19.01
N VAL K 176 -4.34 -31.05 -19.87
CA VAL K 176 -3.68 -30.92 -21.15
C VAL K 176 -4.61 -31.46 -22.20
N THR K 177 -4.91 -30.64 -23.22
CA THR K 177 -5.72 -31.11 -24.34
C THR K 177 -4.98 -30.89 -25.65
N GLN K 178 -5.37 -31.66 -26.65
CA GLN K 178 -4.75 -31.58 -27.95
C GLN K 178 -5.76 -31.46 -29.09
N LYS K 179 -5.34 -30.80 -30.14
CA LYS K 179 -6.20 -30.57 -31.25
C LYS K 179 -5.34 -30.58 -32.51
N LYS K 180 -5.85 -31.20 -33.57
CA LYS K 180 -5.12 -31.24 -34.81
C LYS K 180 -5.70 -30.19 -35.77
N ASN K 181 -4.83 -29.54 -36.55
CA ASN K 181 -5.27 -28.54 -37.52
C ASN K 181 -4.57 -28.70 -38.85
N SER K 182 -5.18 -28.14 -39.87
CA SER K 182 -4.62 -28.15 -41.20
C SER K 182 -4.81 -26.74 -41.69
N VAL K 183 -3.72 -26.02 -41.91
CA VAL K 183 -3.81 -24.58 -42.18
C VAL K 183 -3.12 -24.20 -43.48
N THR K 184 -3.77 -23.31 -44.23
CA THR K 184 -3.16 -22.73 -45.44
C THR K 184 -2.60 -21.36 -45.10
N TYR K 185 -1.35 -21.11 -45.47
CA TYR K 185 -0.68 -19.85 -45.15
C TYR K 185 -0.52 -19.07 -46.45
N SER K 186 -0.41 -17.75 -46.32
CA SER K 186 -0.32 -16.84 -47.48
C SER K 186 0.87 -17.13 -48.35
N CYS K 187 1.93 -17.69 -47.75
CA CYS K 187 3.18 -17.92 -48.46
C CYS K 187 3.06 -19.03 -49.52
N CYS K 188 2.10 -19.95 -49.33
CA CYS K 188 2.12 -21.20 -50.10
C CYS K 188 0.74 -21.75 -50.32
N PRO K 189 0.54 -22.40 -51.47
CA PRO K 189 -0.77 -22.94 -51.89
C PRO K 189 -1.28 -24.11 -51.03
N GLU K 190 -0.38 -24.88 -50.45
CA GLU K 190 -0.81 -26.10 -49.77
C GLU K 190 -1.12 -25.92 -48.30
N ALA K 191 -1.77 -26.94 -47.74
CA ALA K 191 -2.06 -26.94 -46.32
C ALA K 191 -0.92 -27.61 -45.54
N TYR K 192 -0.67 -27.10 -44.34
CA TYR K 192 0.32 -27.65 -43.44
C TYR K 192 -0.31 -28.07 -42.13
N GLU K 193 -0.10 -29.32 -41.74
CA GLU K 193 -0.72 -29.80 -40.50
C GLU K 193 0.06 -29.39 -39.25
N ASP K 194 -0.65 -29.28 -38.15
CA ASP K 194 -0.05 -28.99 -36.87
C ASP K 194 -0.85 -29.65 -35.77
N VAL K 195 -0.19 -29.84 -34.63
CA VAL K 195 -0.88 -30.18 -33.40
C VAL K 195 -0.81 -28.98 -32.46
N GLU K 196 -1.94 -28.66 -31.83
CA GLU K 196 -1.99 -27.60 -30.80
C GLU K 196 -2.21 -28.21 -29.44
N VAL K 197 -1.21 -28.04 -28.59
CA VAL K 197 -1.24 -28.63 -27.27
C VAL K 197 -1.58 -27.56 -26.26
N SER K 198 -2.72 -27.71 -25.60
CA SER K 198 -3.19 -26.69 -24.66
C SER K 198 -2.85 -27.10 -23.24
N LEU K 199 -1.95 -26.34 -22.64
CA LEU K 199 -1.48 -26.62 -21.30
C LEU K 199 -2.17 -25.68 -20.33
N ASN K 200 -3.12 -26.24 -19.55
CA ASN K 200 -3.83 -25.50 -18.50
C ASN K 200 -3.11 -25.73 -17.16
N PHE K 201 -2.51 -24.66 -16.64
CA PHE K 201 -1.67 -24.77 -15.45
C PHE K 201 -1.89 -23.53 -14.55
N ARG K 202 -1.42 -23.60 -13.31
CA ARG K 202 -1.51 -22.44 -12.41
C ARG K 202 -0.40 -22.46 -11.37
N LYS K 203 -0.17 -21.30 -10.76
CA LYS K 203 0.75 -21.23 -9.63
C LYS K 203 0.17 -22.02 -8.44
N LYS K 204 1.01 -22.76 -7.71
CA LYS K 204 0.54 -23.49 -6.52
C LYS K 204 0.40 -22.58 -5.29
N LEU L 1 12.16 -40.11 -62.04
CA LEU L 1 12.90 -39.58 -60.91
C LEU L 1 12.08 -39.57 -59.64
N ASP L 2 12.66 -40.09 -58.55
CA ASP L 2 11.99 -39.97 -57.26
C ASP L 2 12.78 -38.98 -56.38
N ARG L 3 12.28 -38.73 -55.17
CA ARG L 3 12.89 -37.76 -54.30
C ARG L 3 14.35 -38.10 -54.02
N ALA L 4 14.60 -39.37 -53.77
CA ALA L 4 15.93 -39.82 -53.44
C ALA L 4 16.89 -39.45 -54.56
N ASP L 5 16.48 -39.66 -55.80
CA ASP L 5 17.34 -39.34 -56.96
C ASP L 5 17.60 -37.85 -57.02
N ILE L 6 16.53 -37.06 -56.85
CA ILE L 6 16.64 -35.61 -56.99
C ILE L 6 17.60 -35.05 -55.93
N LEU L 7 17.44 -35.52 -54.70
CA LEU L 7 18.26 -35.03 -53.60
C LEU L 7 19.68 -35.50 -53.75
N TYR L 8 19.86 -36.73 -54.24
CA TYR L 8 21.18 -37.21 -54.55
C TYR L 8 21.86 -36.30 -55.60
N ASN L 9 21.17 -36.05 -56.71
CA ASN L 9 21.77 -35.23 -57.75
C ASN L 9 22.12 -33.82 -57.24
N ILE L 10 21.23 -33.27 -56.41
CA ILE L 10 21.44 -31.93 -55.91
C ILE L 10 22.67 -31.91 -55.00
N ARG L 11 22.76 -32.89 -54.12
CA ARG L 11 23.90 -32.99 -53.24
C ARG L 11 25.20 -33.12 -54.04
N GLN L 12 25.16 -33.91 -55.13
CA GLN L 12 26.37 -34.22 -55.90
C GLN L 12 26.86 -33.08 -56.78
N THR L 13 25.97 -32.15 -57.13
CA THR L 13 26.29 -31.16 -58.16
C THR L 13 25.90 -29.72 -57.82
N SER L 14 25.39 -29.50 -56.63
CA SER L 14 24.75 -28.21 -56.32
C SER L 14 25.65 -26.95 -56.35
N ARG L 15 26.89 -27.07 -55.85
CA ARG L 15 27.82 -25.94 -55.85
C ARG L 15 27.31 -24.80 -54.97
N PRO L 16 27.18 -25.05 -53.67
CA PRO L 16 26.67 -24.03 -52.73
C PRO L 16 27.54 -22.77 -52.64
N ASP L 17 28.73 -22.84 -53.22
CA ASP L 17 29.67 -21.73 -53.10
C ASP L 17 29.60 -20.88 -54.34
N VAL L 18 28.79 -21.32 -55.31
CA VAL L 18 28.70 -20.63 -56.59
C VAL L 18 27.37 -19.87 -56.80
N ILE L 19 27.45 -18.54 -56.82
CA ILE L 19 26.26 -17.73 -57.11
C ILE L 19 25.72 -18.04 -58.52
N PRO L 20 24.43 -18.39 -58.62
CA PRO L 20 23.87 -18.88 -59.89
C PRO L 20 23.41 -17.75 -60.81
N THR L 21 24.36 -16.89 -61.20
CA THR L 21 24.02 -15.83 -62.16
C THR L 21 23.72 -16.43 -63.53
N GLN L 22 22.75 -15.84 -64.23
CA GLN L 22 22.40 -16.25 -65.58
C GLN L 22 22.81 -15.15 -66.56
N ARG L 23 23.67 -15.48 -67.52
CA ARG L 23 24.00 -14.55 -68.60
C ARG L 23 24.45 -13.19 -68.04
N ASP L 24 25.19 -13.25 -66.93
CA ASP L 24 25.70 -12.03 -66.30
C ASP L 24 24.63 -11.05 -65.85
N ARG L 25 23.41 -11.57 -65.63
CA ARG L 25 22.39 -10.82 -64.91
C ARG L 25 22.46 -11.16 -63.42
N PRO L 26 22.10 -10.20 -62.59
CA PRO L 26 22.14 -10.47 -61.15
C PRO L 26 21.13 -11.54 -60.79
N VAL L 27 21.43 -12.30 -59.74
CA VAL L 27 20.41 -13.13 -59.13
C VAL L 27 19.39 -12.20 -58.46
N ALA L 28 18.13 -12.29 -58.90
CA ALA L 28 17.09 -11.47 -58.30
C ALA L 28 16.58 -12.17 -57.05
N VAL L 29 16.84 -11.56 -55.91
CA VAL L 29 16.40 -12.13 -54.62
C VAL L 29 15.24 -11.29 -54.11
N SER L 30 14.17 -11.96 -53.70
CA SER L 30 13.09 -11.25 -53.00
C SER L 30 13.18 -11.56 -51.51
N VAL L 31 12.95 -10.53 -50.70
CA VAL L 31 12.98 -10.62 -49.27
C VAL L 31 11.76 -9.94 -48.69
N SER L 32 11.20 -10.57 -47.66
CA SER L 32 9.96 -10.10 -47.08
C SER L 32 9.94 -10.59 -45.63
N LEU L 33 9.83 -9.66 -44.69
CA LEU L 33 9.77 -10.02 -43.27
C LEU L 33 8.34 -10.16 -42.77
N LYS L 34 7.93 -11.36 -42.33
CA LYS L 34 6.63 -11.52 -41.66
C LYS L 34 6.88 -11.46 -40.15
N PHE L 35 6.50 -10.34 -39.54
CA PHE L 35 6.70 -10.18 -38.11
C PHE L 35 5.78 -11.06 -37.27
N ILE L 36 6.40 -11.75 -36.30
CA ILE L 36 5.69 -12.73 -35.48
C ILE L 36 5.61 -12.21 -34.04
N ASN L 37 6.65 -11.51 -33.62
CA ASN L 37 6.68 -11.02 -32.27
C ASN L 37 7.68 -9.90 -32.06
N ILE L 38 7.38 -9.06 -31.08
CA ILE L 38 8.31 -8.02 -30.64
C ILE L 38 8.45 -8.27 -29.15
N LEU L 39 9.67 -8.52 -28.70
CA LEU L 39 9.86 -9.14 -27.39
C LEU L 39 10.44 -8.22 -26.33
N GLU L 40 11.32 -7.32 -26.73
CA GLU L 40 12.07 -6.61 -25.70
C GLU L 40 12.49 -5.26 -26.20
N VAL L 41 11.58 -4.32 -26.08
CA VAL L 41 11.84 -2.95 -26.50
C VAL L 41 12.54 -2.15 -25.39
N ASN L 42 13.41 -1.24 -25.79
CA ASN L 42 14.08 -0.37 -24.85
C ASN L 42 14.25 1.01 -25.49
N GLU L 43 13.38 1.94 -25.08
CA GLU L 43 13.30 3.25 -25.71
C GLU L 43 14.51 4.10 -25.36
N ILE L 44 15.14 3.78 -24.22
CA ILE L 44 16.33 4.50 -23.81
C ILE L 44 17.51 4.15 -24.68
N THR L 45 17.72 2.84 -24.91
CA THR L 45 18.88 2.40 -25.69
C THR L 45 18.56 2.34 -27.18
N ASN L 46 17.30 2.50 -27.55
CA ASN L 46 16.92 2.30 -28.94
C ASN L 46 17.31 0.90 -29.47
N GLU L 47 16.97 -0.13 -28.69
CA GLU L 47 17.17 -1.50 -29.13
C GLU L 47 15.89 -2.26 -29.05
N VAL L 48 15.73 -3.20 -29.96
CA VAL L 48 14.51 -3.97 -30.02
C VAL L 48 14.84 -5.43 -30.37
N ASP L 49 14.05 -6.33 -29.81
CA ASP L 49 14.21 -7.77 -30.03
C ASP L 49 13.01 -8.20 -30.86
N VAL L 50 13.26 -8.79 -32.02
CA VAL L 50 12.15 -9.09 -32.92
C VAL L 50 12.20 -10.58 -33.34
N VAL L 51 11.03 -11.19 -33.52
CA VAL L 51 10.97 -12.48 -34.20
C VAL L 51 10.20 -12.32 -35.51
N PHE L 52 10.76 -12.86 -36.59
CA PHE L 52 10.09 -12.74 -37.89
C PHE L 52 10.44 -13.92 -38.81
N TRP L 53 9.56 -14.20 -39.76
CA TRP L 53 9.88 -15.15 -40.82
C TRP L 53 10.53 -14.41 -41.96
N GLN L 54 11.76 -14.77 -42.28
CA GLN L 54 12.46 -14.08 -43.37
C GLN L 54 12.21 -14.79 -44.69
N GLN L 55 11.08 -14.49 -45.31
CA GLN L 55 10.75 -15.10 -46.58
C GLN L 55 11.73 -14.64 -47.66
N THR L 56 12.47 -15.60 -48.20
CA THR L 56 13.53 -15.32 -49.15
C THR L 56 13.37 -16.25 -50.37
N THR L 57 13.29 -15.67 -51.56
CA THR L 57 13.13 -16.45 -52.77
C THR L 57 14.15 -16.00 -53.84
N TRP L 58 14.58 -16.98 -54.65
CA TRP L 58 15.47 -16.70 -55.76
C TRP L 58 15.45 -17.93 -56.63
N SER L 59 16.12 -17.82 -57.76
CA SER L 59 16.12 -18.86 -58.77
C SER L 59 17.53 -19.42 -58.90
N ASP L 60 17.66 -20.75 -59.00
CA ASP L 60 18.96 -21.37 -59.27
C ASP L 60 18.78 -22.55 -60.25
N ARG L 61 18.99 -22.28 -61.53
CA ARG L 61 18.67 -23.25 -62.59
C ARG L 61 19.47 -24.51 -62.46
N THR L 62 20.65 -24.40 -61.85
CA THR L 62 21.47 -25.60 -61.68
C THR L 62 20.76 -26.66 -60.85
N LEU L 63 19.70 -26.28 -60.14
CA LEU L 63 18.95 -27.25 -59.32
C LEU L 63 17.83 -27.94 -60.09
N ALA L 64 17.46 -27.37 -61.24
CA ALA L 64 16.26 -27.80 -61.98
C ALA L 64 16.34 -29.26 -62.35
N TRP L 65 15.18 -29.89 -62.48
CA TRP L 65 15.10 -31.25 -63.04
C TRP L 65 13.82 -31.38 -63.85
N ASN L 66 13.75 -32.42 -64.68
CA ASN L 66 12.53 -32.68 -65.45
C ASN L 66 11.44 -33.24 -64.52
N SER L 67 10.34 -32.52 -64.34
CA SER L 67 9.34 -32.95 -63.37
C SER L 67 8.30 -33.90 -63.97
N SER L 68 8.53 -34.32 -65.21
CA SER L 68 7.62 -35.29 -65.84
C SER L 68 7.74 -36.60 -65.09
N HIS L 69 6.63 -37.07 -64.53
CA HIS L 69 6.62 -38.31 -63.74
C HIS L 69 7.58 -38.21 -62.57
N SER L 70 7.67 -37.04 -61.96
CA SER L 70 8.56 -36.83 -60.82
C SER L 70 7.92 -35.86 -59.87
N PRO L 71 8.35 -35.89 -58.60
CA PRO L 71 7.89 -34.86 -57.65
C PRO L 71 8.24 -33.47 -58.15
N ASP L 72 7.38 -32.50 -57.83
CA ASP L 72 7.58 -31.14 -58.32
C ASP L 72 8.51 -30.30 -57.41
N GLN L 73 8.70 -30.79 -56.18
CA GLN L 73 9.44 -30.05 -55.14
C GLN L 73 10.10 -30.97 -54.14
N VAL L 74 11.17 -30.47 -53.53
CA VAL L 74 11.81 -31.17 -52.43
C VAL L 74 12.27 -30.17 -51.40
N SER L 75 12.33 -30.62 -50.15
CA SER L 75 12.95 -29.84 -49.09
C SER L 75 14.42 -30.23 -49.04
N VAL L 76 15.30 -29.23 -49.03
CA VAL L 76 16.75 -29.43 -49.09
C VAL L 76 17.44 -28.66 -47.98
N PRO L 77 18.38 -29.32 -47.27
CA PRO L 77 19.18 -28.58 -46.26
C PRO L 77 19.90 -27.43 -46.99
N ILE L 78 19.91 -26.23 -46.40
CA ILE L 78 20.59 -25.10 -47.06
C ILE L 78 22.09 -25.29 -47.21
N SER L 79 22.67 -26.21 -46.44
CA SER L 79 24.11 -26.47 -46.60
C SER L 79 24.41 -27.08 -47.97
N SER L 80 23.38 -27.59 -48.64
CA SER L 80 23.56 -28.15 -49.98
C SER L 80 23.19 -27.22 -51.13
N LEU L 81 22.88 -25.96 -50.82
CA LEU L 81 22.46 -25.00 -51.86
C LEU L 81 23.25 -23.72 -51.74
N TRP L 82 23.37 -23.00 -52.84
CA TRP L 82 23.82 -21.64 -52.73
C TRP L 82 22.70 -20.85 -52.10
N VAL L 83 23.06 -19.99 -51.16
CA VAL L 83 22.10 -19.12 -50.48
C VAL L 83 22.61 -17.68 -50.51
N PRO L 84 21.73 -16.70 -50.73
CA PRO L 84 22.22 -15.31 -50.77
C PRO L 84 22.82 -14.90 -49.42
N ASP L 85 23.94 -14.16 -49.44
CA ASP L 85 24.62 -13.78 -48.21
C ASP L 85 23.96 -12.54 -47.59
N LEU L 86 22.66 -12.62 -47.31
CA LEU L 86 21.95 -11.46 -46.76
C LEU L 86 22.39 -11.12 -45.33
N ALA L 87 22.44 -9.84 -44.99
CA ALA L 87 22.68 -9.43 -43.62
C ALA L 87 21.85 -8.20 -43.26
N ALA L 88 21.47 -8.10 -41.99
CA ALA L 88 20.77 -6.91 -41.54
C ALA L 88 21.84 -5.94 -41.05
N TYR L 89 21.97 -4.80 -41.76
CA TYR L 89 22.97 -3.79 -41.38
C TYR L 89 22.88 -3.36 -39.91
N ASN L 90 21.66 -3.17 -39.40
CA ASN L 90 21.53 -2.59 -38.07
C ASN L 90 21.28 -3.64 -37.00
N ALA L 91 21.52 -4.90 -37.35
CA ALA L 91 21.47 -5.96 -36.33
C ALA L 91 22.60 -5.78 -35.30
N ILE L 92 22.31 -6.03 -34.03
CA ILE L 92 23.35 -5.92 -33.01
C ILE L 92 23.51 -7.26 -32.32
N SER L 93 22.90 -8.28 -32.90
CA SER L 93 23.16 -9.66 -32.49
C SER L 93 23.13 -10.53 -33.74
N LYS L 94 23.74 -11.70 -33.69
CA LYS L 94 23.60 -12.57 -34.84
C LYS L 94 22.23 -13.21 -34.87
N PRO L 95 21.77 -13.50 -36.08
CA PRO L 95 20.40 -14.04 -36.19
C PRO L 95 20.33 -15.42 -35.53
N GLU L 96 19.41 -15.58 -34.59
CA GLU L 96 19.13 -16.88 -34.00
C GLU L 96 18.05 -17.51 -34.88
N VAL L 97 18.43 -18.53 -35.66
CA VAL L 97 17.48 -19.23 -36.52
C VAL L 97 16.72 -20.24 -35.66
N LEU L 98 15.41 -20.07 -35.55
CA LEU L 98 14.58 -20.88 -34.65
C LEU L 98 14.07 -22.16 -35.31
N THR L 99 14.10 -22.19 -36.64
CA THR L 99 13.48 -23.30 -37.37
C THR L 99 14.49 -24.22 -38.06
N PRO L 100 14.04 -25.39 -38.56
CA PRO L 100 14.93 -26.31 -39.31
C PRO L 100 15.45 -25.64 -40.57
N GLN L 101 16.76 -25.71 -40.80
CA GLN L 101 17.38 -24.98 -41.90
C GLN L 101 17.22 -25.65 -43.26
N LEU L 102 15.97 -25.70 -43.70
CA LEU L 102 15.60 -26.35 -44.98
C LEU L 102 15.01 -25.34 -45.94
N ALA L 103 15.39 -25.44 -47.21
CA ALA L 103 14.80 -24.63 -48.26
C ALA L 103 13.90 -25.52 -49.08
N ARG L 104 12.92 -24.90 -49.72
CA ARG L 104 12.06 -25.65 -50.60
C ARG L 104 12.47 -25.34 -52.04
N VAL L 105 12.80 -26.39 -52.80
CA VAL L 105 13.22 -26.22 -54.18
C VAL L 105 12.16 -26.83 -55.11
N VAL L 106 11.77 -26.06 -56.12
CA VAL L 106 10.82 -26.50 -57.13
C VAL L 106 11.59 -26.98 -58.34
N SER L 107 10.97 -27.87 -59.13
CA SER L 107 11.68 -28.50 -60.27
C SER L 107 12.28 -27.52 -61.30
N ASP L 108 11.75 -26.31 -61.36
CA ASP L 108 12.26 -25.31 -62.31
C ASP L 108 13.43 -24.52 -61.71
N GLY L 109 13.77 -24.83 -60.45
CA GLY L 109 14.88 -24.16 -59.80
C GLY L 109 14.53 -23.00 -58.89
N GLU L 110 13.25 -22.69 -58.72
CA GLU L 110 12.85 -21.68 -57.78
C GLU L 110 13.11 -22.17 -56.37
N VAL L 111 13.69 -21.32 -55.55
CA VAL L 111 13.96 -21.69 -54.18
C VAL L 111 13.19 -20.78 -53.24
N LEU L 112 12.63 -21.37 -52.19
CA LEU L 112 12.09 -20.60 -51.08
C LEU L 112 12.82 -21.02 -49.81
N TYR L 113 13.45 -20.05 -49.13
CA TYR L 113 14.00 -20.25 -47.79
C TYR L 113 13.33 -19.25 -46.86
N MET L 114 12.79 -19.74 -45.75
CA MET L 114 11.92 -18.94 -44.90
C MET L 114 12.13 -19.32 -43.44
N PRO L 115 13.33 -19.06 -42.92
CA PRO L 115 13.61 -19.34 -41.52
C PRO L 115 12.83 -18.39 -40.62
N SER L 116 12.48 -18.86 -39.42
CA SER L 116 12.02 -17.96 -38.39
C SER L 116 13.26 -17.49 -37.61
N ILE L 117 13.42 -16.17 -37.51
CA ILE L 117 14.60 -15.58 -36.91
C ILE L 117 14.27 -14.70 -35.68
N ARG L 118 15.06 -14.85 -34.63
CA ARG L 118 15.04 -13.89 -33.54
C ARG L 118 16.33 -13.09 -33.60
N GLN L 119 16.21 -11.77 -33.59
CA GLN L 119 17.39 -10.95 -33.73
C GLN L 119 17.13 -9.59 -33.06
N ARG L 120 18.20 -8.96 -32.56
CA ARG L 120 18.09 -7.63 -31.96
C ARG L 120 18.62 -6.59 -32.93
N PHE L 121 17.96 -5.44 -32.92
CA PHE L 121 18.35 -4.35 -33.80
C PHE L 121 18.51 -3.04 -33.04
N SER L 122 19.34 -2.20 -33.62
CA SER L 122 19.46 -0.82 -33.22
C SER L 122 18.57 -0.05 -34.19
N CYS L 123 17.57 0.63 -33.65
CA CYS L 123 16.64 1.40 -34.47
C CYS L 123 15.82 2.39 -33.62
N ASP L 124 15.02 3.22 -34.28
CA ASP L 124 14.31 4.27 -33.58
C ASP L 124 13.13 3.72 -32.78
N VAL L 125 13.26 3.73 -31.45
CA VAL L 125 12.22 3.19 -30.58
C VAL L 125 11.38 4.32 -29.97
N SER L 126 11.77 5.55 -30.26
CA SER L 126 11.05 6.69 -29.72
C SER L 126 9.57 6.67 -30.13
N GLY L 127 8.71 6.91 -29.14
CA GLY L 127 7.28 7.00 -29.39
C GLY L 127 6.56 5.67 -29.26
N VAL L 128 7.28 4.64 -28.84
CA VAL L 128 6.67 3.32 -28.75
C VAL L 128 5.44 3.31 -27.81
N ASP L 129 5.45 4.17 -26.80
CA ASP L 129 4.35 4.25 -25.82
C ASP L 129 3.32 5.31 -26.15
N THR L 130 3.32 5.79 -27.38
CA THR L 130 2.35 6.79 -27.78
C THR L 130 1.44 6.16 -28.82
N GLU L 131 0.45 6.92 -29.25
CA GLU L 131 -0.55 6.39 -30.15
C GLU L 131 0.03 6.26 -31.56
N SER L 132 0.95 7.18 -31.89
CA SER L 132 1.61 7.15 -33.19
C SER L 132 2.54 5.94 -33.27
N GLY L 133 3.10 5.58 -32.12
CA GLY L 133 4.00 4.44 -32.03
C GLY L 133 5.42 4.79 -32.48
N ALA L 134 6.30 3.78 -32.41
CA ALA L 134 7.64 3.90 -32.94
C ALA L 134 7.70 3.36 -34.37
N THR L 135 8.70 3.81 -35.14
CA THR L 135 8.98 3.22 -36.44
C THR L 135 10.41 2.71 -36.44
N CYS L 136 10.53 1.38 -36.41
CA CYS L 136 11.84 0.73 -36.38
C CYS L 136 12.17 0.26 -37.80
N ARG L 137 13.29 0.76 -38.33
CA ARG L 137 13.67 0.46 -39.71
C ARG L 137 14.75 -0.65 -39.75
N ILE L 138 14.46 -1.74 -40.44
CA ILE L 138 15.44 -2.83 -40.57
C ILE L 138 15.96 -2.90 -42.00
N LYS L 139 17.29 -2.92 -42.13
CA LYS L 139 17.91 -2.80 -43.46
C LYS L 139 18.62 -4.09 -43.81
N ILE L 140 18.20 -4.73 -44.90
CA ILE L 140 18.76 -6.02 -45.29
C ILE L 140 19.27 -6.02 -46.74
N GLY L 141 20.45 -6.61 -46.93
CA GLY L 141 20.99 -6.79 -48.26
C GLY L 141 22.18 -7.74 -48.31
N SER L 142 22.70 -7.99 -49.51
CA SER L 142 23.82 -8.92 -49.69
C SER L 142 25.01 -8.25 -49.07
N TRP L 143 25.79 -9.01 -48.32
CA TRP L 143 26.93 -8.40 -47.66
C TRP L 143 28.12 -8.20 -48.63
N THR L 144 28.27 -9.10 -49.61
CA THR L 144 29.48 -9.12 -50.44
C THR L 144 29.22 -9.14 -51.94
N HIS L 145 27.95 -9.18 -52.31
CA HIS L 145 27.60 -9.18 -53.74
C HIS L 145 26.95 -7.84 -54.15
N HIS L 146 27.57 -7.13 -55.08
CA HIS L 146 27.03 -5.87 -55.53
C HIS L 146 25.84 -6.06 -56.50
N SER L 147 25.28 -4.93 -56.93
CA SER L 147 24.04 -4.89 -57.70
C SER L 147 24.08 -5.64 -59.05
N ARG L 148 25.26 -5.84 -59.61
CA ARG L 148 25.33 -6.68 -60.80
C ARG L 148 25.28 -8.20 -60.53
N GLU L 149 25.48 -8.58 -59.27
CA GLU L 149 25.48 -9.99 -58.94
C GLU L 149 24.22 -10.38 -58.19
N ILE L 150 23.80 -9.51 -57.27
CA ILE L 150 22.56 -9.74 -56.52
C ILE L 150 21.69 -8.50 -56.53
N SER L 151 20.45 -8.65 -56.95
CA SER L 151 19.48 -7.57 -56.72
C SER L 151 18.53 -8.01 -55.61
N VAL L 152 18.04 -7.04 -54.86
CA VAL L 152 17.24 -7.37 -53.73
C VAL L 152 15.96 -6.60 -53.84
N ASP L 153 14.83 -7.29 -53.77
CA ASP L 153 13.52 -6.62 -53.87
C ASP L 153 12.53 -7.12 -52.84
N PRO L 154 11.62 -6.25 -52.41
CA PRO L 154 10.50 -6.69 -51.57
C PRO L 154 9.52 -7.42 -52.47
N THR L 155 8.60 -8.19 -51.89
CA THR L 155 7.61 -8.96 -52.67
C THR L 155 6.26 -8.25 -52.87
N ASP L 161 -0.43 -7.46 -42.43
CA ASP L 161 0.81 -7.11 -41.72
C ASP L 161 0.94 -7.86 -40.39
N SER L 162 -0.09 -7.75 -39.55
CA SER L 162 -0.19 -8.53 -38.32
C SER L 162 -0.68 -9.94 -38.61
N GLU L 163 -0.65 -10.36 -39.87
CA GLU L 163 -1.31 -11.60 -40.22
C GLU L 163 -0.83 -12.76 -39.33
N TYR L 164 0.48 -12.79 -39.06
CA TYR L 164 1.05 -13.85 -38.24
C TYR L 164 1.57 -13.28 -36.93
N PHE L 165 1.27 -12.01 -36.67
CA PHE L 165 1.79 -11.40 -35.47
C PHE L 165 1.09 -11.93 -34.22
N SER L 166 1.86 -12.26 -33.19
CA SER L 166 1.29 -12.86 -31.99
C SER L 166 0.33 -11.92 -31.24
N GLN L 167 -0.87 -12.42 -30.97
CA GLN L 167 -1.82 -11.67 -30.17
C GLN L 167 -1.38 -11.53 -28.72
N TYR L 168 -0.39 -12.32 -28.30
CA TYR L 168 0.04 -12.23 -26.89
C TYR L 168 1.17 -11.27 -26.66
N SER L 169 1.67 -10.65 -27.73
CA SER L 169 2.76 -9.68 -27.60
C SER L 169 2.26 -8.47 -26.80
N ARG L 170 3.14 -7.82 -26.05
CA ARG L 170 2.81 -6.55 -25.40
C ARG L 170 2.65 -5.44 -26.44
N PHE L 171 3.00 -5.74 -27.69
CA PHE L 171 2.98 -4.71 -28.72
C PHE L 171 2.02 -5.09 -29.81
N GLU L 172 1.69 -4.11 -30.64
CA GLU L 172 0.86 -4.36 -31.81
C GLU L 172 1.45 -3.60 -32.99
N ILE L 173 1.20 -4.12 -34.19
CA ILE L 173 1.74 -3.53 -35.40
C ILE L 173 0.73 -2.58 -36.03
N LEU L 174 1.15 -1.35 -36.27
CA LEU L 174 0.27 -0.36 -36.89
C LEU L 174 0.42 -0.44 -38.39
N ASP L 175 1.66 -0.56 -38.84
CA ASP L 175 1.91 -0.60 -40.27
C ASP L 175 3.31 -1.15 -40.60
N VAL L 176 3.45 -1.74 -41.78
CA VAL L 176 4.76 -2.16 -42.26
C VAL L 176 4.92 -1.66 -43.68
N THR L 177 5.98 -0.90 -43.94
CA THR L 177 6.26 -0.46 -45.31
C THR L 177 7.67 -0.89 -45.73
N GLN L 178 7.87 -0.98 -47.03
CA GLN L 178 9.16 -1.40 -47.56
C GLN L 178 9.69 -0.48 -48.64
N LYS L 179 10.99 -0.40 -48.71
CA LYS L 179 11.60 0.49 -49.67
C LYS L 179 12.90 -0.17 -50.14
N LYS L 180 13.17 -0.05 -51.44
CA LYS L 180 14.38 -0.62 -52.00
C LYS L 180 15.43 0.47 -52.17
N ASN L 181 16.68 0.14 -51.91
CA ASN L 181 17.78 1.13 -52.10
C ASN L 181 19.00 0.51 -52.76
N SER L 182 19.81 1.37 -53.35
CA SER L 182 21.04 0.97 -53.99
C SER L 182 22.08 1.94 -53.45
N VAL L 183 23.02 1.46 -52.66
CA VAL L 183 23.94 2.36 -52.00
C VAL L 183 25.39 2.07 -52.36
N THR L 184 26.18 3.14 -52.49
CA THR L 184 27.62 2.96 -52.69
C THR L 184 28.32 3.28 -51.39
N TYR L 185 29.19 2.38 -50.94
CA TYR L 185 29.88 2.55 -49.65
C TYR L 185 31.34 2.93 -49.90
N SER L 186 31.95 3.61 -48.93
CA SER L 186 33.33 4.03 -49.03
C SER L 186 34.32 2.91 -49.32
N CYS L 187 34.01 1.70 -48.86
CA CYS L 187 34.91 0.55 -49.02
CA CYS L 187 34.93 0.58 -49.01
C CYS L 187 35.04 0.08 -50.45
N CYS L 188 34.03 0.32 -51.29
CA CYS L 188 34.00 -0.35 -52.58
C CYS L 188 33.36 0.47 -53.66
N PRO L 189 33.75 0.22 -54.91
CA PRO L 189 33.34 1.03 -56.06
C PRO L 189 31.94 0.76 -56.52
N GLU L 190 31.40 -0.41 -56.18
CA GLU L 190 30.09 -0.81 -56.73
CA GLU L 190 30.09 -0.79 -56.74
C GLU L 190 28.95 -0.45 -55.79
N ALA L 191 27.72 -0.42 -56.32
CA ALA L 191 26.54 -0.25 -55.51
C ALA L 191 26.05 -1.59 -54.97
N TYR L 192 25.53 -1.57 -53.74
CA TYR L 192 24.95 -2.77 -53.13
C TYR L 192 23.49 -2.50 -52.82
N GLU L 193 22.60 -3.39 -53.25
CA GLU L 193 21.19 -3.16 -52.99
C GLU L 193 20.77 -3.60 -51.60
N ASP L 194 19.74 -2.97 -51.08
CA ASP L 194 19.16 -3.38 -49.82
C ASP L 194 17.65 -3.16 -49.84
N VAL L 195 16.94 -3.84 -48.94
CA VAL L 195 15.55 -3.52 -48.69
C VAL L 195 15.51 -2.95 -47.28
N GLU L 196 14.75 -1.84 -47.11
CA GLU L 196 14.50 -1.28 -45.77
C GLU L 196 13.05 -1.50 -45.37
N VAL L 197 12.89 -2.25 -44.27
CA VAL L 197 11.56 -2.61 -43.80
C VAL L 197 11.26 -1.75 -42.59
N SER L 198 10.20 -0.94 -42.71
CA SER L 198 9.80 -0.01 -41.65
C SER L 198 8.63 -0.58 -40.85
N LEU L 199 8.93 -0.90 -39.60
CA LEU L 199 7.96 -1.53 -38.71
C LEU L 199 7.44 -0.45 -37.78
N ASN L 200 6.19 -0.05 -37.99
CA ASN L 200 5.53 0.94 -37.14
C ASN L 200 4.68 0.18 -36.12
N PHE L 201 5.09 0.25 -34.85
CA PHE L 201 4.45 -0.53 -33.80
C PHE L 201 4.31 0.31 -32.52
N ARG L 202 3.50 -0.15 -31.58
CA ARG L 202 3.38 0.53 -30.28
C ARG L 202 3.06 -0.46 -29.16
N LYS L 203 3.33 -0.05 -27.92
CA LYS L 203 2.87 -0.79 -26.74
C LYS L 203 1.34 -0.76 -26.66
N LYS L 204 0.75 -1.92 -26.32
CA LYS L 204 -0.71 -2.00 -26.19
C LYS L 204 -1.16 -1.42 -24.85
N LEU M 1 37.19 -19.15 -68.16
CA LEU M 1 36.97 -19.51 -66.78
C LEU M 1 35.69 -18.87 -66.28
N ASP M 2 34.84 -19.65 -65.62
CA ASP M 2 33.67 -19.05 -65.03
C ASP M 2 33.82 -19.13 -63.51
N ARG M 3 32.86 -18.57 -62.79
CA ARG M 3 32.93 -18.56 -61.33
C ARG M 3 33.08 -19.96 -60.80
N ALA M 4 32.34 -20.90 -61.39
CA ALA M 4 32.33 -22.26 -60.88
C ALA M 4 33.76 -22.81 -60.88
N ASP M 5 34.46 -22.57 -61.98
CA ASP M 5 35.84 -23.05 -62.17
C ASP M 5 36.77 -22.39 -61.16
N ILE M 6 36.67 -21.07 -61.08
CA ILE M 6 37.51 -20.33 -60.15
C ILE M 6 37.32 -20.82 -58.72
N LEU M 7 36.07 -20.97 -58.29
CA LEU M 7 35.80 -21.39 -56.90
C LEU M 7 36.26 -22.84 -56.68
N TYR M 8 36.04 -23.68 -57.70
CA TYR M 8 36.54 -25.05 -57.64
C TYR M 8 38.09 -25.07 -57.48
N ASN M 9 38.80 -24.34 -58.33
CA ASN M 9 40.26 -24.27 -58.17
C ASN M 9 40.71 -23.77 -56.80
N ILE M 10 40.05 -22.73 -56.32
CA ILE M 10 40.40 -22.14 -55.03
C ILE M 10 40.22 -23.19 -53.96
N ARG M 11 39.07 -23.86 -54.00
CA ARG M 11 38.80 -24.89 -53.01
C ARG M 11 39.82 -26.02 -53.06
N GLN M 12 40.24 -26.39 -54.26
CA GLN M 12 41.15 -27.53 -54.41
C GLN M 12 42.59 -27.23 -54.03
N THR M 13 42.98 -25.97 -54.04
CA THR M 13 44.39 -25.63 -53.94
C THR M 13 44.73 -24.52 -52.94
N SER M 14 43.74 -24.00 -52.21
CA SER M 14 43.96 -22.72 -51.53
C SER M 14 45.00 -22.71 -50.36
N ARG M 15 44.97 -23.74 -49.49
CA ARG M 15 45.92 -23.90 -48.38
C ARG M 15 45.67 -22.85 -47.30
N PRO M 16 44.51 -22.93 -46.64
CA PRO M 16 44.11 -21.93 -45.63
C PRO M 16 45.02 -21.89 -44.41
N ASP M 17 45.84 -22.92 -44.28
CA ASP M 17 46.74 -23.00 -43.16
C ASP M 17 48.09 -22.38 -43.51
N VAL M 18 48.28 -21.94 -44.76
CA VAL M 18 49.60 -21.48 -45.19
C VAL M 18 49.66 -19.99 -45.46
N ILE M 19 50.40 -19.26 -44.63
CA ILE M 19 50.56 -17.81 -44.81
C ILE M 19 51.26 -17.54 -46.14
N PRO M 20 50.65 -16.70 -47.00
CA PRO M 20 51.14 -16.48 -48.37
C PRO M 20 52.25 -15.45 -48.46
N THR M 21 53.33 -15.65 -47.72
CA THR M 21 54.49 -14.77 -47.82
C THR M 21 55.10 -14.86 -49.22
N GLN M 22 55.58 -13.73 -49.71
CA GLN M 22 56.27 -13.64 -51.02
C GLN M 22 57.74 -13.31 -50.78
N ARG M 23 58.64 -14.19 -51.24
CA ARG M 23 60.08 -13.90 -51.22
C ARG M 23 60.54 -13.48 -49.83
N ASP M 24 59.97 -14.13 -48.81
CA ASP M 24 60.32 -13.83 -47.41
C ASP M 24 60.04 -12.39 -46.96
N ARG M 25 59.12 -11.71 -47.66
CA ARG M 25 58.55 -10.46 -47.16
C ARG M 25 57.30 -10.80 -46.37
N PRO M 26 57.02 -9.97 -45.37
CA PRO M 26 55.81 -10.18 -44.59
C PRO M 26 54.59 -9.96 -45.49
N VAL M 27 53.50 -10.66 -45.19
CA VAL M 27 52.21 -10.35 -45.79
C VAL M 27 51.80 -9.00 -45.20
N ALA M 28 51.57 -8.04 -46.09
CA ALA M 28 51.14 -6.71 -45.67
C ALA M 28 49.59 -6.70 -45.48
N VAL M 29 49.15 -6.61 -44.24
CA VAL M 29 47.72 -6.60 -43.93
C VAL M 29 47.31 -5.17 -43.59
N SER M 30 46.20 -4.71 -44.18
CA SER M 30 45.59 -3.43 -43.77
C SER M 30 44.33 -3.70 -42.98
N VAL M 31 44.16 -2.92 -41.92
CA VAL M 31 43.05 -3.06 -41.00
C VAL M 31 42.49 -1.68 -40.69
N SER M 32 41.18 -1.59 -40.74
CA SER M 32 40.53 -0.31 -40.58
C SER M 32 39.18 -0.63 -39.94
N LEU M 33 38.87 -0.01 -38.79
CA LEU M 33 37.57 -0.24 -38.13
C LEU M 33 36.60 0.86 -38.52
N LYS M 34 35.47 0.49 -39.11
CA LYS M 34 34.37 1.43 -39.33
C LYS M 34 33.36 1.22 -38.23
N PHE M 35 33.25 2.20 -37.33
CA PHE M 35 32.36 2.07 -36.18
C PHE M 35 30.93 2.27 -36.57
N ILE M 36 30.08 1.36 -36.10
CA ILE M 36 28.66 1.33 -36.47
C ILE M 36 27.82 1.66 -35.24
N ASN M 37 28.28 1.23 -34.07
CA ASN M 37 27.51 1.44 -32.87
C ASN M 37 28.31 1.28 -31.60
N ILE M 38 27.85 1.97 -30.56
CA ILE M 38 28.43 1.84 -29.24
C ILE M 38 27.25 1.58 -28.36
N LEU M 39 27.24 0.41 -27.71
CA LEU M 39 25.99 -0.14 -27.20
C LEU M 39 25.89 -0.11 -25.71
N GLU M 40 27.00 -0.33 -25.02
CA GLU M 40 26.85 -0.55 -23.57
C GLU M 40 28.08 -0.11 -22.82
N VAL M 41 28.12 1.19 -22.54
CA VAL M 41 29.23 1.79 -21.85
C VAL M 41 29.10 1.64 -20.33
N ASN M 42 30.23 1.50 -19.66
CA ASN M 42 30.25 1.44 -18.20
C ASN M 42 31.50 2.14 -17.70
N GLU M 43 31.32 3.37 -17.22
CA GLU M 43 32.44 4.19 -16.82
C GLU M 43 33.06 3.68 -15.52
N ILE M 44 32.25 2.96 -14.74
CA ILE M 44 32.77 2.36 -13.52
C ILE M 44 33.73 1.22 -13.80
N THR M 45 33.31 0.28 -14.63
CA THR M 45 34.16 -0.88 -14.94
C THR M 45 35.12 -0.64 -16.11
N ASN M 46 34.98 0.48 -16.80
CA ASN M 46 35.82 0.73 -17.97
C ASN M 46 35.67 -0.33 -19.07
N GLU M 47 34.41 -0.68 -19.34
CA GLU M 47 34.11 -1.65 -20.38
C GLU M 47 33.10 -1.04 -21.36
N VAL M 48 33.29 -1.39 -22.62
CA VAL M 48 32.43 -0.85 -23.64
C VAL M 48 32.11 -1.95 -24.64
N ASP M 49 30.90 -1.88 -25.19
CA ASP M 49 30.42 -2.84 -26.17
C ASP M 49 30.36 -2.09 -27.48
N VAL M 50 31.02 -2.60 -28.52
CA VAL M 50 31.13 -1.85 -29.76
C VAL M 50 30.72 -2.73 -30.97
N VAL M 51 30.05 -2.14 -31.96
CA VAL M 51 29.85 -2.81 -33.25
C VAL M 51 30.63 -2.08 -34.33
N PHE M 52 31.38 -2.82 -35.14
CA PHE M 52 32.23 -2.19 -36.16
C PHE M 52 32.50 -3.15 -37.32
N TRP M 53 32.74 -2.56 -38.49
CA TRP M 53 33.11 -3.36 -39.66
C TRP M 53 34.63 -3.42 -39.66
N GLN M 54 35.16 -4.63 -39.58
CA GLN M 54 36.62 -4.76 -39.53
C GLN M 54 37.18 -4.97 -40.92
N GLN M 55 37.38 -3.86 -41.63
CA GLN M 55 37.89 -3.90 -42.99
C GLN M 55 39.33 -4.38 -43.00
N THR M 56 39.55 -5.51 -43.67
CA THR M 56 40.84 -6.20 -43.62
C THR M 56 41.19 -6.59 -45.04
N THR M 57 42.38 -6.18 -45.48
CA THR M 57 42.84 -6.48 -46.83
C THR M 57 44.26 -7.03 -46.84
N TRP M 58 44.52 -7.92 -47.78
CA TRP M 58 45.86 -8.43 -47.94
C TRP M 58 45.88 -9.12 -49.29
N SER M 59 47.07 -9.55 -49.68
CA SER M 59 47.27 -10.16 -50.98
C SER M 59 47.63 -11.64 -50.83
N ASP M 60 47.07 -12.49 -51.67
CA ASP M 60 47.45 -13.91 -51.69
C ASP M 60 47.54 -14.37 -53.13
N ARG M 61 48.75 -14.36 -53.66
CA ARG M 61 48.94 -14.65 -55.07
C ARG M 61 48.51 -16.05 -55.47
N THR M 62 48.51 -16.98 -54.50
CA THR M 62 48.11 -18.35 -54.83
C THR M 62 46.64 -18.42 -55.25
N LEU M 63 45.87 -17.35 -55.02
CA LEU M 63 44.46 -17.33 -55.39
C LEU M 63 44.25 -16.75 -56.78
N ALA M 64 45.27 -16.08 -57.31
CA ALA M 64 45.16 -15.35 -58.58
C ALA M 64 44.72 -16.26 -59.73
N TRP M 65 44.03 -15.66 -60.69
CA TRP M 65 43.72 -16.37 -61.95
C TRP M 65 43.80 -15.38 -63.09
N ASN M 66 43.89 -15.90 -64.31
CA ASN M 66 43.85 -15.08 -65.51
C ASN M 66 42.43 -14.52 -65.71
N SER M 67 42.26 -13.21 -65.65
CA SER M 67 40.89 -12.66 -65.73
C SER M 67 40.47 -12.32 -67.16
N SER M 68 41.28 -12.70 -68.14
CA SER M 68 40.89 -12.55 -69.52
C SER M 68 39.68 -13.43 -69.79
N HIS M 69 38.58 -12.82 -70.22
CA HIS M 69 37.34 -13.56 -70.47
C HIS M 69 36.89 -14.33 -69.22
N SER M 70 37.05 -13.70 -68.07
CA SER M 70 36.66 -14.31 -66.82
C SER M 70 36.19 -13.26 -65.84
N PRO M 71 35.38 -13.68 -64.86
CA PRO M 71 34.95 -12.73 -63.84
C PRO M 71 36.18 -12.21 -63.10
N ASP M 72 36.11 -10.97 -62.67
CA ASP M 72 37.23 -10.33 -62.03
C ASP M 72 37.31 -10.59 -60.52
N GLN M 73 36.19 -11.00 -59.93
CA GLN M 73 36.10 -11.26 -58.49
C GLN M 73 35.12 -12.35 -58.13
N VAL M 74 35.36 -12.98 -56.99
CA VAL M 74 34.40 -13.95 -56.45
C VAL M 74 34.30 -13.76 -54.95
N SER M 75 33.13 -14.10 -54.40
CA SER M 75 33.00 -14.20 -52.96
C SER M 75 33.35 -15.64 -52.52
N VAL M 76 34.17 -15.77 -51.48
CA VAL M 76 34.69 -17.07 -51.05
C VAL M 76 34.54 -17.21 -49.54
N PRO M 77 34.09 -18.37 -49.07
CA PRO M 77 33.99 -18.63 -47.63
C PRO M 77 35.40 -18.52 -47.04
N ILE M 78 35.57 -17.86 -45.91
CA ILE M 78 36.92 -17.70 -45.38
C ILE M 78 37.52 -19.02 -44.94
N SER M 79 36.68 -20.03 -44.71
CA SER M 79 37.21 -21.36 -44.38
C SER M 79 38.04 -21.94 -45.53
N SER M 80 37.89 -21.40 -46.75
CA SER M 80 38.68 -21.85 -47.90
C SER M 80 39.91 -20.99 -48.19
N LEU M 81 40.21 -20.01 -47.33
CA LEU M 81 41.32 -19.07 -47.57
C LEU M 81 42.19 -18.98 -46.37
N TRP M 82 43.45 -18.66 -46.58
CA TRP M 82 44.22 -18.21 -45.45
C TRP M 82 43.68 -16.83 -45.05
N VAL M 83 43.58 -16.64 -43.74
CA VAL M 83 43.16 -15.36 -43.20
C VAL M 83 44.13 -14.98 -42.07
N PRO M 84 44.48 -13.69 -41.98
CA PRO M 84 45.41 -13.29 -40.90
C PRO M 84 44.81 -13.58 -39.54
N ASP M 85 45.65 -13.99 -38.59
CA ASP M 85 45.18 -14.37 -37.25
C ASP M 85 45.09 -13.12 -36.34
N LEU M 86 44.31 -12.13 -36.76
CA LEU M 86 44.22 -10.89 -35.99
C LEU M 86 43.49 -11.11 -34.67
N ALA M 87 43.94 -10.43 -33.63
CA ALA M 87 43.17 -10.42 -32.38
C ALA M 87 43.22 -9.04 -31.74
N ALA M 88 42.18 -8.72 -30.97
CA ALA M 88 42.16 -7.48 -30.23
C ALA M 88 42.69 -7.77 -28.84
N TYR M 89 43.86 -7.21 -28.51
CA TYR M 89 44.50 -7.43 -27.20
C TYR M 89 43.62 -7.09 -26.02
N ASN M 90 42.84 -6.01 -26.13
CA ASN M 90 42.06 -5.62 -24.97
C ASN M 90 40.60 -6.02 -25.06
N ALA M 91 40.31 -7.00 -25.92
CA ALA M 91 38.95 -7.55 -25.96
C ALA M 91 38.71 -8.39 -24.70
N ILE M 92 37.48 -8.34 -24.18
CA ILE M 92 37.15 -9.16 -23.02
C ILE M 92 35.99 -10.08 -23.35
N SER M 93 35.68 -10.19 -24.64
CA SER M 93 34.74 -11.20 -25.11
C SER M 93 35.21 -11.67 -26.46
N LYS M 94 34.75 -12.84 -26.90
CA LYS M 94 35.18 -13.20 -28.25
C LYS M 94 34.36 -12.46 -29.26
N PRO M 95 34.94 -12.22 -30.44
CA PRO M 95 34.22 -11.45 -31.46
C PRO M 95 32.97 -12.19 -31.91
N GLU M 96 31.81 -11.52 -31.78
CA GLU M 96 30.56 -12.03 -32.34
C GLU M 96 30.46 -11.50 -33.79
N VAL M 97 30.68 -12.40 -34.75
CA VAL M 97 30.63 -12.02 -36.16
C VAL M 97 29.18 -12.01 -36.62
N LEU M 98 28.68 -10.85 -36.99
CA LEU M 98 27.27 -10.67 -37.27
C LEU M 98 26.91 -10.94 -38.74
N THR M 99 27.91 -11.00 -39.61
CA THR M 99 27.68 -11.07 -41.04
C THR M 99 28.15 -12.41 -41.64
N PRO M 100 27.71 -12.71 -42.86
CA PRO M 100 28.14 -13.97 -43.52
C PRO M 100 29.66 -13.98 -43.65
N GLN M 101 30.30 -15.11 -43.35
CA GLN M 101 31.76 -15.15 -43.34
C GLN M 101 32.39 -15.38 -44.72
N LEU M 102 32.25 -14.37 -45.58
CA LEU M 102 32.73 -14.43 -46.96
C LEU M 102 33.74 -13.34 -47.19
N ALA M 103 34.80 -13.67 -47.90
CA ALA M 103 35.78 -12.68 -48.31
C ALA M 103 35.62 -12.47 -49.79
N ARG M 104 36.02 -11.29 -50.26
CA ARG M 104 35.97 -11.00 -51.68
C ARG M 104 37.39 -11.15 -52.22
N VAL M 105 37.53 -11.95 -53.28
CA VAL M 105 38.82 -12.18 -53.91
C VAL M 105 38.85 -11.67 -55.35
N VAL M 106 39.84 -10.84 -55.66
CA VAL M 106 40.02 -10.29 -57.01
C VAL M 106 41.00 -11.15 -57.78
N SER M 107 40.90 -11.14 -59.10
CA SER M 107 41.71 -12.08 -59.92
C SER M 107 43.22 -11.95 -59.73
N ASP M 108 43.70 -10.85 -59.14
CA ASP M 108 45.15 -10.68 -58.94
C ASP M 108 45.53 -11.17 -57.57
N GLY M 109 44.55 -11.69 -56.82
CA GLY M 109 44.83 -12.25 -55.50
C GLY M 109 44.64 -11.28 -54.34
N GLU M 110 44.15 -10.07 -54.63
CA GLU M 110 43.75 -9.17 -53.53
C GLU M 110 42.53 -9.73 -52.80
N VAL M 111 42.58 -9.71 -51.48
CA VAL M 111 41.47 -10.18 -50.69
C VAL M 111 40.94 -9.06 -49.85
N LEU M 112 39.61 -9.01 -49.72
CA LEU M 112 38.95 -8.11 -48.79
C LEU M 112 38.01 -8.95 -47.92
N TYR M 113 38.24 -8.92 -46.61
CA TYR M 113 37.36 -9.55 -45.63
C TYR M 113 36.92 -8.43 -44.69
N MET M 114 35.60 -8.29 -44.55
CA MET M 114 35.01 -7.13 -43.85
C MET M 114 33.82 -7.54 -43.00
N PRO M 115 34.05 -8.38 -42.00
CA PRO M 115 32.92 -8.79 -41.16
C PRO M 115 32.45 -7.61 -40.30
N SER M 116 31.19 -7.67 -39.90
CA SER M 116 30.70 -6.72 -38.92
C SER M 116 30.82 -7.48 -37.61
N ILE M 117 31.47 -6.87 -36.63
CA ILE M 117 31.75 -7.54 -35.37
C ILE M 117 31.15 -6.78 -34.20
N ARG M 118 30.56 -7.52 -33.26
CA ARG M 118 30.24 -6.97 -31.95
C ARG M 118 31.22 -7.56 -30.93
N GLN M 119 31.82 -6.71 -30.11
CA GLN M 119 32.81 -7.18 -29.17
C GLN M 119 32.89 -6.22 -27.98
N ARG M 120 33.24 -6.76 -26.80
CA ARG M 120 33.46 -5.90 -25.64
C ARG M 120 34.95 -5.71 -25.39
N PHE M 121 35.29 -4.50 -24.97
CA PHE M 121 36.67 -4.16 -24.69
C PHE M 121 36.86 -3.57 -23.29
N SER M 122 38.09 -3.70 -22.82
CA SER M 122 38.51 -3.06 -21.61
C SER M 122 39.26 -1.86 -22.11
N CYS M 123 38.78 -0.66 -21.78
CA CYS M 123 39.47 0.57 -22.21
C CYS M 123 39.00 1.78 -21.40
N ASP M 124 39.65 2.92 -21.64
CA ASP M 124 39.37 4.11 -20.84
C ASP M 124 38.00 4.77 -21.15
N VAL M 125 37.04 4.58 -20.26
CA VAL M 125 35.70 5.10 -20.51
C VAL M 125 35.49 6.42 -19.75
N SER M 126 36.49 6.87 -18.99
CA SER M 126 36.36 8.08 -18.19
C SER M 126 36.08 9.29 -19.10
N GLY M 127 35.14 10.14 -18.67
CA GLY M 127 34.87 11.36 -19.41
C GLY M 127 33.80 11.19 -20.46
N VAL M 128 33.19 10.01 -20.52
CA VAL M 128 32.23 9.72 -21.58
C VAL M 128 31.04 10.70 -21.54
N ASP M 129 30.68 11.14 -20.33
CA ASP M 129 29.54 12.07 -20.13
C ASP M 129 29.96 13.54 -20.09
N THR M 130 31.15 13.83 -20.59
CA THR M 130 31.60 15.19 -20.64
C THR M 130 31.73 15.59 -22.09
N GLU M 131 32.10 16.85 -22.31
CA GLU M 131 32.09 17.38 -23.65
C GLU M 131 33.31 16.87 -24.40
N SER M 132 34.41 16.67 -23.66
CA SER M 132 35.64 16.13 -24.26
C SER M 132 35.43 14.67 -24.66
N GLY M 133 34.58 13.99 -23.90
CA GLY M 133 34.26 12.60 -24.13
C GLY M 133 35.33 11.66 -23.62
N ALA M 134 35.11 10.36 -23.84
CA ALA M 134 36.11 9.34 -23.52
C ALA M 134 36.93 9.01 -24.76
N THR M 135 38.15 8.52 -24.53
CA THR M 135 38.94 7.93 -25.62
C THR M 135 39.26 6.46 -25.33
N CYS M 136 38.60 5.59 -26.08
CA CYS M 136 38.74 4.14 -25.94
C CYS M 136 39.70 3.65 -27.02
N ARG M 137 40.80 3.03 -26.57
CA ARG M 137 41.86 2.57 -27.48
C ARG M 137 41.74 1.05 -27.74
N ILE M 138 41.64 0.66 -29.00
CA ILE M 138 41.47 -0.74 -29.36
C ILE M 138 42.72 -1.18 -30.09
N LYS M 139 43.32 -2.27 -29.62
CA LYS M 139 44.63 -2.69 -30.14
C LYS M 139 44.51 -4.02 -30.89
N ILE M 140 44.86 -4.01 -32.17
CA ILE M 140 44.69 -5.22 -32.97
C ILE M 140 45.95 -5.58 -33.71
N GLY M 141 46.33 -6.87 -33.67
CA GLY M 141 47.43 -7.37 -34.51
C GLY M 141 47.48 -8.89 -34.57
N SER M 142 48.44 -9.43 -35.32
CA SER M 142 48.55 -10.87 -35.47
C SER M 142 48.86 -11.47 -34.13
N TRP M 143 48.15 -12.52 -33.74
CA TRP M 143 48.45 -13.18 -32.47
C TRP M 143 49.77 -14.01 -32.52
N THR M 144 50.08 -14.64 -33.66
CA THR M 144 51.20 -15.59 -33.64
C THR M 144 52.26 -15.34 -34.69
N HIS M 145 52.03 -14.35 -35.55
CA HIS M 145 52.98 -14.05 -36.63
C HIS M 145 53.71 -12.74 -36.33
N HIS M 146 55.03 -12.82 -36.22
CA HIS M 146 55.80 -11.63 -35.95
C HIS M 146 55.97 -10.74 -37.20
N SER M 147 56.68 -9.62 -37.01
CA SER M 147 56.77 -8.57 -38.02
C SER M 147 57.42 -9.02 -39.32
N ARG M 148 58.19 -10.11 -39.30
CA ARG M 148 58.74 -10.59 -40.59
C ARG M 148 57.75 -11.42 -41.40
N GLU M 149 56.65 -11.80 -40.76
CA GLU M 149 55.67 -12.65 -41.44
C GLU M 149 54.38 -11.89 -41.76
N ILE M 150 53.92 -11.08 -40.81
CA ILE M 150 52.78 -10.20 -41.03
C ILE M 150 53.12 -8.78 -40.59
N SER M 151 52.88 -7.81 -41.47
CA SER M 151 52.90 -6.42 -41.06
C SER M 151 51.46 -5.95 -41.02
N VAL M 152 51.17 -5.03 -40.11
CA VAL M 152 49.82 -4.57 -39.96
C VAL M 152 49.83 -3.06 -40.11
N ASP M 153 48.97 -2.54 -40.98
CA ASP M 153 48.88 -1.08 -41.21
C ASP M 153 47.45 -0.59 -41.31
N PRO M 154 47.20 0.62 -40.80
CA PRO M 154 45.89 1.27 -41.04
C PRO M 154 45.85 1.67 -42.52
N THR M 155 44.66 1.96 -43.04
CA THR M 155 44.50 2.32 -44.46
C THR M 155 44.51 3.84 -44.68
N ASP M 161 34.29 9.57 -40.32
CA ASP M 161 34.43 8.74 -39.10
C ASP M 161 33.07 8.14 -38.66
N SER M 162 32.09 9.02 -38.47
CA SER M 162 30.71 8.60 -38.18
C SER M 162 30.02 8.16 -39.46
N GLU M 163 30.79 7.98 -40.53
CA GLU M 163 30.14 7.79 -41.83
C GLU M 163 29.02 6.74 -41.76
N TYR M 164 29.29 5.63 -41.07
CA TYR M 164 28.30 4.55 -40.95
C TYR M 164 27.83 4.40 -39.52
N PHE M 165 28.19 5.36 -38.67
CA PHE M 165 27.81 5.26 -37.28
C PHE M 165 26.31 5.52 -37.09
N SER M 166 25.65 4.65 -36.32
CA SER M 166 24.21 4.75 -36.10
C SER M 166 23.75 6.05 -35.46
N GLN M 167 22.80 6.73 -36.11
CA GLN M 167 22.21 7.93 -35.53
C GLN M 167 21.36 7.58 -34.31
N TYR M 168 21.09 6.30 -34.10
CA TYR M 168 20.19 5.95 -33.00
C TYR M 168 20.93 5.52 -31.75
N SER M 169 22.26 5.50 -31.82
CA SER M 169 23.06 5.23 -30.65
C SER M 169 22.89 6.33 -29.61
N ARG M 170 23.08 5.98 -28.33
CA ARG M 170 23.12 6.98 -27.27
C ARG M 170 24.38 7.79 -27.30
N PHE M 171 25.33 7.37 -28.12
CA PHE M 171 26.64 8.03 -28.16
C PHE M 171 26.91 8.60 -29.53
N GLU M 172 27.94 9.44 -29.60
CA GLU M 172 28.35 10.01 -30.86
C GLU M 172 29.88 9.99 -30.92
N ILE M 173 30.41 9.93 -32.13
CA ILE M 173 31.84 9.90 -32.32
C ILE M 173 32.39 11.28 -32.59
N LEU M 174 33.38 11.69 -31.81
CA LEU M 174 34.03 12.98 -31.96
C LEU M 174 35.18 12.83 -32.91
N ASP M 175 35.92 11.73 -32.78
CA ASP M 175 37.11 11.54 -33.58
C ASP M 175 37.65 10.09 -33.53
N VAL M 176 38.32 9.68 -34.59
CA VAL M 176 38.96 8.37 -34.61
C VAL M 176 40.35 8.54 -35.16
N THR M 177 41.35 8.15 -34.38
CA THR M 177 42.74 8.20 -34.84
C THR M 177 43.41 6.82 -34.77
N GLN M 178 44.42 6.63 -35.60
CA GLN M 178 45.08 5.35 -35.67
C GLN M 178 46.58 5.49 -35.57
N LYS M 179 47.19 4.47 -35.01
CA LYS M 179 48.62 4.51 -34.79
C LYS M 179 49.16 3.09 -34.94
N LYS M 180 50.28 2.98 -35.63
CA LYS M 180 50.90 1.67 -35.83
C LYS M 180 52.00 1.46 -34.78
N ASN M 181 52.13 0.24 -34.25
CA ASN M 181 53.19 -0.07 -33.31
C ASN M 181 53.87 -1.39 -33.63
N SER M 182 55.04 -1.56 -33.06
CA SER M 182 55.80 -2.78 -33.25
C SER M 182 56.36 -3.09 -31.86
N VAL M 183 55.86 -4.15 -31.23
CA VAL M 183 56.13 -4.41 -29.83
C VAL M 183 56.81 -5.77 -29.62
N THR M 184 57.79 -5.80 -28.72
CA THR M 184 58.41 -7.05 -28.31
C THR M 184 57.82 -7.43 -26.95
N TYR M 185 57.35 -8.67 -26.85
CA TYR M 185 56.77 -9.16 -25.61
C TYR M 185 57.73 -10.12 -24.92
N SER M 186 57.53 -10.32 -23.62
CA SER M 186 58.42 -11.15 -22.82
C SER M 186 58.46 -12.59 -23.31
N CYS M 187 57.36 -13.02 -23.91
CA CYS M 187 57.19 -14.41 -24.34
CA CYS M 187 57.21 -14.41 -24.29
C CYS M 187 58.16 -14.78 -25.44
N CYS M 188 58.52 -13.81 -26.27
CA CYS M 188 59.18 -14.15 -27.55
C CYS M 188 60.13 -13.10 -28.02
N PRO M 189 61.14 -13.54 -28.77
CA PRO M 189 62.26 -12.67 -29.19
C PRO M 189 61.88 -11.66 -30.28
N GLU M 190 60.87 -11.96 -31.10
CA GLU M 190 60.64 -11.07 -32.25
C GLU M 190 59.59 -10.01 -31.91
N ALA M 191 59.46 -9.04 -32.81
CA ALA M 191 58.48 -7.95 -32.66
C ALA M 191 57.17 -8.32 -33.39
N TYR M 192 56.06 -7.90 -32.80
CA TYR M 192 54.75 -8.14 -33.37
C TYR M 192 54.08 -6.82 -33.58
N GLU M 193 53.61 -6.59 -34.81
CA GLU M 193 52.96 -5.33 -35.13
C GLU M 193 51.50 -5.30 -34.67
N ASP M 194 51.04 -4.09 -34.40
CA ASP M 194 49.64 -3.90 -34.09
C ASP M 194 49.20 -2.54 -34.62
N VAL M 195 47.89 -2.38 -34.79
CA VAL M 195 47.27 -1.08 -34.99
C VAL M 195 46.48 -0.73 -33.75
N GLU M 196 46.65 0.50 -33.27
CA GLU M 196 45.85 1.02 -32.16
C GLU M 196 44.89 2.06 -32.68
N VAL M 197 43.60 1.76 -32.52
CA VAL M 197 42.55 2.63 -33.00
C VAL M 197 41.93 3.34 -31.81
N SER M 198 42.03 4.66 -31.81
CA SER M 198 41.54 5.48 -30.70
C SER M 198 40.18 6.08 -31.04
N LEU M 199 39.18 5.65 -30.31
CA LEU M 199 37.82 6.06 -30.56
C LEU M 199 37.46 7.08 -29.49
N ASN M 200 37.37 8.35 -29.90
CA ASN M 200 36.96 9.44 -29.02
C ASN M 200 35.45 9.65 -29.20
N PHE M 201 34.67 9.34 -28.16
CA PHE M 201 33.22 9.38 -28.23
C PHE M 201 32.62 9.93 -26.92
N ARG M 202 31.35 10.33 -26.95
CA ARG M 202 30.68 10.81 -25.73
C ARG M 202 29.18 10.51 -25.78
N LYS M 203 28.56 10.56 -24.60
CA LYS M 203 27.10 10.44 -24.51
C LYS M 203 26.47 11.67 -25.17
N LYS M 204 25.38 11.50 -25.93
CA LYS M 204 24.68 12.65 -26.53
C LYS M 204 23.76 13.36 -25.54
N LEU N 1 62.83 -27.04 -47.85
CA LEU N 1 61.47 -27.07 -47.31
C LEU N 1 60.91 -25.67 -47.18
N ASP N 2 59.68 -25.49 -47.61
CA ASP N 2 59.01 -24.23 -47.37
C ASP N 2 57.83 -24.44 -46.41
N ARG N 3 57.16 -23.35 -46.04
CA ARG N 3 56.11 -23.43 -45.04
C ARG N 3 55.03 -24.41 -45.46
N ALA N 4 54.70 -24.38 -46.75
CA ALA N 4 53.63 -25.22 -47.26
C ALA N 4 53.97 -26.68 -47.05
N ASP N 5 55.21 -27.05 -47.34
CA ASP N 5 55.67 -28.43 -47.13
C ASP N 5 55.60 -28.83 -45.66
N ILE N 6 56.15 -27.96 -44.80
CA ILE N 6 56.17 -28.22 -43.36
C ILE N 6 54.78 -28.41 -42.84
N LEU N 7 53.87 -27.53 -43.23
CA LEU N 7 52.49 -27.61 -42.73
C LEU N 7 51.75 -28.85 -43.26
N TYR N 8 52.01 -29.17 -44.53
CA TYR N 8 51.48 -30.37 -45.13
C TYR N 8 51.95 -31.59 -44.34
N ASN N 9 53.27 -31.73 -44.15
CA ASN N 9 53.80 -32.88 -43.40
C ASN N 9 53.23 -33.00 -42.00
N ILE N 10 53.12 -31.87 -41.31
CA ILE N 10 52.54 -31.87 -39.99
C ILE N 10 51.09 -32.34 -40.00
N ARG N 11 50.30 -31.77 -40.90
CA ARG N 11 48.93 -32.22 -41.06
C ARG N 11 48.84 -33.72 -41.34
N GLN N 12 49.71 -34.25 -42.20
CA GLN N 12 49.63 -35.65 -42.63
C GLN N 12 50.08 -36.65 -41.57
N THR N 13 50.92 -36.22 -40.64
CA THR N 13 51.60 -37.17 -39.77
C THR N 13 51.58 -36.78 -38.28
N SER N 14 50.91 -35.70 -37.94
CA SER N 14 51.03 -35.19 -36.59
C SER N 14 50.52 -36.08 -35.40
N ARG N 15 49.35 -36.73 -35.56
CA ARG N 15 48.83 -37.64 -34.51
C ARG N 15 48.42 -36.86 -33.29
N PRO N 16 47.45 -35.95 -33.45
CA PRO N 16 46.99 -35.08 -32.34
C PRO N 16 46.43 -35.89 -31.16
N ASP N 17 46.14 -37.16 -31.37
CA ASP N 17 45.53 -37.96 -30.31
C ASP N 17 46.61 -38.70 -29.53
N VAL N 18 47.88 -38.52 -29.94
CA VAL N 18 48.98 -39.28 -29.36
C VAL N 18 49.94 -38.44 -28.51
N ILE N 19 49.94 -38.67 -27.20
CA ILE N 19 50.82 -37.91 -26.32
C ILE N 19 52.28 -38.25 -26.62
N PRO N 20 53.11 -37.23 -26.85
CA PRO N 20 54.45 -37.46 -27.42
C PRO N 20 55.44 -37.73 -26.30
N THR N 21 55.23 -38.82 -25.57
CA THR N 21 56.22 -39.21 -24.57
C THR N 21 57.51 -39.68 -25.23
N GLN N 22 58.66 -39.35 -24.62
CA GLN N 22 59.98 -39.81 -25.09
C GLN N 22 60.57 -40.79 -24.09
N ARG N 23 60.82 -42.03 -24.54
CA ARG N 23 61.51 -43.04 -23.71
C ARG N 23 60.81 -43.22 -22.35
N ASP N 24 59.48 -43.16 -22.38
CA ASP N 24 58.68 -43.33 -21.17
C ASP N 24 58.94 -42.28 -20.08
N ARG N 25 59.45 -41.11 -20.47
CA ARG N 25 59.45 -39.94 -19.59
C ARG N 25 58.20 -39.12 -19.88
N PRO N 26 57.71 -38.44 -18.85
CA PRO N 26 56.52 -37.61 -19.02
C PRO N 26 56.81 -36.44 -19.96
N VAL N 27 55.79 -36.02 -20.71
CA VAL N 27 55.90 -34.78 -21.45
C VAL N 27 55.93 -33.67 -20.42
N ALA N 28 56.99 -32.87 -20.46
CA ALA N 28 57.17 -31.76 -19.51
C ALA N 28 56.44 -30.54 -20.07
N VAL N 29 55.34 -30.18 -19.43
CA VAL N 29 54.55 -29.05 -19.86
C VAL N 29 54.78 -27.86 -18.92
N SER N 30 55.07 -26.70 -19.49
CA SER N 30 55.14 -25.46 -18.68
C SER N 30 53.88 -24.64 -18.85
N VAL N 31 53.39 -24.10 -17.74
CA VAL N 31 52.18 -23.31 -17.73
C VAL N 31 52.41 -22.07 -16.94
N SER N 32 51.90 -20.97 -17.46
CA SER N 32 52.14 -19.67 -16.86
C SER N 32 50.94 -18.79 -17.22
N LEU N 33 50.23 -18.26 -16.23
CA LEU N 33 49.10 -17.35 -16.50
C LEU N 33 49.52 -15.88 -16.48
N LYS N 34 49.39 -15.19 -17.62
CA LYS N 34 49.57 -13.74 -17.64
C LYS N 34 48.20 -13.10 -17.51
N PHE N 35 47.92 -12.55 -16.32
CA PHE N 35 46.64 -11.90 -16.08
C PHE N 35 46.48 -10.57 -16.83
N ILE N 36 45.33 -10.42 -17.46
CA ILE N 36 45.08 -9.30 -18.33
C ILE N 36 43.99 -8.45 -17.71
N ASN N 37 43.04 -9.11 -17.08
CA ASN N 37 41.91 -8.41 -16.51
C ASN N 37 41.14 -9.23 -15.48
N ILE N 38 40.49 -8.52 -14.56
CA ILE N 38 39.63 -9.11 -13.56
C ILE N 38 38.33 -8.34 -13.69
N LEU N 39 37.25 -9.05 -13.98
CA LEU N 39 36.07 -8.42 -14.60
C LEU N 39 34.86 -8.36 -13.72
N GLU N 40 34.68 -9.39 -12.90
CA GLU N 40 33.43 -9.46 -12.16
C GLU N 40 33.58 -10.23 -10.87
N VAL N 41 34.01 -9.53 -9.84
CA VAL N 41 34.25 -10.12 -8.55
C VAL N 41 32.95 -10.17 -7.73
N ASN N 42 32.79 -11.22 -6.93
CA ASN N 42 31.66 -11.30 -6.04
C ASN N 42 32.05 -11.88 -4.68
N GLU N 43 32.24 -11.00 -3.70
CA GLU N 43 32.79 -11.42 -2.41
C GLU N 43 31.80 -12.33 -1.67
N ILE N 44 30.51 -12.14 -1.94
CA ILE N 44 29.48 -12.94 -1.30
C ILE N 44 29.50 -14.38 -1.81
N THR N 45 29.50 -14.55 -3.14
CA THR N 45 29.54 -15.90 -3.73
C THR N 45 30.94 -16.47 -3.90
N ASN N 46 31.98 -15.68 -3.67
CA ASN N 46 33.34 -16.17 -3.89
C ASN N 46 33.53 -16.66 -5.33
N GLU N 47 33.12 -15.83 -6.28
CA GLU N 47 33.34 -16.11 -7.69
C GLU N 47 34.02 -14.92 -8.34
N VAL N 48 34.90 -15.22 -9.28
CA VAL N 48 35.61 -14.17 -9.96
C VAL N 48 35.69 -14.52 -11.46
N ASP N 49 35.68 -13.49 -12.29
CA ASP N 49 35.73 -13.62 -13.74
C ASP N 49 37.09 -13.03 -14.13
N VAL N 50 37.91 -13.82 -14.82
CA VAL N 50 39.30 -13.41 -15.08
C VAL N 50 39.60 -13.55 -16.59
N VAL N 51 40.48 -12.70 -17.09
CA VAL N 51 41.03 -12.88 -18.42
C VAL N 51 42.54 -12.98 -18.30
N PHE N 52 43.10 -14.03 -18.91
CA PHE N 52 44.54 -14.25 -18.82
C PHE N 52 45.05 -14.95 -20.08
N TRP N 53 46.33 -14.76 -20.38
CA TRP N 53 46.98 -15.53 -21.44
C TRP N 53 47.57 -16.77 -20.80
N GLN N 54 47.16 -17.94 -21.30
CA GLN N 54 47.63 -19.21 -20.74
C GLN N 54 48.82 -19.69 -21.55
N GLN N 55 49.98 -19.18 -21.18
CA GLN N 55 51.22 -19.57 -21.82
C GLN N 55 51.54 -21.04 -21.51
N THR N 56 51.55 -21.85 -22.56
CA THR N 56 51.71 -23.29 -22.41
C THR N 56 52.78 -23.76 -23.40
N THR N 57 53.82 -24.41 -22.90
CA THR N 57 54.90 -24.89 -23.76
C THR N 57 55.19 -26.37 -23.51
N TRP N 58 55.56 -27.08 -24.56
CA TRP N 58 55.97 -28.46 -24.42
C TRP N 58 56.68 -28.85 -25.69
N SER N 59 57.20 -30.05 -25.68
CA SER N 59 58.02 -30.54 -26.78
C SER N 59 57.33 -31.71 -27.46
N ASP N 60 57.33 -31.73 -28.79
CA ASP N 60 56.78 -32.87 -29.53
C ASP N 60 57.69 -33.19 -30.73
N ARG N 61 58.63 -34.11 -30.51
CA ARG N 61 59.63 -34.37 -31.52
C ARG N 61 59.06 -34.84 -32.85
N THR N 62 57.88 -35.43 -32.81
CA THR N 62 57.29 -35.89 -34.06
C THR N 62 56.99 -34.71 -34.99
N LEU N 63 57.04 -33.47 -34.48
CA LEU N 63 56.79 -32.30 -35.33
C LEU N 63 58.06 -31.78 -35.99
N ALA N 64 59.21 -32.19 -35.45
CA ALA N 64 60.52 -31.64 -35.86
C ALA N 64 60.75 -31.74 -37.36
N TRP N 65 61.51 -30.80 -37.91
CA TRP N 65 61.97 -30.93 -39.29
C TRP N 65 63.37 -30.34 -39.35
N ASN N 66 64.12 -30.68 -40.40
CA ASN N 66 65.44 -30.09 -40.66
C ASN N 66 65.30 -28.62 -41.08
N SER N 67 65.77 -27.69 -40.25
CA SER N 67 65.57 -26.26 -40.54
C SER N 67 66.64 -25.69 -41.46
N SER N 68 67.52 -26.55 -41.97
CA SER N 68 68.56 -26.07 -42.89
C SER N 68 67.88 -25.58 -44.17
N HIS N 69 68.10 -24.30 -44.50
CA HIS N 69 67.44 -23.72 -45.67
C HIS N 69 65.93 -23.89 -45.59
N SER N 70 65.38 -23.71 -44.39
CA SER N 70 63.94 -23.79 -44.17
C SER N 70 63.55 -22.85 -43.06
N PRO N 71 62.27 -22.41 -43.08
CA PRO N 71 61.76 -21.59 -41.97
C PRO N 71 61.97 -22.33 -40.66
N ASP N 72 62.23 -21.58 -39.60
CA ASP N 72 62.53 -22.17 -38.30
C ASP N 72 61.25 -22.47 -37.52
N GLN N 73 60.14 -21.83 -37.89
CA GLN N 73 58.86 -21.92 -37.16
C GLN N 73 57.65 -21.80 -38.06
N VAL N 74 56.55 -22.38 -37.64
CA VAL N 74 55.27 -22.15 -38.32
C VAL N 74 54.16 -22.05 -37.29
N SER N 75 53.10 -21.33 -37.65
CA SER N 75 51.89 -21.31 -36.84
C SER N 75 50.99 -22.43 -37.33
N VAL N 76 50.46 -23.23 -36.40
CA VAL N 76 49.68 -24.42 -36.73
C VAL N 76 48.40 -24.42 -35.92
N PRO N 77 47.29 -24.76 -36.57
CA PRO N 77 46.00 -24.91 -35.86
C PRO N 77 46.12 -26.02 -34.80
N ILE N 78 45.65 -25.78 -33.58
CA ILE N 78 45.82 -26.80 -32.55
C ILE N 78 45.10 -28.10 -32.88
N SER N 79 44.15 -28.05 -33.80
CA SER N 79 43.43 -29.28 -34.18
C SER N 79 44.39 -30.23 -34.89
N SER N 80 45.52 -29.73 -35.35
CA SER N 80 46.50 -30.59 -36.03
C SER N 80 47.68 -31.02 -35.12
N LEU N 81 47.58 -30.78 -33.82
CA LEU N 81 48.66 -31.08 -32.89
C LEU N 81 48.11 -31.76 -31.67
N TRP N 82 48.91 -32.64 -31.08
CA TRP N 82 48.59 -33.03 -29.74
C TRP N 82 48.76 -31.80 -28.84
N VAL N 83 47.85 -31.66 -27.91
CA VAL N 83 47.88 -30.57 -26.95
C VAL N 83 47.53 -31.17 -25.56
N PRO N 84 48.18 -30.64 -24.51
CA PRO N 84 47.94 -31.22 -23.18
C PRO N 84 46.51 -30.99 -22.74
N ASP N 85 45.87 -31.98 -22.12
CA ASP N 85 44.48 -31.85 -21.72
C ASP N 85 44.37 -31.08 -20.37
N LEU N 86 44.92 -29.86 -20.32
CA LEU N 86 44.90 -29.10 -19.06
C LEU N 86 43.49 -28.67 -18.71
N ALA N 87 43.18 -28.67 -17.41
CA ALA N 87 41.91 -28.09 -16.94
C ALA N 87 42.13 -27.33 -15.65
N ALA N 88 41.31 -26.30 -15.43
CA ALA N 88 41.31 -25.62 -14.15
C ALA N 88 40.30 -26.27 -13.21
N TYR N 89 40.78 -26.92 -12.15
CA TYR N 89 39.90 -27.62 -11.20
C TYR N 89 38.79 -26.74 -10.64
N ASN N 90 39.11 -25.48 -10.34
CA ASN N 90 38.10 -24.65 -9.67
C ASN N 90 37.38 -23.69 -10.64
N ALA N 91 37.46 -24.00 -11.94
CA ALA N 91 36.68 -23.25 -12.93
C ALA N 91 35.20 -23.60 -12.79
N ILE N 92 34.32 -22.61 -12.88
CA ILE N 92 32.88 -22.91 -12.82
C ILE N 92 32.20 -22.51 -14.14
N SER N 93 33.01 -22.24 -15.16
CA SER N 93 32.52 -22.05 -16.51
C SER N 93 33.55 -22.63 -17.47
N LYS N 94 33.15 -22.98 -18.68
CA LYS N 94 34.18 -23.47 -19.59
C LYS N 94 35.02 -22.33 -20.12
N PRO N 95 36.24 -22.63 -20.48
CA PRO N 95 37.13 -21.55 -20.88
C PRO N 95 36.66 -20.95 -22.21
N GLU N 96 36.41 -19.63 -22.23
CA GLU N 96 36.06 -18.92 -23.44
C GLU N 96 37.39 -18.47 -24.07
N VAL N 97 37.78 -19.14 -25.16
CA VAL N 97 39.03 -18.79 -25.85
C VAL N 97 38.82 -17.57 -26.75
N LEU N 98 39.53 -16.48 -26.46
CA LEU N 98 39.27 -15.20 -27.12
C LEU N 98 40.10 -15.01 -28.39
N THR N 99 41.14 -15.82 -28.54
CA THR N 99 42.09 -15.62 -29.61
C THR N 99 42.05 -16.76 -30.65
N PRO N 100 42.72 -16.57 -31.79
CA PRO N 100 42.79 -17.62 -32.82
C PRO N 100 43.50 -18.85 -32.28
N GLN N 101 42.96 -20.04 -32.52
CA GLN N 101 43.49 -21.24 -31.91
C GLN N 101 44.69 -21.81 -32.67
N LEU N 102 45.78 -21.05 -32.64
CA LEU N 102 47.02 -21.45 -33.32
C LEU N 102 48.15 -21.59 -32.31
N ALA N 103 48.99 -22.60 -32.51
CA ALA N 103 50.18 -22.83 -31.71
C ALA N 103 51.36 -22.52 -32.57
N ARG N 104 52.47 -22.14 -31.92
CA ARG N 104 53.69 -21.85 -32.68
C ARG N 104 54.62 -23.04 -32.49
N VAL N 105 55.09 -23.60 -33.61
CA VAL N 105 55.93 -24.78 -33.60
C VAL N 105 57.30 -24.46 -34.17
N VAL N 106 58.35 -24.81 -33.42
CA VAL N 106 59.73 -24.59 -33.84
C VAL N 106 60.28 -25.86 -34.47
N SER N 107 61.25 -25.74 -35.38
CA SER N 107 61.73 -26.92 -36.13
C SER N 107 62.23 -28.06 -35.25
N ASP N 108 62.59 -27.76 -33.99
CA ASP N 108 63.07 -28.81 -33.08
C ASP N 108 61.89 -29.49 -32.36
N GLY N 109 60.68 -29.02 -32.64
CA GLY N 109 59.52 -29.61 -32.02
C GLY N 109 59.02 -28.91 -30.77
N GLU N 110 59.64 -27.79 -30.39
CA GLU N 110 59.11 -26.99 -29.29
C GLU N 110 57.79 -26.33 -29.71
N VAL N 111 56.78 -26.47 -28.86
CA VAL N 111 55.50 -25.86 -29.13
C VAL N 111 55.18 -24.76 -28.11
N LEU N 112 54.59 -23.67 -28.59
CA LEU N 112 54.06 -22.65 -27.70
C LEU N 112 52.60 -22.46 -28.07
N TYR N 113 51.71 -22.63 -27.08
CA TYR N 113 50.29 -22.35 -27.29
C TYR N 113 49.95 -21.37 -26.18
N MET N 114 49.36 -20.23 -26.57
CA MET N 114 49.13 -19.10 -25.66
C MET N 114 47.81 -18.41 -25.94
N PRO N 115 46.71 -19.14 -25.75
CA PRO N 115 45.40 -18.51 -25.94
C PRO N 115 45.13 -17.48 -24.85
N SER N 116 44.34 -16.46 -25.19
CA SER N 116 43.79 -15.57 -24.20
C SER N 116 42.45 -16.15 -23.80
N ILE N 117 42.25 -16.34 -22.49
CA ILE N 117 41.07 -17.04 -21.99
C ILE N 117 40.28 -16.17 -21.02
N ARG N 118 38.96 -16.21 -21.16
CA ARG N 118 38.10 -15.66 -20.13
C ARG N 118 37.43 -16.84 -19.44
N GLN N 119 37.44 -16.83 -18.11
CA GLN N 119 36.86 -17.95 -17.38
C GLN N 119 36.44 -17.49 -15.98
N ARG N 120 35.43 -18.15 -15.41
CA ARG N 120 35.04 -17.89 -14.03
C ARG N 120 35.53 -18.97 -13.10
N PHE N 121 35.86 -18.55 -11.88
CA PHE N 121 36.41 -19.46 -10.89
C PHE N 121 35.72 -19.30 -9.56
N SER N 122 35.73 -20.41 -8.83
CA SER N 122 35.33 -20.42 -7.44
C SER N 122 36.63 -20.32 -6.65
N CYS N 123 36.80 -19.24 -5.91
CA CYS N 123 38.02 -19.04 -5.11
C CYS N 123 37.77 -17.99 -4.01
N ASP N 124 38.78 -17.75 -3.20
CA ASP N 124 38.63 -16.90 -2.01
C ASP N 124 38.67 -15.41 -2.39
N VAL N 125 37.49 -14.78 -2.34
CA VAL N 125 37.37 -13.39 -2.74
C VAL N 125 37.35 -12.47 -1.51
N SER N 126 37.36 -13.07 -0.32
CA SER N 126 37.34 -12.29 0.91
C SER N 126 38.54 -11.32 0.98
N GLY N 127 38.25 -10.07 1.36
CA GLY N 127 39.29 -9.07 1.55
C GLY N 127 39.60 -8.28 0.30
N VAL N 128 38.82 -8.51 -0.76
CA VAL N 128 39.10 -7.83 -2.02
C VAL N 128 39.05 -6.31 -1.90
N ASP N 129 38.21 -5.82 -0.98
CA ASP N 129 38.05 -4.38 -0.71
C ASP N 129 38.91 -3.84 0.42
N THR N 130 39.93 -4.60 0.83
CA THR N 130 40.86 -4.13 1.85
C THR N 130 42.22 -3.91 1.22
N GLU N 131 43.15 -3.43 2.02
CA GLU N 131 44.47 -3.12 1.51
C GLU N 131 45.28 -4.38 1.27
N SER N 132 45.01 -5.41 2.05
CA SER N 132 45.68 -6.71 1.91
C SER N 132 45.20 -7.41 0.63
N GLY N 133 43.95 -7.14 0.29
CA GLY N 133 43.36 -7.69 -0.90
C GLY N 133 42.88 -9.12 -0.71
N ALA N 134 42.30 -9.67 -1.78
CA ALA N 134 41.96 -11.08 -1.83
C ALA N 134 43.10 -11.91 -2.44
N THR N 135 43.15 -13.19 -2.09
CA THR N 135 44.04 -14.12 -2.78
C THR N 135 43.24 -15.25 -3.40
N CYS N 136 43.13 -15.20 -4.74
CA CYS N 136 42.37 -16.19 -5.50
C CYS N 136 43.34 -17.23 -6.07
N ARG N 137 43.08 -18.49 -5.74
CA ARG N 137 43.99 -19.57 -6.13
C ARG N 137 43.39 -20.36 -7.30
N ILE N 138 44.15 -20.46 -8.39
CA ILE N 138 43.67 -21.16 -9.57
C ILE N 138 44.55 -22.38 -9.78
N LYS N 139 43.89 -23.54 -9.91
CA LYS N 139 44.59 -24.82 -9.94
C LYS N 139 44.44 -25.48 -11.32
N ILE N 140 45.57 -25.73 -11.98
CA ILE N 140 45.54 -26.26 -13.34
C ILE N 140 46.45 -27.47 -13.49
N GLY N 141 45.94 -28.52 -14.13
CA GLY N 141 46.77 -29.67 -14.46
C GLY N 141 46.09 -30.58 -15.47
N SER N 142 46.80 -31.64 -15.91
CA SER N 142 46.22 -32.55 -16.87
C SER N 142 45.01 -33.20 -16.24
N TRP N 143 43.92 -33.31 -17.00
CA TRP N 143 42.72 -33.95 -16.46
C TRP N 143 42.87 -35.49 -16.44
N THR N 144 43.57 -36.07 -17.42
CA THR N 144 43.57 -37.53 -17.58
C THR N 144 44.93 -38.19 -17.65
N HIS N 145 46.00 -37.39 -17.61
CA HIS N 145 47.36 -37.93 -17.70
C HIS N 145 48.09 -37.76 -16.37
N HIS N 146 48.50 -38.88 -15.77
CA HIS N 146 49.16 -38.82 -14.45
C HIS N 146 50.60 -38.36 -14.62
N SER N 147 51.29 -38.25 -13.48
CA SER N 147 52.62 -37.68 -13.41
C SER N 147 53.68 -38.40 -14.24
N ARG N 148 53.45 -39.65 -14.59
CA ARG N 148 54.44 -40.34 -15.44
C ARG N 148 54.26 -40.00 -16.93
N GLU N 149 53.13 -39.40 -17.27
CA GLU N 149 52.81 -39.08 -18.66
C GLU N 149 52.91 -37.57 -18.92
N ILE N 150 52.44 -36.78 -17.98
CA ILE N 150 52.55 -35.32 -18.07
C ILE N 150 53.02 -34.75 -16.73
N SER N 151 54.12 -34.01 -16.76
CA SER N 151 54.49 -33.20 -15.60
C SER N 151 54.13 -31.75 -15.92
N VAL N 152 53.75 -31.03 -14.90
CA VAL N 152 53.31 -29.68 -15.12
C VAL N 152 54.12 -28.79 -14.22
N ASP N 153 54.75 -27.77 -14.81
CA ASP N 153 55.59 -26.84 -14.04
C ASP N 153 55.33 -25.39 -14.42
N PRO N 154 55.46 -24.48 -13.45
CA PRO N 154 55.45 -23.05 -13.76
C PRO N 154 56.76 -22.68 -14.46
N THR N 155 56.82 -21.52 -15.11
CA THR N 155 58.04 -21.14 -15.83
C THR N 155 58.93 -20.22 -15.00
N GLU N 163 52.25 -7.03 -15.74
CA GLU N 163 52.93 -6.50 -16.93
C GLU N 163 51.95 -6.20 -18.05
N TYR N 164 50.99 -7.11 -18.23
CA TYR N 164 49.99 -6.98 -19.28
C TYR N 164 48.62 -6.75 -18.66
N PHE N 165 48.60 -6.54 -17.34
CA PHE N 165 47.34 -6.30 -16.69
C PHE N 165 46.75 -4.94 -17.10
N SER N 166 45.45 -4.92 -17.40
CA SER N 166 44.77 -3.70 -17.88
C SER N 166 44.76 -2.58 -16.85
N GLN N 167 45.27 -1.43 -17.23
CA GLN N 167 45.15 -0.25 -16.36
C GLN N 167 43.71 0.20 -16.17
N TYR N 168 42.77 -0.30 -16.97
CA TYR N 168 41.38 0.17 -16.83
C TYR N 168 40.52 -0.72 -15.98
N SER N 169 41.12 -1.80 -15.47
CA SER N 169 40.41 -2.71 -14.56
C SER N 169 40.02 -1.96 -13.29
N ARG N 170 38.90 -2.35 -12.65
CA ARG N 170 38.56 -1.81 -11.33
C ARG N 170 39.49 -2.36 -10.27
N PHE N 171 40.35 -3.32 -10.68
CA PHE N 171 41.20 -4.01 -9.71
C PHE N 171 42.64 -3.83 -10.08
N GLU N 172 43.51 -4.14 -9.13
CA GLU N 172 44.94 -4.12 -9.39
C GLU N 172 45.57 -5.36 -8.77
N ILE N 173 46.70 -5.77 -9.33
CA ILE N 173 47.36 -6.96 -8.86
C ILE N 173 48.47 -6.60 -7.90
N LEU N 174 48.41 -7.17 -6.70
CA LEU N 174 49.44 -6.95 -5.68
C LEU N 174 50.58 -7.95 -5.88
N ASP N 175 50.22 -9.21 -6.15
CA ASP N 175 51.24 -10.24 -6.29
C ASP N 175 50.68 -11.48 -6.99
N VAL N 176 51.54 -12.20 -7.69
CA VAL N 176 51.20 -13.51 -8.22
C VAL N 176 52.27 -14.51 -7.81
N THR N 177 51.88 -15.59 -7.16
CA THR N 177 52.83 -16.65 -6.81
C THR N 177 52.37 -18.00 -7.37
N GLN N 178 53.31 -18.91 -7.57
CA GLN N 178 52.99 -20.20 -8.12
C GLN N 178 53.56 -21.33 -7.30
N LYS N 179 52.84 -22.44 -7.29
CA LYS N 179 53.28 -23.58 -6.54
C LYS N 179 52.93 -24.84 -7.31
N LYS N 180 53.88 -25.78 -7.39
CA LYS N 180 53.60 -27.04 -8.06
C LYS N 180 53.12 -28.09 -7.03
N ASN N 181 52.20 -28.96 -7.44
CA ASN N 181 51.73 -30.04 -6.56
C ASN N 181 51.59 -31.33 -7.30
N SER N 182 51.61 -32.42 -6.54
CA SER N 182 51.40 -33.74 -7.09
C SER N 182 50.38 -34.37 -6.16
N VAL N 183 49.18 -34.63 -6.67
CA VAL N 183 48.10 -35.10 -5.82
C VAL N 183 47.54 -36.44 -6.27
N THR N 184 47.22 -37.30 -5.29
CA THR N 184 46.54 -38.55 -5.59
C THR N 184 45.08 -38.40 -5.22
N TYR N 185 44.21 -38.76 -6.14
CA TYR N 185 42.76 -38.63 -5.96
C TYR N 185 42.14 -40.01 -5.72
N SER N 186 41.01 -40.02 -5.01
CA SER N 186 40.30 -41.25 -4.69
C SER N 186 39.96 -42.11 -5.90
N CYS N 187 39.80 -41.49 -7.06
CA CYS N 187 39.33 -42.20 -8.24
C CYS N 187 40.42 -43.10 -8.83
N CYS N 188 41.69 -42.79 -8.55
CA CYS N 188 42.78 -43.38 -9.32
C CYS N 188 44.04 -43.54 -8.51
N PRO N 189 44.81 -44.57 -8.83
CA PRO N 189 46.02 -44.97 -8.08
C PRO N 189 47.21 -44.03 -8.28
N GLU N 190 47.23 -43.33 -9.41
CA GLU N 190 48.40 -42.53 -9.77
CA GLU N 190 48.41 -42.53 -9.75
C GLU N 190 48.31 -41.09 -9.25
N ALA N 191 49.45 -40.43 -9.20
CA ALA N 191 49.47 -39.01 -8.85
C ALA N 191 49.32 -38.15 -10.12
N TYR N 192 48.60 -37.03 -9.97
CA TYR N 192 48.43 -36.06 -11.06
C TYR N 192 48.98 -34.71 -10.66
N GLU N 193 49.86 -34.15 -11.50
CA GLU N 193 50.47 -32.87 -11.19
C GLU N 193 49.56 -31.71 -11.50
N ASP N 194 49.80 -30.61 -10.79
CA ASP N 194 49.07 -29.37 -11.04
C ASP N 194 49.95 -28.18 -10.67
N VAL N 195 49.60 -27.04 -11.24
CA VAL N 195 50.19 -25.79 -10.81
C VAL N 195 49.08 -24.99 -10.15
N GLU N 196 49.38 -24.38 -9.01
CA GLU N 196 48.44 -23.49 -8.32
C GLU N 196 48.96 -22.07 -8.43
N VAL N 197 48.15 -21.23 -9.06
CA VAL N 197 48.55 -19.85 -9.26
C VAL N 197 47.73 -19.02 -8.32
N SER N 198 48.43 -18.33 -7.41
CA SER N 198 47.77 -17.47 -6.41
C SER N 198 47.81 -16.02 -6.82
N LEU N 199 46.62 -15.49 -7.08
CA LEU N 199 46.48 -14.13 -7.56
C LEU N 199 46.04 -13.27 -6.39
N ASN N 200 46.94 -12.42 -5.92
CA ASN N 200 46.62 -11.49 -4.83
C ASN N 200 46.29 -10.13 -5.44
N PHE N 201 45.02 -9.75 -5.33
CA PHE N 201 44.51 -8.54 -6.01
C PHE N 201 43.54 -7.80 -5.07
N ARG N 202 43.22 -6.55 -5.42
CA ARG N 202 42.26 -5.76 -4.63
C ARG N 202 41.59 -4.68 -5.47
N LYS N 203 40.40 -4.27 -5.04
CA LYS N 203 39.69 -3.16 -5.66
C LYS N 203 40.55 -1.89 -5.54
N LYS N 204 40.62 -1.09 -6.60
CA LYS N 204 41.38 0.18 -6.53
C LYS N 204 40.56 1.27 -5.85
N LEU O 1 53.63 -52.92 -29.23
CA LEU O 1 52.66 -51.87 -29.46
C LEU O 1 53.01 -50.63 -28.69
N ASP O 2 53.03 -49.48 -29.36
CA ASP O 2 53.14 -48.19 -28.66
C ASP O 2 51.78 -47.45 -28.65
N ARG O 3 51.74 -46.30 -27.98
CA ARG O 3 50.49 -45.56 -27.88
C ARG O 3 49.96 -45.26 -29.27
N ALA O 4 50.85 -44.82 -30.16
CA ALA O 4 50.42 -44.43 -31.51
C ALA O 4 49.64 -45.57 -32.17
N ASP O 5 50.17 -46.79 -32.07
CA ASP O 5 49.53 -47.95 -32.67
C ASP O 5 48.18 -48.22 -32.01
N ILE O 6 48.17 -48.18 -30.68
CA ILE O 6 46.94 -48.45 -29.96
C ILE O 6 45.85 -47.45 -30.35
N LEU O 7 46.21 -46.17 -30.37
CA LEU O 7 45.23 -45.11 -30.68
C LEU O 7 44.79 -45.20 -32.15
N TYR O 8 45.74 -45.59 -32.99
CA TYR O 8 45.44 -45.80 -34.40
C TYR O 8 44.40 -46.91 -34.54
N ASN O 9 44.65 -48.05 -33.89
CA ASN O 9 43.70 -49.16 -33.99
C ASN O 9 42.34 -48.82 -33.46
N ILE O 10 42.30 -48.10 -32.34
CA ILE O 10 41.05 -47.72 -31.71
C ILE O 10 40.27 -46.82 -32.67
N ARG O 11 40.97 -45.86 -33.25
CA ARG O 11 40.32 -44.92 -34.14
C ARG O 11 39.76 -45.66 -35.37
N GLN O 12 40.49 -46.65 -35.86
CA GLN O 12 40.11 -47.36 -37.08
C GLN O 12 38.97 -48.36 -36.87
N THR O 13 38.76 -48.82 -35.63
CA THR O 13 37.85 -49.95 -35.44
C THR O 13 36.86 -49.79 -34.28
N SER O 14 36.80 -48.62 -33.68
CA SER O 14 36.13 -48.50 -32.38
C SER O 14 34.59 -48.66 -32.37
N ARG O 15 33.90 -48.09 -33.38
CA ARG O 15 32.43 -48.24 -33.53
C ARG O 15 31.66 -47.52 -32.42
N PRO O 16 31.80 -46.20 -32.34
CA PRO O 16 31.24 -45.40 -31.23
C PRO O 16 29.72 -45.44 -31.23
N ASP O 17 29.15 -45.92 -32.32
CA ASP O 17 27.69 -46.00 -32.41
C ASP O 17 27.19 -47.38 -31.94
N VAL O 18 28.11 -48.30 -31.59
CA VAL O 18 27.74 -49.68 -31.25
C VAL O 18 27.93 -50.02 -29.77
N ILE O 19 26.81 -50.26 -29.08
CA ILE O 19 26.88 -50.57 -27.68
C ILE O 19 27.57 -51.92 -27.51
N PRO O 20 28.62 -51.96 -26.69
CA PRO O 20 29.45 -53.17 -26.57
C PRO O 20 28.87 -54.21 -25.62
N THR O 21 27.67 -54.71 -25.93
CA THR O 21 27.08 -55.78 -25.13
C THR O 21 27.89 -57.07 -25.32
N GLN O 22 27.99 -57.86 -24.26
CA GLN O 22 28.65 -59.18 -24.28
C GLN O 22 27.64 -60.30 -24.07
N ARG O 23 27.50 -61.19 -25.06
CA ARG O 23 26.63 -62.37 -24.91
C ARG O 23 25.24 -61.95 -24.41
N ASP O 24 24.74 -60.86 -24.97
CA ASP O 24 23.39 -60.36 -24.66
C ASP O 24 23.17 -60.04 -23.18
N ARG O 25 24.26 -59.81 -22.45
CA ARG O 25 24.19 -59.17 -21.14
C ARG O 25 24.28 -57.68 -21.30
N PRO O 26 23.62 -56.95 -20.40
CA PRO O 26 23.68 -55.48 -20.48
C PRO O 26 25.10 -54.99 -20.22
N VAL O 27 25.46 -53.85 -20.81
CA VAL O 27 26.69 -53.17 -20.44
C VAL O 27 26.49 -52.61 -19.01
N ALA O 28 27.35 -53.02 -18.10
CA ALA O 28 27.22 -52.59 -16.70
C ALA O 28 27.96 -51.27 -16.57
N VAL O 29 27.21 -50.19 -16.40
CA VAL O 29 27.77 -48.86 -16.22
C VAL O 29 27.71 -48.46 -14.74
N SER O 30 28.83 -47.98 -14.21
CA SER O 30 28.84 -47.39 -12.86
C SER O 30 28.90 -45.88 -13.00
N VAL O 31 28.10 -45.22 -12.16
CA VAL O 31 28.01 -43.77 -12.14
C VAL O 31 28.11 -43.31 -10.70
N SER O 32 28.86 -42.25 -10.51
CA SER O 32 29.12 -41.73 -9.20
C SER O 32 29.39 -40.24 -9.34
N LEU O 33 28.60 -39.40 -8.66
CA LEU O 33 28.81 -37.95 -8.70
C LEU O 33 29.70 -37.46 -7.57
N LYS O 34 30.87 -36.90 -7.89
CA LYS O 34 31.66 -36.21 -6.86
C LYS O 34 31.34 -34.74 -6.91
N PHE O 35 30.64 -34.25 -5.90
CA PHE O 35 30.23 -32.83 -5.87
C PHE O 35 31.38 -31.89 -5.59
N ILE O 36 31.48 -30.85 -6.41
CA ILE O 36 32.59 -29.91 -6.33
C ILE O 36 32.10 -28.57 -5.83
N ASN O 37 30.85 -28.24 -6.17
CA ASN O 37 30.34 -26.94 -5.83
C ASN O 37 28.83 -26.86 -6.00
N ILE O 38 28.23 -25.98 -5.22
CA ILE O 38 26.82 -25.65 -5.35
C ILE O 38 26.76 -24.13 -5.49
N LEU O 39 26.20 -23.67 -6.60
CA LEU O 39 26.51 -22.30 -7.03
C LEU O 39 25.37 -21.35 -6.89
N GLU O 40 24.16 -21.82 -7.17
CA GLU O 40 23.07 -20.84 -7.27
C GLU O 40 21.76 -21.46 -6.90
N VAL O 41 21.49 -21.45 -5.60
CA VAL O 41 20.29 -22.07 -5.05
C VAL O 41 19.13 -21.08 -5.07
N ASN O 42 17.94 -21.60 -5.33
CA ASN O 42 16.74 -20.79 -5.30
C ASN O 42 15.61 -21.59 -4.67
N GLU O 43 15.29 -21.27 -3.41
CA GLU O 43 14.32 -22.06 -2.65
C GLU O 43 12.91 -21.77 -3.10
N ILE O 44 12.72 -20.61 -3.75
CA ILE O 44 11.42 -20.27 -4.27
C ILE O 44 11.12 -21.07 -5.54
N THR O 45 12.06 -21.10 -6.49
CA THR O 45 11.84 -21.85 -7.71
C THR O 45 12.23 -23.32 -7.62
N ASN O 46 12.89 -23.71 -6.53
CA ASN O 46 13.35 -25.11 -6.39
C ASN O 46 14.33 -25.49 -7.50
N GLU O 47 15.27 -24.60 -7.75
CA GLU O 47 16.28 -24.84 -8.77
C GLU O 47 17.65 -24.66 -8.15
N VAL O 48 18.59 -25.49 -8.60
CA VAL O 48 19.92 -25.43 -8.06
C VAL O 48 20.94 -25.62 -9.19
N ASP O 49 22.06 -24.94 -9.05
CA ASP O 49 23.14 -25.02 -10.01
C ASP O 49 24.27 -25.83 -9.32
N VAL O 50 24.68 -26.93 -9.93
CA VAL O 50 25.66 -27.81 -9.30
C VAL O 50 26.88 -28.07 -10.21
N VAL O 51 28.06 -28.16 -9.62
CA VAL O 51 29.23 -28.64 -10.35
C VAL O 51 29.67 -29.94 -9.72
N PHE O 52 29.92 -30.94 -10.56
CA PHE O 52 30.30 -32.28 -10.08
C PHE O 52 31.12 -33.06 -11.12
N TRP O 53 31.98 -33.96 -10.62
CA TRP O 53 32.68 -34.89 -11.50
C TRP O 53 31.79 -36.12 -11.69
N GLN O 54 31.44 -36.42 -12.94
CA GLN O 54 30.54 -37.52 -13.19
C GLN O 54 31.36 -38.74 -13.52
N GLN O 55 31.83 -39.41 -12.48
CA GLN O 55 32.64 -40.60 -12.64
C GLN O 55 31.81 -41.75 -13.26
N THR O 56 32.21 -42.17 -14.45
CA THR O 56 31.46 -43.12 -15.24
C THR O 56 32.38 -44.22 -15.75
N THR O 57 32.07 -45.47 -15.43
CA THR O 57 32.95 -46.55 -15.84
C THR O 57 32.14 -47.65 -16.48
N TRP O 58 32.73 -48.30 -17.49
CA TRP O 58 32.11 -49.44 -18.12
C TRP O 58 33.21 -50.18 -18.89
N SER O 59 32.82 -51.30 -19.46
CA SER O 59 33.78 -52.16 -20.12
C SER O 59 33.45 -52.22 -21.61
N ASP O 60 34.47 -52.13 -22.46
CA ASP O 60 34.27 -52.33 -23.91
C ASP O 60 35.40 -53.17 -24.48
N ARG O 61 35.16 -54.48 -24.58
CA ARG O 61 36.20 -55.44 -25.00
C ARG O 61 36.73 -55.17 -26.40
N THR O 62 35.95 -54.54 -27.25
CA THR O 62 36.46 -54.24 -28.58
C THR O 62 37.66 -53.28 -28.52
N LEU O 63 37.89 -52.64 -27.37
CA LEU O 63 39.01 -51.70 -27.24
C LEU O 63 40.29 -52.40 -26.76
N ALA O 64 40.13 -53.62 -26.26
CA ALA O 64 41.21 -54.34 -25.58
C ALA O 64 42.42 -54.55 -26.47
N TRP O 65 43.60 -54.57 -25.86
CA TRP O 65 44.82 -54.95 -26.61
C TRP O 65 45.71 -55.77 -25.70
N ASN O 66 46.63 -56.51 -26.30
CA ASN O 66 47.67 -57.23 -25.56
C ASN O 66 48.66 -56.25 -24.94
N SER O 67 48.68 -56.17 -23.60
CA SER O 67 49.52 -55.17 -22.93
C SER O 67 50.95 -55.67 -22.62
N SER O 68 51.28 -56.85 -23.13
CA SER O 68 52.66 -57.33 -23.05
C SER O 68 53.56 -56.41 -23.85
N HIS O 69 54.54 -55.81 -23.18
CA HIS O 69 55.46 -54.89 -23.83
C HIS O 69 54.68 -53.75 -24.47
N SER O 70 53.62 -53.30 -23.80
CA SER O 70 52.82 -52.20 -24.31
C SER O 70 52.30 -51.36 -23.18
N PRO O 71 51.97 -50.09 -23.45
CA PRO O 71 51.36 -49.24 -22.42
C PRO O 71 50.07 -49.88 -21.93
N ASP O 72 49.75 -49.67 -20.66
CA ASP O 72 48.59 -50.32 -20.07
C ASP O 72 47.31 -49.48 -20.23
N GLN O 73 47.49 -48.21 -20.58
CA GLN O 73 46.38 -47.27 -20.71
C GLN O 73 46.64 -46.15 -21.72
N VAL O 74 45.56 -45.67 -22.34
CA VAL O 74 45.67 -44.47 -23.15
C VAL O 74 44.48 -43.54 -22.91
N SER O 75 44.69 -42.25 -23.13
CA SER O 75 43.61 -41.29 -23.10
C SER O 75 43.04 -41.18 -24.52
N VAL O 76 41.72 -41.23 -24.65
CA VAL O 76 41.06 -41.29 -25.94
C VAL O 76 39.93 -40.28 -25.99
N PRO O 77 39.83 -39.53 -27.09
CA PRO O 77 38.69 -38.60 -27.25
C PRO O 77 37.40 -39.43 -27.22
N ILE O 78 36.35 -38.96 -26.52
CA ILE O 78 35.13 -39.78 -26.44
C ILE O 78 34.42 -39.87 -27.79
N SER O 79 34.79 -38.99 -28.71
CA SER O 79 34.22 -39.08 -30.06
C SER O 79 34.68 -40.35 -30.78
N SER O 80 35.74 -40.98 -30.29
CA SER O 80 36.21 -42.24 -30.88
C SER O 80 35.73 -43.48 -30.14
N LEU O 81 34.85 -43.33 -29.14
CA LEU O 81 34.43 -44.48 -28.33
C LEU O 81 32.94 -44.51 -28.22
N TRP O 82 32.37 -45.68 -28.01
CA TRP O 82 31.01 -45.72 -27.56
C TRP O 82 30.98 -45.19 -26.12
N VAL O 83 29.98 -44.40 -25.84
CA VAL O 83 29.78 -43.85 -24.51
C VAL O 83 28.29 -44.03 -24.15
N PRO O 84 28.02 -44.36 -22.88
CA PRO O 84 26.60 -44.54 -22.50
C PRO O 84 25.82 -43.24 -22.69
N ASP O 85 24.56 -43.36 -23.11
CA ASP O 85 23.72 -42.17 -23.33
C ASP O 85 23.02 -41.74 -22.03
N LEU O 86 23.81 -41.45 -21.01
CA LEU O 86 23.27 -41.07 -19.71
C LEU O 86 22.66 -39.68 -19.78
N ALA O 87 21.55 -39.49 -19.06
CA ALA O 87 20.93 -38.18 -18.95
C ALA O 87 20.39 -37.99 -17.52
N ALA O 88 20.41 -36.76 -17.05
CA ALA O 88 19.74 -36.40 -15.80
C ALA O 88 18.28 -36.03 -16.05
N TYR O 89 17.35 -36.85 -15.56
CA TYR O 89 15.93 -36.62 -15.82
C TYR O 89 15.52 -35.26 -15.35
N ASN O 90 16.01 -34.83 -14.18
CA ASN O 90 15.49 -33.56 -13.65
C ASN O 90 16.39 -32.35 -13.95
N ALA O 91 17.30 -32.49 -14.93
CA ALA O 91 18.12 -31.36 -15.38
C ALA O 91 17.25 -30.36 -16.14
N ILE O 92 17.51 -29.08 -15.94
CA ILE O 92 16.75 -28.07 -16.66
C ILE O 92 17.67 -27.21 -17.52
N SER O 93 18.89 -27.67 -17.68
CA SER O 93 19.80 -27.07 -18.65
C SER O 93 20.64 -28.21 -19.21
N LYS O 94 21.26 -28.01 -20.36
CA LYS O 94 22.11 -29.08 -20.84
C LYS O 94 23.40 -29.06 -20.08
N PRO O 95 24.04 -30.24 -19.97
CA PRO O 95 25.27 -30.30 -19.16
C PRO O 95 26.37 -29.46 -19.82
N GLU O 96 26.96 -28.56 -19.05
CA GLU O 96 28.10 -27.77 -19.51
C GLU O 96 29.36 -28.54 -19.07
N VAL O 97 30.02 -29.19 -20.03
CA VAL O 97 31.21 -29.98 -19.72
C VAL O 97 32.42 -29.06 -19.63
N LEU O 98 33.02 -28.99 -18.44
CA LEU O 98 34.07 -28.03 -18.15
C LEU O 98 35.47 -28.53 -18.52
N THR O 99 35.60 -29.84 -18.72
CA THR O 99 36.93 -30.45 -18.85
C THR O 99 37.14 -31.04 -20.25
N PRO O 100 38.38 -31.38 -20.58
CA PRO O 100 38.67 -32.00 -21.89
C PRO O 100 37.92 -33.29 -22.04
N GLN O 101 37.31 -33.50 -23.20
CA GLN O 101 36.46 -34.70 -23.37
C GLN O 101 37.22 -35.98 -23.75
N LEU O 102 38.00 -36.45 -22.78
CA LEU O 102 38.85 -37.63 -22.95
C LEU O 102 38.44 -38.69 -21.94
N ALA O 103 38.45 -39.93 -22.40
CA ALA O 103 38.21 -41.07 -21.52
C ALA O 103 39.53 -41.81 -21.39
N ARG O 104 39.70 -42.48 -20.26
CA ARG O 104 40.87 -43.31 -20.06
C ARG O 104 40.46 -44.75 -20.38
N VAL O 105 41.24 -45.39 -21.25
CA VAL O 105 41.01 -46.77 -21.61
C VAL O 105 42.19 -47.66 -21.18
N VAL O 106 41.86 -48.73 -20.45
CA VAL O 106 42.86 -49.71 -20.02
C VAL O 106 42.94 -50.86 -21.04
N SER O 107 44.09 -51.54 -21.09
CA SER O 107 44.30 -52.57 -22.11
C SER O 107 43.27 -53.69 -22.10
N ASP O 108 42.57 -53.88 -20.98
CA ASP O 108 41.54 -54.93 -20.92
C ASP O 108 40.19 -54.43 -21.37
N GLY O 109 40.12 -53.15 -21.74
CA GLY O 109 38.86 -52.57 -22.25
C GLY O 109 38.02 -51.84 -21.20
N GLU O 110 38.55 -51.73 -19.98
CA GLU O 110 37.92 -50.90 -18.97
C GLU O 110 38.03 -49.44 -19.37
N VAL O 111 36.90 -48.72 -19.29
CA VAL O 111 36.87 -47.30 -19.62
C VAL O 111 36.45 -46.48 -18.42
N LEU O 112 37.15 -45.36 -18.23
CA LEU O 112 36.76 -44.38 -17.23
C LEU O 112 36.57 -43.04 -17.94
N TYR O 113 35.36 -42.50 -17.88
CA TYR O 113 35.10 -41.15 -18.37
C TYR O 113 34.59 -40.34 -17.17
N MET O 114 35.18 -39.18 -16.93
CA MET O 114 34.96 -38.44 -15.68
C MET O 114 34.97 -36.93 -15.93
N PRO O 115 34.03 -36.48 -16.73
CA PRO O 115 33.97 -35.03 -17.00
C PRO O 115 33.57 -34.25 -15.74
N SER O 116 34.02 -33.01 -15.66
CA SER O 116 33.47 -32.10 -14.67
C SER O 116 32.31 -31.35 -15.33
N ILE O 117 31.14 -31.41 -14.70
CA ILE O 117 29.93 -30.88 -15.30
C ILE O 117 29.29 -29.81 -14.43
N ARG O 118 28.85 -28.73 -15.06
CA ARG O 118 28.00 -27.76 -14.38
C ARG O 118 26.63 -27.90 -15.00
N GLN O 119 25.59 -28.01 -14.16
CA GLN O 119 24.26 -28.24 -14.66
C GLN O 119 23.22 -27.73 -13.64
N ARG O 120 22.06 -27.28 -14.13
CA ARG O 120 20.97 -26.88 -13.26
C ARG O 120 19.92 -27.97 -13.18
N PHE O 121 19.34 -28.07 -11.99
CA PHE O 121 18.38 -29.12 -11.72
C PHE O 121 17.13 -28.52 -11.07
N SER O 122 16.00 -29.18 -11.30
CA SER O 122 14.77 -28.95 -10.58
C SER O 122 14.72 -30.02 -9.49
N CYS O 123 14.76 -29.59 -8.25
CA CYS O 123 14.71 -30.52 -7.13
C CYS O 123 14.30 -29.77 -5.85
N ASP O 124 14.18 -30.51 -4.76
CA ASP O 124 13.66 -29.95 -3.50
C ASP O 124 14.72 -29.11 -2.78
N VAL O 125 14.54 -27.79 -2.83
CA VAL O 125 15.48 -26.87 -2.19
C VAL O 125 14.98 -26.41 -0.82
N SER O 126 13.78 -26.82 -0.45
CA SER O 126 13.20 -26.42 0.84
C SER O 126 14.09 -26.87 1.98
N GLY O 127 14.28 -25.98 2.95
CA GLY O 127 15.08 -26.29 4.11
C GLY O 127 16.55 -25.98 3.98
N VAL O 128 16.95 -25.44 2.81
CA VAL O 128 18.37 -25.16 2.59
C VAL O 128 18.99 -24.25 3.66
N ASP O 129 18.19 -23.31 4.19
CA ASP O 129 18.65 -22.37 5.23
C ASP O 129 18.42 -22.86 6.67
N THR O 130 18.09 -24.13 6.82
CA THR O 130 17.90 -24.70 8.14
C THR O 130 19.04 -25.66 8.47
N GLU O 131 19.03 -26.16 9.70
CA GLU O 131 20.11 -27.01 10.13
C GLU O 131 20.02 -28.39 9.48
N SER O 132 18.79 -28.84 9.21
CA SER O 132 18.56 -30.10 8.54
C SER O 132 19.03 -30.00 7.09
N GLY O 133 18.90 -28.80 6.52
CA GLY O 133 19.27 -28.55 5.15
C GLY O 133 18.23 -29.04 4.16
N ALA O 134 18.55 -28.86 2.87
CA ALA O 134 17.70 -29.37 1.79
C ALA O 134 18.23 -30.73 1.31
N THR O 135 17.35 -31.54 0.72
CA THR O 135 17.82 -32.74 0.04
C THR O 135 17.40 -32.68 -1.42
N CYS O 136 18.40 -32.47 -2.28
CA CYS O 136 18.19 -32.41 -3.73
C CYS O 136 18.52 -33.76 -4.34
N ARG O 137 17.53 -34.33 -5.04
CA ARG O 137 17.67 -35.65 -5.64
C ARG O 137 17.95 -35.54 -7.15
N ILE O 138 19.05 -36.11 -7.60
CA ILE O 138 19.41 -36.06 -9.02
C ILE O 138 19.30 -37.46 -9.59
N LYS O 139 18.56 -37.57 -10.69
CA LYS O 139 18.23 -38.89 -11.27
C LYS O 139 18.90 -39.09 -12.63
N ILE O 140 19.72 -40.13 -12.75
CA ILE O 140 20.53 -40.31 -13.97
C ILE O 140 20.40 -41.73 -14.50
N GLY O 141 20.15 -41.85 -15.80
CA GLY O 141 20.14 -43.15 -16.44
C GLY O 141 20.22 -43.07 -17.95
N SER O 142 20.28 -44.22 -18.62
CA SER O 142 20.34 -44.26 -20.07
C SER O 142 19.04 -43.70 -20.62
N TRP O 143 19.15 -42.84 -21.64
CA TRP O 143 17.92 -42.26 -22.18
C TRP O 143 17.20 -43.24 -23.10
N THR O 144 17.95 -44.08 -23.81
CA THR O 144 17.34 -44.92 -24.88
C THR O 144 17.60 -46.41 -24.77
N HIS O 145 18.44 -46.82 -23.81
CA HIS O 145 18.78 -48.25 -23.64
C HIS O 145 18.12 -48.80 -22.39
N HIS O 146 17.26 -49.81 -22.57
CA HIS O 146 16.57 -50.42 -21.44
C HIS O 146 17.49 -51.35 -20.65
N SER O 147 16.95 -51.89 -19.55
CA SER O 147 17.74 -52.67 -18.57
C SER O 147 18.48 -53.88 -19.15
N ARG O 148 18.04 -54.41 -20.29
CA ARG O 148 18.75 -55.55 -20.89
C ARG O 148 19.94 -55.11 -21.73
N GLU O 149 20.05 -53.81 -21.98
CA GLU O 149 21.19 -53.29 -22.76
C GLU O 149 22.18 -52.51 -21.89
N ILE O 150 21.65 -51.70 -20.97
CA ILE O 150 22.49 -50.98 -20.05
C ILE O 150 21.94 -51.08 -18.64
N SER O 151 22.78 -51.51 -17.71
CA SER O 151 22.41 -51.48 -16.30
C SER O 151 23.20 -50.34 -15.69
N VAL O 152 22.62 -49.67 -14.70
CA VAL O 152 23.27 -48.52 -14.12
C VAL O 152 23.36 -48.74 -12.63
N ASP O 153 24.58 -48.60 -12.09
CA ASP O 153 24.82 -48.80 -10.67
C ASP O 153 25.73 -47.76 -10.05
N PRO O 154 25.50 -47.43 -8.77
CA PRO O 154 26.43 -46.58 -8.03
C PRO O 154 27.65 -47.40 -7.69
N THR O 155 28.76 -46.75 -7.34
CA THR O 155 30.01 -47.47 -7.07
C THR O 155 30.20 -47.73 -5.56
N ASP O 161 32.46 -37.55 1.16
CA ASP O 161 31.40 -36.85 0.41
C ASP O 161 31.82 -35.45 -0.04
N SER O 162 32.23 -34.62 0.92
CA SER O 162 32.82 -33.30 0.66
C SER O 162 34.26 -33.41 0.20
N GLU O 163 34.70 -34.61 -0.16
CA GLU O 163 36.12 -34.81 -0.32
C GLU O 163 36.69 -33.75 -1.28
N TYR O 164 35.97 -33.48 -2.35
CA TYR O 164 36.47 -32.52 -3.32
C TYR O 164 35.58 -31.28 -3.34
N PHE O 165 34.69 -31.19 -2.35
CA PHE O 165 33.76 -30.08 -2.35
C PHE O 165 34.47 -28.78 -1.98
N SER O 166 34.16 -27.71 -2.72
CA SER O 166 34.88 -26.45 -2.54
C SER O 166 34.61 -25.84 -1.15
N GLN O 167 35.68 -25.51 -0.45
CA GLN O 167 35.53 -24.83 0.83
C GLN O 167 35.02 -23.41 0.66
N TYR O 168 35.07 -22.88 -0.57
CA TYR O 168 34.63 -21.49 -0.78
C TYR O 168 33.17 -21.35 -1.18
N SER O 169 32.48 -22.46 -1.36
CA SER O 169 31.03 -22.43 -1.62
C SER O 169 30.28 -21.78 -0.44
N ARG O 170 29.13 -21.20 -0.73
CA ARG O 170 28.24 -20.72 0.33
C ARG O 170 27.53 -21.86 1.01
N PHE O 171 27.69 -23.06 0.46
CA PHE O 171 26.98 -24.21 0.99
C PHE O 171 27.94 -25.25 1.48
N GLU O 172 27.41 -26.19 2.26
CA GLU O 172 28.17 -27.34 2.70
C GLU O 172 27.34 -28.60 2.53
N ILE O 173 28.02 -29.73 2.41
CA ILE O 173 27.36 -31.00 2.21
C ILE O 173 27.25 -31.76 3.51
N LEU O 174 26.02 -32.13 3.85
CA LEU O 174 25.78 -32.89 5.07
C LEU O 174 25.92 -34.36 4.77
N ASP O 175 25.35 -34.78 3.65
CA ASP O 175 25.36 -36.20 3.33
C ASP O 175 24.99 -36.41 1.87
N VAL O 176 25.49 -37.52 1.30
CA VAL O 176 25.13 -37.92 -0.04
C VAL O 176 24.77 -39.39 0.02
N THR O 177 23.56 -39.74 -0.42
CA THR O 177 23.17 -41.13 -0.54
C THR O 177 22.75 -41.48 -1.97
N GLN O 178 22.85 -42.76 -2.30
CA GLN O 178 22.50 -43.24 -3.64
C GLN O 178 21.53 -44.41 -3.61
N LYS O 179 20.71 -44.48 -4.63
CA LYS O 179 19.74 -45.53 -4.70
C LYS O 179 19.61 -45.91 -6.16
N LYS O 180 19.49 -47.20 -6.43
CA LYS O 180 19.31 -47.66 -7.80
C LYS O 180 17.83 -47.97 -8.05
N ASN O 181 17.33 -47.63 -9.25
CA ASN O 181 15.93 -47.91 -9.60
C ASN O 181 15.81 -48.51 -10.98
N SER O 182 14.65 -49.11 -11.22
CA SER O 182 14.38 -49.72 -12.49
C SER O 182 12.93 -49.38 -12.78
N VAL O 183 12.70 -48.51 -13.75
CA VAL O 183 11.38 -47.91 -13.95
C VAL O 183 10.84 -48.21 -15.33
N THR O 184 9.53 -48.44 -15.40
CA THR O 184 8.87 -48.61 -16.68
C THR O 184 8.10 -47.33 -16.96
N TYR O 185 8.25 -46.79 -18.15
CA TYR O 185 7.61 -45.53 -18.53
C TYR O 185 6.49 -45.81 -19.51
N SER O 186 5.51 -44.90 -19.57
CA SER O 186 4.35 -45.06 -20.43
C SER O 186 4.71 -45.22 -21.90
N CYS O 187 5.83 -44.64 -22.31
CA CYS O 187 6.24 -44.62 -23.70
CA CYS O 187 6.19 -44.63 -23.71
C CYS O 187 6.67 -45.99 -24.22
N CYS O 188 7.11 -46.86 -23.33
CA CYS O 188 7.79 -48.07 -23.79
C CYS O 188 7.58 -49.21 -22.84
N PRO O 189 7.58 -50.43 -23.37
CA PRO O 189 7.31 -51.67 -22.63
C PRO O 189 8.45 -52.04 -21.68
N GLU O 190 9.67 -51.66 -22.02
CA GLU O 190 10.84 -52.12 -21.24
C GLU O 190 11.13 -51.27 -20.01
N ALA O 191 11.94 -51.80 -19.08
CA ALA O 191 12.35 -51.05 -17.90
C ALA O 191 13.68 -50.32 -18.19
N TYR O 192 13.82 -49.13 -17.64
CA TYR O 192 15.07 -48.38 -17.75
C TYR O 192 15.64 -48.11 -16.41
N GLU O 193 16.92 -48.45 -16.21
CA GLU O 193 17.55 -48.25 -14.91
C GLU O 193 18.02 -46.80 -14.68
N ASP O 194 18.09 -46.41 -13.42
CA ASP O 194 18.61 -45.11 -13.10
C ASP O 194 19.29 -45.18 -11.75
N VAL O 195 20.18 -44.23 -11.50
CA VAL O 195 20.68 -44.02 -10.17
C VAL O 195 20.10 -42.68 -9.69
N GLU O 196 19.61 -42.66 -8.45
CA GLU O 196 19.17 -41.41 -7.80
C GLU O 196 20.16 -41.00 -6.71
N VAL O 197 20.78 -39.85 -6.91
CA VAL O 197 21.78 -39.36 -5.98
C VAL O 197 21.14 -38.25 -5.14
N SER O 198 21.06 -38.50 -3.84
CA SER O 198 20.46 -37.54 -2.92
C SER O 198 21.53 -36.71 -2.24
N LEU O 199 21.50 -35.41 -2.57
CA LEU O 199 22.47 -34.47 -2.03
C LEU O 199 21.79 -33.69 -0.90
N ASN O 200 22.23 -33.94 0.32
CA ASN O 200 21.72 -33.22 1.50
C ASN O 200 22.72 -32.13 1.83
N PHE O 201 22.31 -30.87 1.65
CA PHE O 201 23.22 -29.74 1.82
C PHE O 201 22.48 -28.57 2.48
N ARG O 202 23.25 -27.58 2.94
CA ARG O 202 22.64 -26.39 3.57
C ARG O 202 23.55 -25.19 3.41
N LYS O 203 22.94 -24.00 3.52
CA LYS O 203 23.72 -22.76 3.52
C LYS O 203 24.58 -22.74 4.77
N LYS O 204 25.83 -22.31 4.64
CA LYS O 204 26.67 -22.18 5.84
C LYS O 204 26.26 -20.93 6.68
N GLY O 205 26.39 -21.01 8.01
CA GLY O 205 26.00 -19.91 8.87
C GLY O 205 24.61 -20.10 9.44
N LEU P 1 -43.12 10.95 20.27
CA LEU P 1 -43.35 9.52 20.15
C LEU P 1 -42.06 8.78 19.84
N ASP P 2 -41.79 7.71 20.59
CA ASP P 2 -40.68 6.83 20.20
C ASP P 2 -41.23 5.49 19.67
N ARG P 3 -40.34 4.62 19.21
CA ARG P 3 -40.77 3.31 18.69
C ARG P 3 -41.61 2.54 19.72
N ALA P 4 -41.16 2.55 20.98
CA ALA P 4 -41.86 1.81 22.00
C ALA P 4 -43.34 2.24 22.05
N ASP P 5 -43.57 3.56 22.06
CA ASP P 5 -44.94 4.10 22.08
C ASP P 5 -45.72 3.66 20.84
N ILE P 6 -45.11 3.84 19.68
CA ILE P 6 -45.81 3.52 18.45
C ILE P 6 -46.21 2.05 18.46
N LEU P 7 -45.28 1.18 18.85
CA LEU P 7 -45.56 -0.27 18.80
C LEU P 7 -46.59 -0.66 19.84
N TYR P 8 -46.53 -0.01 21.00
CA TYR P 8 -47.53 -0.20 22.03
C TYR P 8 -48.94 0.17 21.51
N ASN P 9 -49.07 1.36 20.93
CA ASN P 9 -50.38 1.78 20.41
C ASN P 9 -50.92 0.83 19.36
N ILE P 10 -50.03 0.39 18.46
CA ILE P 10 -50.43 -0.51 17.39
C ILE P 10 -50.91 -1.83 18.03
N ARG P 11 -50.14 -2.34 18.97
CA ARG P 11 -50.54 -3.57 19.61
C ARG P 11 -51.89 -3.39 20.31
N GLN P 12 -52.11 -2.23 20.92
CA GLN P 12 -53.32 -2.03 21.70
C GLN P 12 -54.59 -1.77 20.87
N THR P 13 -54.42 -1.33 19.64
CA THR P 13 -55.56 -0.84 18.86
C THR P 13 -55.64 -1.34 17.41
N SER P 14 -54.73 -2.21 17.01
CA SER P 14 -54.57 -2.51 15.58
C SER P 14 -55.78 -3.21 14.86
N ARG P 15 -56.42 -4.19 15.53
CA ARG P 15 -57.59 -4.88 14.95
C ARG P 15 -57.23 -5.74 13.72
N PRO P 16 -56.40 -6.77 13.92
CA PRO P 16 -55.86 -7.58 12.82
C PRO P 16 -56.95 -8.34 12.10
N ASP P 17 -58.12 -8.38 12.71
CA ASP P 17 -59.22 -9.15 12.12
C ASP P 17 -60.12 -8.21 11.27
N VAL P 18 -59.80 -6.92 11.24
CA VAL P 18 -60.66 -5.94 10.58
C VAL P 18 -60.03 -5.35 9.31
N ILE P 19 -60.61 -5.67 8.17
CA ILE P 19 -60.08 -5.16 6.90
C ILE P 19 -60.23 -3.63 6.86
N PRO P 20 -59.14 -2.90 6.62
CA PRO P 20 -59.17 -1.43 6.76
C PRO P 20 -59.71 -0.72 5.50
N THR P 21 -60.94 -1.04 5.12
CA THR P 21 -61.57 -0.35 4.00
C THR P 21 -61.78 1.13 4.33
N GLN P 22 -61.62 1.99 3.33
CA GLN P 22 -61.87 3.41 3.51
C GLN P 22 -63.11 3.82 2.70
N ARG P 23 -64.12 4.36 3.36
CA ARG P 23 -65.29 4.90 2.65
C ARG P 23 -65.85 3.89 1.65
N ASP P 24 -65.84 2.63 2.07
CA ASP P 24 -66.40 1.55 1.23
C ASP P 24 -65.69 1.35 -0.12
N ARG P 25 -64.46 1.84 -0.22
CA ARG P 25 -63.59 1.44 -1.32
C ARG P 25 -62.79 0.22 -0.90
N PRO P 26 -62.51 -0.65 -1.87
CA PRO P 26 -61.66 -1.83 -1.58
C PRO P 26 -60.27 -1.40 -1.09
N VAL P 27 -59.66 -2.24 -0.28
CA VAL P 27 -58.26 -2.06 0.08
C VAL P 27 -57.47 -2.45 -1.17
N ALA P 28 -56.64 -1.51 -1.64
CA ALA P 28 -55.85 -1.72 -2.86
C ALA P 28 -54.55 -2.42 -2.47
N VAL P 29 -54.42 -3.69 -2.82
CA VAL P 29 -53.25 -4.47 -2.46
C VAL P 29 -52.37 -4.60 -3.70
N SER P 30 -51.07 -4.34 -3.57
CA SER P 30 -50.15 -4.62 -4.68
C SER P 30 -49.39 -5.86 -4.33
N VAL P 31 -49.15 -6.69 -5.33
CA VAL P 31 -48.46 -7.96 -5.18
C VAL P 31 -47.45 -8.08 -6.32
N SER P 32 -46.26 -8.51 -5.96
CA SER P 32 -45.19 -8.63 -6.92
C SER P 32 -44.25 -9.76 -6.48
N LEU P 33 -44.02 -10.74 -7.35
CA LEU P 33 -43.16 -11.87 -6.95
C LEU P 33 -41.73 -11.65 -7.48
N LYS P 34 -40.76 -11.58 -6.60
CA LYS P 34 -39.36 -11.54 -7.04
C LYS P 34 -38.81 -12.94 -6.92
N PHE P 35 -38.55 -13.57 -8.07
CA PHE P 35 -38.12 -14.96 -8.05
C PHE P 35 -36.67 -15.09 -7.63
N ILE P 36 -36.45 -16.00 -6.70
CA ILE P 36 -35.11 -16.19 -6.13
C ILE P 36 -34.52 -17.53 -6.62
N ASN P 37 -35.40 -18.52 -6.76
CA ASN P 37 -34.93 -19.84 -7.11
C ASN P 37 -36.04 -20.71 -7.69
N ILE P 38 -35.62 -21.70 -8.49
CA ILE P 38 -36.50 -22.74 -9.02
C ILE P 38 -35.77 -24.05 -8.72
N LEU P 39 -36.41 -24.91 -7.96
CA LEU P 39 -35.66 -25.91 -7.21
C LEU P 39 -35.90 -27.30 -7.71
N GLU P 40 -37.13 -27.60 -8.06
CA GLU P 40 -37.41 -29.02 -8.33
C GLU P 40 -38.49 -29.18 -9.37
N VAL P 41 -38.09 -29.11 -10.63
CA VAL P 41 -39.01 -29.16 -11.73
C VAL P 41 -39.33 -30.61 -12.12
N ASN P 42 -40.55 -30.85 -12.54
CA ASN P 42 -40.96 -32.17 -12.99
C ASN P 42 -41.90 -32.04 -14.17
N GLU P 43 -41.36 -32.30 -15.36
CA GLU P 43 -42.11 -32.05 -16.59
C GLU P 43 -43.20 -33.12 -16.78
N ILE P 44 -42.97 -34.27 -16.15
CA ILE P 44 -43.95 -35.34 -16.23
C ILE P 44 -45.18 -35.00 -15.41
N THR P 45 -44.97 -34.62 -14.14
CA THR P 45 -46.08 -34.26 -13.26
C THR P 45 -46.54 -32.80 -13.37
N ASN P 46 -45.82 -31.97 -14.10
CA ASN P 46 -46.18 -30.55 -14.19
C ASN P 46 -46.22 -29.87 -12.81
N GLU P 47 -45.17 -30.13 -12.03
CA GLU P 47 -45.06 -29.53 -10.71
C GLU P 47 -43.71 -28.86 -10.61
N VAL P 48 -43.70 -27.74 -9.92
CA VAL P 48 -42.48 -26.97 -9.77
C VAL P 48 -42.39 -26.43 -8.35
N ASP P 49 -41.15 -26.34 -7.87
CA ASP P 49 -40.86 -25.85 -6.53
C ASP P 49 -40.18 -24.51 -6.76
N VAL P 50 -40.71 -23.44 -6.18
CA VAL P 50 -40.20 -22.09 -6.41
C VAL P 50 -39.94 -21.33 -5.10
N VAL P 51 -38.87 -20.54 -5.08
CA VAL P 51 -38.66 -19.63 -3.97
C VAL P 51 -38.80 -18.21 -4.50
N PHE P 52 -39.53 -17.38 -3.77
CA PHE P 52 -39.75 -16.01 -4.23
C PHE P 52 -40.07 -15.07 -3.06
N TRP P 53 -39.73 -13.80 -3.23
CA TRP P 53 -40.13 -12.79 -2.26
C TRP P 53 -41.49 -12.28 -2.69
N GLN P 54 -42.47 -12.41 -1.80
CA GLN P 54 -43.82 -11.96 -2.14
C GLN P 54 -44.06 -10.54 -1.68
N GLN P 55 -43.56 -9.59 -2.46
CA GLN P 55 -43.71 -8.18 -2.12
C GLN P 55 -45.18 -7.76 -2.15
N THR P 56 -45.68 -7.36 -0.98
CA THR P 56 -47.10 -7.11 -0.77
C THR P 56 -47.27 -5.78 -0.07
N THR P 57 -47.96 -4.84 -0.70
CA THR P 57 -48.15 -3.52 -0.08
C THR P 57 -49.63 -3.15 0.00
N TRP P 58 -50.00 -2.43 1.05
CA TRP P 58 -51.34 -1.90 1.15
C TRP P 58 -51.32 -0.81 2.21
N SER P 59 -52.47 -0.16 2.36
CA SER P 59 -52.55 0.97 3.23
C SER P 59 -53.51 0.62 4.38
N ASP P 60 -53.13 0.95 5.61
CA ASP P 60 -54.04 0.81 6.76
C ASP P 60 -53.95 2.06 7.65
N ARG P 61 -54.86 3.00 7.42
CA ARG P 61 -54.82 4.28 8.14
C ARG P 61 -54.92 4.15 9.67
N THR P 62 -55.57 3.11 10.14
CA THR P 62 -55.68 2.97 11.58
C THR P 62 -54.30 2.78 12.19
N LEU P 63 -53.26 2.50 11.39
CA LEU P 63 -51.90 2.35 11.95
C LEU P 63 -51.13 3.68 11.99
N ALA P 64 -51.65 4.67 11.28
CA ALA P 64 -50.95 5.94 11.11
C ALA P 64 -50.64 6.63 12.44
N TRP P 65 -49.54 7.37 12.47
CA TRP P 65 -49.22 8.24 13.61
C TRP P 65 -48.59 9.53 13.10
N ASN P 66 -48.56 10.53 13.98
CA ASN P 66 -47.93 11.82 13.67
C ASN P 66 -46.42 11.65 13.73
N SER P 67 -45.76 11.74 12.59
CA SER P 67 -44.31 11.48 12.55
C SER P 67 -43.44 12.70 12.86
N SER P 68 -44.09 13.78 13.29
CA SER P 68 -43.32 14.93 13.74
C SER P 68 -42.53 14.54 14.99
N HIS P 69 -41.20 14.66 14.92
CA HIS P 69 -40.34 14.32 16.05
C HIS P 69 -40.56 12.87 16.44
N SER P 70 -40.78 12.02 15.44
CA SER P 70 -41.01 10.60 15.69
C SER P 70 -40.38 9.80 14.57
N PRO P 71 -40.09 8.52 14.83
CA PRO P 71 -39.60 7.64 13.76
C PRO P 71 -40.63 7.54 12.66
N ASP P 72 -40.16 7.38 11.43
CA ASP P 72 -41.05 7.37 10.30
C ASP P 72 -41.58 5.99 9.99
N GLN P 73 -40.95 4.97 10.55
CA GLN P 73 -41.34 3.59 10.30
C GLN P 73 -40.99 2.64 11.45
N VAL P 74 -41.75 1.56 11.59
CA VAL P 74 -41.42 0.49 12.49
C VAL P 74 -41.65 -0.88 11.84
N SER P 75 -40.90 -1.88 12.30
CA SER P 75 -41.17 -3.26 11.91
C SER P 75 -42.13 -3.84 12.95
N VAL P 76 -43.18 -4.51 12.47
CA VAL P 76 -44.26 -4.98 13.30
C VAL P 76 -44.56 -6.43 12.93
N PRO P 77 -44.79 -7.28 13.95
CA PRO P 77 -45.12 -8.69 13.71
C PRO P 77 -46.45 -8.74 12.97
N ILE P 78 -46.59 -9.54 11.91
CA ILE P 78 -47.87 -9.52 11.19
C ILE P 78 -49.06 -9.98 12.03
N SER P 79 -48.79 -10.69 13.12
CA SER P 79 -49.85 -11.12 14.05
C SER P 79 -50.52 -9.89 14.71
N SER P 80 -49.89 -8.74 14.65
CA SER P 80 -50.48 -7.52 15.23
C SER P 80 -51.13 -6.61 14.18
N LEU P 81 -51.25 -7.08 12.95
CA LEU P 81 -51.78 -6.24 11.86
C LEU P 81 -52.82 -6.99 11.09
N TRP P 82 -53.72 -6.26 10.47
CA TRP P 82 -54.51 -6.88 9.42
C TRP P 82 -53.58 -7.15 8.23
N VAL P 83 -53.70 -8.35 7.67
CA VAL P 83 -52.95 -8.69 6.47
C VAL P 83 -53.94 -9.29 5.45
N PRO P 84 -53.72 -9.01 4.17
CA PRO P 84 -54.64 -9.56 3.16
C PRO P 84 -54.62 -11.08 3.13
N ASP P 85 -55.78 -11.71 2.94
CA ASP P 85 -55.81 -13.18 2.93
C ASP P 85 -55.42 -13.78 1.58
N LEU P 86 -54.22 -13.45 1.07
CA LEU P 86 -53.83 -13.88 -0.28
C LEU P 86 -53.59 -15.38 -0.32
N ALA P 87 -53.96 -16.04 -1.41
CA ALA P 87 -53.60 -17.44 -1.59
C ALA P 87 -53.25 -17.70 -3.05
N ALA P 88 -52.35 -18.65 -3.28
CA ALA P 88 -52.06 -19.05 -4.64
C ALA P 88 -53.01 -20.17 -5.03
N TYR P 89 -53.86 -19.91 -6.03
CA TYR P 89 -54.85 -20.94 -6.45
C TYR P 89 -54.23 -22.25 -6.86
N ASN P 90 -53.08 -22.20 -7.56
CA ASN P 90 -52.51 -23.45 -8.07
C ASN P 90 -51.37 -24.00 -7.19
N ALA P 91 -51.29 -23.54 -5.95
CA ALA P 91 -50.27 -24.09 -5.04
C ALA P 91 -50.72 -25.50 -4.64
N ILE P 92 -49.76 -26.41 -4.48
CA ILE P 92 -50.12 -27.77 -4.05
C ILE P 92 -49.40 -28.12 -2.76
N SER P 93 -48.84 -27.09 -2.14
CA SER P 93 -48.28 -27.21 -0.79
C SER P 93 -48.58 -25.90 -0.07
N LYS P 94 -48.57 -25.90 1.26
CA LYS P 94 -48.74 -24.60 1.91
C LYS P 94 -47.47 -23.80 1.85
N PRO P 95 -47.61 -22.49 1.88
CA PRO P 95 -46.41 -21.67 1.72
C PRO P 95 -45.46 -21.90 2.90
N GLU P 96 -44.20 -22.21 2.63
CA GLU P 96 -43.21 -22.31 3.68
C GLU P 96 -42.55 -20.92 3.76
N VAL P 97 -42.83 -20.17 4.83
CA VAL P 97 -42.29 -18.80 4.95
C VAL P 97 -40.90 -18.91 5.55
N LEU P 98 -39.90 -18.48 4.78
CA LEU P 98 -38.51 -18.68 5.17
C LEU P 98 -37.97 -17.55 6.05
N THR P 99 -38.69 -16.43 6.10
CA THR P 99 -38.14 -15.24 6.73
C THR P 99 -38.95 -14.84 7.96
N PRO P 100 -38.39 -13.97 8.81
CA PRO P 100 -39.12 -13.44 9.98
C PRO P 100 -40.41 -12.79 9.56
N GLN P 101 -41.50 -13.10 10.25
CA GLN P 101 -42.80 -12.60 9.82
C GLN P 101 -43.11 -11.19 10.33
N LEU P 102 -42.36 -10.24 9.77
CA LEU P 102 -42.46 -8.84 10.16
C LEU P 102 -42.85 -8.03 8.94
N ALA P 103 -43.74 -7.06 9.15
CA ALA P 103 -44.09 -6.09 8.13
C ALA P 103 -43.50 -4.75 8.54
N ARG P 104 -43.25 -3.91 7.54
CA ARG P 104 -42.74 -2.58 7.78
C ARG P 104 -43.92 -1.64 7.63
N VAL P 105 -44.16 -0.83 8.65
CA VAL P 105 -45.26 0.13 8.65
C VAL P 105 -44.69 1.54 8.67
N VAL P 106 -45.17 2.37 7.73
CA VAL P 106 -44.79 3.78 7.66
C VAL P 106 -45.80 4.65 8.39
N SER P 107 -45.36 5.82 8.88
CA SER P 107 -46.23 6.65 9.74
C SER P 107 -47.58 7.05 9.13
N ASP P 108 -47.67 7.04 7.79
CA ASP P 108 -48.93 7.33 7.10
C ASP P 108 -49.81 6.08 6.93
N GLY P 109 -49.35 4.92 7.41
CA GLY P 109 -50.16 3.70 7.36
C GLY P 109 -49.86 2.78 6.17
N GLU P 110 -48.89 3.18 5.35
CA GLU P 110 -48.43 2.27 4.31
C GLU P 110 -47.74 1.06 4.93
N VAL P 111 -48.15 -0.12 4.47
CA VAL P 111 -47.55 -1.35 4.95
C VAL P 111 -46.81 -2.05 3.81
N LEU P 112 -45.64 -2.60 4.15
CA LEU P 112 -44.90 -3.49 3.24
C LEU P 112 -44.67 -4.81 3.97
N TYR P 113 -45.16 -5.90 3.40
CA TYR P 113 -44.88 -7.24 3.91
C TYR P 113 -44.28 -7.99 2.73
N MET P 114 -43.10 -8.57 2.97
CA MET P 114 -42.30 -9.18 1.90
C MET P 114 -41.61 -10.45 2.36
N PRO P 115 -42.40 -11.47 2.70
CA PRO P 115 -41.79 -12.73 3.10
C PRO P 115 -41.10 -13.41 1.92
N SER P 116 -40.09 -14.20 2.23
CA SER P 116 -39.53 -15.09 1.22
C SER P 116 -40.26 -16.42 1.41
N ILE P 117 -40.82 -16.94 0.32
CA ILE P 117 -41.65 -18.12 0.37
C ILE P 117 -41.12 -19.24 -0.53
N ARG P 118 -41.14 -20.46 -0.01
CA ARG P 118 -40.94 -21.62 -0.84
C ARG P 118 -42.28 -22.31 -0.96
N GLN P 119 -42.67 -22.63 -2.20
CA GLN P 119 -43.97 -23.26 -2.39
C GLN P 119 -43.95 -24.10 -3.68
N ARG P 120 -44.77 -25.16 -3.71
CA ARG P 120 -44.90 -25.96 -4.92
C ARG P 120 -46.20 -25.63 -5.65
N PHE P 121 -46.11 -25.67 -6.97
CA PHE P 121 -47.24 -25.29 -7.83
C PHE P 121 -47.51 -26.34 -8.91
N SER P 122 -48.77 -26.40 -9.30
CA SER P 122 -49.19 -27.19 -10.43
C SER P 122 -49.30 -26.19 -11.57
N CYS P 123 -48.46 -26.38 -12.59
CA CYS P 123 -48.46 -25.44 -13.72
C CYS P 123 -47.73 -26.08 -14.92
N ASP P 124 -47.73 -25.35 -16.03
CA ASP P 124 -47.24 -25.94 -17.29
C ASP P 124 -45.73 -25.98 -17.32
N VAL P 125 -45.16 -27.17 -17.17
CA VAL P 125 -43.71 -27.32 -17.15
C VAL P 125 -43.18 -27.78 -18.49
N SER P 126 -44.07 -27.97 -19.45
CA SER P 126 -43.66 -28.48 -20.77
C SER P 126 -42.72 -27.48 -21.45
N GLY P 127 -41.66 -28.01 -22.06
CA GLY P 127 -40.73 -27.17 -22.79
C GLY P 127 -39.56 -26.66 -21.95
N VAL P 128 -39.51 -27.07 -20.68
CA VAL P 128 -38.50 -26.54 -19.78
C VAL P 128 -37.07 -26.80 -20.27
N ASP P 129 -36.89 -27.92 -20.98
CA ASP P 129 -35.58 -28.30 -21.53
C ASP P 129 -35.35 -27.81 -22.97
N THR P 130 -36.19 -26.90 -23.44
CA THR P 130 -36.03 -26.38 -24.78
C THR P 130 -35.60 -24.93 -24.69
N GLU P 131 -35.39 -24.31 -25.84
CA GLU P 131 -34.82 -22.98 -25.85
C GLU P 131 -35.90 -21.95 -25.54
N SER P 132 -37.12 -22.28 -25.93
CA SER P 132 -38.28 -21.43 -25.63
C SER P 132 -38.59 -21.48 -24.14
N GLY P 133 -38.29 -22.63 -23.53
CA GLY P 133 -38.52 -22.84 -22.11
C GLY P 133 -39.97 -23.13 -21.78
N ALA P 134 -40.23 -23.33 -20.48
CA ALA P 134 -41.60 -23.49 -19.98
C ALA P 134 -42.15 -22.14 -19.53
N THR P 135 -43.49 -22.05 -19.53
CA THR P 135 -44.14 -20.91 -18.89
C THR P 135 -45.10 -21.41 -17.80
N CYS P 136 -44.70 -21.13 -16.55
CA CYS P 136 -45.45 -21.53 -15.39
C CYS P 136 -46.21 -20.33 -14.88
N ARG P 137 -47.53 -20.45 -14.79
CA ARG P 137 -48.41 -19.36 -14.40
C ARG P 137 -48.83 -19.52 -12.91
N ILE P 138 -48.60 -18.49 -12.11
CA ILE P 138 -48.93 -18.56 -10.69
C ILE P 138 -50.04 -17.56 -10.44
N LYS P 139 -51.12 -18.02 -9.83
CA LYS P 139 -52.33 -17.18 -9.68
C LYS P 139 -52.57 -16.85 -8.20
N ILE P 140 -52.60 -15.56 -7.90
CA ILE P 140 -52.72 -15.14 -6.50
C ILE P 140 -53.82 -14.10 -6.29
N GLY P 141 -54.63 -14.32 -5.25
CA GLY P 141 -55.66 -13.34 -4.92
C GLY P 141 -56.27 -13.56 -3.55
N SER P 142 -57.11 -12.63 -3.11
CA SER P 142 -57.78 -12.81 -1.82
C SER P 142 -58.64 -14.08 -1.87
N TRP P 143 -58.55 -14.89 -0.82
CA TRP P 143 -59.36 -16.10 -0.78
C TRP P 143 -60.83 -15.80 -0.44
N THR P 144 -61.09 -14.77 0.39
CA THR P 144 -62.46 -14.57 0.91
C THR P 144 -63.00 -13.15 0.76
N HIS P 145 -62.20 -12.23 0.25
CA HIS P 145 -62.67 -10.87 0.03
C HIS P 145 -62.88 -10.57 -1.45
N HIS P 146 -64.11 -10.21 -1.83
CA HIS P 146 -64.38 -9.96 -3.25
C HIS P 146 -63.85 -8.57 -3.67
N SER P 147 -63.98 -8.27 -4.96
CA SER P 147 -63.43 -7.05 -5.57
C SER P 147 -63.83 -5.72 -4.93
N ARG P 148 -64.95 -5.69 -4.20
CA ARG P 148 -65.34 -4.43 -3.51
C ARG P 148 -64.63 -4.25 -2.17
N GLU P 149 -63.98 -5.31 -1.71
CA GLU P 149 -63.30 -5.26 -0.42
C GLU P 149 -61.78 -5.27 -0.60
N ILE P 150 -61.30 -6.12 -1.50
CA ILE P 150 -59.88 -6.11 -1.85
C ILE P 150 -59.69 -6.06 -3.36
N SER P 151 -58.88 -5.12 -3.82
CA SER P 151 -58.42 -5.17 -5.21
C SER P 151 -56.99 -5.62 -5.20
N VAL P 152 -56.61 -6.37 -6.23
CA VAL P 152 -55.26 -6.88 -6.29
C VAL P 152 -54.63 -6.38 -7.58
N ASP P 153 -53.45 -5.77 -7.48
CA ASP P 153 -52.74 -5.27 -8.67
C ASP P 153 -51.26 -5.58 -8.64
N PRO P 154 -50.67 -5.84 -9.82
CA PRO P 154 -49.19 -5.94 -9.90
C PRO P 154 -48.61 -4.54 -9.74
N THR P 155 -47.33 -4.44 -9.43
CA THR P 155 -46.69 -3.13 -9.22
C THR P 155 -46.05 -2.59 -10.50
N ASP P 161 -35.83 -8.89 -13.85
CA ASP P 161 -36.56 -10.15 -13.58
C ASP P 161 -35.71 -11.15 -12.79
N SER P 162 -34.53 -11.46 -13.31
CA SER P 162 -33.55 -12.29 -12.62
C SER P 162 -32.80 -11.47 -11.58
N GLU P 163 -33.31 -10.29 -11.28
CA GLU P 163 -32.47 -9.39 -10.49
C GLU P 163 -31.94 -10.09 -9.25
N TYR P 164 -32.79 -10.83 -8.55
CA TYR P 164 -32.37 -11.52 -7.35
C TYR P 164 -32.36 -13.01 -7.55
N PHE P 165 -32.47 -13.44 -8.80
CA PHE P 165 -32.55 -14.87 -9.08
C PHE P 165 -31.18 -15.52 -8.89
N SER P 166 -31.16 -16.65 -8.19
CA SER P 166 -29.90 -17.35 -7.86
C SER P 166 -29.12 -17.82 -9.10
N GLN P 167 -27.84 -17.44 -9.18
CA GLN P 167 -26.97 -17.88 -10.27
C GLN P 167 -26.69 -19.38 -10.15
N TYR P 168 -26.99 -19.96 -9.00
CA TYR P 168 -26.62 -21.36 -8.79
C TYR P 168 -27.75 -22.30 -9.11
N SER P 169 -28.89 -21.74 -9.50
CA SER P 169 -30.02 -22.59 -9.90
C SER P 169 -29.69 -23.37 -11.18
N ARG P 170 -30.32 -24.53 -11.35
CA ARG P 170 -30.20 -25.26 -12.61
C ARG P 170 -30.95 -24.58 -13.70
N PHE P 171 -31.75 -23.58 -13.33
CA PHE P 171 -32.64 -22.94 -14.30
C PHE P 171 -32.33 -21.48 -14.43
N GLU P 172 -32.90 -20.86 -15.46
CA GLU P 172 -32.72 -19.42 -15.67
C GLU P 172 -34.04 -18.83 -16.11
N ILE P 173 -34.21 -17.55 -15.82
CA ILE P 173 -35.46 -16.91 -16.14
C ILE P 173 -35.32 -16.16 -17.45
N LEU P 174 -36.26 -16.40 -18.37
CA LEU P 174 -36.26 -15.77 -19.68
C LEU P 174 -37.13 -14.54 -19.61
N ASP P 175 -38.25 -14.65 -18.91
CA ASP P 175 -39.15 -13.50 -18.81
C ASP P 175 -40.18 -13.70 -17.70
N VAL P 176 -40.68 -12.59 -17.17
CA VAL P 176 -41.78 -12.64 -16.22
C VAL P 176 -42.81 -11.61 -16.62
N THR P 177 -44.05 -12.05 -16.84
CA THR P 177 -45.12 -11.11 -17.15
C THR P 177 -46.26 -11.25 -16.15
N GLN P 178 -47.07 -10.21 -16.05
CA GLN P 178 -48.15 -10.19 -15.10
C GLN P 178 -49.43 -9.74 -15.75
N LYS P 179 -50.52 -10.23 -15.20
CA LYS P 179 -51.82 -9.91 -15.73
C LYS P 179 -52.82 -9.89 -14.58
N LYS P 180 -53.72 -8.92 -14.63
CA LYS P 180 -54.72 -8.81 -13.58
C LYS P 180 -56.03 -9.40 -14.10
N ASN P 181 -56.75 -10.10 -13.23
CA ASN P 181 -58.07 -10.67 -13.58
C ASN P 181 -59.10 -10.50 -12.50
N SER P 182 -60.35 -10.63 -12.89
CA SER P 182 -61.48 -10.47 -11.99
C SER P 182 -62.42 -11.61 -12.36
N VAL P 183 -62.57 -12.55 -11.45
CA VAL P 183 -63.25 -13.78 -11.80
C VAL P 183 -64.44 -14.07 -10.90
N THR P 184 -65.51 -14.57 -11.50
CA THR P 184 -66.66 -14.94 -10.70
C THR P 184 -66.68 -16.45 -10.63
N TYR P 185 -66.80 -16.99 -9.42
CA TYR P 185 -66.78 -18.44 -9.20
C TYR P 185 -68.17 -18.94 -8.85
N SER P 186 -68.43 -20.19 -9.19
CA SER P 186 -69.75 -20.81 -8.97
C SER P 186 -70.21 -20.73 -7.54
N CYS P 187 -69.25 -20.64 -6.63
CA CYS P 187 -69.54 -20.63 -5.21
CA CYS P 187 -69.57 -20.65 -5.22
C CYS P 187 -70.25 -19.36 -4.74
N CYS P 188 -69.98 -18.24 -5.42
CA CYS P 188 -70.43 -16.95 -4.90
C CYS P 188 -70.74 -15.95 -6.00
N PRO P 189 -71.66 -15.04 -5.71
CA PRO P 189 -72.16 -14.04 -6.66
C PRO P 189 -71.14 -12.96 -7.03
N GLU P 190 -70.17 -12.67 -6.17
CA GLU P 190 -69.26 -11.55 -6.40
CA GLU P 190 -69.27 -11.55 -6.41
C GLU P 190 -68.03 -11.95 -7.21
N ALA P 191 -67.33 -10.96 -7.73
CA ALA P 191 -66.08 -11.22 -8.45
C ALA P 191 -64.90 -11.15 -7.44
N TYR P 192 -63.88 -11.95 -7.69
CA TYR P 192 -62.65 -11.92 -6.89
C TYR P 192 -61.46 -11.65 -7.77
N GLU P 193 -60.67 -10.66 -7.40
CA GLU P 193 -59.54 -10.32 -8.23
C GLU P 193 -58.36 -11.26 -7.97
N ASP P 194 -57.50 -11.39 -8.99
CA ASP P 194 -56.25 -12.12 -8.84
C ASP P 194 -55.18 -11.49 -9.72
N VAL P 195 -53.93 -11.78 -9.40
CA VAL P 195 -52.83 -11.48 -10.28
C VAL P 195 -52.25 -12.81 -10.77
N GLU P 196 -52.05 -12.90 -12.09
CA GLU P 196 -51.41 -14.07 -12.69
C GLU P 196 -50.00 -13.73 -13.11
N VAL P 197 -49.05 -14.43 -12.50
CA VAL P 197 -47.66 -14.15 -12.79
C VAL P 197 -47.13 -15.26 -13.65
N SER P 198 -46.68 -14.90 -14.85
CA SER P 198 -46.20 -15.90 -15.81
C SER P 198 -44.68 -15.95 -15.82
N LEU P 199 -44.15 -17.08 -15.37
CA LEU P 199 -42.72 -17.27 -15.21
C LEU P 199 -42.22 -18.12 -16.38
N ASN P 200 -41.52 -17.48 -17.32
CA ASN P 200 -40.95 -18.18 -18.46
C ASN P 200 -39.50 -18.51 -18.14
N PHE P 201 -39.20 -19.80 -18.02
CA PHE P 201 -37.88 -20.21 -17.56
C PHE P 201 -37.45 -21.47 -18.31
N ARG P 202 -36.17 -21.84 -18.19
CA ARG P 202 -35.67 -23.07 -18.82
C ARG P 202 -34.45 -23.64 -18.10
N LYS P 203 -34.20 -24.93 -18.34
CA LYS P 203 -32.98 -25.55 -17.83
C LYS P 203 -31.78 -24.91 -18.53
N LYS P 204 -30.72 -24.62 -17.78
CA LYS P 204 -29.50 -24.07 -18.39
C LYS P 204 -28.70 -25.13 -19.13
N LEU Q 1 -73.84 0.16 12.25
CA LEU Q 1 -72.83 -0.88 12.51
C LEU Q 1 -71.78 -0.89 11.42
N ASP Q 2 -70.51 -0.90 11.81
CA ASP Q 2 -69.47 -1.11 10.79
C ASP Q 2 -68.80 -2.45 11.00
N ARG Q 3 -67.87 -2.80 10.13
CA ARG Q 3 -67.20 -4.09 10.21
C ARG Q 3 -66.53 -4.30 11.55
N ALA Q 4 -65.86 -3.25 12.04
CA ALA Q 4 -65.17 -3.33 13.32
C ALA Q 4 -66.15 -3.76 14.43
N ASP Q 5 -67.33 -3.14 14.46
CA ASP Q 5 -68.35 -3.47 15.47
C ASP Q 5 -68.80 -4.91 15.33
N ILE Q 6 -69.14 -5.28 14.09
CA ILE Q 6 -69.64 -6.61 13.85
C ILE Q 6 -68.63 -7.66 14.31
N LEU Q 7 -67.37 -7.47 13.92
CA LEU Q 7 -66.32 -8.44 14.27
C LEU Q 7 -66.05 -8.44 15.78
N TYR Q 8 -66.04 -7.26 16.38
CA TYR Q 8 -65.97 -7.17 17.83
C TYR Q 8 -67.09 -7.99 18.49
N ASN Q 9 -68.34 -7.76 18.10
CA ASN Q 9 -69.46 -8.49 18.71
C ASN Q 9 -69.32 -10.01 18.54
N ILE Q 10 -68.96 -10.42 17.33
CA ILE Q 10 -68.78 -11.83 17.05
C ILE Q 10 -67.72 -12.43 17.94
N ARG Q 11 -66.57 -11.77 18.01
CA ARG Q 11 -65.50 -12.21 18.90
C ARG Q 11 -65.95 -12.31 20.37
N GLN Q 12 -66.74 -11.32 20.82
CA GLN Q 12 -67.12 -11.28 22.23
C GLN Q 12 -68.16 -12.30 22.60
N THR Q 13 -68.95 -12.78 21.64
CA THR Q 13 -70.15 -13.54 22.00
C THR Q 13 -70.34 -14.85 21.23
N SER Q 14 -69.39 -15.18 20.36
CA SER Q 14 -69.62 -16.22 19.36
C SER Q 14 -69.83 -17.67 19.85
N ARG Q 15 -69.07 -18.10 20.85
CA ARG Q 15 -69.26 -19.46 21.45
C ARG Q 15 -68.89 -20.57 20.49
N PRO Q 16 -67.61 -20.61 20.07
CA PRO Q 16 -67.12 -21.55 19.05
C PRO Q 16 -67.22 -23.00 19.50
N ASP Q 17 -67.45 -23.20 20.80
CA ASP Q 17 -67.56 -24.56 21.34
C ASP Q 17 -69.05 -24.99 21.36
N VAL Q 18 -69.96 -24.09 20.99
CA VAL Q 18 -71.40 -24.39 21.09
C VAL Q 18 -72.09 -24.60 19.74
N ILE Q 19 -72.54 -25.81 19.50
CA ILE Q 19 -73.23 -26.12 18.25
C ILE Q 19 -74.54 -25.34 18.24
N PRO Q 20 -74.76 -24.54 17.18
CA PRO Q 20 -75.92 -23.65 17.10
C PRO Q 20 -77.19 -24.37 16.60
N THR Q 21 -77.64 -25.37 17.36
CA THR Q 21 -78.92 -26.02 17.05
C THR Q 21 -80.07 -25.06 17.29
N GLN Q 22 -81.10 -25.16 16.45
CA GLN Q 22 -82.33 -24.36 16.58
C GLN Q 22 -83.50 -25.28 16.97
N ARG Q 23 -84.12 -25.01 18.10
CA ARG Q 23 -85.35 -25.71 18.48
C ARG Q 23 -85.16 -27.23 18.39
N ASP Q 24 -83.96 -27.66 18.76
CA ASP Q 24 -83.62 -29.08 18.77
C ASP Q 24 -83.66 -29.75 17.41
N ARG Q 25 -83.58 -28.95 16.35
CA ARG Q 25 -83.34 -29.50 15.03
C ARG Q 25 -81.82 -29.55 14.82
N PRO Q 26 -81.37 -30.52 14.02
CA PRO Q 26 -79.94 -30.60 13.72
C PRO Q 26 -79.48 -29.37 12.93
N VAL Q 27 -78.20 -29.00 13.08
CA VAL Q 27 -77.61 -28.01 12.22
C VAL Q 27 -77.46 -28.67 10.85
N ALA Q 28 -78.03 -28.03 9.82
CA ALA Q 28 -77.97 -28.61 8.48
C ALA Q 28 -76.67 -28.13 7.83
N VAL Q 29 -75.74 -29.04 7.63
CA VAL Q 29 -74.46 -28.70 7.01
C VAL Q 29 -74.42 -29.22 5.58
N SER Q 30 -74.04 -28.35 4.65
CA SER Q 30 -73.82 -28.74 3.26
C SER Q 30 -72.33 -28.84 3.00
N VAL Q 31 -71.95 -29.90 2.30
CA VAL Q 31 -70.55 -30.16 2.00
C VAL Q 31 -70.46 -30.53 0.55
N SER Q 32 -69.45 -30.00 -0.11
CA SER Q 32 -69.27 -30.17 -1.54
C SER Q 32 -67.77 -30.07 -1.80
N LEU Q 33 -67.18 -31.11 -2.39
CA LEU Q 33 -65.74 -31.07 -2.72
C LEU Q 33 -65.48 -30.63 -4.17
N LYS Q 34 -64.84 -29.47 -4.37
CA LYS Q 34 -64.40 -29.10 -5.71
C LYS Q 34 -62.97 -29.57 -5.90
N PHE Q 35 -62.78 -30.58 -6.74
CA PHE Q 35 -61.47 -31.16 -6.96
C PHE Q 35 -60.58 -30.27 -7.80
N ILE Q 36 -59.34 -30.09 -7.34
CA ILE Q 36 -58.42 -29.13 -7.97
C ILE Q 36 -57.24 -29.91 -8.56
N ASN Q 37 -56.84 -30.95 -7.88
CA ASN Q 37 -55.70 -31.72 -8.36
CA ASN Q 37 -55.70 -31.71 -8.35
C ASN Q 37 -55.65 -33.11 -7.75
N ILE Q 38 -55.03 -34.02 -8.49
CA ILE Q 38 -54.79 -35.38 -8.04
C ILE Q 38 -53.29 -35.52 -8.26
N LEU Q 39 -52.56 -35.83 -7.19
CA LEU Q 39 -51.13 -35.59 -7.18
C LEU Q 39 -50.32 -36.86 -7.15
N GLU Q 40 -50.79 -37.87 -6.45
CA GLU Q 40 -49.91 -39.02 -6.26
C GLU Q 40 -50.73 -40.26 -6.08
N VAL Q 41 -51.04 -40.90 -7.20
CA VAL Q 41 -51.81 -42.13 -7.18
C VAL Q 41 -50.90 -43.35 -7.03
N ASN Q 42 -51.38 -44.36 -6.33
CA ASN Q 42 -50.63 -45.60 -6.20
C ASN Q 42 -51.59 -46.80 -6.27
N GLU Q 43 -51.59 -47.48 -7.40
CA GLU Q 43 -52.60 -48.51 -7.65
C GLU Q 43 -52.31 -49.78 -6.84
N ILE Q 44 -51.04 -49.94 -6.49
CA ILE Q 44 -50.65 -51.08 -5.67
C ILE Q 44 -51.13 -50.93 -4.22
N THR Q 45 -50.87 -49.76 -3.62
CA THR Q 45 -51.29 -49.53 -2.24
C THR Q 45 -52.71 -49.00 -2.13
N ASN Q 46 -53.35 -48.62 -3.25
CA ASN Q 46 -54.69 -48.02 -3.16
C ASN Q 46 -54.71 -46.74 -2.30
N GLU Q 47 -53.78 -45.84 -2.58
CA GLU Q 47 -53.72 -44.57 -1.90
C GLU Q 47 -53.67 -43.47 -2.94
N VAL Q 48 -54.33 -42.37 -2.64
CA VAL Q 48 -54.33 -41.26 -3.54
C VAL Q 48 -54.11 -39.97 -2.75
N ASP Q 49 -53.44 -39.01 -3.38
CA ASP Q 49 -53.18 -37.69 -2.79
C ASP Q 49 -54.02 -36.68 -3.57
N VAL Q 50 -54.93 -35.96 -2.89
CA VAL Q 50 -55.89 -35.09 -3.58
C VAL Q 50 -55.82 -33.65 -3.04
N VAL Q 51 -56.02 -32.67 -3.92
CA VAL Q 51 -56.29 -31.31 -3.49
C VAL Q 51 -57.70 -30.94 -3.91
N PHE Q 52 -58.48 -30.40 -2.96
CA PHE Q 52 -59.87 -30.01 -3.24
C PHE Q 52 -60.30 -28.82 -2.35
N TRP Q 53 -61.27 -28.05 -2.85
CA TRP Q 53 -61.89 -27.02 -2.02
C TRP Q 53 -63.05 -27.67 -1.32
N GLN Q 54 -63.02 -27.66 0.02
CA GLN Q 54 -64.11 -28.23 0.82
C GLN Q 54 -65.17 -27.19 1.15
N GLN Q 55 -66.06 -26.96 0.20
CA GLN Q 55 -67.14 -26.00 0.36
C GLN Q 55 -68.11 -26.50 1.42
N THR Q 56 -68.24 -25.72 2.49
CA THR Q 56 -68.98 -26.14 3.67
C THR Q 56 -69.86 -24.96 4.08
N THR Q 57 -71.17 -25.18 4.17
CA THR Q 57 -72.09 -24.12 4.58
C THR Q 57 -72.99 -24.59 5.69
N TRP Q 58 -73.34 -23.65 6.57
CA TRP Q 58 -74.33 -23.91 7.59
C TRP Q 58 -74.77 -22.58 8.12
N SER Q 59 -75.79 -22.63 8.98
CA SER Q 59 -76.39 -21.46 9.56
C SER Q 59 -76.07 -21.34 11.07
N ASP Q 60 -75.73 -20.14 11.52
CA ASP Q 60 -75.55 -19.92 12.97
C ASP Q 60 -76.16 -18.58 13.35
N ARG Q 61 -77.41 -18.64 13.80
CA ARG Q 61 -78.16 -17.42 14.08
C ARG Q 61 -77.54 -16.55 15.15
N THR Q 62 -76.75 -17.14 16.04
CA THR Q 62 -76.10 -16.32 17.06
C THR Q 62 -75.11 -15.34 16.44
N LEU Q 63 -74.78 -15.50 15.15
CA LEU Q 63 -73.87 -14.55 14.50
C LEU Q 63 -74.60 -13.41 13.80
N ALA Q 64 -75.92 -13.55 13.68
CA ALA Q 64 -76.72 -12.62 12.89
C ALA Q 64 -76.65 -11.19 13.40
N TRP Q 65 -76.78 -10.23 12.49
CA TRP Q 65 -76.91 -8.82 12.90
C TRP Q 65 -77.85 -8.13 11.96
N ASN Q 66 -78.39 -7.00 12.39
CA ASN Q 66 -79.24 -6.17 11.55
C ASN Q 66 -78.42 -5.47 10.47
N SER Q 67 -78.56 -5.90 9.22
CA SER Q 67 -77.75 -5.33 8.11
C SER Q 67 -78.27 -3.99 7.55
N SER Q 68 -79.26 -3.39 8.19
CA SER Q 68 -79.72 -2.07 7.78
C SER Q 68 -78.61 -1.06 8.04
N HIS Q 69 -78.18 -0.39 6.98
CA HIS Q 69 -77.07 0.56 7.09
C HIS Q 69 -75.83 -0.11 7.68
N SER Q 70 -75.58 -1.36 7.29
CA SER Q 70 -74.40 -2.10 7.73
C SER Q 70 -73.93 -3.02 6.63
N PRO Q 71 -72.64 -3.34 6.64
CA PRO Q 71 -72.15 -4.37 5.70
C PRO Q 71 -72.97 -5.64 5.85
N ASP Q 72 -73.17 -6.33 4.73
CA ASP Q 72 -73.96 -7.55 4.70
C ASP Q 72 -73.14 -8.82 5.10
N GLN Q 73 -71.81 -8.71 5.06
CA GLN Q 73 -70.93 -9.86 5.26
C GLN Q 73 -69.59 -9.46 5.84
N VAL Q 74 -69.00 -10.37 6.62
CA VAL Q 74 -67.61 -10.20 7.04
C VAL Q 74 -66.86 -11.50 6.92
N SER Q 75 -65.54 -11.40 6.77
CA SER Q 75 -64.68 -12.56 6.85
C SER Q 75 -64.22 -12.71 8.31
N VAL Q 76 -64.33 -13.91 8.86
CA VAL Q 76 -64.04 -14.15 10.27
C VAL Q 76 -63.12 -15.37 10.39
N PRO Q 77 -62.10 -15.27 11.24
CA PRO Q 77 -61.22 -16.43 11.52
C PRO Q 77 -62.09 -17.57 12.09
N ILE Q 78 -61.91 -18.79 11.63
CA ILE Q 78 -62.75 -19.88 12.16
C ILE Q 78 -62.54 -20.14 13.64
N SER Q 79 -61.42 -19.67 14.20
CA SER Q 79 -61.19 -19.84 15.63
C SER Q 79 -62.21 -19.03 16.45
N SER Q 80 -62.89 -18.09 15.80
CA SER Q 80 -63.94 -17.34 16.49
C SER Q 80 -65.37 -17.85 16.23
N LEU Q 81 -65.51 -19.00 15.58
CA LEU Q 81 -66.83 -19.47 15.20
C LEU Q 81 -66.97 -20.91 15.56
N TRP Q 82 -68.20 -21.35 15.79
CA TRP Q 82 -68.39 -22.78 15.80
C TRP Q 82 -68.23 -23.27 14.37
N VAL Q 83 -67.57 -24.40 14.22
CA VAL Q 83 -67.41 -25.02 12.92
C VAL Q 83 -67.75 -26.50 13.09
N PRO Q 84 -68.40 -27.10 12.07
CA PRO Q 84 -68.75 -28.53 12.17
C PRO Q 84 -67.51 -29.45 12.28
N ASP Q 85 -67.56 -30.48 13.11
CA ASP Q 85 -66.39 -31.36 13.30
C ASP Q 85 -66.33 -32.42 12.21
N LEU Q 86 -66.31 -31.99 10.95
CA LEU Q 86 -66.26 -32.94 9.84
C LEU Q 86 -64.92 -33.68 9.77
N ALA Q 87 -64.96 -34.96 9.39
CA ALA Q 87 -63.74 -35.71 9.15
C ALA Q 87 -63.96 -36.64 7.98
N ALA Q 88 -62.89 -36.94 7.26
CA ALA Q 88 -62.95 -37.94 6.20
C ALA Q 88 -62.58 -39.30 6.81
N TYR Q 89 -63.56 -40.20 6.85
CA TYR Q 89 -63.34 -41.54 7.40
C TYR Q 89 -62.12 -42.26 6.79
N ASN Q 90 -61.91 -42.14 5.48
CA ASN Q 90 -60.86 -42.93 4.84
C ASN Q 90 -59.60 -42.12 4.53
N ALA Q 91 -59.45 -41.00 5.26
CA ALA Q 91 -58.23 -40.20 5.17
C ALA Q 91 -57.13 -40.96 5.87
N ILE Q 92 -55.91 -40.93 5.32
CA ILE Q 92 -54.80 -41.58 6.00
C ILE Q 92 -53.70 -40.56 6.34
N SER Q 93 -54.07 -39.28 6.23
CA SER Q 93 -53.20 -38.18 6.66
C SER Q 93 -54.12 -37.09 7.17
N LYS Q 94 -53.61 -36.22 8.05
CA LYS Q 94 -54.47 -35.14 8.47
C LYS Q 94 -54.59 -34.11 7.37
N PRO Q 95 -55.71 -33.41 7.35
CA PRO Q 95 -55.92 -32.46 6.26
C PRO Q 95 -54.89 -31.32 6.35
N GLU Q 96 -54.17 -31.06 5.26
CA GLU Q 96 -53.25 -29.93 5.20
C GLU Q 96 -54.08 -28.80 4.58
N VAL Q 97 -54.47 -27.83 5.40
CA VAL Q 97 -55.23 -26.67 4.90
C VAL Q 97 -54.26 -25.70 4.23
N LEU Q 98 -54.47 -25.43 2.94
CA LEU Q 98 -53.53 -24.62 2.15
C LEU Q 98 -53.85 -23.11 2.17
N THR Q 99 -55.04 -22.76 2.64
CA THR Q 99 -55.53 -21.40 2.49
C THR Q 99 -55.73 -20.74 3.85
N PRO Q 100 -55.88 -19.41 3.87
CA PRO Q 100 -56.17 -18.68 5.12
C PRO Q 100 -57.46 -19.21 5.77
N GLN Q 101 -57.41 -19.45 7.07
CA GLN Q 101 -58.53 -20.09 7.77
C GLN Q 101 -59.60 -19.11 8.18
N LEU Q 102 -60.29 -18.57 7.17
CA LEU Q 102 -61.35 -17.60 7.33
C LEU Q 102 -62.65 -18.15 6.75
N ALA Q 103 -63.73 -17.89 7.48
CA ALA Q 103 -65.07 -18.19 7.00
C ALA Q 103 -65.75 -16.87 6.63
N ARG Q 104 -66.68 -16.93 5.69
CA ARG Q 104 -67.47 -15.77 5.34
C ARG Q 104 -68.80 -15.89 6.05
N VAL Q 105 -69.18 -14.83 6.79
CA VAL Q 105 -70.44 -14.79 7.54
C VAL Q 105 -71.37 -13.69 7.01
N VAL Q 106 -72.61 -14.09 6.69
CA VAL Q 106 -73.59 -13.14 6.18
C VAL Q 106 -74.44 -12.67 7.37
N SER Q 107 -74.98 -11.46 7.27
CA SER Q 107 -75.75 -10.86 8.38
C SER Q 107 -76.89 -11.72 8.93
N ASP Q 108 -77.40 -12.65 8.13
CA ASP Q 108 -78.49 -13.53 8.58
C ASP Q 108 -77.95 -14.78 9.30
N GLY Q 109 -76.63 -14.89 9.41
CA GLY Q 109 -76.03 -16.01 10.11
C GLY Q 109 -75.57 -17.16 9.23
N GLU Q 110 -75.71 -17.02 7.91
CA GLU Q 110 -75.19 -18.02 6.98
C GLU Q 110 -73.67 -17.96 6.98
N VAL Q 111 -73.05 -19.13 7.08
CA VAL Q 111 -71.61 -19.19 7.08
C VAL Q 111 -71.13 -20.02 5.90
N LEU Q 112 -70.06 -19.55 5.26
CA LEU Q 112 -69.39 -20.32 4.23
C LEU Q 112 -67.93 -20.48 4.61
N TYR Q 113 -67.46 -21.71 4.71
CA TYR Q 113 -66.06 -22.00 5.00
C TYR Q 113 -65.63 -22.95 3.91
N MET Q 114 -64.57 -22.56 3.19
CA MET Q 114 -64.18 -23.21 1.96
C MET Q 114 -62.64 -23.31 1.85
N PRO Q 115 -62.02 -24.06 2.76
CA PRO Q 115 -60.57 -24.20 2.70
C PRO Q 115 -60.18 -25.03 1.49
N SER Q 116 -58.99 -24.80 0.97
CA SER Q 116 -58.39 -25.73 0.02
C SER Q 116 -57.58 -26.71 0.85
N ILE Q 117 -57.83 -28.01 0.64
CA ILE Q 117 -57.21 -29.03 1.45
C ILE Q 117 -56.43 -30.01 0.57
N ARG Q 118 -55.23 -30.35 1.02
CA ARG Q 118 -54.52 -31.47 0.46
C ARG Q 118 -54.59 -32.62 1.48
N GLN Q 119 -55.00 -33.80 1.02
CA GLN Q 119 -55.13 -34.90 1.95
C GLN Q 119 -54.89 -36.21 1.21
N ARG Q 120 -54.44 -37.24 1.93
CA ARG Q 120 -54.29 -38.58 1.37
CA ARG Q 120 -54.28 -38.58 1.35
C ARG Q 120 -55.41 -39.50 1.83
N PHE Q 121 -55.86 -40.35 0.92
CA PHE Q 121 -56.96 -41.26 1.20
C PHE Q 121 -56.65 -42.71 0.83
N SER Q 122 -57.30 -43.61 1.54
CA SER Q 122 -57.29 -45.00 1.20
C SER Q 122 -58.58 -45.25 0.42
N CYS Q 123 -58.45 -45.67 -0.84
CA CYS Q 123 -59.63 -45.86 -1.67
C CYS Q 123 -59.28 -46.66 -2.92
N ASP Q 124 -60.30 -47.03 -3.69
CA ASP Q 124 -60.12 -47.91 -4.84
C ASP Q 124 -59.42 -47.23 -6.04
N VAL Q 125 -58.13 -47.54 -6.21
CA VAL Q 125 -57.34 -46.95 -7.28
C VAL Q 125 -57.26 -47.87 -8.50
N SER Q 126 -57.87 -49.05 -8.39
CA SER Q 126 -57.82 -50.01 -9.50
C SER Q 126 -58.50 -49.44 -10.74
N GLY Q 127 -57.84 -49.61 -11.89
CA GLY Q 127 -58.38 -49.17 -13.16
C GLY Q 127 -57.99 -47.77 -13.54
N VAL Q 128 -57.15 -47.13 -12.73
CA VAL Q 128 -56.77 -45.73 -12.99
C VAL Q 128 -56.13 -45.53 -14.36
N ASP Q 129 -55.42 -46.54 -14.85
CA ASP Q 129 -54.75 -46.47 -16.15
C ASP Q 129 -55.59 -47.02 -17.29
N THR Q 130 -56.88 -47.21 -17.07
CA THR Q 130 -57.74 -47.75 -18.12
C THR Q 130 -58.67 -46.66 -18.55
N GLU Q 131 -59.51 -46.93 -19.53
CA GLU Q 131 -60.36 -45.90 -20.07
C GLU Q 131 -61.54 -45.65 -19.12
N SER Q 132 -61.96 -46.71 -18.41
CA SER Q 132 -63.05 -46.58 -17.44
C SER Q 132 -62.56 -45.77 -16.23
N GLY Q 133 -61.27 -45.92 -15.94
CA GLY Q 133 -60.64 -45.21 -14.84
C GLY Q 133 -60.95 -45.83 -13.50
N ALA Q 134 -60.38 -45.23 -12.44
CA ALA Q 134 -60.67 -45.64 -11.07
C ALA Q 134 -61.81 -44.81 -10.48
N THR Q 135 -62.47 -45.38 -9.47
CA THR Q 135 -63.46 -44.63 -8.72
C THR Q 135 -63.06 -44.61 -7.27
N CYS Q 136 -62.64 -43.44 -6.80
CA CYS Q 136 -62.18 -43.26 -5.43
C CYS Q 136 -63.31 -42.61 -4.65
N ARG Q 137 -63.72 -43.28 -3.58
CA ARG Q 137 -64.87 -42.84 -2.78
C ARG Q 137 -64.36 -42.17 -1.48
N ILE Q 138 -64.77 -40.92 -1.24
CA ILE Q 138 -64.32 -40.20 -0.06
C ILE Q 138 -65.53 -39.98 0.82
N LYS Q 139 -65.39 -40.35 2.09
CA LYS Q 139 -66.54 -40.34 3.00
C LYS Q 139 -66.33 -39.29 4.10
N ILE Q 140 -67.27 -38.35 4.20
CA ILE Q 140 -67.12 -37.25 5.13
C ILE Q 140 -68.37 -37.04 5.97
N GLY Q 141 -68.18 -36.93 7.29
CA GLY Q 141 -69.27 -36.53 8.18
C GLY Q 141 -68.80 -36.06 9.57
N SER Q 142 -69.75 -35.66 10.41
CA SER Q 142 -69.42 -35.18 11.73
C SER Q 142 -68.80 -36.32 12.50
N TRP Q 143 -67.71 -36.05 13.22
CA TRP Q 143 -67.05 -37.14 13.95
C TRP Q 143 -67.80 -37.47 15.26
N THR Q 144 -68.41 -36.46 15.89
CA THR Q 144 -68.96 -36.65 17.25
C THR Q 144 -70.40 -36.24 17.42
N HIS Q 145 -70.98 -35.64 16.38
CA HIS Q 145 -72.40 -35.21 16.41
C HIS Q 145 -73.31 -36.15 15.60
N HIS Q 146 -74.25 -36.80 16.27
CA HIS Q 146 -75.19 -37.68 15.56
C HIS Q 146 -76.24 -36.88 14.78
N SER Q 147 -77.08 -37.64 14.06
CA SER Q 147 -78.03 -37.08 13.08
C SER Q 147 -79.05 -36.12 13.68
N ARG Q 148 -79.26 -36.16 15.00
CA ARG Q 148 -80.14 -35.18 15.61
C ARG Q 148 -79.46 -33.84 15.88
N GLU Q 149 -78.14 -33.81 15.76
CA GLU Q 149 -77.41 -32.58 16.06
C GLU Q 149 -76.80 -31.98 14.81
N ILE Q 150 -76.29 -32.85 13.94
CA ILE Q 150 -75.77 -32.42 12.65
C ILE Q 150 -76.31 -33.29 11.53
N SER Q 151 -76.89 -32.65 10.51
CA SER Q 151 -77.20 -33.37 9.27
C SER Q 151 -76.22 -32.94 8.22
N VAL Q 152 -75.84 -33.89 7.38
CA VAL Q 152 -74.86 -33.59 6.36
C VAL Q 152 -75.45 -33.87 4.98
N ASP Q 153 -75.36 -32.89 4.08
CA ASP Q 153 -75.94 -33.03 2.74
C ASP Q 153 -75.04 -32.46 1.64
N PRO Q 154 -75.05 -33.11 0.47
CA PRO Q 154 -74.37 -32.51 -0.70
C PRO Q 154 -75.21 -31.34 -1.18
N THR Q 155 -74.63 -30.46 -1.98
CA THR Q 155 -75.32 -29.24 -2.45
C THR Q 155 -75.93 -29.41 -3.84
N GLU Q 163 -64.48 -28.35 -13.14
CA GLU Q 163 -64.54 -26.92 -13.45
C GLU Q 163 -63.26 -26.21 -13.00
N TYR Q 164 -62.74 -26.62 -11.85
CA TYR Q 164 -61.55 -25.99 -11.29
C TYR Q 164 -60.41 -26.98 -11.27
N PHE Q 165 -60.62 -28.11 -11.92
CA PHE Q 165 -59.58 -29.13 -11.92
C PHE Q 165 -58.39 -28.70 -12.77
N SER Q 166 -57.17 -28.91 -12.26
CA SER Q 166 -55.99 -28.41 -12.96
C SER Q 166 -55.79 -29.13 -14.30
N GLN Q 167 -55.65 -28.35 -15.37
CA GLN Q 167 -55.28 -28.92 -16.65
C GLN Q 167 -53.88 -29.54 -16.65
N TYR Q 168 -53.05 -29.26 -15.65
CA TYR Q 168 -51.68 -29.76 -15.69
C TYR Q 168 -51.53 -31.04 -14.92
N SER Q 169 -52.62 -31.48 -14.28
CA SER Q 169 -52.58 -32.78 -13.59
C SER Q 169 -52.24 -33.91 -14.58
N ARG Q 170 -51.57 -34.96 -14.12
CA ARG Q 170 -51.42 -36.19 -14.90
C ARG Q 170 -52.75 -36.92 -15.07
N PHE Q 171 -53.77 -36.45 -14.35
CA PHE Q 171 -55.04 -37.15 -14.32
C PHE Q 171 -56.14 -36.27 -14.85
N GLU Q 172 -57.26 -36.89 -15.20
CA GLU Q 172 -58.43 -36.13 -15.57
C GLU Q 172 -59.62 -36.73 -14.87
N ILE Q 173 -60.64 -35.89 -14.69
CA ILE Q 173 -61.84 -36.35 -14.01
C ILE Q 173 -62.88 -36.70 -15.04
N LEU Q 174 -63.41 -37.92 -14.92
CA LEU Q 174 -64.47 -38.41 -15.79
C LEU Q 174 -65.83 -38.04 -15.19
N ASP Q 175 -65.96 -38.17 -13.87
CA ASP Q 175 -67.25 -37.92 -13.25
C ASP Q 175 -67.11 -37.78 -11.73
N VAL Q 176 -67.99 -37.00 -11.12
CA VAL Q 176 -68.11 -36.95 -9.67
C VAL Q 176 -69.57 -37.15 -9.26
N THR Q 177 -69.82 -38.13 -8.40
CA THR Q 177 -71.18 -38.33 -7.90
C THR Q 177 -71.19 -38.30 -6.36
N GLN Q 178 -72.35 -37.98 -5.80
CA GLN Q 178 -72.46 -37.88 -4.36
C GLN Q 178 -73.64 -38.65 -3.84
N LYS Q 179 -73.51 -39.10 -2.61
CA LYS Q 179 -74.55 -39.90 -2.01
C LYS Q 179 -74.56 -39.55 -0.52
N LYS Q 180 -75.75 -39.47 0.06
CA LYS Q 180 -75.87 -39.23 1.46
C LYS Q 180 -76.18 -40.54 2.20
N ASN Q 181 -75.59 -40.71 3.38
CA ASN Q 181 -75.80 -41.91 4.20
C ASN Q 181 -76.03 -41.57 5.66
N SER Q 182 -76.65 -42.50 6.37
CA SER Q 182 -76.92 -42.37 7.79
C SER Q 182 -76.56 -43.71 8.38
N VAL Q 183 -75.47 -43.76 9.14
CA VAL Q 183 -74.94 -45.04 9.59
C VAL Q 183 -74.90 -45.13 11.12
N THR Q 184 -75.21 -46.32 11.64
CA THR Q 184 -75.07 -46.59 13.07
C THR Q 184 -73.82 -47.43 13.28
N TYR Q 185 -72.96 -47.01 14.19
CA TYR Q 185 -71.73 -47.74 14.40
CA TYR Q 185 -71.73 -47.74 14.40
C TYR Q 185 -71.76 -48.44 15.75
N SER Q 186 -70.98 -49.50 15.87
CA SER Q 186 -70.93 -50.30 17.08
C SER Q 186 -70.67 -49.50 18.35
N CYS Q 187 -69.93 -48.42 18.22
CA CYS Q 187 -69.50 -47.62 19.37
CA CYS Q 187 -69.49 -47.66 19.37
C CYS Q 187 -70.66 -46.91 20.07
N CYS Q 188 -71.70 -46.58 19.31
CA CYS Q 188 -72.74 -45.68 19.81
C CYS Q 188 -74.10 -46.02 19.27
N PRO Q 189 -75.13 -45.70 20.06
CA PRO Q 189 -76.55 -46.02 19.75
C PRO Q 189 -77.15 -45.19 18.60
N GLU Q 190 -76.65 -43.99 18.36
CA GLU Q 190 -77.33 -43.16 17.38
C GLU Q 190 -76.71 -43.27 16.01
N ALA Q 191 -77.37 -42.65 15.02
CA ALA Q 191 -76.90 -42.64 13.64
C ALA Q 191 -76.10 -41.36 13.36
N TYR Q 192 -75.10 -41.48 12.50
CA TYR Q 192 -74.26 -40.35 12.13
C TYR Q 192 -74.30 -40.24 10.64
N GLU Q 193 -74.58 -39.04 10.15
CA GLU Q 193 -74.69 -38.85 8.72
C GLU Q 193 -73.32 -38.66 8.07
N ASP Q 194 -73.24 -39.02 6.81
CA ASP Q 194 -72.05 -38.73 6.02
C ASP Q 194 -72.44 -38.46 4.57
N VAL Q 195 -71.53 -37.80 3.87
CA VAL Q 195 -71.62 -37.70 2.42
C VAL Q 195 -70.48 -38.53 1.84
N GLU Q 196 -70.80 -39.36 0.84
CA GLU Q 196 -69.79 -40.10 0.09
C GLU Q 196 -69.64 -39.49 -1.30
N VAL Q 197 -68.45 -38.98 -1.56
CA VAL Q 197 -68.17 -38.35 -2.84
C VAL Q 197 -67.36 -39.31 -3.68
N SER Q 198 -67.89 -39.68 -4.85
CA SER Q 198 -67.23 -40.68 -5.72
C SER Q 198 -66.53 -39.99 -6.87
N LEU Q 199 -65.22 -40.08 -6.85
CA LEU Q 199 -64.38 -39.41 -7.83
C LEU Q 199 -63.93 -40.45 -8.83
N ASN Q 200 -64.47 -40.32 -10.05
CA ASN Q 200 -64.10 -41.25 -11.14
C ASN Q 200 -63.07 -40.52 -12.02
N PHE Q 201 -61.85 -41.03 -12.02
CA PHE Q 201 -60.75 -40.32 -12.67
C PHE Q 201 -59.83 -41.34 -13.34
N ARG Q 202 -58.97 -40.86 -14.24
CA ARG Q 202 -58.00 -41.74 -14.93
CA ARG Q 202 -58.00 -41.73 -14.93
C ARG Q 202 -56.72 -41.00 -15.24
N LYS Q 203 -55.63 -41.75 -15.41
CA LYS Q 203 -54.39 -41.19 -15.94
C LYS Q 203 -54.62 -40.71 -17.38
N LYS Q 204 -54.13 -39.52 -17.70
CA LYS Q 204 -54.13 -39.07 -19.10
C LYS Q 204 -52.86 -39.73 -19.60
N GLY Q 205 -51.81 -39.77 -18.78
CA GLY Q 205 -50.65 -40.53 -19.22
C GLY Q 205 -49.50 -40.50 -18.24
N LEU R 1 -81.05 -25.84 31.82
CA LEU R 1 -79.72 -25.80 31.25
C LEU R 1 -79.76 -26.08 29.76
N ASP R 2 -79.12 -25.23 28.97
CA ASP R 2 -78.92 -25.57 27.57
C ASP R 2 -77.44 -25.92 27.33
N ARG R 3 -77.11 -26.28 26.09
CA ARG R 3 -75.73 -26.62 25.72
C ARG R 3 -74.75 -25.50 26.03
N ALA R 4 -75.15 -24.28 25.69
CA ALA R 4 -74.28 -23.15 25.96
C ALA R 4 -73.87 -23.12 27.44
N ASP R 5 -74.85 -23.27 28.32
CA ASP R 5 -74.58 -23.21 29.77
C ASP R 5 -73.66 -24.34 30.23
N ILE R 6 -73.99 -25.55 29.78
CA ILE R 6 -73.19 -26.72 30.12
C ILE R 6 -71.74 -26.58 29.65
N LEU R 7 -71.53 -26.12 28.42
CA LEU R 7 -70.17 -25.95 27.91
C LEU R 7 -69.46 -24.80 28.60
N TYR R 8 -70.19 -23.74 28.91
CA TYR R 8 -69.63 -22.63 29.71
C TYR R 8 -69.13 -23.17 31.06
N ASN R 9 -69.99 -23.87 31.79
CA ASN R 9 -69.59 -24.40 33.09
C ASN R 9 -68.39 -25.33 33.03
N ILE R 10 -68.36 -26.18 32.01
CA ILE R 10 -67.28 -27.12 31.86
C ILE R 10 -65.99 -26.36 31.61
N ARG R 11 -66.07 -25.37 30.73
CA ARG R 11 -64.88 -24.59 30.40
C ARG R 11 -64.39 -23.86 31.64
N GLN R 12 -65.32 -23.37 32.45
CA GLN R 12 -64.94 -22.55 33.60
C GLN R 12 -64.38 -23.34 34.77
N THR R 13 -64.68 -24.63 34.84
CA THR R 13 -64.40 -25.38 36.07
C THR R 13 -63.75 -26.75 35.86
N SER R 14 -63.44 -27.08 34.61
CA SER R 14 -63.12 -28.48 34.30
C SER R 14 -61.81 -29.07 34.92
N ARG R 15 -60.72 -28.28 34.93
CA ARG R 15 -59.44 -28.71 35.55
C ARG R 15 -58.80 -29.85 34.77
N PRO R 16 -58.38 -29.59 33.53
CA PRO R 16 -57.85 -30.62 32.62
C PRO R 16 -56.53 -31.21 33.10
N ASP R 17 -55.94 -30.53 34.07
CA ASP R 17 -54.66 -30.99 34.63
C ASP R 17 -54.92 -31.89 35.85
N VAL R 18 -56.18 -32.06 36.25
CA VAL R 18 -56.48 -32.80 37.47
C VAL R 18 -57.14 -34.15 37.18
N ILE R 19 -56.43 -35.23 37.48
CA ILE R 19 -56.98 -36.56 37.30
C ILE R 19 -58.17 -36.74 38.27
N PRO R 20 -59.32 -37.16 37.72
CA PRO R 20 -60.57 -37.19 38.51
C PRO R 20 -60.75 -38.50 39.29
N THR R 21 -59.82 -38.75 40.22
CA THR R 21 -59.93 -39.93 41.07
C THR R 21 -61.09 -39.73 42.05
N GLN R 22 -61.80 -40.82 42.34
CA GLN R 22 -62.87 -40.84 43.33
C GLN R 22 -62.49 -41.67 44.56
N ARG R 23 -62.44 -41.03 45.73
CA ARG R 23 -62.22 -41.75 46.98
C ARG R 23 -60.94 -42.60 46.92
N ASP R 24 -59.92 -42.04 46.27
CA ASP R 24 -58.63 -42.72 46.13
C ASP R 24 -58.69 -44.06 45.39
N ARG R 25 -59.74 -44.27 44.61
CA ARG R 25 -59.74 -45.34 43.63
C ARG R 25 -59.17 -44.81 42.31
N PRO R 26 -58.52 -45.69 41.55
CA PRO R 26 -58.00 -45.30 40.24
C PRO R 26 -59.15 -44.91 39.30
N VAL R 27 -58.87 -43.98 38.40
CA VAL R 27 -59.76 -43.73 37.29
C VAL R 27 -59.71 -44.99 36.40
N ALA R 28 -60.87 -45.62 36.19
CA ALA R 28 -60.94 -46.81 35.36
C ALA R 28 -61.09 -46.39 33.90
N VAL R 29 -60.05 -46.63 33.11
CA VAL R 29 -60.06 -46.25 31.71
C VAL R 29 -60.24 -47.50 30.87
N SER R 30 -61.14 -47.46 29.91
CA SER R 30 -61.28 -48.55 28.93
C SER R 30 -60.70 -48.08 27.60
N VAL R 31 -59.94 -48.99 26.98
CA VAL R 31 -59.30 -48.74 25.70
C VAL R 31 -59.59 -49.89 24.76
N SER R 32 -59.91 -49.56 23.52
CA SER R 32 -60.27 -50.54 22.52
C SER R 32 -59.86 -49.99 21.16
N LEU R 33 -59.00 -50.71 20.42
CA LEU R 33 -58.58 -50.27 19.09
C LEU R 33 -59.47 -50.85 17.99
N LYS R 34 -60.13 -50.01 17.21
CA LYS R 34 -60.86 -50.49 16.05
C LYS R 34 -60.00 -50.23 14.84
N PHE R 35 -59.43 -51.30 14.28
CA PHE R 35 -58.50 -51.16 13.16
C PHE R 35 -59.20 -50.80 11.86
N ILE R 36 -58.66 -49.81 11.17
CA ILE R 36 -59.31 -49.26 9.99
C ILE R 36 -58.44 -49.56 8.78
N ASN R 37 -57.13 -49.60 9.01
CA ASN R 37 -56.25 -49.86 7.89
C ASN R 37 -54.85 -50.25 8.31
N ILE R 38 -54.16 -50.97 7.44
CA ILE R 38 -52.77 -51.32 7.68
C ILE R 38 -52.10 -50.89 6.39
N LEU R 39 -51.12 -50.00 6.49
CA LEU R 39 -50.74 -49.22 5.33
C LEU R 39 -49.39 -49.55 4.77
N GLU R 40 -48.45 -49.84 5.63
CA GLU R 40 -47.07 -49.94 5.13
C GLU R 40 -46.26 -50.90 5.96
N VAL R 41 -46.43 -52.18 5.67
CA VAL R 41 -45.72 -53.23 6.36
C VAL R 41 -44.27 -53.41 5.82
N ASN R 42 -43.37 -53.79 6.70
CA ASN R 42 -41.99 -54.04 6.32
C ASN R 42 -41.47 -55.17 7.18
N GLU R 43 -41.44 -56.36 6.59
CA GLU R 43 -41.09 -57.58 7.33
C GLU R 43 -39.62 -57.59 7.69
N ILE R 44 -38.80 -56.88 6.90
CA ILE R 44 -37.37 -56.79 7.16
C ILE R 44 -37.11 -55.97 8.42
N THR R 45 -37.68 -54.77 8.48
CA THR R 45 -37.48 -53.88 9.63
C THR R 45 -38.44 -54.15 10.79
N ASN R 46 -39.46 -54.99 10.56
CA ASN R 46 -40.45 -55.23 11.61
C ASN R 46 -41.18 -53.94 12.05
N GLU R 47 -41.59 -53.16 11.05
CA GLU R 47 -42.31 -51.94 11.30
C GLU R 47 -43.61 -51.98 10.51
N VAL R 48 -44.64 -51.39 11.09
CA VAL R 48 -45.93 -51.39 10.43
C VAL R 48 -46.59 -50.02 10.68
N ASP R 49 -47.34 -49.57 9.68
CA ASP R 49 -48.07 -48.33 9.75
C ASP R 49 -49.55 -48.73 9.89
N VAL R 50 -50.21 -48.25 10.93
CA VAL R 50 -51.59 -48.65 11.19
C VAL R 50 -52.53 -47.42 11.38
N VAL R 51 -53.78 -47.57 10.95
CA VAL R 51 -54.82 -46.60 11.26
C VAL R 51 -55.89 -47.29 12.09
N PHE R 52 -56.25 -46.65 13.20
CA PHE R 52 -57.24 -47.23 14.09
C PHE R 52 -57.99 -46.14 14.89
N TRP R 53 -59.22 -46.45 15.27
CA TRP R 53 -59.99 -45.60 16.14
C TRP R 53 -59.65 -46.03 17.56
N GLN R 54 -59.20 -45.08 18.37
CA GLN R 54 -58.78 -45.43 19.73
C GLN R 54 -59.90 -45.14 20.69
N GLN R 55 -60.82 -46.08 20.80
CA GLN R 55 -61.97 -45.87 21.66
C GLN R 55 -61.55 -45.86 23.13
N THR R 56 -61.75 -44.72 23.77
CA THR R 56 -61.26 -44.51 25.12
C THR R 56 -62.42 -43.96 25.98
N THR R 57 -62.73 -44.65 27.08
CA THR R 57 -63.81 -44.18 27.95
C THR R 57 -63.35 -44.11 29.40
N TRP R 58 -63.89 -43.14 30.13
CA TRP R 58 -63.64 -43.05 31.55
C TRP R 58 -64.68 -42.11 32.11
N SER R 59 -64.67 -42.01 33.42
CA SER R 59 -65.67 -41.23 34.13
C SER R 59 -65.02 -40.01 34.79
N ASP R 60 -65.65 -38.84 34.68
CA ASP R 60 -65.18 -37.65 35.40
C ASP R 60 -66.38 -36.91 36.01
N ARG R 61 -66.68 -37.22 37.27
CA ARG R 61 -67.86 -36.66 37.92
C ARG R 61 -67.85 -35.14 37.99
N THR R 62 -66.67 -34.54 37.98
CA THR R 62 -66.63 -33.08 37.99
C THR R 62 -67.33 -32.49 36.74
N LEU R 63 -67.55 -33.30 35.70
CA LEU R 63 -68.22 -32.78 34.52
C LEU R 63 -69.75 -32.93 34.58
N ALA R 64 -70.23 -33.73 35.53
CA ALA R 64 -71.65 -34.07 35.61
C ALA R 64 -72.57 -32.87 35.75
N TRP R 65 -73.76 -32.97 35.19
CA TRP R 65 -74.78 -31.94 35.44
C TRP R 65 -76.12 -32.64 35.56
N ASN R 66 -77.09 -31.92 36.12
CA ASN R 66 -78.47 -32.41 36.22
C ASN R 66 -79.14 -32.33 34.85
N SER R 67 -79.44 -33.49 34.27
CA SER R 67 -79.97 -33.54 32.89
C SER R 67 -81.51 -33.44 32.83
N SER R 68 -82.12 -33.08 33.96
CA SER R 68 -83.55 -32.79 33.95
C SER R 68 -83.81 -31.53 33.11
N HIS R 69 -84.60 -31.68 32.03
CA HIS R 69 -84.88 -30.55 31.15
C HIS R 69 -83.58 -29.99 30.61
N SER R 70 -82.64 -30.88 30.29
CA SER R 70 -81.36 -30.46 29.73
C SER R 70 -80.87 -31.50 28.73
N PRO R 71 -80.02 -31.08 27.79
CA PRO R 71 -79.39 -32.07 26.91
C PRO R 71 -78.63 -33.11 27.74
N ASP R 72 -78.58 -34.34 27.25
CA ASP R 72 -77.97 -35.42 27.98
C ASP R 72 -76.46 -35.52 27.72
N GLN R 73 -75.99 -34.92 26.62
CA GLN R 73 -74.61 -34.99 26.17
C GLN R 73 -74.15 -33.74 25.41
N VAL R 74 -72.86 -33.47 25.49
CA VAL R 74 -72.25 -32.43 24.67
C VAL R 74 -70.90 -32.92 24.12
N SER R 75 -70.51 -32.38 22.97
CA SER R 75 -69.16 -32.60 22.44
C SER R 75 -68.27 -31.48 22.97
N VAL R 76 -67.10 -31.85 23.49
CA VAL R 76 -66.22 -30.90 24.18
C VAL R 76 -64.80 -31.07 23.65
N PRO R 77 -64.14 -29.96 23.37
CA PRO R 77 -62.72 -30.02 22.95
C PRO R 77 -61.91 -30.66 24.07
N ILE R 78 -61.07 -31.65 23.75
CA ILE R 78 -60.29 -32.31 24.83
C ILE R 78 -59.38 -31.35 25.58
N SER R 79 -59.06 -30.21 24.99
CA SER R 79 -58.24 -29.23 25.71
C SER R 79 -58.95 -28.69 26.94
N SER R 80 -60.26 -28.88 27.02
CA SER R 80 -61.02 -28.42 28.19
C SER R 80 -61.32 -29.53 29.20
N LEU R 81 -60.78 -30.72 28.99
CA LEU R 81 -61.04 -31.87 29.85
C LEU R 81 -59.76 -32.49 30.29
N TRP R 82 -59.80 -33.18 31.43
CA TRP R 82 -58.74 -34.11 31.75
C TRP R 82 -58.88 -35.30 30.80
N VAL R 83 -57.75 -35.74 30.27
CA VAL R 83 -57.71 -36.90 29.39
C VAL R 83 -56.56 -37.80 29.86
N PRO R 84 -56.78 -39.13 29.85
CA PRO R 84 -55.73 -40.03 30.34
C PRO R 84 -54.45 -39.87 29.50
N ASP R 85 -53.28 -39.94 30.12
CA ASP R 85 -52.03 -39.76 29.37
C ASP R 85 -51.56 -41.08 28.72
N LEU R 86 -52.43 -41.71 27.92
CA LEU R 86 -52.08 -42.98 27.29
C LEU R 86 -50.94 -42.85 26.25
N ALA R 87 -50.09 -43.86 26.18
CA ALA R 87 -49.08 -43.93 25.11
C ALA R 87 -48.88 -45.36 24.65
N ALA R 88 -48.52 -45.53 23.39
CA ALA R 88 -48.17 -46.84 22.89
C ALA R 88 -46.67 -47.04 23.12
N TYR R 89 -46.33 -47.98 24.00
CA TYR R 89 -44.91 -48.30 24.28
C TYR R 89 -44.05 -48.59 23.04
N ASN R 90 -44.61 -49.30 22.07
CA ASN R 90 -43.80 -49.68 20.90
C ASN R 90 -44.07 -48.83 19.68
N ALA R 91 -44.61 -47.63 19.90
CA ALA R 91 -44.79 -46.68 18.78
C ALA R 91 -43.41 -46.11 18.40
N ILE R 92 -43.17 -45.90 17.12
CA ILE R 92 -41.91 -45.31 16.68
C ILE R 92 -42.18 -44.01 15.91
N SER R 93 -43.41 -43.53 15.99
CA SER R 93 -43.73 -42.21 15.50
C SER R 93 -44.75 -41.63 16.42
N LYS R 94 -44.91 -40.32 16.43
CA LYS R 94 -45.97 -39.81 17.32
C LYS R 94 -47.31 -40.03 16.67
N PRO R 95 -48.35 -40.15 17.49
CA PRO R 95 -49.67 -40.42 16.91
C PRO R 95 -50.09 -39.24 16.04
N GLU R 96 -50.45 -39.53 14.78
CA GLU R 96 -51.06 -38.52 13.92
C GLU R 96 -52.58 -38.64 14.12
N VAL R 97 -53.18 -37.65 14.79
CA VAL R 97 -54.62 -37.65 15.03
C VAL R 97 -55.32 -37.11 13.79
N LEU R 98 -56.13 -37.97 13.16
CA LEU R 98 -56.78 -37.62 11.87
C LEU R 98 -58.10 -36.85 12.05
N THR R 99 -58.69 -36.92 13.25
CA THR R 99 -60.05 -36.47 13.42
C THR R 99 -60.08 -35.24 14.33
N PRO R 100 -61.22 -34.50 14.35
CA PRO R 100 -61.42 -33.36 15.27
C PRO R 100 -61.27 -33.80 16.72
N GLN R 101 -60.49 -33.03 17.47
CA GLN R 101 -60.16 -33.44 18.84
C GLN R 101 -61.23 -33.14 19.88
N LEU R 102 -62.36 -33.83 19.74
CA LEU R 102 -63.53 -33.62 20.61
C LEU R 102 -63.85 -34.92 21.30
N ALA R 103 -64.23 -34.79 22.56
CA ALA R 103 -64.75 -35.90 23.36
C ALA R 103 -66.23 -35.70 23.55
N ARG R 104 -66.93 -36.82 23.78
CA ARG R 104 -68.34 -36.75 24.04
C ARG R 104 -68.52 -36.91 25.57
N VAL R 105 -69.26 -35.99 26.19
CA VAL R 105 -69.49 -36.03 27.63
C VAL R 105 -70.98 -36.19 27.94
N VAL R 106 -71.31 -37.21 28.74
CA VAL R 106 -72.69 -37.47 29.14
C VAL R 106 -72.95 -36.83 30.50
N SER R 107 -74.20 -36.46 30.77
CA SER R 107 -74.54 -35.65 31.96
C SER R 107 -74.08 -36.30 33.28
N ASP R 108 -73.89 -37.61 33.27
CA ASP R 108 -73.40 -38.32 34.48
C ASP R 108 -71.87 -38.34 34.57
N GLY R 109 -71.20 -37.73 33.60
CA GLY R 109 -69.76 -37.58 33.67
C GLY R 109 -68.98 -38.64 32.90
N GLU R 110 -69.69 -39.56 32.24
CA GLU R 110 -69.04 -40.51 31.33
C GLU R 110 -68.47 -39.80 30.11
N VAL R 111 -67.22 -40.11 29.77
CA VAL R 111 -66.58 -39.45 28.65
C VAL R 111 -66.21 -40.51 27.64
N LEU R 112 -66.34 -40.15 26.37
CA LEU R 112 -65.89 -41.02 25.28
C LEU R 112 -64.99 -40.15 24.39
N TYR R 113 -63.75 -40.58 24.23
CA TYR R 113 -62.85 -39.91 23.30
C TYR R 113 -62.37 -40.99 22.35
N MET R 114 -62.57 -40.76 21.05
CA MET R 114 -62.37 -41.81 20.04
C MET R 114 -61.72 -41.22 18.78
N PRO R 115 -60.49 -40.72 18.92
CA PRO R 115 -59.78 -40.21 17.75
C PRO R 115 -59.43 -41.32 16.76
N SER R 116 -59.37 -40.97 15.50
CA SER R 116 -58.77 -41.88 14.55
C SER R 116 -57.27 -41.55 14.46
N ILE R 117 -56.44 -42.56 14.63
CA ILE R 117 -54.99 -42.33 14.71
C ILE R 117 -54.21 -43.15 13.68
N ARG R 118 -53.24 -42.49 13.05
CA ARG R 118 -52.29 -43.19 12.22
C ARG R 118 -50.97 -43.19 12.99
N GLN R 119 -50.36 -44.36 13.13
CA GLN R 119 -49.13 -44.44 13.89
C GLN R 119 -48.29 -45.62 13.42
N ARG R 120 -46.98 -45.50 13.52
CA ARG R 120 -46.10 -46.61 13.16
C ARG R 120 -45.63 -47.32 14.41
N PHE R 121 -45.53 -48.64 14.29
CA PHE R 121 -45.11 -49.46 15.41
C PHE R 121 -43.94 -50.38 15.08
N SER R 122 -43.19 -50.71 16.11
CA SER R 122 -42.18 -51.75 16.03
C SER R 122 -42.85 -52.98 16.61
N CYS R 123 -43.04 -53.99 15.77
CA CYS R 123 -43.64 -55.23 16.25
C CYS R 123 -43.31 -56.38 15.31
N ASP R 124 -43.80 -57.57 15.63
CA ASP R 124 -43.45 -58.77 14.86
C ASP R 124 -44.21 -58.87 13.54
N VAL R 125 -43.51 -58.59 12.45
CA VAL R 125 -44.16 -58.61 11.14
C VAL R 125 -43.92 -59.96 10.41
N SER R 126 -43.16 -60.86 11.05
CA SER R 126 -42.76 -62.11 10.39
C SER R 126 -44.01 -62.94 10.14
N GLY R 127 -44.08 -63.54 8.96
CA GLY R 127 -45.21 -64.38 8.60
C GLY R 127 -46.34 -63.63 7.91
N VAL R 128 -46.15 -62.33 7.66
CA VAL R 128 -47.24 -61.55 7.09
C VAL R 128 -47.71 -62.11 5.76
N ASP R 129 -46.77 -62.65 4.98
CA ASP R 129 -47.07 -63.18 3.62
C ASP R 129 -47.42 -64.67 3.64
N THR R 130 -47.74 -65.20 4.81
CA THR R 130 -48.11 -66.59 4.93
C THR R 130 -49.56 -66.66 5.33
N GLU R 131 -50.08 -67.87 5.44
CA GLU R 131 -51.48 -68.07 5.69
C GLU R 131 -51.80 -67.86 7.16
N SER R 132 -50.83 -68.18 8.01
CA SER R 132 -50.96 -67.92 9.43
C SER R 132 -50.91 -66.41 9.71
N GLY R 133 -50.17 -65.69 8.86
CA GLY R 133 -50.07 -64.25 8.99
C GLY R 133 -49.12 -63.82 10.11
N ALA R 134 -48.96 -62.51 10.25
CA ALA R 134 -48.15 -61.95 11.33
C ALA R 134 -49.03 -61.64 12.53
N THR R 135 -48.40 -61.61 13.70
CA THR R 135 -49.09 -61.07 14.86
C THR R 135 -48.32 -59.88 15.41
N CYS R 136 -48.87 -58.68 15.20
CA CYS R 136 -48.32 -57.43 15.71
C CYS R 136 -48.99 -57.07 17.01
N ARG R 137 -48.20 -56.93 18.07
CA ARG R 137 -48.70 -56.63 19.41
C ARG R 137 -48.51 -55.13 19.73
N ILE R 138 -49.60 -54.44 20.06
CA ILE R 138 -49.52 -53.01 20.38
C ILE R 138 -49.82 -52.83 21.85
N LYS R 139 -48.94 -52.10 22.54
CA LYS R 139 -48.99 -52.00 24.02
C LYS R 139 -49.30 -50.56 24.48
N ILE R 140 -50.41 -50.39 25.19
CA ILE R 140 -50.88 -49.03 25.51
C ILE R 140 -51.21 -48.93 26.98
N GLY R 141 -50.74 -47.85 27.60
CA GLY R 141 -51.07 -47.55 29.00
C GLY R 141 -50.68 -46.14 29.43
N SER R 142 -51.04 -45.79 30.67
CA SER R 142 -50.76 -44.46 31.14
C SER R 142 -49.26 -44.34 31.19
N TRP R 143 -48.73 -43.23 30.69
CA TRP R 143 -47.28 -43.02 30.76
C TRP R 143 -46.79 -42.65 32.19
N THR R 144 -47.62 -41.96 32.99
CA THR R 144 -47.12 -41.39 34.26
C THR R 144 -47.98 -41.70 35.47
N HIS R 145 -49.12 -42.35 35.25
CA HIS R 145 -50.00 -42.67 36.37
C HIS R 145 -49.95 -44.18 36.64
N HIS R 146 -49.54 -44.55 37.86
CA HIS R 146 -49.48 -45.97 38.20
C HIS R 146 -50.90 -46.54 38.49
N SER R 147 -50.93 -47.83 38.78
CA SER R 147 -52.16 -48.61 38.89
C SER R 147 -53.14 -48.11 39.96
N ARG R 148 -52.66 -47.36 40.95
CA ARG R 148 -53.58 -46.80 41.94
C ARG R 148 -54.26 -45.50 41.47
N GLU R 149 -53.75 -44.96 40.37
CA GLU R 149 -54.30 -43.72 39.81
C GLU R 149 -55.08 -43.93 38.51
N ILE R 150 -54.56 -44.80 37.65
CA ILE R 150 -55.28 -45.17 36.46
C ILE R 150 -55.21 -46.68 36.30
N SER R 151 -56.36 -47.30 36.06
CA SER R 151 -56.38 -48.70 35.65
C SER R 151 -56.79 -48.71 34.19
N VAL R 152 -56.27 -49.66 33.44
CA VAL R 152 -56.53 -49.68 32.03
C VAL R 152 -57.12 -51.05 31.68
N ASP R 153 -58.26 -51.07 31.01
CA ASP R 153 -58.93 -52.33 30.66
C ASP R 153 -59.46 -52.32 29.24
N PRO R 154 -59.41 -53.48 28.57
CA PRO R 154 -60.10 -53.62 27.29
C PRO R 154 -61.60 -53.65 27.55
N THR R 155 -62.41 -53.44 26.50
CA THR R 155 -63.87 -53.37 26.65
C THR R 155 -64.53 -54.72 26.36
N ASP R 161 -64.22 -57.77 14.23
CA ASP R 161 -62.81 -57.32 14.25
C ASP R 161 -62.50 -56.46 13.03
N SER R 162 -62.81 -56.99 11.85
CA SER R 162 -62.68 -56.24 10.59
C SER R 162 -63.86 -55.33 10.40
N GLU R 163 -64.64 -55.12 11.46
CA GLU R 163 -65.92 -54.48 11.25
C GLU R 163 -65.79 -53.16 10.45
N TYR R 164 -64.76 -52.38 10.77
CA TYR R 164 -64.55 -51.09 10.10
C TYR R 164 -63.27 -51.14 9.31
N PHE R 165 -62.69 -52.33 9.20
CA PHE R 165 -61.44 -52.44 8.46
C PHE R 165 -61.65 -52.24 6.96
N SER R 166 -60.77 -51.44 6.34
CA SER R 166 -60.91 -51.09 4.93
C SER R 166 -60.80 -52.30 3.99
N GLN R 167 -61.80 -52.45 3.12
CA GLN R 167 -61.73 -53.51 2.12
C GLN R 167 -60.64 -53.23 1.10
N TYR R 168 -60.16 -52.00 1.05
CA TYR R 168 -59.17 -51.65 0.02
C TYR R 168 -57.72 -51.79 0.48
N SER R 169 -57.52 -52.11 1.75
CA SER R 169 -56.17 -52.44 2.24
C SER R 169 -55.56 -53.68 1.53
N ARG R 170 -54.24 -53.73 1.46
CA ARG R 170 -53.54 -54.88 0.92
C ARG R 170 -53.52 -56.01 1.90
N PHE R 171 -54.01 -55.71 3.10
CA PHE R 171 -53.98 -56.72 4.17
C PHE R 171 -55.39 -57.00 4.63
N GLU R 172 -55.53 -58.06 5.43
CA GLU R 172 -56.80 -58.40 6.01
C GLU R 172 -56.52 -58.85 7.43
N ILE R 173 -57.54 -58.74 8.27
CA ILE R 173 -57.37 -59.11 9.66
C ILE R 173 -57.93 -60.51 9.91
N LEU R 174 -57.10 -61.36 10.53
CA LEU R 174 -57.50 -62.72 10.85
C LEU R 174 -58.13 -62.72 12.22
N ASP R 175 -57.52 -61.97 13.14
CA ASP R 175 -57.98 -61.98 14.52
C ASP R 175 -57.40 -60.81 15.34
N VAL R 176 -58.14 -60.39 16.35
CA VAL R 176 -57.64 -59.40 17.28
C VAL R 176 -57.91 -59.91 18.68
N THR R 177 -56.86 -60.01 19.50
CA THR R 177 -57.06 -60.38 20.90
C THR R 177 -56.45 -59.33 21.83
N GLN R 178 -56.95 -59.31 23.06
CA GLN R 178 -56.49 -58.33 24.03
C GLN R 178 -56.10 -58.97 25.33
N LYS R 179 -55.17 -58.34 26.01
CA LYS R 179 -54.71 -58.86 27.27
C LYS R 179 -54.33 -57.69 28.17
N LYS R 180 -54.64 -57.79 29.45
CA LYS R 180 -54.32 -56.72 30.38
C LYS R 180 -53.06 -57.08 31.18
N ASN R 181 -52.19 -56.11 31.43
CA ASN R 181 -50.98 -56.37 32.21
C ASN R 181 -50.73 -55.28 33.19
N SER R 182 -49.91 -55.59 34.18
CA SER R 182 -49.58 -54.65 35.23
C SER R 182 -48.11 -54.87 35.46
N VAL R 183 -47.30 -53.87 35.11
CA VAL R 183 -45.87 -54.07 35.03
C VAL R 183 -45.12 -53.10 35.94
N THR R 184 -44.10 -53.60 36.62
CA THR R 184 -43.22 -52.72 37.38
C THR R 184 -41.95 -52.45 36.56
N TYR R 185 -41.57 -51.20 36.41
CA TYR R 185 -40.39 -50.84 35.61
C TYR R 185 -39.29 -50.36 36.52
N SER R 186 -38.05 -50.46 36.04
CA SER R 186 -36.86 -50.16 36.82
C SER R 186 -36.82 -48.73 37.33
N CYS R 187 -37.48 -47.84 36.62
CA CYS R 187 -37.48 -46.42 36.97
C CYS R 187 -38.28 -46.11 38.24
N CYS R 188 -39.27 -46.94 38.59
CA CYS R 188 -40.23 -46.53 39.63
C CYS R 188 -40.74 -47.73 40.38
N PRO R 189 -41.08 -47.51 41.64
CA PRO R 189 -41.54 -48.55 42.57
C PRO R 189 -42.92 -49.10 42.22
N GLU R 190 -43.75 -48.27 41.58
CA GLU R 190 -45.16 -48.59 41.37
C GLU R 190 -45.40 -49.49 40.15
N ALA R 191 -46.54 -50.15 40.07
CA ALA R 191 -46.92 -50.89 38.85
C ALA R 191 -47.75 -49.97 37.93
N TYR R 192 -47.58 -50.15 36.63
CA TYR R 192 -48.31 -49.40 35.62
C TYR R 192 -49.07 -50.35 34.74
N GLU R 193 -50.36 -50.12 34.58
CA GLU R 193 -51.18 -51.05 33.80
C GLU R 193 -51.08 -50.75 32.31
N ASP R 194 -51.31 -51.76 31.50
CA ASP R 194 -51.34 -51.58 30.07
C ASP R 194 -52.31 -52.56 29.47
N VAL R 195 -52.76 -52.26 28.26
CA VAL R 195 -53.46 -53.22 27.44
C VAL R 195 -52.59 -53.57 26.24
N GLU R 196 -52.46 -54.88 25.99
CA GLU R 196 -51.74 -55.38 24.81
C GLU R 196 -52.73 -55.88 23.78
N VAL R 197 -52.77 -55.21 22.64
CA VAL R 197 -53.70 -55.58 21.60
C VAL R 197 -52.93 -56.33 20.52
N SER R 198 -53.28 -57.60 20.31
CA SER R 198 -52.57 -58.44 19.33
C SER R 198 -53.39 -58.47 18.04
N LEU R 199 -52.79 -57.93 16.98
CA LEU R 199 -53.40 -57.85 15.68
C LEU R 199 -52.79 -58.93 14.79
N ASN R 200 -53.59 -59.97 14.50
CA ASN R 200 -53.15 -61.05 13.61
C ASN R 200 -53.66 -60.74 12.21
N PHE R 201 -52.74 -60.51 11.28
CA PHE R 201 -53.13 -60.03 9.95
C PHE R 201 -52.21 -60.65 8.89
N ARG R 202 -52.60 -60.58 7.62
CA ARG R 202 -51.74 -61.09 6.54
C ARG R 202 -52.00 -60.32 5.25
N LYS R 203 -51.03 -60.37 4.35
CA LYS R 203 -51.21 -59.89 2.99
C LYS R 203 -52.33 -60.69 2.29
N LYS R 204 -53.15 -60.02 1.48
CA LYS R 204 -54.20 -60.73 0.73
C LYS R 204 -53.67 -61.36 -0.56
N LEU S 1 -54.64 -31.29 51.92
CA LEU S 1 -54.36 -30.95 50.54
C LEU S 1 -54.78 -32.09 49.65
N ASP S 2 -55.51 -31.76 48.59
CA ASP S 2 -55.76 -32.77 47.55
C ASP S 2 -55.00 -32.42 46.26
N ARG S 3 -55.11 -33.30 45.27
CA ARG S 3 -54.38 -33.10 44.02
C ARG S 3 -54.74 -31.78 43.38
N ALA S 4 -56.03 -31.47 43.35
CA ALA S 4 -56.47 -30.20 42.78
C ALA S 4 -55.74 -29.01 43.40
N ASP S 5 -55.61 -29.01 44.73
CA ASP S 5 -54.93 -27.92 45.43
C ASP S 5 -53.47 -27.88 45.01
N ILE S 6 -52.84 -29.06 45.03
CA ILE S 6 -51.41 -29.14 44.77
C ILE S 6 -51.10 -28.59 43.38
N LEU S 7 -51.88 -29.04 42.41
CA LEU S 7 -51.70 -28.63 41.03
C LEU S 7 -52.00 -27.13 40.82
N TYR S 8 -53.03 -26.65 41.52
CA TYR S 8 -53.35 -25.23 41.53
C TYR S 8 -52.14 -24.44 42.04
N ASN S 9 -51.66 -24.77 43.24
CA ASN S 9 -50.49 -24.04 43.79
C ASN S 9 -49.28 -24.04 42.85
N ILE S 10 -49.00 -25.21 42.26
CA ILE S 10 -47.84 -25.34 41.39
C ILE S 10 -48.03 -24.46 40.18
N ARG S 11 -49.20 -24.53 39.57
CA ARG S 11 -49.50 -23.65 38.45
C ARG S 11 -49.38 -22.15 38.81
N GLN S 12 -49.82 -21.76 40.00
CA GLN S 12 -49.82 -20.34 40.37
C GLN S 12 -48.44 -19.80 40.75
N THR S 13 -47.51 -20.66 41.11
CA THR S 13 -46.28 -20.19 41.72
C THR S 13 -45.00 -20.83 41.16
N SER S 14 -45.14 -21.68 40.16
CA SER S 14 -44.01 -22.55 39.78
C SER S 14 -42.74 -21.86 39.18
N ARG S 15 -42.93 -20.85 38.33
CA ARG S 15 -41.79 -20.09 37.79
C ARG S 15 -40.95 -20.95 36.88
N PRO S 16 -41.53 -21.40 35.77
CA PRO S 16 -40.88 -22.34 34.85
C PRO S 16 -39.64 -21.73 34.21
N ASP S 17 -39.50 -20.42 34.34
CA ASP S 17 -38.39 -19.74 33.71
C ASP S 17 -37.23 -19.61 34.70
N VAL S 18 -37.45 -20.04 35.94
CA VAL S 18 -36.43 -19.83 36.97
C VAL S 18 -35.73 -21.13 37.40
N ILE S 19 -34.44 -21.22 37.10
CA ILE S 19 -33.68 -22.39 37.50
C ILE S 19 -33.64 -22.45 39.04
N PRO S 20 -34.01 -23.60 39.62
CA PRO S 20 -34.14 -23.71 41.08
C PRO S 20 -32.81 -24.04 41.77
N THR S 21 -31.82 -23.19 41.60
CA THR S 21 -30.57 -23.36 42.33
C THR S 21 -30.78 -23.16 43.85
N GLN S 22 -30.05 -23.93 44.65
CA GLN S 22 -30.10 -23.83 46.11
C GLN S 22 -28.75 -23.34 46.62
N ARG S 23 -28.75 -22.18 47.29
CA ARG S 23 -27.55 -21.68 47.96
C ARG S 23 -26.38 -21.59 46.98
N ASP S 24 -26.69 -21.17 45.75
CA ASP S 24 -25.69 -21.09 44.67
C ASP S 24 -24.97 -22.38 44.30
N ARG S 25 -25.56 -23.52 44.62
CA ARG S 25 -25.08 -24.79 44.11
C ARG S 25 -25.81 -25.08 42.80
N PRO S 26 -25.13 -25.78 41.88
CA PRO S 26 -25.80 -26.15 40.63
C PRO S 26 -26.99 -27.08 40.90
N VAL S 27 -28.00 -27.03 40.04
CA VAL S 27 -29.05 -28.00 40.06
C VAL S 27 -28.41 -29.27 39.52
N ALA S 28 -28.44 -30.34 40.33
CA ALA S 28 -27.90 -31.64 39.92
C ALA S 28 -28.94 -32.38 39.09
N VAL S 29 -28.67 -32.47 37.78
CA VAL S 29 -29.55 -33.20 36.88
C VAL S 29 -29.00 -34.59 36.56
N SER S 30 -29.84 -35.63 36.66
CA SER S 30 -29.44 -36.96 36.19
C SER S 30 -30.11 -37.31 34.89
N VAL S 31 -29.34 -37.90 33.99
CA VAL S 31 -29.81 -38.23 32.65
C VAL S 31 -29.39 -39.63 32.35
N SER S 32 -30.30 -40.36 31.72
CA SER S 32 -30.08 -41.77 31.44
C SER S 32 -30.95 -42.12 30.23
N LEU S 33 -30.35 -42.58 29.14
CA LEU S 33 -31.13 -42.97 27.97
C LEU S 33 -31.46 -44.46 27.97
N LYS S 34 -32.73 -44.82 28.01
CA LYS S 34 -33.15 -46.21 27.81
C LYS S 34 -33.48 -46.41 26.36
N PHE S 35 -32.61 -47.12 25.64
CA PHE S 35 -32.84 -47.36 24.22
C PHE S 35 -33.96 -48.36 23.96
N ILE S 36 -34.85 -47.98 23.04
CA ILE S 36 -36.03 -48.75 22.75
C ILE S 36 -35.94 -49.28 21.34
N ASN S 37 -35.33 -48.50 20.46
CA ASN S 37 -35.24 -48.92 19.08
C ASN S 37 -34.22 -48.15 18.30
N ILE S 38 -33.72 -48.78 17.25
CA ILE S 38 -32.77 -48.20 16.35
C ILE S 38 -33.41 -48.47 14.99
N LEU S 39 -33.66 -47.41 14.24
CA LEU S 39 -34.63 -47.48 13.14
C LEU S 39 -34.04 -47.38 11.75
N GLU S 40 -33.01 -46.57 11.60
CA GLU S 40 -32.58 -46.29 10.25
C GLU S 40 -31.12 -45.92 10.22
N VAL S 41 -30.28 -46.95 10.15
CA VAL S 41 -28.84 -46.75 10.16
C VAL S 41 -28.33 -46.50 8.74
N ASN S 42 -27.29 -45.69 8.63
CA ASN S 42 -26.66 -45.45 7.34
C ASN S 42 -25.16 -45.33 7.54
N GLU S 43 -24.44 -46.40 7.19
CA GLU S 43 -23.00 -46.47 7.46
C GLU S 43 -22.23 -45.54 6.54
N ILE S 44 -22.81 -45.26 5.37
CA ILE S 44 -22.19 -44.31 4.45
C ILE S 44 -22.27 -42.87 5.00
N THR S 45 -23.45 -42.43 5.41
CA THR S 45 -23.56 -41.05 5.90
C THR S 45 -23.23 -40.93 7.40
N ASN S 46 -23.08 -42.06 8.10
CA ASN S 46 -22.83 -42.01 9.53
C ASN S 46 -24.00 -41.33 10.29
N GLU S 47 -25.21 -41.71 9.92
CA GLU S 47 -26.38 -41.17 10.58
C GLU S 47 -27.21 -42.32 11.10
N VAL S 48 -27.84 -42.09 12.23
CA VAL S 48 -28.66 -43.12 12.81
C VAL S 48 -29.92 -42.47 13.41
N ASP S 49 -31.02 -43.21 13.35
CA ASP S 49 -32.32 -42.82 13.86
C ASP S 49 -32.60 -43.69 15.08
N VAL S 50 -32.78 -43.06 16.24
CA VAL S 50 -32.91 -43.81 17.50
C VAL S 50 -34.21 -43.42 18.23
N VAL S 51 -34.81 -44.38 18.94
CA VAL S 51 -35.88 -44.08 19.90
C VAL S 51 -35.43 -44.48 21.27
N PHE S 52 -35.60 -43.57 22.23
CA PHE S 52 -35.14 -43.82 23.59
C PHE S 52 -35.99 -43.06 24.63
N TRP S 53 -36.06 -43.58 25.85
CA TRP S 53 -36.68 -42.86 26.94
C TRP S 53 -35.60 -42.05 27.61
N GLN S 54 -35.78 -40.73 27.63
CA GLN S 54 -34.78 -39.85 28.23
C GLN S 54 -35.13 -39.61 29.68
N GLN S 55 -34.71 -40.52 30.54
CA GLN S 55 -34.98 -40.43 31.96
C GLN S 55 -34.16 -39.29 32.58
N THR S 56 -34.87 -38.29 33.09
CA THR S 56 -34.27 -37.06 33.53
C THR S 56 -34.84 -36.72 34.89
N THR S 57 -33.97 -36.53 35.88
CA THR S 57 -34.43 -36.24 37.23
C THR S 57 -33.68 -35.04 37.78
N TRP S 58 -34.34 -34.27 38.62
CA TRP S 58 -33.70 -33.19 39.34
C TRP S 58 -34.63 -32.78 40.46
N SER S 59 -34.17 -31.83 41.27
CA SER S 59 -34.87 -31.41 42.44
C SER S 59 -35.32 -29.94 42.26
N ASP S 60 -36.53 -29.61 42.67
CA ASP S 60 -36.99 -28.22 42.64
C ASP S 60 -37.85 -27.98 43.88
N ARG S 61 -37.22 -27.50 44.93
CA ARG S 61 -37.85 -27.32 46.23
C ARG S 61 -39.06 -26.38 46.16
N THR S 62 -39.07 -25.49 45.18
CA THR S 62 -40.20 -24.57 45.13
C THR S 62 -41.49 -25.35 44.84
N LEU S 63 -41.38 -26.62 44.43
CA LEU S 63 -42.59 -27.39 44.14
C LEU S 63 -43.09 -28.16 45.36
N ALA S 64 -42.27 -28.24 46.40
CA ALA S 64 -42.51 -29.13 47.54
C ALA S 64 -43.80 -28.75 48.25
N TRP S 65 -44.45 -29.75 48.85
CA TRP S 65 -45.60 -29.48 49.74
C TRP S 65 -45.53 -30.46 50.87
N ASN S 66 -46.27 -30.16 51.94
CA ASN S 66 -46.39 -31.05 53.09
C ASN S 66 -47.30 -32.23 52.74
N SER S 67 -46.74 -33.44 52.67
CA SER S 67 -47.51 -34.61 52.22
C SER S 67 -48.29 -35.29 53.34
N SER S 68 -48.31 -34.68 54.53
CA SER S 68 -49.11 -35.24 55.61
C SER S 68 -50.57 -35.17 55.20
N HIS S 69 -51.23 -36.31 55.19
CA HIS S 69 -52.64 -36.35 54.76
C HIS S 69 -52.84 -35.78 53.38
N SER S 70 -51.87 -36.00 52.49
CA SER S 70 -51.96 -35.51 51.13
C SER S 70 -51.32 -36.54 50.19
N PRO S 71 -51.71 -36.50 48.91
CA PRO S 71 -51.01 -37.33 47.93
C PRO S 71 -49.51 -37.03 47.96
N ASP S 72 -48.71 -38.04 47.65
CA ASP S 72 -47.26 -37.90 47.72
C ASP S 72 -46.67 -37.40 46.39
N GLN S 73 -47.46 -37.48 45.31
CA GLN S 73 -46.99 -37.19 43.96
C GLN S 73 -48.12 -36.74 43.06
N VAL S 74 -47.77 -35.94 42.07
CA VAL S 74 -48.72 -35.61 41.01
C VAL S 74 -48.00 -35.57 39.65
N SER S 75 -48.78 -35.77 38.60
CA SER S 75 -48.28 -35.57 37.25
C SER S 75 -48.59 -34.13 36.82
N VAL S 76 -47.60 -33.45 36.26
CA VAL S 76 -47.70 -32.04 35.94
C VAL S 76 -47.21 -31.80 34.52
N PRO S 77 -47.94 -30.99 33.76
CA PRO S 77 -47.48 -30.60 32.40
C PRO S 77 -46.12 -29.91 32.53
N ILE S 78 -45.11 -30.25 31.71
CA ILE S 78 -43.82 -29.59 31.82
C ILE S 78 -43.88 -28.11 31.53
N SER S 79 -44.94 -27.64 30.88
CA SER S 79 -45.09 -26.20 30.66
C SER S 79 -45.26 -25.44 31.98
N SER S 80 -45.63 -26.15 33.05
CA SER S 80 -45.78 -25.50 34.36
C SER S 80 -44.57 -25.67 35.28
N LEU S 81 -43.48 -26.24 34.79
CA LEU S 81 -42.30 -26.46 35.62
C LEU S 81 -41.07 -25.93 34.96
N TRP S 82 -40.08 -25.54 35.76
CA TRP S 82 -38.76 -25.37 35.19
C TRP S 82 -38.23 -26.75 34.76
N VAL S 83 -37.64 -26.79 33.57
CA VAL S 83 -37.07 -28.04 33.06
C VAL S 83 -35.68 -27.71 32.54
N PRO S 84 -34.71 -28.62 32.74
CA PRO S 84 -33.35 -28.37 32.26
C PRO S 84 -33.29 -28.23 30.74
N ASP S 85 -32.50 -27.27 30.24
CA ASP S 85 -32.41 -27.02 28.80
C ASP S 85 -31.41 -27.98 28.15
N LEU S 86 -31.63 -29.28 28.32
CA LEU S 86 -30.74 -30.28 27.73
C LEU S 86 -30.84 -30.30 26.20
N ALA S 87 -29.71 -30.53 25.54
CA ALA S 87 -29.70 -30.75 24.10
C ALA S 87 -28.67 -31.80 23.74
N ALA S 88 -28.90 -32.53 22.64
CA ALA S 88 -27.93 -33.47 22.17
C ALA S 88 -27.05 -32.76 21.15
N TYR S 89 -25.75 -32.61 21.47
CA TYR S 89 -24.83 -31.87 20.59
C TYR S 89 -24.78 -32.44 19.18
N ASN S 90 -24.83 -33.78 19.06
CA ASN S 90 -24.70 -34.37 17.72
C ASN S 90 -26.03 -34.80 17.09
N ALA S 91 -27.14 -34.27 17.60
CA ALA S 91 -28.45 -34.48 16.94
C ALA S 91 -28.47 -33.70 15.64
N ILE S 92 -29.06 -34.29 14.59
CA ILE S 92 -29.20 -33.58 13.32
C ILE S 92 -30.67 -33.40 12.97
N SER S 93 -31.53 -33.66 13.97
CA SER S 93 -32.95 -33.38 13.84
C SER S 93 -33.43 -32.95 15.20
N LYS S 94 -34.55 -32.21 15.27
CA LYS S 94 -35.07 -31.89 16.58
C LYS S 94 -35.74 -33.08 17.19
N PRO S 95 -35.75 -33.11 18.53
CA PRO S 95 -36.27 -34.31 19.18
C PRO S 95 -37.77 -34.39 18.94
N GLU S 96 -38.25 -35.51 18.39
CA GLU S 96 -39.68 -35.76 18.24
C GLU S 96 -40.11 -36.46 19.56
N VAL S 97 -40.81 -35.73 20.43
CA VAL S 97 -41.34 -36.31 21.67
C VAL S 97 -42.60 -37.15 21.36
N LEU S 98 -42.55 -38.44 21.66
CA LEU S 98 -43.62 -39.35 21.26
C LEU S 98 -44.69 -39.50 22.36
N THR S 99 -44.35 -39.06 23.55
CA THR S 99 -45.22 -39.31 24.71
C THR S 99 -45.83 -38.02 25.27
N PRO S 100 -46.84 -38.16 26.16
CA PRO S 100 -47.48 -36.98 26.78
C PRO S 100 -46.46 -36.17 27.59
N GLN S 101 -46.48 -34.86 27.44
CA GLN S 101 -45.45 -34.07 28.07
C GLN S 101 -45.74 -33.76 29.54
N LEU S 102 -45.69 -34.82 30.35
CA LEU S 102 -45.93 -34.72 31.80
C LEU S 102 -44.71 -35.18 32.60
N ALA S 103 -44.42 -34.44 33.67
CA ALA S 103 -43.38 -34.82 34.59
C ALA S 103 -44.05 -35.27 35.88
N ARG S 104 -43.39 -36.16 36.60
CA ARG S 104 -43.92 -36.61 37.88
C ARG S 104 -43.20 -35.82 38.97
N VAL S 105 -43.98 -35.20 39.85
CA VAL S 105 -43.41 -34.41 40.94
C VAL S 105 -43.79 -35.02 42.27
N VAL S 106 -42.76 -35.29 43.09
CA VAL S 106 -42.94 -35.81 44.46
C VAL S 106 -43.03 -34.67 45.48
N SER S 107 -43.70 -34.92 46.62
CA SER S 107 -43.93 -33.85 47.59
C SER S 107 -42.67 -33.15 48.11
N ASP S 108 -41.52 -33.82 48.02
CA ASP S 108 -40.25 -33.21 48.44
C ASP S 108 -39.59 -32.41 47.32
N GLY S 109 -40.25 -32.33 46.16
CA GLY S 109 -39.74 -31.51 45.05
C GLY S 109 -38.86 -32.26 44.06
N GLU S 110 -38.76 -33.59 44.22
CA GLU S 110 -38.07 -34.43 43.24
C GLU S 110 -38.91 -34.51 41.96
N VAL S 111 -38.27 -34.30 40.81
CA VAL S 111 -38.99 -34.36 39.56
C VAL S 111 -38.43 -35.46 38.70
N LEU S 112 -39.33 -36.20 38.06
CA LEU S 112 -38.94 -37.15 37.04
C LEU S 112 -39.62 -36.78 35.71
N TYR S 113 -38.84 -36.51 34.67
CA TYR S 113 -39.41 -36.29 33.35
C TYR S 113 -38.74 -37.33 32.43
N MET S 114 -39.55 -38.10 31.70
CA MET S 114 -39.05 -39.27 30.99
C MET S 114 -39.82 -39.44 29.67
N PRO S 115 -39.63 -38.47 28.78
CA PRO S 115 -40.31 -38.57 27.49
C PRO S 115 -39.70 -39.69 26.67
N SER S 116 -40.48 -40.26 25.74
CA SER S 116 -39.90 -41.13 24.75
C SER S 116 -39.57 -40.25 23.54
N ILE S 117 -38.33 -40.33 23.08
CA ILE S 117 -37.89 -39.44 22.00
C ILE S 117 -37.40 -40.20 20.79
N ARG S 118 -37.80 -39.74 19.61
CA ARG S 118 -37.18 -40.22 18.38
C ARG S 118 -36.31 -39.09 17.85
N GLN S 119 -35.07 -39.41 17.49
CA GLN S 119 -34.14 -38.37 17.07
C GLN S 119 -33.06 -38.95 16.18
N ARG S 120 -32.56 -38.15 15.23
CA ARG S 120 -31.45 -38.63 14.41
C ARG S 120 -30.15 -38.01 14.87
N PHE S 121 -29.08 -38.80 14.79
CA PHE S 121 -27.77 -38.35 15.21
C PHE S 121 -26.70 -38.59 14.15
N SER S 122 -25.66 -37.77 14.24
CA SER S 122 -24.47 -37.94 13.44
C SER S 122 -23.50 -38.59 14.43
N CYS S 123 -23.08 -39.81 14.09
CA CYS S 123 -22.14 -40.54 14.95
C CYS S 123 -21.51 -41.69 14.16
N ASP S 124 -20.59 -42.39 14.82
CA ASP S 124 -19.81 -43.43 14.12
C ASP S 124 -20.62 -44.71 13.87
N VAL S 125 -21.00 -44.94 12.61
CA VAL S 125 -21.81 -46.09 12.27
C VAL S 125 -20.95 -47.22 11.68
N SER S 126 -19.64 -46.95 11.55
CA SER S 126 -18.74 -47.93 10.95
C SER S 126 -18.71 -49.21 11.80
N GLY S 127 -18.82 -50.34 11.12
CA GLY S 127 -18.75 -51.63 11.79
C GLY S 127 -20.09 -52.21 12.19
N VAL S 128 -21.15 -51.48 11.84
CA VAL S 128 -22.48 -51.91 12.27
C VAL S 128 -22.85 -53.31 11.80
N ASP S 129 -22.30 -53.72 10.66
CA ASP S 129 -22.57 -55.05 10.09
C ASP S 129 -21.53 -56.08 10.45
N THR S 130 -20.72 -55.79 11.47
CA THR S 130 -19.70 -56.74 11.88
C THR S 130 -20.08 -57.26 13.25
N GLU S 131 -19.28 -58.18 13.76
CA GLU S 131 -19.59 -58.79 15.03
C GLU S 131 -19.26 -57.83 16.18
N SER S 132 -18.26 -56.97 15.99
CA SER S 132 -17.88 -55.99 17.00
C SER S 132 -18.95 -54.90 17.07
N GLY S 133 -19.60 -54.66 15.93
CA GLY S 133 -20.67 -53.68 15.84
C GLY S 133 -20.14 -52.26 15.76
N ALA S 134 -21.06 -51.31 15.65
CA ALA S 134 -20.71 -49.90 15.67
C ALA S 134 -20.81 -49.35 17.10
N THR S 135 -20.10 -48.27 17.39
CA THR S 135 -20.33 -47.56 18.64
C THR S 135 -20.71 -46.11 18.33
N CYS S 136 -21.98 -45.79 18.60
CA CYS S 136 -22.52 -44.47 18.35
C CYS S 136 -22.55 -43.70 19.67
N ARG S 137 -21.89 -42.55 19.69
CA ARG S 137 -21.77 -41.75 20.90
C ARG S 137 -22.75 -40.56 20.86
N ILE S 138 -23.60 -40.47 21.88
CA ILE S 138 -24.59 -39.39 21.96
C ILE S 138 -24.24 -38.50 23.13
N LYS S 139 -24.12 -37.20 22.85
CA LYS S 139 -23.61 -36.23 23.82
C LYS S 139 -24.74 -35.29 24.25
N ILE S 140 -25.05 -35.30 25.55
CA ILE S 140 -26.15 -34.48 26.06
C ILE S 140 -25.74 -33.58 27.21
N GLY S 141 -26.15 -32.31 27.18
CA GLY S 141 -25.88 -31.39 28.28
C GLY S 141 -26.72 -30.13 28.20
N SER S 142 -26.66 -29.30 29.25
CA SER S 142 -27.35 -28.01 29.23
C SER S 142 -26.81 -27.16 28.10
N TRP S 143 -27.69 -26.56 27.32
CA TRP S 143 -27.23 -25.70 26.23
C TRP S 143 -26.72 -24.32 26.75
N THR S 144 -27.33 -23.82 27.82
CA THR S 144 -27.05 -22.43 28.22
C THR S 144 -26.61 -22.24 29.66
N HIS S 145 -26.60 -23.32 30.43
CA HIS S 145 -26.28 -23.22 31.85
C HIS S 145 -24.93 -23.89 32.10
N HIS S 146 -23.97 -23.15 32.62
CA HIS S 146 -22.65 -23.72 32.87
C HIS S 146 -22.62 -24.55 34.16
N SER S 147 -21.46 -25.11 34.46
CA SER S 147 -21.30 -26.12 35.51
C SER S 147 -21.63 -25.63 36.91
N ARG S 148 -21.65 -24.31 37.11
CA ARG S 148 -22.06 -23.79 38.42
C ARG S 148 -23.58 -23.70 38.57
N GLU S 149 -24.30 -23.77 37.44
CA GLU S 149 -25.76 -23.68 37.44
C GLU S 149 -26.44 -25.05 37.25
N ILE S 150 -25.90 -25.85 36.34
CA ILE S 150 -26.41 -27.18 36.12
C ILE S 150 -25.23 -28.16 36.06
N SER S 151 -25.31 -29.23 36.85
CA SER S 151 -24.39 -30.33 36.69
C SER S 151 -25.17 -31.45 36.06
N VAL S 152 -24.49 -32.26 35.26
CA VAL S 152 -25.15 -33.33 34.55
C VAL S 152 -24.48 -34.66 34.85
N ASP S 153 -25.23 -35.62 35.35
CA ASP S 153 -24.65 -36.94 35.68
C ASP S 153 -25.48 -38.10 35.17
N PRO S 154 -24.81 -39.20 34.84
CA PRO S 154 -25.54 -40.43 34.53
C PRO S 154 -26.06 -40.98 35.84
N THR S 155 -26.99 -41.94 35.80
CA THR S 155 -27.55 -42.51 37.04
C THR S 155 -26.86 -43.80 37.45
N SER S 162 -30.48 -53.55 26.96
CA SER S 162 -31.59 -53.99 26.09
C SER S 162 -32.88 -54.16 26.87
N GLU S 163 -32.91 -53.73 28.12
CA GLU S 163 -34.03 -54.12 28.98
C GLU S 163 -35.34 -53.78 28.29
N TYR S 164 -35.38 -52.60 27.67
CA TYR S 164 -36.60 -52.17 26.98
C TYR S 164 -36.40 -52.09 25.48
N PHE S 165 -35.26 -52.57 25.03
CA PHE S 165 -35.00 -52.57 23.60
C PHE S 165 -35.89 -53.54 22.82
N SER S 166 -36.44 -53.07 21.70
CA SER S 166 -37.42 -53.86 20.94
C SER S 166 -36.75 -55.09 20.36
N GLN S 167 -37.36 -56.25 20.61
CA GLN S 167 -36.93 -57.49 19.98
C GLN S 167 -37.15 -57.51 18.47
N TYR S 168 -37.98 -56.62 17.94
CA TYR S 168 -38.26 -56.63 16.50
C TYR S 168 -37.30 -55.77 15.69
N SER S 169 -36.41 -55.05 16.39
CA SER S 169 -35.48 -54.17 15.70
C SER S 169 -34.59 -55.01 14.78
N ARG S 170 -34.12 -54.47 13.66
CA ARG S 170 -33.12 -55.15 12.85
C ARG S 170 -31.78 -55.21 13.58
N PHE S 171 -31.70 -54.48 14.71
CA PHE S 171 -30.42 -54.29 15.39
C PHE S 171 -30.51 -54.87 16.79
N GLU S 172 -29.34 -55.08 17.38
CA GLU S 172 -29.29 -55.49 18.77
C GLU S 172 -28.21 -54.70 19.49
N ILE S 173 -28.40 -54.51 20.79
CA ILE S 173 -27.48 -53.75 21.60
C ILE S 173 -26.48 -54.69 22.27
N LEU S 174 -25.21 -54.40 22.08
CA LEU S 174 -24.15 -55.20 22.66
C LEU S 174 -23.80 -54.60 24.02
N ASP S 175 -23.75 -53.27 24.08
CA ASP S 175 -23.35 -52.60 25.30
C ASP S 175 -23.74 -51.13 25.31
N VAL S 176 -23.91 -50.57 26.51
CA VAL S 176 -24.10 -49.14 26.64
C VAL S 176 -23.22 -48.66 27.78
N THR S 177 -22.35 -47.70 27.51
CA THR S 177 -21.53 -47.08 28.56
C THR S 177 -21.72 -45.57 28.59
N GLN S 178 -21.42 -44.98 29.74
CA GLN S 178 -21.60 -43.56 29.93
C GLN S 178 -20.38 -42.92 30.52
N LYS S 179 -20.20 -41.66 30.17
CA LYS S 179 -19.06 -40.93 30.64
C LYS S 179 -19.48 -39.47 30.84
N LYS S 180 -19.02 -38.87 31.92
CA LYS S 180 -19.32 -37.49 32.20
C LYS S 180 -18.17 -36.61 31.70
N ASN S 181 -18.48 -35.45 31.15
CA ASN S 181 -17.44 -34.50 30.75
C ASN S 181 -17.79 -33.08 31.12
N SER S 182 -16.78 -32.23 31.15
CA SER S 182 -16.94 -30.84 31.50
C SER S 182 -16.08 -30.13 30.48
N VAL S 183 -16.71 -29.39 29.59
CA VAL S 183 -15.99 -28.84 28.47
C VAL S 183 -16.07 -27.32 28.41
N THR S 184 -14.97 -26.66 28.03
CA THR S 184 -14.99 -25.21 27.83
C THR S 184 -15.00 -24.93 26.33
N TYR S 185 -15.91 -24.08 25.89
CA TYR S 185 -16.08 -23.83 24.46
C TYR S 185 -15.59 -22.42 24.16
N SER S 186 -15.16 -22.22 22.93
CA SER S 186 -14.62 -20.94 22.49
C SER S 186 -15.55 -19.75 22.70
N CYS S 187 -16.86 -20.00 22.71
CA CYS S 187 -17.86 -18.93 22.80
CA CYS S 187 -17.82 -18.91 22.77
C CYS S 187 -17.90 -18.30 24.18
N CYS S 188 -17.49 -19.06 25.21
CA CYS S 188 -17.73 -18.66 26.58
C CYS S 188 -16.63 -19.11 27.55
N PRO S 189 -16.44 -18.33 28.60
CA PRO S 189 -15.41 -18.57 29.61
C PRO S 189 -15.67 -19.78 30.52
N GLU S 190 -16.94 -20.12 30.79
CA GLU S 190 -17.26 -21.17 31.76
CA GLU S 190 -17.26 -21.16 31.77
C GLU S 190 -17.21 -22.54 31.13
N ALA S 191 -17.25 -23.57 31.98
CA ALA S 191 -17.34 -24.97 31.54
C ALA S 191 -18.82 -25.44 31.56
N TYR S 192 -19.15 -26.32 30.62
CA TYR S 192 -20.51 -26.87 30.50
C TYR S 192 -20.40 -28.37 30.58
N GLU S 193 -21.20 -28.97 31.44
CA GLU S 193 -21.12 -30.41 31.62
C GLU S 193 -21.97 -31.11 30.57
N ASP S 194 -21.60 -32.35 30.29
CA ASP S 194 -22.35 -33.21 29.40
C ASP S 194 -22.18 -34.66 29.82
N VAL S 195 -23.16 -35.48 29.45
CA VAL S 195 -23.03 -36.91 29.52
C VAL S 195 -22.88 -37.44 28.11
N GLU S 196 -21.91 -38.33 27.90
CA GLU S 196 -21.73 -39.03 26.63
C GLU S 196 -22.18 -40.48 26.78
N VAL S 197 -23.25 -40.83 26.05
CA VAL S 197 -23.74 -42.17 26.09
C VAL S 197 -23.25 -42.94 24.86
N SER S 198 -22.53 -44.04 25.11
CA SER S 198 -21.95 -44.81 24.01
C SER S 198 -22.80 -46.05 23.78
N LEU S 199 -23.44 -46.09 22.62
CA LEU S 199 -24.31 -47.19 22.25
C LEU S 199 -23.56 -48.12 21.27
N ASN S 200 -23.17 -49.30 21.76
CA ASN S 200 -22.51 -50.31 20.93
C ASN S 200 -23.60 -51.28 20.47
N PHE S 201 -23.81 -51.29 19.15
CA PHE S 201 -24.92 -52.05 18.58
C PHE S 201 -24.49 -52.63 17.21
N ARG S 202 -25.20 -53.65 16.72
CA ARG S 202 -24.93 -54.19 15.39
C ARG S 202 -26.23 -54.63 14.70
N LYS S 203 -26.17 -54.77 13.38
CA LYS S 203 -27.23 -55.48 12.63
C LYS S 203 -27.31 -56.97 12.98
N LYS S 204 -28.53 -57.50 13.17
CA LYS S 204 -28.73 -58.96 13.44
C LYS S 204 -28.79 -59.63 12.02
N GLY S 205 -28.95 -60.92 11.74
CA GLY S 205 -29.10 -61.26 10.32
C GLY S 205 -30.51 -61.34 9.73
N LEU T 1 -31.17 -8.67 44.65
CA LEU T 1 -31.84 -9.28 43.52
C LEU T 1 -31.43 -10.72 43.34
N ASP T 2 -32.40 -11.60 43.21
CA ASP T 2 -32.08 -12.97 42.83
C ASP T 2 -32.56 -13.23 41.38
N ARG T 3 -32.29 -14.44 40.88
CA ARG T 3 -32.70 -14.78 39.53
C ARG T 3 -34.19 -14.55 39.31
N ALA T 4 -35.00 -15.01 40.27
CA ALA T 4 -36.45 -14.92 40.17
C ALA T 4 -36.87 -13.48 39.90
N ASP T 5 -36.28 -12.56 40.67
CA ASP T 5 -36.57 -11.13 40.51
C ASP T 5 -36.15 -10.63 39.15
N ILE T 6 -34.94 -10.99 38.76
CA ILE T 6 -34.41 -10.53 37.47
C ILE T 6 -35.30 -11.01 36.33
N LEU T 7 -35.62 -12.30 36.34
CA LEU T 7 -36.45 -12.87 35.27
C LEU T 7 -37.88 -12.30 35.27
N TYR T 8 -38.43 -12.10 36.46
CA TYR T 8 -39.73 -11.43 36.61
C TYR T 8 -39.66 -10.02 35.98
N ASN T 9 -38.66 -9.22 36.36
CA ASN T 9 -38.59 -7.88 35.79
C ASN T 9 -38.44 -7.88 34.27
N ILE T 10 -37.64 -8.80 33.76
CA ILE T 10 -37.42 -8.89 32.32
C ILE T 10 -38.73 -9.26 31.62
N ARG T 11 -39.42 -10.25 32.17
CA ARG T 11 -40.70 -10.64 31.60
C ARG T 11 -41.71 -9.50 31.64
N GLN T 12 -41.70 -8.70 32.70
CA GLN T 12 -42.70 -7.64 32.85
C GLN T 12 -42.43 -6.41 31.99
N THR T 13 -41.20 -6.23 31.53
CA THR T 13 -40.85 -4.94 30.93
C THR T 13 -40.03 -5.03 29.65
N SER T 14 -39.78 -6.25 29.16
CA SER T 14 -38.75 -6.44 28.14
C SER T 14 -39.02 -5.81 26.75
N ARG T 15 -40.28 -5.89 26.28
CA ARG T 15 -40.66 -5.27 24.99
C ARG T 15 -39.99 -5.94 23.79
N PRO T 16 -40.32 -7.22 23.57
CA PRO T 16 -39.64 -8.03 22.55
C PRO T 16 -39.90 -7.54 21.15
N ASP T 17 -40.84 -6.61 21.04
CA ASP T 17 -41.23 -6.09 19.74
C ASP T 17 -40.48 -4.77 19.47
N VAL T 18 -39.70 -4.31 20.44
CA VAL T 18 -39.03 -3.01 20.30
C VAL T 18 -37.51 -3.11 20.16
N ILE T 19 -37.00 -2.74 18.99
CA ILE T 19 -35.58 -2.80 18.73
C ILE T 19 -34.87 -1.81 19.65
N PRO T 20 -33.88 -2.28 20.41
CA PRO T 20 -33.25 -1.46 21.47
C PRO T 20 -32.16 -0.55 20.90
N THR T 21 -32.50 0.34 19.95
CA THR T 21 -31.55 1.35 19.49
C THR T 21 -31.19 2.35 20.62
N GLN T 22 -29.92 2.78 20.63
CA GLN T 22 -29.43 3.79 21.57
C GLN T 22 -29.10 5.06 20.82
N ARG T 23 -29.75 6.17 21.18
CA ARG T 23 -29.38 7.49 20.65
C ARG T 23 -29.34 7.47 19.12
N ASP T 24 -30.29 6.74 18.53
CA ASP T 24 -30.39 6.63 17.08
C ASP T 24 -29.15 6.03 16.39
N ARG T 25 -28.37 5.26 17.14
CA ARG T 25 -27.35 4.40 16.57
C ARG T 25 -27.93 3.00 16.31
N PRO T 26 -27.42 2.33 15.29
CA PRO T 26 -27.93 0.99 15.00
C PRO T 26 -27.59 0.05 16.14
N VAL T 27 -28.43 -0.97 16.33
CA VAL T 27 -28.04 -2.06 17.20
C VAL T 27 -26.95 -2.85 16.48
N ALA T 28 -25.80 -2.98 17.13
CA ALA T 28 -24.64 -3.66 16.54
C ALA T 28 -24.75 -5.13 16.81
N VAL T 29 -25.08 -5.90 15.79
CA VAL T 29 -25.24 -7.34 15.98
C VAL T 29 -23.99 -8.03 15.44
N SER T 30 -23.46 -8.97 16.20
CA SER T 30 -22.40 -9.85 15.70
C SER T 30 -22.94 -11.23 15.42
N VAL T 31 -22.51 -11.79 14.30
CA VAL T 31 -22.96 -13.09 13.86
C VAL T 31 -21.73 -13.88 13.46
N SER T 32 -21.73 -15.15 13.84
CA SER T 32 -20.64 -16.03 13.54
C SER T 32 -21.18 -17.46 13.47
N LEU T 33 -20.94 -18.15 12.35
CA LEU T 33 -21.43 -19.53 12.22
C LEU T 33 -20.33 -20.50 12.61
N LYS T 34 -20.57 -21.37 13.59
CA LYS T 34 -19.66 -22.46 13.87
C LYS T 34 -20.26 -23.69 13.23
N PHE T 35 -19.59 -24.20 12.19
CA PHE T 35 -20.11 -25.34 11.47
C PHE T 35 -19.90 -26.64 12.24
N ILE T 36 -20.95 -27.45 12.28
CA ILE T 36 -20.94 -28.68 13.07
C ILE T 36 -21.01 -29.86 12.12
N ASN T 37 -21.68 -29.67 11.00
CA ASN T 37 -21.88 -30.80 10.12
C ASN T 37 -22.36 -30.37 8.76
N ILE T 38 -22.06 -31.20 7.75
CA ILE T 38 -22.53 -30.98 6.39
C ILE T 38 -23.12 -32.32 6.00
N LEU T 39 -24.40 -32.34 5.65
CA LEU T 39 -25.18 -33.59 5.73
C LEU T 39 -25.59 -34.13 4.39
N GLU T 40 -25.93 -33.25 3.46
CA GLU T 40 -26.54 -33.77 2.25
C GLU T 40 -26.26 -32.90 1.04
N VAL T 41 -25.08 -33.09 0.47
CA VAL T 41 -24.61 -32.30 -0.65
C VAL T 41 -25.18 -32.82 -1.96
N ASN T 42 -25.46 -31.91 -2.88
CA ASN T 42 -25.92 -32.29 -4.21
C ASN T 42 -25.32 -31.36 -5.23
N GLU T 43 -24.28 -31.85 -5.93
CA GLU T 43 -23.52 -31.01 -6.85
C GLU T 43 -24.34 -30.70 -8.09
N ILE T 44 -25.28 -31.60 -8.41
CA ILE T 44 -26.16 -31.38 -9.56
C ILE T 44 -27.12 -30.22 -9.30
N THR T 45 -27.83 -30.25 -8.16
CA THR T 45 -28.81 -29.20 -7.84
C THR T 45 -28.21 -28.00 -7.12
N ASN T 46 -26.93 -28.07 -6.78
CA ASN T 46 -26.30 -26.98 -6.01
C ASN T 46 -27.04 -26.69 -4.69
N GLU T 47 -27.37 -27.75 -3.96
CA GLU T 47 -28.00 -27.60 -2.67
C GLU T 47 -27.20 -28.34 -1.62
N VAL T 48 -27.20 -27.80 -0.41
CA VAL T 48 -26.44 -28.39 0.67
C VAL T 48 -27.22 -28.23 1.96
N ASP T 49 -27.09 -29.24 2.82
CA ASP T 49 -27.74 -29.30 4.11
C ASP T 49 -26.64 -29.08 5.15
N VAL T 50 -26.81 -28.09 6.03
CA VAL T 50 -25.74 -27.72 6.96
C VAL T 50 -26.27 -27.62 8.38
N VAL T 51 -25.45 -28.03 9.35
CA VAL T 51 -25.75 -27.79 10.76
C VAL T 51 -24.70 -26.86 11.31
N PHE T 52 -25.13 -25.82 12.00
CA PHE T 52 -24.19 -24.87 12.56
C PHE T 52 -24.75 -24.17 13.80
N TRP T 53 -23.88 -23.71 14.67
CA TRP T 53 -24.29 -22.88 15.79
C TRP T 53 -24.24 -21.44 15.31
N GLN T 54 -25.38 -20.75 15.39
CA GLN T 54 -25.42 -19.37 14.91
C GLN T 54 -25.18 -18.43 16.10
N GLN T 55 -23.90 -18.21 16.40
CA GLN T 55 -23.53 -17.34 17.49
C GLN T 55 -23.89 -15.89 17.19
N THR T 56 -24.80 -15.35 17.98
CA THR T 56 -25.39 -14.04 17.73
C THR T 56 -25.34 -13.22 19.00
N THR T 57 -24.73 -12.04 18.94
CA THR T 57 -24.62 -11.18 20.12
C THR T 57 -25.08 -9.76 19.80
N TRP T 58 -25.66 -9.11 20.81
CA TRP T 58 -26.00 -7.72 20.67
C TRP T 58 -26.27 -7.21 22.07
N SER T 59 -26.49 -5.91 22.16
CA SER T 59 -26.68 -5.25 23.43
C SER T 59 -28.12 -4.75 23.56
N ASP T 60 -28.75 -4.98 24.71
CA ASP T 60 -30.07 -4.36 24.97
C ASP T 60 -30.12 -3.82 26.39
N ARG T 61 -29.87 -2.53 26.51
CA ARG T 61 -29.76 -1.87 27.82
C ARG T 61 -31.03 -1.96 28.65
N THR T 62 -32.17 -2.05 28.00
CA THR T 62 -33.39 -2.19 28.78
C THR T 62 -33.39 -3.46 29.64
N LEU T 63 -32.47 -4.38 29.41
CA LEU T 63 -32.45 -5.64 30.18
C LEU T 63 -31.54 -5.53 31.38
N ALA T 64 -30.70 -4.49 31.39
CA ALA T 64 -29.66 -4.35 32.40
C ALA T 64 -30.20 -4.29 33.85
N TRP T 65 -29.40 -4.77 34.79
CA TRP T 65 -29.74 -4.62 36.22
C TRP T 65 -28.44 -4.39 36.99
N ASN T 66 -28.58 -3.83 38.19
CA ASN T 66 -27.44 -3.70 39.08
C ASN T 66 -27.01 -5.07 39.61
N SER T 67 -25.81 -5.53 39.22
CA SER T 67 -25.35 -6.87 39.62
C SER T 67 -24.65 -6.91 40.98
N SER T 68 -24.69 -5.80 41.71
CA SER T 68 -24.14 -5.80 43.06
C SER T 68 -24.98 -6.73 43.94
N HIS T 69 -24.33 -7.76 44.49
CA HIS T 69 -25.03 -8.75 45.31
C HIS T 69 -26.15 -9.44 44.53
N SER T 70 -25.91 -9.69 43.24
CA SER T 70 -26.89 -10.32 42.39
C SER T 70 -26.17 -11.18 41.37
N PRO T 71 -26.87 -12.20 40.84
CA PRO T 71 -26.27 -12.98 39.74
C PRO T 71 -25.89 -12.05 38.59
N ASP T 72 -24.82 -12.42 37.88
CA ASP T 72 -24.34 -11.62 36.77
C ASP T 72 -25.03 -11.94 35.42
N GLN T 73 -25.67 -13.12 35.34
CA GLN T 73 -26.31 -13.57 34.12
C GLN T 73 -27.53 -14.46 34.36
N VAL T 74 -28.46 -14.41 33.41
CA VAL T 74 -29.57 -15.37 33.43
C VAL T 74 -29.86 -15.92 32.04
N SER T 75 -30.40 -17.12 31.98
CA SER T 75 -30.89 -17.64 30.72
C SER T 75 -32.35 -17.21 30.60
N VAL T 76 -32.72 -16.70 29.43
CA VAL T 76 -34.05 -16.15 29.21
C VAL T 76 -34.60 -16.71 27.90
N PRO T 77 -35.89 -17.09 27.89
CA PRO T 77 -36.54 -17.56 26.67
C PRO T 77 -36.55 -16.42 25.66
N ILE T 78 -36.22 -16.68 24.39
CA ILE T 78 -36.14 -15.57 23.43
C ILE T 78 -37.50 -14.94 23.21
N SER T 79 -38.57 -15.64 23.55
CA SER T 79 -39.90 -15.04 23.40
C SER T 79 -40.08 -13.87 24.38
N SER T 80 -39.24 -13.79 25.40
CA SER T 80 -39.29 -12.62 26.27
C SER T 80 -38.30 -11.48 25.93
N LEU T 81 -37.62 -11.58 24.79
CA LEU T 81 -36.58 -10.60 24.44
C LEU T 81 -36.74 -10.13 23.04
N TRP T 82 -36.31 -8.92 22.77
CA TRP T 82 -36.14 -8.53 21.39
C TRP T 82 -34.98 -9.36 20.82
N VAL T 83 -35.17 -9.86 19.61
CA VAL T 83 -34.13 -10.62 18.93
C VAL T 83 -34.00 -10.07 17.49
N PRO T 84 -32.77 -10.01 16.96
CA PRO T 84 -32.64 -9.46 15.60
C PRO T 84 -33.35 -10.36 14.57
N ASP T 85 -34.00 -9.76 13.56
CA ASP T 85 -34.76 -10.54 12.58
C ASP T 85 -33.84 -11.08 11.47
N LEU T 86 -32.79 -11.82 11.85
CA LEU T 86 -31.84 -12.30 10.85
C LEU T 86 -32.47 -13.34 9.93
N ALA T 87 -32.09 -13.29 8.64
CA ALA T 87 -32.45 -14.37 7.72
C ALA T 87 -31.29 -14.71 6.79
N ALA T 88 -31.22 -15.99 6.41
CA ALA T 88 -30.28 -16.36 5.35
C ALA T 88 -30.92 -16.18 3.98
N TYR T 89 -30.41 -15.23 3.20
CA TYR T 89 -30.95 -14.97 1.88
C TYR T 89 -31.03 -16.22 1.00
N ASN T 90 -30.01 -17.07 1.03
CA ASN T 90 -29.99 -18.19 0.10
C ASN T 90 -30.45 -19.49 0.75
N ALA T 91 -31.16 -19.39 1.87
CA ALA T 91 -31.73 -20.59 2.49
C ALA T 91 -32.92 -21.04 1.65
N ILE T 92 -33.08 -22.35 1.48
CA ILE T 92 -34.23 -22.87 0.73
C ILE T 92 -35.13 -23.74 1.62
N SER T 93 -34.90 -23.65 2.93
CA SER T 93 -35.80 -24.28 3.90
C SER T 93 -35.78 -23.40 5.11
N LYS T 94 -36.79 -23.50 5.97
CA LYS T 94 -36.75 -22.64 7.12
C LYS T 94 -35.80 -23.25 8.14
N PRO T 95 -35.26 -22.41 9.00
CA PRO T 95 -34.25 -22.92 9.92
C PRO T 95 -34.87 -23.89 10.90
N GLU T 96 -34.34 -25.10 11.00
CA GLU T 96 -34.77 -26.05 12.01
C GLU T 96 -33.89 -25.79 13.23
N VAL T 97 -34.46 -25.18 14.28
CA VAL T 97 -33.69 -24.91 15.49
C VAL T 97 -33.65 -26.18 16.35
N LEU T 98 -32.44 -26.72 16.58
CA LEU T 98 -32.27 -28.01 17.24
C LEU T 98 -32.17 -27.90 18.75
N THR T 99 -31.95 -26.68 19.24
CA THR T 99 -31.63 -26.50 20.66
C THR T 99 -32.70 -25.69 21.38
N PRO T 100 -32.71 -25.74 22.73
CA PRO T 100 -33.63 -24.93 23.53
C PRO T 100 -33.53 -23.46 23.19
N GLN T 101 -34.66 -22.80 23.01
CA GLN T 101 -34.61 -21.42 22.55
C GLN T 101 -34.44 -20.42 23.68
N LEU T 102 -33.25 -20.44 24.28
CA LEU T 102 -32.87 -19.54 25.38
C LEU T 102 -31.70 -18.68 24.95
N ALA T 103 -31.72 -17.42 25.37
CA ALA T 103 -30.59 -16.53 25.22
C ALA T 103 -29.97 -16.31 26.59
N ARG T 104 -28.68 -15.99 26.60
CA ARG T 104 -28.00 -15.66 27.84
C ARG T 104 -27.88 -14.14 27.93
N VAL T 105 -28.37 -13.57 29.03
CA VAL T 105 -28.34 -12.14 29.26
C VAL T 105 -27.44 -11.81 30.46
N VAL T 106 -26.51 -10.88 30.22
CA VAL T 106 -25.58 -10.40 31.24
C VAL T 106 -26.11 -9.12 31.87
N SER T 107 -25.71 -8.83 33.10
CA SER T 107 -26.34 -7.71 33.84
C SER T 107 -26.20 -6.37 33.16
N ASP T 108 -25.20 -6.26 32.28
CA ASP T 108 -25.00 -4.99 31.56
C ASP T 108 -25.86 -4.91 30.28
N GLY T 109 -26.61 -5.97 30.00
CA GLY T 109 -27.53 -5.99 28.86
C GLY T 109 -26.95 -6.63 27.61
N GLU T 110 -25.76 -7.24 27.72
CA GLU T 110 -25.22 -8.04 26.63
C GLU T 110 -25.99 -9.35 26.49
N VAL T 111 -26.41 -9.66 25.26
CA VAL T 111 -27.16 -10.87 25.03
C VAL T 111 -26.36 -11.76 24.11
N LEU T 112 -26.40 -13.05 24.40
CA LEU T 112 -25.85 -14.06 23.52
C LEU T 112 -26.99 -15.03 23.19
N TYR T 113 -27.28 -15.21 21.91
CA TYR T 113 -28.21 -16.26 21.47
C TYR T 113 -27.44 -17.13 20.48
N MET T 114 -27.43 -18.44 20.72
CA MET T 114 -26.57 -19.33 19.95
C MET T 114 -27.27 -20.65 19.69
N PRO T 115 -28.35 -20.61 18.90
CA PRO T 115 -29.06 -21.84 18.59
C PRO T 115 -28.22 -22.70 17.66
N SER T 116 -28.43 -24.01 17.72
CA SER T 116 -27.87 -24.89 16.68
C SER T 116 -28.95 -25.04 15.63
N ILE T 117 -28.58 -24.80 14.39
CA ILE T 117 -29.54 -24.78 13.31
C ILE T 117 -29.18 -25.78 12.23
N ARG T 118 -30.22 -26.44 11.72
CA ARG T 118 -30.08 -27.23 10.49
C ARG T 118 -30.85 -26.52 9.40
N GLN T 119 -30.20 -26.30 8.27
CA GLN T 119 -30.89 -25.57 7.20
C GLN T 119 -30.30 -25.95 5.85
N ARG T 120 -31.12 -25.90 4.79
CA ARG T 120 -30.61 -26.14 3.44
C ARG T 120 -30.42 -24.83 2.70
N PHE T 121 -29.37 -24.80 1.88
CA PHE T 121 -29.01 -23.61 1.14
C PHE T 121 -28.81 -23.92 -0.33
N SER T 122 -29.05 -22.91 -1.15
CA SER T 122 -28.72 -22.94 -2.54
C SER T 122 -27.39 -22.19 -2.62
N CYS T 123 -26.35 -22.90 -3.05
CA CYS T 123 -25.01 -22.31 -3.20
C CYS T 123 -24.12 -23.16 -4.09
N ASP T 124 -22.92 -22.67 -4.31
CA ASP T 124 -22.04 -23.31 -5.28
C ASP T 124 -21.41 -24.62 -4.74
N VAL T 125 -21.92 -25.74 -5.18
CA VAL T 125 -21.42 -27.02 -4.69
C VAL T 125 -20.40 -27.64 -5.67
N SER T 126 -20.09 -26.93 -6.77
CA SER T 126 -19.17 -27.48 -7.76
C SER T 126 -17.80 -27.67 -7.16
N GLY T 127 -17.19 -28.81 -7.46
CA GLY T 127 -15.82 -29.08 -7.04
C GLY T 127 -15.75 -29.76 -5.68
N VAL T 128 -16.91 -30.08 -5.12
CA VAL T 128 -16.93 -30.69 -3.79
C VAL T 128 -16.07 -31.97 -3.71
N ASP T 129 -16.00 -32.71 -4.81
CA ASP T 129 -15.26 -33.98 -4.89
C ASP T 129 -13.83 -33.82 -5.41
N THR T 130 -13.30 -32.61 -5.39
CA THR T 130 -11.95 -32.36 -5.85
C THR T 130 -11.15 -31.91 -4.66
N GLU T 131 -9.87 -31.69 -4.87
CA GLU T 131 -8.99 -31.36 -3.76
C GLU T 131 -9.20 -29.90 -3.35
N SER T 132 -9.51 -29.05 -4.33
CA SER T 132 -9.81 -27.64 -4.05
C SER T 132 -11.10 -27.52 -3.24
N GLY T 133 -12.03 -28.45 -3.49
CA GLY T 133 -13.31 -28.47 -2.82
C GLY T 133 -14.28 -27.44 -3.37
N ALA T 134 -15.47 -27.39 -2.75
CA ALA T 134 -16.48 -26.41 -3.11
C ALA T 134 -16.40 -25.24 -2.14
N THR T 135 -16.89 -24.08 -2.60
CA THR T 135 -17.06 -22.95 -1.71
C THR T 135 -18.53 -22.53 -1.72
N CYS T 136 -19.19 -22.81 -0.59
CA CYS T 136 -20.60 -22.47 -0.42
C CYS T 136 -20.69 -21.17 0.38
N ARG T 137 -21.38 -20.19 -0.19
CA ARG T 137 -21.49 -18.86 0.41
C ARG T 137 -22.86 -18.69 1.07
N ILE T 138 -22.88 -18.40 2.36
CA ILE T 138 -24.14 -18.23 3.09
C ILE T 138 -24.28 -16.78 3.49
N LYS T 139 -25.41 -16.17 3.12
CA LYS T 139 -25.58 -14.73 3.29
C LYS T 139 -26.67 -14.43 4.34
N ILE T 140 -26.30 -13.69 5.38
CA ILE T 140 -27.21 -13.49 6.51
C ILE T 140 -27.27 -12.02 6.90
N GLY T 141 -28.49 -11.52 7.11
CA GLY T 141 -28.69 -10.15 7.58
C GLY T 141 -30.13 -9.88 8.03
N SER T 142 -30.36 -8.68 8.55
CA SER T 142 -31.69 -8.34 9.02
C SER T 142 -32.61 -8.33 7.83
N TRP T 143 -33.79 -8.91 8.00
CA TRP T 143 -34.74 -8.94 6.90
C TRP T 143 -35.44 -7.57 6.74
N THR T 144 -35.72 -6.87 7.84
CA THR T 144 -36.55 -5.69 7.75
C THR T 144 -35.94 -4.42 8.34
N HIS T 145 -34.76 -4.54 8.94
CA HIS T 145 -34.11 -3.37 9.55
C HIS T 145 -32.92 -2.94 8.73
N HIS T 146 -32.92 -1.73 8.21
CA HIS T 146 -31.79 -1.26 7.41
CA HIS T 146 -31.79 -1.25 7.41
C HIS T 146 -30.59 -0.86 8.30
N SER T 147 -29.51 -0.43 7.65
CA SER T 147 -28.21 -0.18 8.32
C SER T 147 -28.24 0.85 9.45
N ARG T 148 -29.22 1.75 9.46
CA ARG T 148 -29.29 2.71 10.57
C ARG T 148 -29.92 2.07 11.83
N GLU T 149 -30.57 0.93 11.66
CA GLU T 149 -31.26 0.31 12.78
C GLU T 149 -30.54 -0.95 13.25
N ILE T 150 -30.02 -1.71 12.30
CA ILE T 150 -29.20 -2.86 12.65
C ILE T 150 -27.94 -2.89 11.79
N SER T 151 -26.79 -3.05 12.43
CA SER T 151 -25.56 -3.29 11.69
C SER T 151 -25.21 -4.72 11.99
N VAL T 152 -24.60 -5.37 11.01
CA VAL T 152 -24.27 -6.75 11.16
C VAL T 152 -22.78 -6.92 10.90
N ASP T 153 -22.10 -7.57 11.84
CA ASP T 153 -20.65 -7.80 11.70
C ASP T 153 -20.25 -9.22 12.11
N PRO T 154 -19.21 -9.75 11.45
CA PRO T 154 -18.60 -11.02 11.91
C PRO T 154 -17.79 -10.70 13.16
N THR T 155 -17.45 -11.74 13.93
CA THR T 155 -16.73 -11.55 15.19
C THR T 155 -15.22 -11.69 15.01
N ASP T 161 -11.60 -23.43 12.73
CA ASP T 161 -12.72 -23.55 11.79
C ASP T 161 -13.53 -24.86 11.96
N SER T 162 -12.82 -25.98 11.88
CA SER T 162 -13.39 -27.30 12.16
C SER T 162 -13.48 -27.53 13.67
N GLU T 163 -13.33 -26.48 14.46
CA GLU T 163 -13.15 -26.71 15.89
C GLU T 163 -14.25 -27.62 16.45
N TYR T 164 -15.49 -27.41 15.99
CA TYR T 164 -16.62 -28.20 16.48
C TYR T 164 -17.19 -29.04 15.35
N PHE T 165 -16.49 -29.08 14.23
CA PHE T 165 -17.02 -29.83 13.09
C PHE T 165 -16.92 -31.34 13.34
N SER T 166 -18.00 -32.05 13.00
CA SER T 166 -18.09 -33.48 13.26
C SER T 166 -17.05 -34.28 12.49
N GLN T 167 -16.27 -35.09 13.19
CA GLN T 167 -15.30 -35.98 12.54
C GLN T 167 -16.03 -37.05 11.74
N TYR T 168 -17.33 -37.25 12.01
CA TYR T 168 -18.05 -38.35 11.35
C TYR T 168 -18.77 -37.93 10.07
N SER T 169 -18.68 -36.64 9.73
CA SER T 169 -19.22 -36.16 8.48
C SER T 169 -18.48 -36.81 7.29
N ARG T 170 -19.15 -36.89 6.14
CA ARG T 170 -18.49 -37.32 4.92
C ARG T 170 -17.62 -36.21 4.36
N PHE T 171 -17.74 -35.03 4.95
CA PHE T 171 -17.02 -33.90 4.41
C PHE T 171 -16.05 -33.35 5.44
N GLU T 172 -15.15 -32.50 4.97
CA GLU T 172 -14.23 -31.82 5.86
C GLU T 172 -14.15 -30.36 5.42
N ILE T 173 -13.82 -29.50 6.38
CA ILE T 173 -13.74 -28.08 6.10
C ILE T 173 -12.31 -27.68 5.83
N LEU T 174 -12.10 -27.04 4.68
CA LEU T 174 -10.77 -26.54 4.32
C LEU T 174 -10.56 -25.15 4.88
N ASP T 175 -11.59 -24.33 4.78
CA ASP T 175 -11.47 -22.96 5.22
C ASP T 175 -12.86 -22.30 5.38
N VAL T 176 -12.92 -21.30 6.26
CA VAL T 176 -14.10 -20.46 6.38
C VAL T 176 -13.65 -19.01 6.37
N THR T 177 -14.21 -18.21 5.47
CA THR T 177 -13.92 -16.77 5.47
C THR T 177 -15.22 -15.97 5.54
N GLN T 178 -15.10 -14.75 6.06
CA GLN T 178 -16.28 -13.91 6.21
C GLN T 178 -16.08 -12.56 5.59
N LYS T 179 -17.18 -12.00 5.13
CA LYS T 179 -17.14 -10.71 4.51
C LYS T 179 -18.40 -9.93 4.88
N LYS T 180 -18.24 -8.64 5.06
CA LYS T 180 -19.34 -7.77 5.43
CA LYS T 180 -19.35 -7.78 5.44
C LYS T 180 -19.81 -7.01 4.21
N ASN T 181 -21.12 -6.88 4.05
CA ASN T 181 -21.67 -6.10 2.93
C ASN T 181 -22.80 -5.18 3.37
N SER T 182 -23.05 -4.17 2.55
CA SER T 182 -24.14 -3.24 2.76
C SER T 182 -24.80 -3.09 1.39
N VAL T 183 -26.01 -3.56 1.25
CA VAL T 183 -26.58 -3.62 -0.09
C VAL T 183 -27.87 -2.83 -0.15
N THR T 184 -28.09 -2.16 -1.28
CA THR T 184 -29.39 -1.51 -1.51
C THR T 184 -30.21 -2.36 -2.46
N TYR T 185 -31.46 -2.59 -2.12
CA TYR T 185 -32.31 -3.46 -2.94
C TYR T 185 -33.34 -2.59 -3.64
N SER T 186 -33.87 -3.10 -4.75
CA SER T 186 -34.86 -2.40 -5.55
C SER T 186 -36.10 -2.00 -4.75
N CYS T 187 -36.46 -2.82 -3.79
CA CYS T 187 -37.67 -2.64 -2.99
CA CYS T 187 -37.68 -2.62 -3.05
C CYS T 187 -37.63 -1.36 -2.19
N CYS T 188 -36.44 -0.95 -1.76
CA CYS T 188 -36.36 0.05 -0.70
C CYS T 188 -35.16 0.95 -0.79
N PRO T 189 -35.30 2.17 -0.28
CA PRO T 189 -34.29 3.22 -0.44
C PRO T 189 -33.07 3.05 0.44
N GLU T 190 -33.19 2.30 1.51
CA GLU T 190 -32.08 2.19 2.47
CA GLU T 190 -32.06 2.21 2.45
C GLU T 190 -31.20 0.99 2.18
N ALA T 191 -30.01 0.99 2.75
CA ALA T 191 -29.07 -0.13 2.65
C ALA T 191 -29.31 -1.09 3.82
N TYR T 192 -29.11 -2.38 3.55
CA TYR T 192 -29.29 -3.43 4.52
C TYR T 192 -28.01 -4.24 4.62
N GLU T 193 -27.50 -4.38 5.83
CA GLU T 193 -26.22 -5.05 5.98
C GLU T 193 -26.38 -6.55 5.99
N ASP T 194 -25.32 -7.24 5.60
CA ASP T 194 -25.30 -8.69 5.70
C ASP T 194 -23.88 -9.17 5.95
N VAL T 195 -23.77 -10.39 6.49
CA VAL T 195 -22.50 -11.07 6.54
C VAL T 195 -22.56 -12.23 5.58
N GLU T 196 -21.52 -12.40 4.78
CA GLU T 196 -21.40 -13.53 3.86
C GLU T 196 -20.32 -14.46 4.39
N VAL T 197 -20.73 -15.66 4.74
CA VAL T 197 -19.82 -16.65 5.26
C VAL T 197 -19.49 -17.66 4.16
N SER T 198 -18.22 -17.76 3.78
CA SER T 198 -17.80 -18.65 2.71
C SER T 198 -17.23 -19.94 3.27
N LEU T 199 -17.92 -21.03 2.99
CA LEU T 199 -17.53 -22.32 3.56
C LEU T 199 -16.85 -23.13 2.44
N ASN T 200 -15.55 -23.31 2.59
CA ASN T 200 -14.80 -24.09 1.60
C ASN T 200 -14.62 -25.48 2.18
N PHE T 201 -15.29 -26.46 1.56
CA PHE T 201 -15.30 -27.82 2.08
C PHE T 201 -15.19 -28.84 0.92
N ARG T 202 -14.84 -30.09 1.24
CA ARG T 202 -14.79 -31.15 0.22
C ARG T 202 -15.13 -32.50 0.80
N LYS T 203 -15.56 -33.41 -0.08
CA LYS T 203 -15.73 -34.82 0.30
C LYS T 203 -14.39 -35.39 0.77
N LYS T 204 -14.39 -36.13 1.87
CA LYS T 204 -13.18 -36.82 2.32
C LYS T 204 -12.86 -38.06 1.47
N GLY T 205 -11.58 -38.45 1.45
CA GLY T 205 -11.17 -39.65 0.74
C GLY T 205 -9.86 -40.16 1.28
#